data_6ZGP
#
_entry.id   6ZGP
#
_cell.length_a   91.070
_cell.length_b   173.770
_cell.length_c   157.290
_cell.angle_alpha   90.000
_cell.angle_beta   90.150
_cell.angle_gamma   90.000
#
_symmetry.space_group_name_H-M   'P 1 21 1'
#
loop_
_entity.id
_entity.type
_entity.pdbx_description
1 polymer 'Carnitine monooxygenase oxygenase subunit'
2 non-polymer 'FE (III) ION'
3 non-polymer 'FE2/S2 (INORGANIC) CLUSTER'
4 non-polymer ~{N}-(3-imidazol-1-ylpropyl)-8-(4-methoxyphenyl)-1,6-naphthyridine-2-carboxamide
5 non-polymer '4-(2-HYDROXYETHYL)-1-PIPERAZINE ETHANESULFONIC ACID'
6 water water
#
_entity_poly.entity_id   1
_entity_poly.type   'polypeptide(L)'
_entity_poly.pdbx_seq_one_letter_code
;MGSSHHHHHHSSGLVPRGSHMSAVEKLPEDFCANPDVAWTFPKVFYTSSQVFEHEKEAIFAKSWICVAHGSELAQPNDYI
TRKVIGENIVIIRGKDSVLRAFYNVCPHRGHELLSGSGKAKNVITCPYHAWTFKLDGSLALARNCDHVESFDKENSSMVP
LKVEEYAGFVFINMDENATCVEDQLPGFAERLNQACGVIKDLKLAARFVTETPANWKVIVDNYMECYHCGPAHPGFADSV
QVDKYWHTTHQNWTLQYGFARSSEKSFKLDPSVTDPEFHGFWTWPCTMFNVPPGSNFMTVIYEFPVDAETTLQHYDIYFT
NEELTQDQKDLIEWYRNVFRPEDLNLVESVQRGLKSRGYRGQGRIMTDKQRSGISEHGIAYFQHLVAQYHQ
;
_entity_poly.pdbx_strand_id   A,B,C,D,E,F,G,H,I,J,K,L
#
loop_
_chem_comp.id
_chem_comp.type
_chem_comp.name
_chem_comp.formula
EPE non-polymer '4-(2-HYDROXYETHYL)-1-PIPERAZINE ETHANESULFONIC ACID' 'C8 H18 N2 O4 S'
FE non-polymer 'FE (III) ION' 'Fe 3'
FES non-polymer 'FE2/S2 (INORGANIC) CLUSTER' 'Fe2 S2'
QKQ non-polymer ~{N}-(3-imidazol-1-ylpropyl)-8-(4-methoxyphenyl)-1,6-naphthyridine-2-carboxamide 'C22 H21 N5 O2'
#
# COMPACT_ATOMS: atom_id res chain seq x y z
N ALA A 23 14.72 13.75 -6.93
CA ALA A 23 13.57 13.80 -7.84
C ALA A 23 14.02 14.15 -9.25
N VAL A 24 13.51 13.40 -10.22
CA VAL A 24 13.86 13.55 -11.63
C VAL A 24 12.88 14.52 -12.29
N GLU A 25 13.40 15.44 -13.09
CA GLU A 25 12.54 16.35 -13.85
C GLU A 25 12.06 15.63 -15.10
N LYS A 26 10.76 15.76 -15.38
CA LYS A 26 10.17 15.11 -16.54
C LYS A 26 9.36 16.14 -17.33
N LEU A 27 9.21 15.87 -18.62
CA LEU A 27 8.47 16.75 -19.55
C LEU A 27 7.28 15.98 -20.14
N PRO A 28 6.23 16.66 -20.63
CA PRO A 28 5.09 16.00 -21.24
C PRO A 28 5.47 15.50 -22.64
N GLU A 29 4.75 14.49 -23.17
CA GLU A 29 5.02 13.96 -24.53
C GLU A 29 4.82 15.06 -25.56
N ASP A 30 3.77 15.88 -25.37
CA ASP A 30 3.40 16.96 -26.31
C ASP A 30 4.15 18.27 -26.04
N PHE A 31 5.18 18.26 -25.19
CA PHE A 31 5.98 19.45 -24.96
C PHE A 31 6.45 19.98 -26.31
N CYS A 32 6.20 21.26 -26.55
CA CYS A 32 6.44 21.90 -27.84
C CYS A 32 5.84 21.12 -29.00
N ALA A 33 4.83 20.29 -28.76
CA ALA A 33 4.11 19.69 -29.87
C ALA A 33 3.39 20.74 -30.71
N ASN A 34 3.00 21.84 -30.08
CA ASN A 34 2.32 22.95 -30.75
C ASN A 34 3.25 24.16 -30.83
N PRO A 35 3.98 24.33 -31.94
CA PRO A 35 4.93 25.47 -32.02
C PRO A 35 4.26 26.83 -31.95
N ASP A 36 2.98 26.94 -32.30
CA ASP A 36 2.29 28.23 -32.30
C ASP A 36 2.11 28.76 -30.88
N VAL A 37 2.00 27.86 -29.90
CA VAL A 37 1.88 28.22 -28.49
C VAL A 37 2.89 27.37 -27.73
N ALA A 38 4.14 27.83 -27.66
CA ALA A 38 5.20 26.99 -27.13
C ALA A 38 6.20 27.81 -26.32
N TRP A 39 6.83 27.15 -25.36
CA TRP A 39 7.87 27.73 -24.52
C TRP A 39 9.07 26.80 -24.46
N THR A 40 10.24 27.39 -24.21
CA THR A 40 11.44 26.60 -24.00
C THR A 40 11.34 25.81 -22.68
N PHE A 41 12.25 24.83 -22.53
CA PHE A 41 12.37 23.99 -21.34
C PHE A 41 12.37 24.82 -20.07
N PRO A 42 11.80 24.32 -18.98
CA PRO A 42 12.12 24.87 -17.66
C PRO A 42 13.63 24.96 -17.47
N LYS A 43 14.06 26.03 -16.80
CA LYS A 43 15.48 26.36 -16.76
C LYS A 43 16.33 25.19 -16.29
N VAL A 44 15.78 24.29 -15.47
CA VAL A 44 16.62 23.25 -14.88
C VAL A 44 17.18 22.35 -15.98
N PHE A 45 16.49 22.23 -17.11
CA PHE A 45 16.98 21.37 -18.17
C PHE A 45 18.25 21.91 -18.81
N TYR A 46 18.49 23.21 -18.73
CA TYR A 46 19.71 23.81 -19.24
C TYR A 46 20.85 23.84 -18.23
N THR A 47 20.58 23.58 -16.94
CA THR A 47 21.60 23.75 -15.91
C THR A 47 21.83 22.52 -15.05
N SER A 48 20.87 21.60 -14.96
CA SER A 48 20.97 20.50 -14.00
C SER A 48 22.01 19.48 -14.47
N SER A 49 22.91 19.12 -13.56
CA SER A 49 23.88 18.09 -13.90
C SER A 49 23.22 16.73 -14.02
N GLN A 50 22.10 16.52 -13.33
CA GLN A 50 21.44 15.22 -13.43
C GLN A 50 20.73 15.08 -14.78
N VAL A 51 20.13 16.16 -15.26
CA VAL A 51 19.58 16.12 -16.62
C VAL A 51 20.69 15.86 -17.63
N PHE A 52 21.83 16.52 -17.45
CA PHE A 52 22.92 16.30 -18.41
C PHE A 52 23.35 14.84 -18.38
N GLU A 53 23.54 14.28 -17.19
CA GLU A 53 23.96 12.90 -17.11
C GLU A 53 22.95 11.97 -17.77
N HIS A 54 21.66 12.32 -17.72
CA HIS A 54 20.68 11.52 -18.44
C HIS A 54 20.78 11.75 -19.95
N GLU A 55 20.89 13.00 -20.39
CA GLU A 55 21.04 13.23 -21.82
C GLU A 55 22.34 12.63 -22.35
N LYS A 56 23.39 12.61 -21.54
CA LYS A 56 24.67 12.05 -21.95
C LYS A 56 24.55 10.59 -22.34
N GLU A 57 23.83 9.79 -21.54
CA GLU A 57 23.74 8.37 -21.81
C GLU A 57 22.54 8.02 -22.68
N ALA A 58 21.41 8.71 -22.47
CA ALA A 58 20.20 8.41 -23.23
C ALA A 58 20.28 8.98 -24.65
N ILE A 59 21.00 10.07 -24.84
CA ILE A 59 21.12 10.74 -26.13
C ILE A 59 22.52 10.55 -26.72
N PHE A 60 23.54 11.07 -26.05
CA PHE A 60 24.83 11.15 -26.72
C PHE A 60 25.60 9.84 -26.72
N ALA A 61 25.22 8.87 -25.88
CA ALA A 61 25.81 7.55 -25.96
C ALA A 61 24.99 6.58 -26.80
N LYS A 62 23.86 7.02 -27.38
CA LYS A 62 22.96 6.18 -28.15
C LYS A 62 22.50 6.81 -29.47
N SER A 63 23.16 7.86 -29.91
CA SER A 63 22.84 8.51 -31.16
C SER A 63 24.09 8.57 -32.00
N TRP A 64 23.89 8.78 -33.30
CA TRP A 64 25.02 8.97 -34.19
C TRP A 64 25.53 10.39 -34.01
N ILE A 65 26.81 10.51 -33.63
CA ILE A 65 27.44 11.79 -33.35
C ILE A 65 28.37 12.07 -34.52
N CYS A 66 28.10 13.15 -35.26
CA CYS A 66 28.96 13.48 -36.39
C CYS A 66 30.28 14.06 -35.87
N VAL A 67 31.39 13.65 -36.46
CA VAL A 67 32.69 14.04 -35.94
C VAL A 67 33.59 14.72 -36.95
N ALA A 68 33.42 14.51 -38.27
CA ALA A 68 34.37 15.02 -39.26
C ALA A 68 33.77 14.87 -40.64
N HIS A 69 34.39 15.55 -41.61
CA HIS A 69 34.16 15.31 -43.03
C HIS A 69 35.01 14.12 -43.52
N GLY A 70 34.52 13.45 -44.57
CA GLY A 70 35.21 12.26 -45.06
C GLY A 70 36.65 12.51 -45.44
N SER A 71 36.98 13.72 -45.90
CA SER A 71 38.35 14.00 -46.36
C SER A 71 39.40 13.75 -45.28
N GLU A 72 39.03 13.86 -44.01
CA GLU A 72 39.99 13.61 -42.95
C GLU A 72 40.34 12.15 -42.80
N LEU A 73 39.55 11.26 -43.41
CA LEU A 73 39.69 9.82 -43.22
C LEU A 73 39.62 9.08 -44.54
N ALA A 74 40.10 9.69 -45.63
CA ALA A 74 39.85 9.14 -46.96
C ALA A 74 40.85 8.06 -47.36
N GLN A 75 42.05 8.10 -46.80
CA GLN A 75 43.06 7.15 -47.24
C GLN A 75 43.32 6.11 -46.16
N PRO A 76 43.78 4.92 -46.55
CA PRO A 76 44.21 3.95 -45.54
C PRO A 76 45.24 4.57 -44.61
N ASN A 77 45.13 4.26 -43.31
CA ASN A 77 45.97 4.71 -42.20
C ASN A 77 45.62 6.12 -41.71
N ASP A 78 44.72 6.85 -42.37
CA ASP A 78 44.25 8.12 -41.84
C ASP A 78 43.50 7.93 -40.53
N TYR A 79 43.79 8.79 -39.56
CA TYR A 79 43.07 8.75 -38.29
C TYR A 79 42.86 10.16 -37.77
N ILE A 80 41.80 10.31 -36.98
CA ILE A 80 41.52 11.52 -36.23
C ILE A 80 41.13 11.10 -34.81
N THR A 81 41.23 12.03 -33.87
CA THR A 81 40.78 11.83 -32.50
C THR A 81 39.77 12.91 -32.11
N ARG A 82 38.76 12.51 -31.34
CA ARG A 82 37.72 13.41 -30.85
C ARG A 82 37.46 13.11 -29.38
N LYS A 83 36.89 14.09 -28.70
CA LYS A 83 36.39 13.86 -27.34
C LYS A 83 34.94 14.31 -27.30
N VAL A 84 34.06 13.42 -26.85
CA VAL A 84 32.67 13.79 -26.66
C VAL A 84 32.13 13.02 -25.46
N ILE A 85 31.35 13.73 -24.64
CA ILE A 85 30.84 13.29 -23.34
C ILE A 85 31.90 12.51 -22.55
N GLY A 86 33.12 13.01 -22.54
CA GLY A 86 34.16 12.42 -21.71
C GLY A 86 34.89 11.24 -22.32
N GLU A 87 34.61 10.90 -23.58
CA GLU A 87 35.21 9.75 -24.23
C GLU A 87 36.19 10.21 -25.30
N ASN A 88 37.45 9.83 -25.16
CA ASN A 88 38.47 10.08 -26.18
C ASN A 88 38.37 8.93 -27.17
N ILE A 89 38.00 9.23 -28.41
CA ILE A 89 37.75 8.19 -29.41
C ILE A 89 38.67 8.43 -30.59
N VAL A 90 39.17 7.33 -31.16
CA VAL A 90 39.99 7.37 -32.36
C VAL A 90 39.19 6.74 -33.49
N ILE A 91 39.17 7.42 -34.62
CA ILE A 91 38.57 6.93 -35.85
C ILE A 91 39.68 6.78 -36.88
N ILE A 92 39.76 5.61 -37.49
CA ILE A 92 40.91 5.23 -38.29
C ILE A 92 40.46 4.41 -39.48
N ARG A 93 40.97 4.74 -40.65
CA ARG A 93 40.76 3.93 -41.85
C ARG A 93 41.84 2.86 -41.90
N GLY A 94 41.45 1.60 -41.68
CA GLY A 94 42.41 0.52 -41.65
C GLY A 94 43.09 0.29 -42.99
N LYS A 95 44.16 -0.53 -42.95
CA LYS A 95 44.88 -0.87 -44.17
C LYS A 95 43.94 -1.44 -45.22
N ASP A 96 42.87 -2.12 -44.80
CA ASP A 96 41.88 -2.68 -45.72
C ASP A 96 40.90 -1.63 -46.19
N SER A 97 41.14 -0.36 -45.88
CA SER A 97 40.25 0.73 -46.26
C SER A 97 38.92 0.66 -45.51
N VAL A 98 38.79 -0.20 -44.52
CA VAL A 98 37.59 -0.28 -43.70
C VAL A 98 37.72 0.75 -42.58
N LEU A 99 36.72 1.63 -42.47
CA LEU A 99 36.72 2.66 -41.44
C LEU A 99 36.27 2.09 -40.11
N ARG A 100 37.03 2.36 -39.04
CA ARG A 100 36.68 1.87 -37.72
C ARG A 100 36.88 2.97 -36.69
N ALA A 101 36.23 2.81 -35.53
CA ALA A 101 36.39 3.73 -34.42
C ALA A 101 36.60 2.94 -33.15
N PHE A 102 37.48 3.45 -32.29
CA PHE A 102 37.84 2.81 -31.02
C PHE A 102 37.96 3.84 -29.91
N TYR A 103 37.61 3.43 -28.70
CA TYR A 103 38.01 4.20 -27.52
C TYR A 103 39.51 4.29 -27.47
N ASN A 104 40.01 5.50 -27.27
CA ASN A 104 41.43 5.81 -27.42
C ASN A 104 42.19 5.48 -26.13
N VAL A 105 42.23 4.18 -25.80
CA VAL A 105 42.80 3.78 -24.52
C VAL A 105 43.35 2.35 -24.62
N CYS A 106 44.60 2.23 -24.22
CA CYS A 106 45.22 0.91 -24.36
C CYS A 106 44.60 -0.08 -23.38
N PRO A 107 44.33 -1.33 -23.81
CA PRO A 107 43.77 -2.36 -22.95
C PRO A 107 44.71 -2.90 -21.87
N HIS A 108 46.01 -2.60 -21.93
CA HIS A 108 46.89 -3.06 -20.83
C HIS A 108 46.67 -2.20 -19.60
N ARG A 109 47.12 -0.94 -19.60
CA ARG A 109 46.96 -0.18 -18.37
C ARG A 109 46.45 1.25 -18.61
N GLY A 110 45.77 1.51 -19.72
CA GLY A 110 44.96 2.69 -19.85
C GLY A 110 45.63 3.91 -20.42
N HIS A 111 46.85 3.81 -20.92
CA HIS A 111 47.43 4.97 -21.56
C HIS A 111 46.67 5.25 -22.86
N GLU A 112 46.56 6.53 -23.23
CA GLU A 112 45.95 6.84 -24.50
C GLU A 112 46.86 6.35 -25.62
N LEU A 113 46.24 5.97 -26.74
CA LEU A 113 47.00 5.30 -27.78
C LEU A 113 47.50 6.27 -28.85
N LEU A 114 46.63 7.13 -29.35
CA LEU A 114 47.00 8.05 -30.41
C LEU A 114 46.60 9.47 -30.04
N SER A 115 47.31 10.44 -30.61
CA SER A 115 46.99 11.83 -30.35
C SER A 115 46.85 12.60 -31.66
N GLY A 116 45.96 13.60 -31.66
CA GLY A 116 45.78 14.48 -32.81
C GLY A 116 45.20 13.78 -34.02
N SER A 117 45.71 14.15 -35.19
CA SER A 117 45.24 13.65 -36.47
C SER A 117 46.45 13.36 -37.34
N GLY A 118 46.31 12.37 -38.24
CA GLY A 118 47.41 12.12 -39.16
C GLY A 118 47.29 10.75 -39.79
N LYS A 119 48.44 10.24 -40.21
CA LYS A 119 48.55 8.90 -40.76
C LYS A 119 49.16 7.99 -39.71
N ALA A 120 48.45 6.92 -39.37
CA ALA A 120 49.00 5.93 -38.46
C ALA A 120 50.06 5.09 -39.15
N LYS A 121 51.04 4.63 -38.37
CA LYS A 121 51.94 3.62 -38.90
C LYS A 121 51.14 2.37 -39.23
N ASN A 122 51.80 1.30 -39.66
CA ASN A 122 51.08 0.09 -39.98
C ASN A 122 50.55 -0.63 -38.75
N VAL A 123 51.12 -0.34 -37.58
CA VAL A 123 50.52 -0.75 -36.32
C VAL A 123 50.45 0.45 -35.40
N ILE A 124 49.57 0.36 -34.42
CA ILE A 124 49.49 1.34 -33.35
C ILE A 124 50.35 0.83 -32.20
N THR A 125 51.37 1.61 -31.87
CA THR A 125 52.28 1.28 -30.75
C THR A 125 51.90 2.14 -29.56
N CYS A 126 51.43 1.50 -28.50
CA CYS A 126 51.05 2.30 -27.33
C CYS A 126 52.28 3.01 -26.76
N PRO A 127 52.20 4.30 -26.38
CA PRO A 127 53.37 5.00 -25.88
C PRO A 127 53.95 4.47 -24.57
N TYR A 128 53.14 3.91 -23.68
CA TYR A 128 53.63 3.45 -22.35
C TYR A 128 54.48 2.17 -22.35
N HIS A 129 54.01 1.07 -22.94
CA HIS A 129 54.78 -0.21 -22.88
C HIS A 129 54.88 -0.84 -24.26
N ALA A 130 54.47 -0.10 -25.27
CA ALA A 130 54.72 -0.45 -26.67
C ALA A 130 54.01 -1.73 -27.10
N TRP A 131 52.91 -2.12 -26.46
CA TRP A 131 52.00 -3.04 -27.13
C TRP A 131 51.63 -2.45 -28.48
N THR A 132 51.49 -3.32 -29.46
CA THR A 132 51.10 -2.94 -30.80
C THR A 132 49.73 -3.52 -31.12
N PHE A 133 48.99 -2.80 -31.92
CA PHE A 133 47.68 -3.23 -32.34
C PHE A 133 47.60 -3.04 -33.85
N LYS A 134 46.90 -3.95 -34.53
CA LYS A 134 46.59 -3.72 -35.94
C LYS A 134 45.61 -2.55 -36.06
N LEU A 135 45.56 -1.95 -37.25
CA LEU A 135 44.65 -0.83 -37.40
C LEU A 135 43.18 -1.23 -37.24
N ASP A 136 42.88 -2.51 -37.02
CA ASP A 136 41.54 -2.93 -36.65
C ASP A 136 41.40 -3.21 -35.16
N GLY A 137 42.37 -2.80 -34.36
CA GLY A 137 42.27 -2.93 -32.94
C GLY A 137 42.80 -4.24 -32.38
N SER A 138 43.00 -5.26 -33.22
CA SER A 138 43.49 -6.54 -32.71
C SER A 138 44.84 -6.35 -32.07
N LEU A 139 45.09 -7.07 -30.99
CA LEU A 139 46.42 -7.00 -30.36
C LEU A 139 47.40 -7.61 -31.35
N ALA A 140 48.40 -6.87 -31.78
CA ALA A 140 49.40 -7.47 -32.69
C ALA A 140 50.49 -8.11 -31.84
N LEU A 141 51.15 -7.29 -31.02
CA LEU A 141 52.21 -7.83 -30.15
C LEU A 141 52.15 -7.18 -28.78
N ALA A 142 52.02 -7.99 -27.75
CA ALA A 142 52.10 -7.47 -26.37
C ALA A 142 53.54 -7.79 -25.96
N ARG A 143 54.32 -6.85 -25.49
CA ARG A 143 55.72 -7.24 -25.15
C ARG A 143 55.71 -8.26 -24.01
N ASN A 144 56.62 -9.24 -24.10
CA ASN A 144 56.86 -10.25 -23.05
C ASN A 144 55.62 -11.09 -22.82
N CYS A 145 54.61 -10.93 -23.67
CA CYS A 145 53.39 -11.73 -23.60
C CYS A 145 53.67 -13.21 -23.38
N ASP A 146 54.64 -13.76 -24.12
CA ASP A 146 54.87 -15.20 -24.09
C ASP A 146 55.24 -15.72 -22.70
N HIS A 147 55.73 -14.86 -21.81
CA HIS A 147 56.18 -15.28 -20.48
C HIS A 147 55.20 -14.89 -19.37
N VAL A 148 54.01 -14.43 -19.71
CA VAL A 148 52.98 -14.07 -18.74
C VAL A 148 51.99 -15.21 -18.64
N GLU A 149 51.73 -15.69 -17.43
CA GLU A 149 50.85 -16.86 -17.27
C GLU A 149 49.42 -16.54 -17.64
N SER A 150 48.82 -17.38 -18.49
CA SER A 150 47.40 -17.28 -18.84
C SER A 150 47.05 -15.91 -19.41
N PHE A 151 47.95 -15.39 -20.24
CA PHE A 151 47.70 -14.11 -20.87
C PHE A 151 46.53 -14.19 -21.84
N ASP A 152 45.58 -13.29 -21.67
CA ASP A 152 44.34 -13.29 -22.46
C ASP A 152 44.58 -12.45 -23.71
N LYS A 153 44.94 -13.11 -24.82
CA LYS A 153 45.19 -12.37 -26.05
C LYS A 153 43.89 -11.86 -26.66
N GLU A 154 42.80 -12.62 -26.54
CA GLU A 154 41.55 -12.21 -27.17
C GLU A 154 41.03 -10.92 -26.55
N ASN A 155 40.98 -10.85 -25.22
CA ASN A 155 40.41 -9.73 -24.48
C ASN A 155 41.41 -8.61 -24.20
N SER A 156 42.51 -8.55 -24.95
CA SER A 156 43.51 -7.49 -24.83
C SER A 156 43.60 -6.65 -26.10
N SER A 157 42.55 -6.65 -26.89
CA SER A 157 42.43 -5.84 -28.10
C SER A 157 41.74 -4.52 -27.79
N MET A 158 41.97 -3.54 -28.67
CA MET A 158 41.28 -2.25 -28.59
C MET A 158 39.76 -2.44 -28.61
N VAL A 159 39.05 -1.58 -27.88
CA VAL A 159 37.61 -1.68 -27.69
C VAL A 159 36.94 -0.78 -28.74
N PRO A 160 36.12 -1.33 -29.64
CA PRO A 160 35.55 -0.54 -30.71
C PRO A 160 34.19 0.08 -30.36
N LEU A 161 33.79 1.01 -31.21
CA LEU A 161 32.44 1.53 -31.27
C LEU A 161 32.06 1.65 -32.74
N LYS A 162 30.79 1.91 -32.98
CA LYS A 162 30.30 1.96 -34.38
C LYS A 162 30.72 3.25 -35.04
N VAL A 163 30.98 3.17 -36.34
CA VAL A 163 31.29 4.35 -37.14
C VAL A 163 30.66 4.16 -38.50
N GLU A 164 30.18 5.24 -39.10
CA GLU A 164 29.56 5.09 -40.40
C GLU A 164 29.91 6.31 -41.22
N GLU A 165 30.27 6.07 -42.47
CA GLU A 165 30.46 7.17 -43.41
C GLU A 165 29.09 7.43 -44.05
N TYR A 166 28.60 8.65 -43.90
CA TYR A 166 27.24 9.00 -44.30
C TYR A 166 27.17 10.45 -44.74
N ALA A 167 26.53 10.70 -45.88
CA ALA A 167 26.31 12.03 -46.42
C ALA A 167 27.61 12.77 -46.70
N GLY A 168 28.70 12.04 -46.86
CA GLY A 168 30.02 12.60 -47.01
C GLY A 168 30.72 12.93 -45.71
N PHE A 169 30.11 12.65 -44.56
CA PHE A 169 30.73 12.90 -43.25
C PHE A 169 30.86 11.59 -42.48
N VAL A 170 31.43 11.67 -41.28
CA VAL A 170 31.71 10.49 -40.49
C VAL A 170 30.97 10.62 -39.15
N PHE A 171 30.23 9.58 -38.78
CA PHE A 171 29.48 9.55 -37.52
C PHE A 171 29.92 8.37 -36.65
N ILE A 172 30.01 8.60 -35.34
CA ILE A 172 30.27 7.51 -34.42
C ILE A 172 29.04 7.29 -33.56
N ASN A 173 28.98 6.11 -32.96
CA ASN A 173 27.87 5.71 -32.11
C ASN A 173 28.41 4.75 -31.05
N MET A 174 28.19 5.08 -29.79
CA MET A 174 28.66 4.26 -28.67
C MET A 174 27.72 3.13 -28.36
N ASP A 175 26.53 3.10 -28.96
CA ASP A 175 25.58 2.02 -28.70
C ASP A 175 25.91 0.88 -29.66
N GLU A 176 26.20 -0.29 -29.09
CA GLU A 176 26.58 -1.42 -29.94
C GLU A 176 25.40 -1.93 -30.77
N ASN A 177 24.19 -1.48 -30.46
CA ASN A 177 22.99 -1.96 -31.12
C ASN A 177 22.38 -0.93 -32.05
N ALA A 178 23.08 0.17 -32.31
CA ALA A 178 22.58 1.17 -33.24
C ALA A 178 22.52 0.59 -34.66
N THR A 179 21.63 1.17 -35.47
CA THR A 179 21.47 0.70 -36.84
C THR A 179 22.39 1.46 -37.78
N CYS A 180 21.88 2.55 -38.35
CA CYS A 180 22.63 3.31 -39.34
C CYS A 180 22.17 4.75 -39.23
N VAL A 181 22.98 5.65 -39.78
CA VAL A 181 22.66 7.06 -39.67
C VAL A 181 21.35 7.38 -40.39
N GLU A 182 21.08 6.71 -41.52
CA GLU A 182 19.85 7.04 -42.25
C GLU A 182 18.62 6.78 -41.39
N ASP A 183 18.65 5.77 -40.52
CA ASP A 183 17.52 5.56 -39.62
C ASP A 183 17.37 6.74 -38.66
N GLN A 184 18.45 7.45 -38.37
CA GLN A 184 18.36 8.58 -37.46
C GLN A 184 17.97 9.88 -38.14
N LEU A 185 18.45 10.08 -39.36
CA LEU A 185 18.24 11.31 -40.14
C LEU A 185 17.65 10.95 -41.50
N PRO A 186 16.45 10.34 -41.52
CA PRO A 186 15.88 9.88 -42.81
C PRO A 186 15.85 10.94 -43.89
N GLY A 187 16.47 10.66 -45.04
CA GLY A 187 16.46 11.54 -46.18
C GLY A 187 17.50 12.64 -46.19
N PHE A 188 18.26 12.78 -45.09
CA PHE A 188 19.15 13.94 -44.95
C PHE A 188 20.31 13.89 -45.95
N ALA A 189 20.93 12.73 -46.11
CA ALA A 189 22.09 12.58 -47.00
C ALA A 189 21.83 13.08 -48.42
N GLU A 190 20.64 12.80 -48.95
CA GLU A 190 20.35 13.22 -50.31
C GLU A 190 20.12 14.73 -50.42
N ARG A 191 19.41 15.34 -49.47
CA ARG A 191 19.17 16.77 -49.58
C ARG A 191 20.44 17.59 -49.39
N LEU A 192 21.32 17.16 -48.48
CA LEU A 192 22.57 17.90 -48.30
C LEU A 192 23.39 17.89 -49.58
N ASN A 193 23.50 16.72 -50.19
CA ASN A 193 24.23 16.60 -51.45
C ASN A 193 23.54 17.36 -52.57
N GLN A 194 22.26 17.70 -52.38
CA GLN A 194 21.53 18.47 -53.38
C GLN A 194 21.92 19.95 -53.32
N ALA A 195 22.19 20.42 -52.09
CA ALA A 195 22.56 21.79 -51.80
C ALA A 195 24.02 22.05 -52.11
N CYS A 196 24.87 21.03 -51.93
CA CYS A 196 26.29 21.16 -52.22
C CYS A 196 26.69 19.91 -52.98
N GLY A 197 27.06 20.07 -54.25
CA GLY A 197 27.42 18.95 -55.11
C GLY A 197 28.88 18.61 -55.09
N VAL A 198 29.66 19.26 -54.23
CA VAL A 198 31.10 19.05 -54.20
C VAL A 198 31.52 18.64 -52.81
N ILE A 199 30.59 18.04 -52.05
CA ILE A 199 30.92 17.63 -50.69
C ILE A 199 32.10 16.69 -50.70
N LYS A 200 32.21 15.87 -51.74
CA LYS A 200 33.24 14.83 -51.76
C LYS A 200 34.62 15.41 -52.05
N ASP A 201 34.71 16.62 -52.58
CA ASP A 201 35.99 17.26 -52.85
C ASP A 201 36.36 18.33 -51.83
N LEU A 202 35.52 18.54 -50.82
CA LEU A 202 35.81 19.52 -49.79
C LEU A 202 37.00 19.06 -48.96
N LYS A 203 37.75 20.03 -48.44
CA LYS A 203 38.84 19.80 -47.51
C LYS A 203 38.77 20.81 -46.37
N LEU A 204 39.22 20.38 -45.18
CA LEU A 204 39.18 21.24 -44.01
C LEU A 204 40.10 22.44 -44.23
N ALA A 205 39.52 23.64 -44.31
CA ALA A 205 40.31 24.85 -44.48
C ALA A 205 40.61 25.54 -43.15
N ALA A 206 39.69 25.45 -42.19
CA ALA A 206 39.87 26.11 -40.92
C ALA A 206 38.96 25.43 -39.93
N ARG A 207 39.43 25.34 -38.69
CA ARG A 207 38.65 24.77 -37.61
C ARG A 207 38.75 25.72 -36.42
N PHE A 208 37.60 26.16 -35.90
CA PHE A 208 37.54 26.96 -34.69
C PHE A 208 37.11 26.06 -33.54
N VAL A 209 37.97 25.93 -32.54
CA VAL A 209 37.68 25.10 -31.38
C VAL A 209 37.42 26.00 -30.19
N THR A 210 36.25 25.85 -29.57
CA THR A 210 35.89 26.66 -28.41
C THR A 210 35.23 25.79 -27.37
N GLU A 211 35.66 25.91 -26.13
CA GLU A 211 34.91 25.34 -25.02
C GLU A 211 33.88 26.38 -24.61
N THR A 212 32.67 26.15 -24.95
CA THR A 212 31.66 27.17 -24.78
C THR A 212 30.93 26.93 -23.48
N PRO A 213 30.86 27.94 -22.60
CA PRO A 213 30.11 27.83 -21.34
C PRO A 213 28.61 27.99 -21.56
N ALA A 214 28.03 27.09 -22.34
CA ALA A 214 26.59 27.02 -22.53
C ALA A 214 26.19 25.57 -22.69
N ASN A 215 25.01 25.23 -22.19
CA ASN A 215 24.46 23.90 -22.42
C ASN A 215 24.31 23.67 -23.93
N TRP A 216 24.45 22.42 -24.35
CA TRP A 216 24.36 22.12 -25.77
C TRP A 216 22.99 22.53 -26.34
N LYS A 217 21.93 22.38 -25.56
CA LYS A 217 20.60 22.74 -26.03
C LYS A 217 20.45 24.24 -26.25
N VAL A 218 21.16 25.06 -25.48
CA VAL A 218 21.12 26.51 -25.70
C VAL A 218 21.72 26.85 -27.04
N ILE A 219 22.81 26.17 -27.40
CA ILE A 219 23.50 26.43 -28.66
C ILE A 219 22.63 26.02 -29.85
N VAL A 220 21.86 24.94 -29.71
CA VAL A 220 20.94 24.53 -30.76
C VAL A 220 19.78 25.52 -30.88
N ASP A 221 19.19 25.91 -29.74
CA ASP A 221 18.17 26.95 -29.76
C ASP A 221 18.59 28.13 -30.62
N ASN A 222 19.77 28.66 -30.34
CA ASN A 222 20.30 29.82 -31.05
C ASN A 222 20.36 29.57 -32.55
N TYR A 223 20.79 28.38 -32.94
CA TYR A 223 20.91 28.08 -34.37
C TYR A 223 19.54 27.98 -35.06
N MET A 224 18.54 27.53 -34.32
CA MET A 224 17.26 27.12 -34.86
C MET A 224 16.32 28.27 -35.19
N GLU A 225 16.76 29.52 -35.03
CA GLU A 225 15.91 30.65 -35.33
C GLU A 225 16.78 31.78 -35.86
N CYS A 226 16.19 32.61 -36.72
CA CYS A 226 16.81 33.85 -37.16
C CYS A 226 16.11 35.07 -36.58
N TYR A 227 15.21 34.86 -35.61
CA TYR A 227 14.66 35.96 -34.83
C TYR A 227 15.76 36.90 -34.35
N HIS A 228 16.95 36.37 -34.10
CA HIS A 228 18.02 37.19 -33.53
C HIS A 228 18.96 37.75 -34.61
N CYS A 229 18.74 37.45 -35.91
CA CYS A 229 19.70 37.92 -36.91
C CYS A 229 19.62 39.43 -37.09
N GLY A 230 18.42 40.01 -36.99
CA GLY A 230 18.29 41.46 -37.12
C GLY A 230 19.19 42.16 -36.15
N PRO A 231 18.99 41.90 -34.86
CA PRO A 231 19.78 42.58 -33.82
C PRO A 231 21.20 42.06 -33.67
N ALA A 232 21.43 40.74 -33.76
CA ALA A 232 22.69 40.13 -33.37
C ALA A 232 23.66 39.85 -34.51
N HIS A 233 23.20 39.86 -35.76
CA HIS A 233 24.05 39.53 -36.92
C HIS A 233 23.93 40.57 -38.01
N PRO A 234 24.65 41.70 -37.90
CA PRO A 234 24.56 42.73 -38.96
C PRO A 234 25.04 42.26 -40.32
N GLY A 235 26.19 41.58 -40.38
CA GLY A 235 26.72 41.10 -41.65
C GLY A 235 25.96 39.94 -42.26
N PHE A 236 25.20 39.21 -41.46
CA PHE A 236 24.37 38.11 -41.95
C PHE A 236 22.90 38.56 -42.07
N ALA A 237 22.64 39.87 -42.02
CA ALA A 237 21.27 40.38 -42.03
C ALA A 237 20.81 40.90 -43.38
N ASP A 238 21.71 41.45 -44.19
CA ASP A 238 21.32 41.89 -45.52
C ASP A 238 21.35 40.73 -46.51
N SER A 239 22.20 39.72 -46.20
CA SER A 239 22.33 38.51 -47.04
C SER A 239 21.13 37.58 -46.94
N VAL A 240 19.98 38.06 -46.45
CA VAL A 240 18.85 37.19 -46.13
C VAL A 240 17.56 37.97 -46.24
N GLN A 241 16.58 37.38 -46.93
CA GLN A 241 15.22 37.97 -47.11
C GLN A 241 14.31 37.31 -46.07
N VAL A 242 13.54 38.10 -45.33
CA VAL A 242 12.62 37.56 -44.33
C VAL A 242 11.35 36.97 -44.95
N ASP A 243 10.89 37.49 -46.10
CA ASP A 243 9.75 36.90 -46.81
C ASP A 243 10.17 35.75 -47.71
N LYS A 244 11.49 35.64 -47.92
CA LYS A 244 12.11 34.58 -48.76
C LYS A 244 13.09 33.79 -47.86
N TYR A 245 12.52 33.20 -46.83
CA TYR A 245 13.27 32.45 -45.80
C TYR A 245 12.28 31.49 -45.19
N TRP A 246 12.56 30.20 -45.25
CA TRP A 246 11.64 29.21 -44.70
C TRP A 246 12.43 28.22 -43.86
N HIS A 247 11.89 27.87 -42.70
CA HIS A 247 12.48 26.87 -41.81
C HIS A 247 11.48 25.73 -41.72
N THR A 248 11.81 24.62 -42.38
CA THR A 248 10.95 23.44 -42.45
C THR A 248 11.54 22.33 -41.59
N THR A 249 10.67 21.62 -40.87
CA THR A 249 11.08 20.48 -40.07
C THR A 249 10.95 19.21 -40.90
N HIS A 250 11.80 18.23 -40.62
CA HIS A 250 11.79 17.01 -41.40
C HIS A 250 11.75 15.77 -40.52
N GLN A 251 12.76 14.92 -40.61
CA GLN A 251 12.83 13.71 -39.80
C GLN A 251 14.11 13.75 -38.96
N ASN A 252 13.99 14.31 -37.75
CA ASN A 252 15.13 14.56 -36.87
C ASN A 252 16.12 15.53 -37.47
N TRP A 253 15.68 16.33 -38.43
CA TRP A 253 16.52 17.42 -38.90
C TRP A 253 15.63 18.51 -39.46
N THR A 254 16.21 19.68 -39.68
CA THR A 254 15.45 20.77 -40.26
C THR A 254 16.33 21.49 -41.27
N LEU A 255 15.67 22.22 -42.16
CA LEU A 255 16.34 22.97 -43.21
C LEU A 255 15.86 24.41 -43.18
N GLN A 256 16.81 25.33 -43.04
CA GLN A 256 16.54 26.76 -43.15
C GLN A 256 17.05 27.23 -44.51
N TYR A 257 16.10 27.57 -45.39
CA TYR A 257 16.38 27.89 -46.78
C TYR A 257 15.92 29.32 -47.08
N GLY A 258 16.76 30.05 -47.82
CA GLY A 258 16.41 31.41 -48.18
C GLY A 258 17.22 31.87 -49.38
N PHE A 259 16.89 33.05 -49.87
CA PHE A 259 17.58 33.67 -50.99
C PHE A 259 18.34 34.90 -50.52
N ALA A 260 19.57 35.05 -51.00
CA ALA A 260 20.49 36.11 -50.59
C ALA A 260 20.60 37.18 -51.67
N ARG A 261 21.34 38.26 -51.38
CA ARG A 261 21.67 39.43 -52.27
C ARG A 261 22.38 40.39 -51.33
N SER A 262 23.66 40.13 -51.08
CA SER A 262 24.30 40.88 -50.01
C SER A 262 24.42 42.37 -50.37
N SER A 263 25.03 42.67 -51.53
CA SER A 263 25.23 44.03 -51.98
C SER A 263 24.97 44.10 -53.47
N VAL A 273 23.43 31.75 -61.68
CA VAL A 273 23.03 32.22 -60.36
C VAL A 273 22.23 33.50 -60.46
N THR A 274 20.98 33.37 -60.97
CA THR A 274 20.02 34.48 -60.95
C THR A 274 19.30 34.60 -59.62
N ASP A 275 19.52 33.64 -58.71
CA ASP A 275 18.85 33.52 -57.40
C ASP A 275 19.74 32.75 -56.43
N PRO A 276 20.78 33.36 -55.88
CA PRO A 276 21.68 32.59 -55.01
C PRO A 276 20.93 32.13 -53.76
N GLU A 277 20.91 30.82 -53.58
CA GLU A 277 20.27 30.18 -52.43
C GLU A 277 21.30 29.87 -51.33
N PHE A 278 20.78 29.58 -50.14
CA PHE A 278 21.60 29.19 -49.00
C PHE A 278 20.86 28.15 -48.20
N HIS A 279 21.61 27.28 -47.53
CA HIS A 279 21.03 26.18 -46.76
C HIS A 279 21.59 26.17 -45.34
N GLY A 280 20.73 25.82 -44.39
CA GLY A 280 21.11 25.65 -43.01
C GLY A 280 20.46 24.41 -42.40
N PHE A 281 21.21 23.32 -42.30
CA PHE A 281 20.70 22.06 -41.79
C PHE A 281 21.00 21.92 -40.31
N TRP A 282 19.99 21.57 -39.52
CA TRP A 282 20.23 21.03 -38.18
C TRP A 282 19.86 19.57 -38.18
N THR A 283 20.75 18.72 -37.65
CA THR A 283 20.52 17.30 -37.54
C THR A 283 20.64 16.87 -36.08
N TRP A 284 19.80 15.91 -35.69
CA TRP A 284 19.79 15.40 -34.33
C TRP A 284 21.08 14.64 -34.04
N PRO A 285 21.69 14.84 -32.86
CA PRO A 285 21.21 15.75 -31.80
C PRO A 285 21.64 17.19 -31.99
N CYS A 286 22.85 17.43 -32.46
CA CYS A 286 23.35 18.80 -32.52
C CYS A 286 24.56 18.95 -33.45
N THR A 287 24.38 18.66 -34.71
CA THR A 287 25.36 19.00 -35.72
C THR A 287 24.66 19.85 -36.77
N MET A 288 25.33 20.89 -37.25
CA MET A 288 24.70 21.79 -38.20
C MET A 288 25.57 21.92 -39.44
N PHE A 289 24.93 21.82 -40.61
CA PHE A 289 25.60 21.89 -41.91
C PHE A 289 25.07 23.08 -42.68
N ASN A 290 25.98 23.99 -43.05
CA ASN A 290 25.62 25.21 -43.75
C ASN A 290 26.26 25.21 -45.14
N VAL A 291 25.45 25.47 -46.16
CA VAL A 291 25.90 25.68 -47.52
C VAL A 291 25.57 27.11 -47.92
N PRO A 292 26.50 28.03 -47.81
CA PRO A 292 26.19 29.45 -48.04
C PRO A 292 25.93 29.73 -49.51
N PRO A 293 25.51 30.95 -49.86
CA PRO A 293 25.22 31.25 -51.26
C PRO A 293 26.40 30.90 -52.15
N GLY A 294 26.09 30.33 -53.32
CA GLY A 294 27.09 29.78 -54.20
C GLY A 294 27.18 28.28 -54.14
N SER A 295 26.87 27.68 -52.99
CA SER A 295 26.83 26.23 -52.82
C SER A 295 28.17 25.58 -53.15
N ASN A 296 29.27 26.33 -53.06
CA ASN A 296 30.59 25.82 -53.42
C ASN A 296 31.48 25.49 -52.23
N PHE A 297 31.04 25.78 -51.00
CA PHE A 297 31.80 25.44 -49.80
C PHE A 297 30.82 25.20 -48.66
N MET A 298 31.33 24.73 -47.52
CA MET A 298 30.49 24.46 -46.36
C MET A 298 31.19 24.91 -45.08
N THR A 299 30.39 25.31 -44.09
CA THR A 299 30.81 25.39 -42.70
C THR A 299 29.96 24.41 -41.92
N VAL A 300 30.55 23.82 -40.88
CA VAL A 300 29.88 22.80 -40.07
C VAL A 300 30.09 23.13 -38.61
N ILE A 301 29.02 23.04 -37.82
CA ILE A 301 29.08 23.26 -36.37
C ILE A 301 28.94 21.89 -35.71
N TYR A 302 29.98 21.47 -35.01
CA TYR A 302 29.95 20.23 -34.25
C TYR A 302 29.85 20.55 -32.76
N GLU A 303 28.85 20.00 -32.09
CA GLU A 303 28.70 20.18 -30.65
C GLU A 303 29.00 18.87 -29.94
N PHE A 304 30.04 18.87 -29.11
CA PHE A 304 30.41 17.72 -28.30
C PHE A 304 30.23 18.11 -26.85
N PRO A 305 29.13 17.72 -26.21
CA PRO A 305 28.85 18.21 -24.86
C PRO A 305 29.86 17.69 -23.84
N VAL A 306 30.17 18.54 -22.87
CA VAL A 306 31.10 18.24 -21.78
C VAL A 306 30.35 18.05 -20.46
N ASP A 307 29.59 19.06 -20.04
CA ASP A 307 28.70 18.89 -18.91
C ASP A 307 27.51 19.84 -19.13
N ALA A 308 26.66 19.92 -18.10
CA ALA A 308 25.41 20.65 -18.21
C ALA A 308 25.64 22.07 -18.72
N GLU A 309 26.77 22.69 -18.43
CA GLU A 309 26.93 24.08 -18.80
C GLU A 309 28.15 24.29 -19.69
N THR A 310 28.67 23.21 -20.29
CA THR A 310 29.84 23.28 -21.12
C THR A 310 29.65 22.41 -22.36
N THR A 311 30.00 22.98 -23.50
CA THR A 311 29.86 22.31 -24.77
C THR A 311 31.08 22.67 -25.60
N LEU A 312 31.87 21.65 -25.97
CA LEU A 312 32.96 21.85 -26.90
C LEU A 312 32.38 21.99 -28.30
N GLN A 313 32.86 22.97 -29.06
CA GLN A 313 32.36 23.22 -30.40
C GLN A 313 33.52 23.16 -31.38
N HIS A 314 33.31 22.48 -32.51
CA HIS A 314 34.15 22.64 -33.68
C HIS A 314 33.37 23.48 -34.68
N TYR A 315 33.99 24.55 -35.17
CA TYR A 315 33.45 25.31 -36.28
C TYR A 315 34.41 25.08 -37.45
N ASP A 316 34.01 24.22 -38.38
CA ASP A 316 34.85 23.82 -39.49
C ASP A 316 34.41 24.56 -40.74
N ILE A 317 35.37 25.12 -41.47
CA ILE A 317 35.14 25.70 -42.78
C ILE A 317 35.82 24.81 -43.82
N TYR A 318 35.06 24.40 -44.83
CA TYR A 318 35.53 23.46 -45.84
C TYR A 318 35.50 24.09 -47.23
N PHE A 319 36.65 24.09 -47.91
CA PHE A 319 36.78 24.49 -49.29
C PHE A 319 37.27 23.33 -50.15
N THR A 320 37.00 23.41 -51.45
CA THR A 320 37.44 22.36 -52.36
C THR A 320 38.93 22.46 -52.70
N ASN A 321 39.52 23.65 -52.64
CA ASN A 321 40.94 23.85 -52.91
C ASN A 321 41.78 23.74 -51.65
N GLU A 322 42.98 23.17 -51.79
CA GLU A 322 43.88 22.97 -50.67
C GLU A 322 44.65 24.25 -50.30
N GLU A 323 45.12 25.00 -51.30
CA GLU A 323 45.87 26.23 -51.08
C GLU A 323 44.90 27.39 -51.22
N LEU A 324 44.64 28.08 -50.11
CA LEU A 324 43.54 29.02 -50.03
C LEU A 324 43.88 30.34 -50.70
N THR A 325 42.94 30.84 -51.49
CA THR A 325 43.00 32.21 -51.98
C THR A 325 42.81 33.17 -50.81
N GLN A 326 43.14 34.44 -51.03
CA GLN A 326 43.06 35.40 -49.93
C GLN A 326 41.64 35.90 -49.67
N ASP A 327 40.73 35.78 -50.65
CA ASP A 327 39.33 36.03 -50.36
C ASP A 327 38.78 34.95 -49.45
N GLN A 328 39.31 33.72 -49.57
CA GLN A 328 38.93 32.67 -48.64
C GLN A 328 39.57 32.86 -47.27
N LYS A 329 40.85 33.25 -47.23
CA LYS A 329 41.51 33.49 -45.95
C LYS A 329 40.87 34.65 -45.20
N ASP A 330 40.39 35.66 -45.94
CA ASP A 330 39.66 36.76 -45.32
C ASP A 330 38.31 36.27 -44.80
N LEU A 331 37.62 35.44 -45.58
CA LEU A 331 36.35 34.88 -45.13
C LEU A 331 36.55 34.06 -43.87
N ILE A 332 37.65 33.31 -43.79
CA ILE A 332 37.95 32.53 -42.60
C ILE A 332 38.09 33.43 -41.39
N GLU A 333 38.83 34.53 -41.53
CA GLU A 333 39.03 35.43 -40.40
C GLU A 333 37.76 36.21 -40.06
N TRP A 334 36.92 36.48 -41.05
CA TRP A 334 35.64 37.13 -40.75
C TRP A 334 34.78 36.23 -39.87
N TYR A 335 34.73 34.94 -40.18
CA TYR A 335 33.97 34.06 -39.26
C TYR A 335 34.69 33.96 -37.91
N ARG A 336 36.01 33.93 -37.95
CA ARG A 336 36.73 33.73 -36.70
C ARG A 336 36.55 34.89 -35.74
N ASN A 337 36.69 36.11 -36.24
CA ASN A 337 36.81 37.27 -35.38
C ASN A 337 35.57 38.16 -35.35
N VAL A 338 34.68 38.05 -36.32
CA VAL A 338 33.51 38.92 -36.36
C VAL A 338 32.23 38.11 -36.20
N PHE A 339 32.02 37.13 -37.09
CA PHE A 339 30.73 36.44 -37.13
C PHE A 339 30.55 35.49 -35.95
N ARG A 340 31.45 34.53 -35.79
CA ARG A 340 31.30 33.54 -34.74
C ARG A 340 31.27 34.16 -33.33
N PRO A 341 32.10 35.15 -32.99
CA PRO A 341 32.03 35.74 -31.64
C PRO A 341 30.64 36.23 -31.28
N GLU A 342 29.85 36.65 -32.28
CA GLU A 342 28.51 37.16 -31.99
C GLU A 342 27.63 36.05 -31.42
N ASP A 343 27.62 34.89 -32.04
CA ASP A 343 26.79 33.81 -31.53
C ASP A 343 27.37 33.25 -30.22
N LEU A 344 28.68 33.30 -30.05
CA LEU A 344 29.25 32.80 -28.80
C LEU A 344 28.80 33.65 -27.61
N ASN A 345 28.84 34.98 -27.75
CA ASN A 345 28.38 35.85 -26.67
C ASN A 345 26.90 35.62 -26.38
N LEU A 346 26.09 35.43 -27.42
CA LEU A 346 24.66 35.21 -27.22
C LEU A 346 24.43 33.99 -26.34
N VAL A 347 24.99 32.84 -26.72
CA VAL A 347 24.69 31.62 -25.98
C VAL A 347 25.30 31.67 -24.58
N GLU A 348 26.45 32.33 -24.43
CA GLU A 348 27.07 32.44 -23.10
C GLU A 348 26.27 33.34 -22.16
N SER A 349 25.76 34.47 -22.68
CA SER A 349 24.94 35.33 -21.81
C SER A 349 23.65 34.62 -21.40
N VAL A 350 23.05 33.88 -22.34
CA VAL A 350 21.81 33.17 -22.04
C VAL A 350 22.04 32.12 -20.95
N GLN A 351 23.15 31.38 -21.04
CA GLN A 351 23.43 30.38 -20.00
C GLN A 351 23.52 31.04 -18.63
N ARG A 352 24.20 32.18 -18.54
CA ARG A 352 24.26 32.93 -17.28
C ARG A 352 22.87 33.38 -16.84
N GLY A 353 22.12 34.00 -17.75
CA GLY A 353 20.86 34.59 -17.35
C GLY A 353 19.84 33.57 -16.89
N LEU A 354 19.81 32.41 -17.52
CA LEU A 354 18.71 31.53 -17.16
C LEU A 354 18.92 30.83 -15.82
N LYS A 355 20.07 31.02 -15.17
CA LYS A 355 20.16 30.59 -13.77
C LYS A 355 19.53 31.60 -12.83
N SER A 356 19.20 32.80 -13.31
CA SER A 356 18.70 33.85 -12.41
C SER A 356 17.35 33.50 -11.85
N ARG A 357 17.17 33.75 -10.55
CA ARG A 357 15.84 33.64 -9.98
C ARG A 357 14.88 34.64 -10.60
N GLY A 358 15.40 35.67 -11.27
CA GLY A 358 14.56 36.63 -11.96
C GLY A 358 14.08 36.18 -13.32
N TYR A 359 14.55 35.03 -13.81
CA TYR A 359 14.04 34.40 -15.01
C TYR A 359 12.89 33.48 -14.61
N ARG A 360 11.67 33.82 -15.04
CA ARG A 360 10.47 33.12 -14.60
C ARG A 360 10.55 31.62 -14.81
N GLY A 361 11.44 31.16 -15.68
CA GLY A 361 11.62 29.72 -15.82
C GLY A 361 11.68 29.27 -17.26
N GLN A 362 10.67 29.65 -18.05
CA GLN A 362 10.59 29.24 -19.44
C GLN A 362 10.50 30.47 -20.32
N GLY A 363 10.93 30.32 -21.56
CA GLY A 363 10.90 31.41 -22.53
C GLY A 363 9.92 31.10 -23.64
N ARG A 364 9.17 32.13 -24.04
CA ARG A 364 8.19 31.96 -25.12
C ARG A 364 8.89 31.82 -26.46
N ILE A 365 8.54 30.77 -27.20
CA ILE A 365 9.02 30.58 -28.56
C ILE A 365 8.16 31.45 -29.50
N MET A 366 8.80 32.41 -30.17
CA MET A 366 8.09 33.39 -30.99
C MET A 366 7.81 32.82 -32.38
N THR A 367 6.92 31.84 -32.40
CA THR A 367 6.40 31.34 -33.67
C THR A 367 5.26 32.24 -34.14
N ASP A 368 5.31 32.64 -35.40
CA ASP A 368 4.20 33.27 -36.10
C ASP A 368 3.61 32.26 -37.07
N LYS A 369 2.35 32.46 -37.46
CA LYS A 369 1.65 31.37 -38.15
C LYS A 369 2.06 31.23 -39.61
N GLN A 370 2.74 32.23 -40.15
CA GLN A 370 3.13 32.09 -41.56
C GLN A 370 4.52 31.45 -41.63
N ARG A 371 5.07 31.01 -40.49
CA ARG A 371 6.50 30.64 -40.44
C ARG A 371 7.32 31.61 -41.30
N SER A 372 7.46 32.93 -40.97
CA SER A 372 8.35 33.84 -41.70
C SER A 372 9.80 33.60 -41.27
N GLY A 373 10.71 34.39 -41.85
CA GLY A 373 12.14 34.26 -41.60
C GLY A 373 12.57 34.60 -40.19
N ILE A 374 11.71 35.23 -39.39
CA ILE A 374 12.05 35.54 -38.01
C ILE A 374 11.19 34.74 -37.04
N SER A 375 10.47 33.74 -37.54
CA SER A 375 9.74 32.83 -36.65
C SER A 375 10.72 31.91 -35.92
N GLU A 376 10.43 31.62 -34.66
CA GLU A 376 11.26 30.76 -33.83
C GLU A 376 10.74 29.33 -33.76
N HIS A 377 9.77 28.98 -34.60
CA HIS A 377 9.13 27.68 -34.44
C HIS A 377 10.14 26.54 -34.46
N GLY A 378 11.26 26.71 -35.16
CA GLY A 378 12.25 25.64 -35.22
C GLY A 378 12.75 25.20 -33.86
N ILE A 379 12.78 26.12 -32.90
CA ILE A 379 13.15 25.76 -31.53
C ILE A 379 12.16 24.77 -30.95
N ALA A 380 10.87 24.98 -31.23
CA ALA A 380 9.85 24.09 -30.68
C ALA A 380 10.00 22.69 -31.25
N TYR A 381 10.40 22.57 -32.52
CA TYR A 381 10.60 21.26 -33.12
C TYR A 381 11.78 20.54 -32.46
N PHE A 382 12.92 21.22 -32.32
CA PHE A 382 14.06 20.60 -31.63
C PHE A 382 13.69 20.16 -30.22
N GLN A 383 13.06 21.05 -29.45
CA GLN A 383 12.83 20.73 -28.04
C GLN A 383 11.76 19.66 -27.88
N HIS A 384 10.82 19.56 -28.82
CA HIS A 384 9.84 18.47 -28.78
C HIS A 384 10.53 17.12 -28.89
N LEU A 385 11.58 17.03 -29.72
CA LEU A 385 12.37 15.82 -29.80
C LEU A 385 13.10 15.57 -28.48
N VAL A 386 13.79 16.60 -27.96
CA VAL A 386 14.49 16.46 -26.68
C VAL A 386 13.53 15.94 -25.62
N ALA A 387 12.30 16.47 -25.59
CA ALA A 387 11.34 16.12 -24.54
C ALA A 387 11.04 14.63 -24.51
N GLN A 388 11.15 13.94 -25.66
CA GLN A 388 10.86 12.52 -25.70
C GLN A 388 11.83 11.68 -24.87
N TYR A 389 12.98 12.24 -24.50
CA TYR A 389 13.94 11.58 -23.63
C TYR A 389 13.72 11.86 -22.16
N HIS A 390 12.67 12.60 -21.82
CA HIS A 390 12.42 12.98 -20.44
C HIS A 390 11.02 12.57 -20.01
N GLN A 391 10.62 11.35 -20.35
CA GLN A 391 9.37 10.79 -19.86
C GLN A 391 9.61 10.03 -18.57
N ALA B 23 26.99 1.86 -1.88
CA ALA B 23 27.92 0.82 -1.43
C ALA B 23 29.36 1.28 -1.61
N VAL B 24 30.19 0.99 -0.61
CA VAL B 24 31.60 1.36 -0.64
C VAL B 24 32.40 0.23 -1.29
N GLU B 25 33.42 0.61 -2.08
CA GLU B 25 34.16 -0.34 -2.90
C GLU B 25 35.12 -1.16 -2.05
N LYS B 26 35.07 -2.47 -2.22
CA LYS B 26 35.89 -3.40 -1.45
C LYS B 26 36.69 -4.28 -2.40
N LEU B 27 37.80 -4.82 -1.88
CA LEU B 27 38.69 -5.74 -2.58
C LEU B 27 38.81 -7.04 -1.79
N PRO B 28 39.10 -8.16 -2.47
CA PRO B 28 39.40 -9.41 -1.75
C PRO B 28 40.73 -9.28 -1.02
N GLU B 29 40.89 -10.00 0.10
CA GLU B 29 42.20 -9.97 0.76
C GLU B 29 43.31 -10.50 -0.13
N ASP B 30 43.02 -11.48 -0.98
CA ASP B 30 44.06 -12.05 -1.82
C ASP B 30 44.25 -11.25 -3.09
N PHE B 31 43.70 -10.03 -3.13
CA PHE B 31 43.87 -9.18 -4.31
C PHE B 31 45.35 -8.98 -4.59
N CYS B 32 45.76 -9.34 -5.80
CA CYS B 32 47.16 -9.33 -6.21
C CYS B 32 48.08 -10.10 -5.26
N ALA B 33 47.55 -11.06 -4.50
CA ALA B 33 48.42 -11.90 -3.67
C ALA B 33 49.31 -12.81 -4.52
N ASN B 34 48.85 -13.19 -5.70
CA ASN B 34 49.63 -14.01 -6.62
C ASN B 34 50.03 -13.13 -7.79
N PRO B 35 51.22 -12.54 -7.78
CA PRO B 35 51.62 -11.63 -8.86
C PRO B 35 51.65 -12.28 -10.24
N ASP B 36 51.77 -13.62 -10.31
CA ASP B 36 51.84 -14.31 -11.59
C ASP B 36 50.53 -14.22 -12.37
N VAL B 37 49.40 -14.17 -11.67
CA VAL B 37 48.08 -14.00 -12.31
C VAL B 37 47.38 -12.87 -11.57
N ALA B 38 47.64 -11.63 -11.99
CA ALA B 38 47.14 -10.47 -11.26
C ALA B 38 46.71 -9.36 -12.23
N TRP B 39 45.76 -8.55 -11.76
CA TRP B 39 45.29 -7.37 -12.47
C TRP B 39 45.29 -6.17 -11.53
N THR B 40 45.47 -4.97 -12.10
CA THR B 40 45.39 -3.73 -11.34
C THR B 40 43.98 -3.54 -10.79
N PHE B 41 43.83 -2.56 -9.84
CA PHE B 41 42.55 -2.23 -9.21
C PHE B 41 41.49 -2.03 -10.28
N PRO B 42 40.24 -2.41 -10.03
CA PRO B 42 39.14 -1.84 -10.81
C PRO B 42 39.23 -0.32 -10.82
N LYS B 43 38.94 0.27 -11.99
CA LYS B 43 39.27 1.67 -12.26
C LYS B 43 38.72 2.64 -11.21
N VAL B 44 37.67 2.26 -10.49
CA VAL B 44 37.07 3.19 -9.53
C VAL B 44 38.06 3.54 -8.42
N PHE B 45 38.99 2.63 -8.13
CA PHE B 45 39.96 2.91 -7.07
C PHE B 45 40.91 4.02 -7.46
N TYR B 46 41.14 4.24 -8.76
CA TYR B 46 41.96 5.37 -9.14
C TYR B 46 41.17 6.68 -9.31
N THR B 47 39.83 6.64 -9.27
CA THR B 47 39.06 7.85 -9.59
C THR B 47 38.03 8.24 -8.53
N SER B 48 37.56 7.32 -7.69
CA SER B 48 36.47 7.63 -6.79
C SER B 48 36.93 8.53 -5.66
N SER B 49 36.16 9.61 -5.43
CA SER B 49 36.49 10.49 -4.31
C SER B 49 36.17 9.84 -2.97
N GLN B 50 35.27 8.85 -2.95
CA GLN B 50 35.03 8.16 -1.70
C GLN B 50 36.18 7.21 -1.38
N VAL B 51 36.66 6.48 -2.38
CA VAL B 51 37.88 5.70 -2.20
C VAL B 51 39.02 6.60 -1.73
N PHE B 52 39.15 7.79 -2.30
CA PHE B 52 40.25 8.66 -1.87
C PHE B 52 40.09 9.05 -0.41
N GLU B 53 38.90 9.52 -0.03
CA GLU B 53 38.71 9.95 1.35
C GLU B 53 39.01 8.82 2.32
N HIS B 54 38.74 7.58 1.93
CA HIS B 54 39.07 6.47 2.82
C HIS B 54 40.58 6.23 2.85
N GLU B 55 41.23 6.23 1.69
CA GLU B 55 42.69 6.10 1.71
C GLU B 55 43.30 7.28 2.44
N LYS B 56 42.68 8.45 2.33
CA LYS B 56 43.21 9.65 2.96
C LYS B 56 43.31 9.48 4.48
N GLU B 57 42.26 8.93 5.09
CA GLU B 57 42.22 8.78 6.53
C GLU B 57 42.77 7.42 6.98
N ALA B 58 42.53 6.34 6.22
CA ALA B 58 43.01 5.04 6.66
C ALA B 58 44.50 4.86 6.42
N ILE B 59 45.05 5.51 5.39
CA ILE B 59 46.45 5.38 5.03
C ILE B 59 47.22 6.63 5.37
N PHE B 60 46.87 7.76 4.75
CA PHE B 60 47.78 8.91 4.80
C PHE B 60 47.71 9.67 6.10
N ALA B 61 46.67 9.48 6.90
CA ALA B 61 46.60 10.05 8.24
C ALA B 61 47.08 9.08 9.32
N LYS B 62 47.43 7.84 8.95
CA LYS B 62 47.83 6.85 9.95
C LYS B 62 49.10 6.13 9.54
N SER B 63 49.84 6.66 8.56
CA SER B 63 51.11 6.10 8.14
C SER B 63 52.17 7.18 8.22
N TRP B 64 53.42 6.74 8.32
CA TRP B 64 54.53 7.67 8.34
C TRP B 64 54.72 8.21 6.93
N ILE B 65 54.70 9.54 6.81
CA ILE B 65 54.79 10.23 5.54
C ILE B 65 56.12 10.94 5.46
N CYS B 66 56.94 10.56 4.49
CA CYS B 66 58.25 11.18 4.35
C CYS B 66 58.09 12.58 3.76
N VAL B 67 58.76 13.56 4.37
CA VAL B 67 58.62 14.92 3.91
C VAL B 67 59.94 15.55 3.49
N ALA B 68 61.09 15.12 4.01
CA ALA B 68 62.32 15.85 3.71
C ALA B 68 63.51 15.01 4.13
N HIS B 69 64.68 15.40 3.61
CA HIS B 69 65.95 14.92 4.11
C HIS B 69 66.33 15.68 5.38
N GLY B 70 67.10 15.00 6.24
CA GLY B 70 67.50 15.60 7.49
C GLY B 70 68.25 16.91 7.32
N SER B 71 68.95 17.08 6.20
CA SER B 71 69.75 18.29 6.04
C SER B 71 68.90 19.56 6.14
N GLU B 72 67.62 19.49 5.79
CA GLU B 72 66.77 20.68 5.87
C GLU B 72 66.42 21.09 7.30
N LEU B 73 66.58 20.19 8.27
CA LEU B 73 66.12 20.43 9.63
C LEU B 73 67.20 20.11 10.65
N ALA B 74 68.46 20.29 10.26
CA ALA B 74 69.56 19.77 11.06
C ALA B 74 69.92 20.68 12.24
N GLN B 75 69.60 21.99 12.15
CA GLN B 75 70.03 22.96 13.17
C GLN B 75 68.86 23.44 14.03
N PRO B 76 69.12 23.84 15.27
CA PRO B 76 68.06 24.46 16.08
C PRO B 76 67.43 25.63 15.35
N ASN B 77 66.09 25.64 15.45
CA ASN B 77 65.13 26.62 14.89
C ASN B 77 64.88 26.37 13.39
N ASP B 78 65.62 25.48 12.74
CA ASP B 78 65.31 25.09 11.36
C ASP B 78 63.90 24.54 11.26
N TYR B 79 63.20 24.93 10.20
CA TYR B 79 61.85 24.43 9.97
C TYR B 79 61.58 24.31 8.47
N ILE B 80 60.62 23.46 8.15
CA ILE B 80 60.06 23.39 6.80
C ILE B 80 58.54 23.36 6.94
N THR B 81 57.87 23.66 5.83
CA THR B 81 56.43 23.55 5.74
C THR B 81 56.09 22.61 4.58
N ARG B 82 55.07 21.78 4.78
CA ARG B 82 54.59 20.85 3.77
C ARG B 82 53.07 20.89 3.77
N LYS B 83 52.48 20.42 2.68
CA LYS B 83 51.04 20.22 2.61
C LYS B 83 50.75 18.83 2.09
N VAL B 84 49.96 18.07 2.84
CA VAL B 84 49.62 16.73 2.38
C VAL B 84 48.26 16.38 2.92
N ILE B 85 47.44 15.78 2.04
CA ILE B 85 46.03 15.50 2.25
C ILE B 85 45.29 16.65 2.92
N GLY B 86 45.52 17.88 2.43
CA GLY B 86 44.81 19.05 2.90
C GLY B 86 45.37 19.65 4.16
N GLU B 87 46.46 19.10 4.69
CA GLU B 87 47.05 19.50 5.97
C GLU B 87 48.35 20.24 5.71
N ASN B 88 48.38 21.50 6.16
CA ASN B 88 49.55 22.35 6.13
C ASN B 88 50.32 22.12 7.43
N ILE B 89 51.52 21.54 7.32
CA ILE B 89 52.29 21.09 8.48
C ILE B 89 53.62 21.83 8.53
N VAL B 90 54.04 22.20 9.74
CA VAL B 90 55.37 22.76 9.94
C VAL B 90 56.18 21.77 10.78
N ILE B 91 57.36 21.43 10.28
CA ILE B 91 58.31 20.58 11.00
C ILE B 91 59.46 21.49 11.38
N ILE B 92 59.79 21.53 12.67
CA ILE B 92 60.65 22.57 13.22
C ILE B 92 61.56 21.96 14.26
N ARG B 93 62.85 22.29 14.18
CA ARG B 93 63.83 21.87 15.18
C ARG B 93 63.81 22.88 16.33
N GLY B 94 63.38 22.41 17.50
CA GLY B 94 63.25 23.29 18.64
C GLY B 94 64.58 23.80 19.16
N LYS B 95 64.49 24.87 19.97
CA LYS B 95 65.64 25.35 20.71
C LYS B 95 66.50 24.19 21.21
N ASP B 96 65.85 23.29 21.93
CA ASP B 96 66.47 22.09 22.56
C ASP B 96 66.82 20.99 21.55
N SER B 97 67.08 21.31 20.28
CA SER B 97 67.51 20.35 19.27
C SER B 97 66.50 19.22 19.06
N VAL B 98 65.30 19.33 19.64
CA VAL B 98 64.27 18.31 19.49
C VAL B 98 63.42 18.64 18.26
N LEU B 99 63.31 17.68 17.34
CA LEU B 99 62.51 17.88 16.15
C LEU B 99 61.03 17.67 16.45
N ARG B 100 60.20 18.61 16.05
CA ARG B 100 58.77 18.51 16.32
C ARG B 100 58.00 18.82 15.04
N ALA B 101 56.74 18.39 15.02
CA ALA B 101 55.87 18.71 13.91
C ALA B 101 54.54 19.23 14.46
N PHE B 102 54.01 20.26 13.79
CA PHE B 102 52.79 20.91 14.21
C PHE B 102 51.91 21.18 12.99
N TYR B 103 50.62 21.09 13.21
CA TYR B 103 49.67 21.66 12.28
C TYR B 103 49.89 23.17 12.22
N ASN B 104 50.03 23.69 11.00
CA ASN B 104 50.48 25.07 10.80
C ASN B 104 49.28 26.02 10.89
N VAL B 105 48.67 26.05 12.07
CA VAL B 105 47.47 26.91 12.27
C VAL B 105 47.43 27.44 13.70
N CYS B 106 47.30 28.74 13.85
CA CYS B 106 47.27 29.33 15.20
C CYS B 106 46.06 28.81 15.97
N PRO B 107 46.20 28.48 17.26
CA PRO B 107 45.09 28.00 18.07
C PRO B 107 44.07 29.08 18.44
N HIS B 108 44.42 30.36 18.29
CA HIS B 108 43.45 31.45 18.59
C HIS B 108 42.33 31.48 17.55
N ARG B 109 42.59 31.97 16.34
CA ARG B 109 41.50 32.07 15.37
C ARG B 109 41.90 31.59 13.97
N GLY B 110 42.90 30.73 13.86
CA GLY B 110 43.09 29.93 12.65
C GLY B 110 44.01 30.49 11.59
N HIS B 111 44.71 31.58 11.84
CA HIS B 111 45.69 32.04 10.86
C HIS B 111 46.85 31.05 10.80
N GLU B 112 47.45 30.91 9.61
CA GLU B 112 48.63 30.06 9.46
C GLU B 112 49.82 30.69 10.18
N LEU B 113 50.73 29.86 10.70
CA LEU B 113 51.77 30.39 11.57
C LEU B 113 53.09 30.68 10.85
N LEU B 114 53.52 29.77 9.99
CA LEU B 114 54.79 29.98 9.26
C LEU B 114 54.60 29.59 7.81
N SER B 115 55.43 30.10 6.93
CA SER B 115 55.31 29.72 5.50
C SER B 115 56.71 29.47 4.96
N GLY B 116 56.80 28.66 3.91
CA GLY B 116 58.07 28.31 3.26
C GLY B 116 59.00 27.58 4.20
N SER B 117 60.30 27.77 4.01
CA SER B 117 61.31 27.13 4.88
C SER B 117 62.32 28.20 5.26
N GLY B 118 62.95 28.06 6.41
CA GLY B 118 63.92 29.09 6.79
C GLY B 118 64.35 28.89 8.21
N LYS B 119 64.93 29.93 8.82
CA LYS B 119 65.29 29.77 10.24
C LYS B 119 64.25 30.53 11.04
N ALA B 120 63.54 29.82 11.90
CA ALA B 120 62.54 30.49 12.74
C ALA B 120 63.26 31.27 13.82
N LYS B 121 62.60 32.30 14.36
CA LYS B 121 63.10 33.09 15.50
C LYS B 121 62.85 32.28 16.77
N ASN B 122 63.36 32.71 17.92
CA ASN B 122 63.22 31.89 19.16
C ASN B 122 61.77 31.60 19.56
N VAL B 123 60.80 32.46 19.22
CA VAL B 123 59.37 32.12 19.44
C VAL B 123 58.63 32.30 18.11
N ILE B 124 57.51 31.62 17.94
CA ILE B 124 56.71 31.77 16.69
C ILE B 124 55.67 32.85 16.97
N THR B 125 55.67 33.92 16.20
CA THR B 125 54.69 35.00 16.45
C THR B 125 53.63 34.95 15.34
N CYS B 126 52.37 34.69 15.71
CA CYS B 126 51.32 34.60 14.68
C CYS B 126 51.12 35.95 14.00
N PRO B 127 50.96 36.00 12.67
CA PRO B 127 50.83 37.27 11.96
C PRO B 127 49.46 37.94 12.09
N TYR B 128 48.48 37.26 12.70
CA TYR B 128 47.14 37.86 12.87
C TYR B 128 47.05 38.66 14.17
N HIS B 129 47.18 38.00 15.32
CA HIS B 129 47.03 38.74 16.59
C HIS B 129 48.30 38.73 17.44
N ALA B 130 49.43 38.31 16.86
CA ALA B 130 50.73 38.35 17.52
C ALA B 130 50.78 37.53 18.81
N TRP B 131 49.96 36.48 18.93
CA TRP B 131 50.27 35.43 19.90
C TRP B 131 51.65 34.88 19.63
N THR B 132 52.38 34.53 20.69
CA THR B 132 53.70 33.93 20.56
C THR B 132 53.69 32.51 21.11
N PHE B 133 54.47 31.65 20.45
CA PHE B 133 54.61 30.25 20.85
C PHE B 133 56.09 29.90 20.88
N LYS B 134 56.45 28.99 21.79
CA LYS B 134 57.83 28.55 21.73
C LYS B 134 57.98 27.45 20.70
N LEU B 135 59.23 27.16 20.32
CA LEU B 135 59.48 26.27 19.18
C LEU B 135 59.07 24.84 19.53
N ASP B 136 58.63 24.62 20.76
CA ASP B 136 58.07 23.35 21.16
C ASP B 136 56.54 23.37 21.18
N GLY B 137 55.93 24.45 20.67
CA GLY B 137 54.49 24.55 20.51
C GLY B 137 53.75 25.19 21.67
N SER B 138 54.36 25.27 22.85
CA SER B 138 53.72 25.87 24.00
C SER B 138 53.42 27.35 23.77
N LEU B 139 52.26 27.79 24.26
CA LEU B 139 51.93 29.20 24.26
C LEU B 139 52.90 30.00 25.12
N ALA B 140 53.56 30.98 24.52
CA ALA B 140 54.44 31.88 25.27
C ALA B 140 53.65 33.06 25.86
N LEU B 141 53.08 33.91 25.02
CA LEU B 141 52.32 35.07 25.49
C LEU B 141 51.15 35.29 24.54
N ALA B 142 49.93 35.22 25.07
CA ALA B 142 48.72 35.57 24.34
C ALA B 142 48.30 36.96 24.78
N ARG B 143 48.49 37.94 23.89
CA ARG B 143 48.16 39.33 24.18
C ARG B 143 46.84 39.44 24.91
N ASN B 144 46.84 40.18 26.02
CA ASN B 144 45.63 40.55 26.77
C ASN B 144 44.93 39.35 27.40
N CYS B 145 45.50 38.15 27.32
CA CYS B 145 44.93 36.99 28.02
C CYS B 145 44.61 37.32 29.47
N ASP B 146 45.46 38.10 30.13
CA ASP B 146 45.29 38.34 31.57
C ASP B 146 43.95 39.00 31.88
N HIS B 147 43.36 39.70 30.92
CA HIS B 147 42.08 40.39 31.11
C HIS B 147 40.94 39.68 30.40
N VAL B 148 41.18 38.46 29.90
CA VAL B 148 40.16 37.64 29.25
C VAL B 148 39.69 36.58 30.24
N GLU B 149 38.39 36.52 30.46
CA GLU B 149 37.81 35.60 31.44
C GLU B 149 38.05 34.15 31.03
N SER B 150 38.51 33.34 31.99
CA SER B 150 38.65 31.90 31.79
C SER B 150 39.52 31.59 30.57
N PHE B 151 40.57 32.36 30.38
CA PHE B 151 41.50 32.06 29.29
C PHE B 151 42.22 30.76 29.59
N ASP B 152 42.17 29.83 28.63
CA ASP B 152 42.78 28.50 28.76
C ASP B 152 44.20 28.54 28.21
N LYS B 153 45.20 28.53 29.08
CA LYS B 153 46.57 28.58 28.61
C LYS B 153 47.07 27.22 28.16
N GLU B 154 47.08 26.23 29.05
CA GLU B 154 47.02 24.86 28.55
C GLU B 154 45.71 24.67 27.79
N ASN B 155 45.77 24.84 26.47
CA ASN B 155 44.90 24.18 25.52
C ASN B 155 44.81 25.22 24.42
N SER B 156 45.77 26.17 24.46
CA SER B 156 45.99 27.27 23.53
C SER B 156 47.37 27.13 22.90
N SER B 157 47.81 25.89 22.81
CA SER B 157 49.07 25.38 22.31
C SER B 157 48.97 25.23 20.80
N MET B 158 50.10 25.35 20.09
CA MET B 158 50.12 24.72 18.78
C MET B 158 49.79 23.24 18.98
N VAL B 159 49.15 22.69 17.97
CA VAL B 159 48.68 21.29 18.02
C VAL B 159 49.79 20.46 17.33
N PRO B 160 50.41 19.55 18.06
CA PRO B 160 51.54 18.81 17.49
C PRO B 160 51.04 17.58 16.76
N LEU B 161 51.92 17.02 15.94
CA LEU B 161 51.76 15.68 15.40
C LEU B 161 53.14 15.02 15.47
N LYS B 162 53.17 13.69 15.28
CA LYS B 162 54.42 12.95 15.44
C LYS B 162 55.38 13.18 14.27
N VAL B 163 56.66 13.25 14.58
CA VAL B 163 57.71 13.33 13.57
C VAL B 163 58.85 12.41 14.00
N GLU B 164 59.53 11.80 13.04
CA GLU B 164 60.64 10.92 13.36
C GLU B 164 61.69 11.04 12.28
N GLU B 165 62.95 11.11 12.68
CA GLU B 165 64.05 11.06 11.72
C GLU B 165 64.49 9.61 11.56
N TYR B 166 64.50 9.13 10.32
CA TYR B 166 64.75 7.73 10.02
C TYR B 166 65.44 7.64 8.68
N ALA B 167 66.53 6.88 8.61
CA ALA B 167 67.28 6.66 7.37
C ALA B 167 67.87 7.95 6.82
N GLY B 168 68.08 8.94 7.69
CA GLY B 168 68.54 10.25 7.27
C GLY B 168 67.43 11.15 6.76
N PHE B 169 66.19 10.71 6.81
CA PHE B 169 65.06 11.51 6.32
C PHE B 169 64.09 11.81 7.47
N VAL B 170 63.04 12.55 7.17
CA VAL B 170 62.10 12.99 8.19
C VAL B 170 60.71 12.51 7.81
N PHE B 171 60.04 11.82 8.73
CA PHE B 171 58.72 11.27 8.52
C PHE B 171 57.77 11.88 9.55
N ILE B 172 56.56 12.25 9.10
CA ILE B 172 55.52 12.72 10.01
C ILE B 172 54.40 11.69 10.02
N ASN B 173 53.59 11.76 11.08
CA ASN B 173 52.45 10.86 11.22
C ASN B 173 51.35 11.59 11.97
N MET B 174 50.15 11.62 11.38
CA MET B 174 49.02 12.29 11.99
C MET B 174 48.34 11.43 13.04
N ASP B 175 48.70 10.16 13.16
CA ASP B 175 48.17 9.28 14.20
C ASP B 175 49.07 9.40 15.44
N GLU B 176 48.56 10.04 16.49
CA GLU B 176 49.40 10.22 17.67
C GLU B 176 49.67 8.90 18.40
N ASN B 177 48.94 7.84 18.08
CA ASN B 177 49.25 6.51 18.60
C ASN B 177 50.20 5.75 17.69
N ALA B 178 50.76 6.41 16.68
CA ALA B 178 51.71 5.76 15.79
C ALA B 178 52.94 5.33 16.58
N THR B 179 53.62 4.31 16.08
CA THR B 179 54.79 3.80 16.78
C THR B 179 56.07 4.46 16.25
N CYS B 180 56.71 3.83 15.26
CA CYS B 180 57.97 4.32 14.71
C CYS B 180 58.01 3.87 13.26
N VAL B 181 58.86 4.55 12.49
CA VAL B 181 58.98 4.27 11.06
C VAL B 181 59.54 2.88 10.83
N GLU B 182 60.41 2.39 11.70
CA GLU B 182 60.96 1.06 11.47
C GLU B 182 59.86 0.01 11.45
N ASP B 183 58.83 0.18 12.29
CA ASP B 183 57.71 -0.75 12.29
C ASP B 183 56.99 -0.76 10.95
N GLN B 184 57.07 0.36 10.21
CA GLN B 184 56.42 0.48 8.92
C GLN B 184 57.28 -0.03 7.78
N LEU B 185 58.58 0.20 7.88
CA LEU B 185 59.53 -0.13 6.83
C LEU B 185 60.65 -0.99 7.39
N PRO B 186 60.31 -2.15 8.00
CA PRO B 186 61.33 -2.97 8.68
C PRO B 186 62.52 -3.23 7.79
N GLY B 187 63.72 -2.88 8.26
CA GLY B 187 64.92 -3.15 7.50
C GLY B 187 65.28 -2.09 6.47
N PHE B 188 64.42 -1.08 6.26
CA PHE B 188 64.65 -0.18 5.14
C PHE B 188 65.89 0.69 5.37
N ALA B 189 65.99 1.35 6.53
CA ALA B 189 67.15 2.18 6.80
C ALA B 189 68.45 1.37 6.66
N GLU B 190 68.51 0.18 7.28
CA GLU B 190 69.69 -0.66 7.14
C GLU B 190 70.08 -0.84 5.68
N ARG B 191 69.13 -1.24 4.82
CA ARG B 191 69.46 -1.49 3.42
C ARG B 191 69.75 -0.19 2.66
N LEU B 192 69.02 0.89 2.97
CA LEU B 192 69.27 2.14 2.27
C LEU B 192 70.68 2.65 2.52
N ASN B 193 71.13 2.56 3.77
CA ASN B 193 72.47 2.98 4.15
C ASN B 193 73.54 2.15 3.49
N GLN B 194 73.23 0.91 3.08
CA GLN B 194 74.16 0.15 2.26
C GLN B 194 74.17 0.63 0.82
N ALA B 195 73.05 1.17 0.34
CA ALA B 195 73.01 1.66 -1.04
C ALA B 195 73.72 2.99 -1.18
N CYS B 196 73.60 3.85 -0.18
CA CYS B 196 74.23 5.15 -0.22
C CYS B 196 74.90 5.39 1.12
N GLY B 197 76.23 5.47 1.11
CA GLY B 197 76.94 5.61 2.36
C GLY B 197 77.18 7.03 2.83
N VAL B 198 76.65 8.04 2.13
CA VAL B 198 76.88 9.43 2.50
C VAL B 198 75.54 10.14 2.69
N ILE B 199 74.48 9.40 3.05
CA ILE B 199 73.16 9.99 3.13
C ILE B 199 73.14 11.17 4.10
N LYS B 200 73.86 11.06 5.22
CA LYS B 200 73.87 12.17 6.16
C LYS B 200 74.58 13.39 5.60
N ASP B 201 75.40 13.22 4.57
CA ASP B 201 76.12 14.34 3.97
C ASP B 201 75.36 15.00 2.81
N LEU B 202 74.20 14.48 2.42
CA LEU B 202 73.44 15.06 1.32
C LEU B 202 72.81 16.41 1.67
N LYS B 203 72.76 17.30 0.68
CA LYS B 203 72.06 18.57 0.80
C LYS B 203 71.20 18.78 -0.45
N LEU B 204 70.07 19.46 -0.24
CA LEU B 204 69.08 19.69 -1.29
C LEU B 204 69.66 20.60 -2.37
N ALA B 205 69.84 20.06 -3.58
CA ALA B 205 70.33 20.84 -4.71
C ALA B 205 69.21 21.37 -5.60
N ALA B 206 68.10 20.66 -5.73
CA ALA B 206 67.01 21.11 -6.58
C ALA B 206 65.73 20.40 -6.21
N ARG B 207 64.60 21.12 -6.35
CA ARG B 207 63.28 20.56 -6.09
C ARG B 207 62.33 20.95 -7.20
N PHE B 208 61.73 19.97 -7.85
CA PHE B 208 60.68 20.18 -8.83
C PHE B 208 59.34 19.89 -8.18
N VAL B 209 58.50 20.92 -8.08
CA VAL B 209 57.16 20.81 -7.50
C VAL B 209 56.18 20.84 -8.67
N THR B 210 55.37 19.79 -8.78
CA THR B 210 54.40 19.65 -9.84
C THR B 210 53.11 19.15 -9.21
N GLU B 211 51.99 19.80 -9.52
CA GLU B 211 50.68 19.28 -9.18
C GLU B 211 50.26 18.35 -10.32
N THR B 212 50.28 17.06 -10.09
CA THR B 212 50.06 16.08 -11.15
C THR B 212 48.62 15.61 -11.14
N PRO B 213 47.91 15.69 -12.27
CA PRO B 213 46.55 15.13 -12.33
C PRO B 213 46.57 13.62 -12.54
N ALA B 214 47.05 12.89 -11.54
CA ALA B 214 46.96 11.45 -11.49
C ALA B 214 46.75 11.02 -10.05
N ASN B 215 46.00 9.94 -9.86
CA ASN B 215 45.88 9.34 -8.54
C ASN B 215 47.26 8.92 -8.01
N TRP B 216 47.45 9.07 -6.70
CA TRP B 216 48.76 8.76 -6.15
C TRP B 216 49.15 7.33 -6.49
N LYS B 217 48.16 6.42 -6.52
CA LYS B 217 48.44 5.03 -6.83
C LYS B 217 48.88 4.83 -8.27
N VAL B 218 48.43 5.67 -9.20
CA VAL B 218 48.88 5.56 -10.60
C VAL B 218 50.35 5.89 -10.70
N ILE B 219 50.79 6.88 -9.93
CA ILE B 219 52.19 7.31 -9.93
C ILE B 219 53.09 6.21 -9.31
N VAL B 220 52.58 5.49 -8.31
CA VAL B 220 53.34 4.38 -7.73
C VAL B 220 53.42 3.22 -8.72
N ASP B 221 52.30 2.90 -9.37
CA ASP B 221 52.23 1.79 -10.35
C ASP B 221 53.33 2.01 -11.38
N ASN B 222 53.43 3.24 -11.83
CA ASN B 222 54.41 3.60 -12.87
C ASN B 222 55.85 3.40 -12.37
N TYR B 223 56.16 3.83 -11.16
CA TYR B 223 57.52 3.70 -10.59
C TYR B 223 57.89 2.22 -10.41
N MET B 224 56.93 1.39 -10.05
CA MET B 224 57.10 -0.03 -9.71
C MET B 224 57.49 -0.93 -10.90
N GLU B 225 57.44 -0.47 -12.15
CA GLU B 225 57.88 -1.36 -13.23
C GLU B 225 58.79 -0.63 -14.21
N CYS B 226 59.68 -1.39 -14.83
CA CYS B 226 60.52 -0.92 -15.93
C CYS B 226 60.08 -1.55 -17.24
N TYR B 227 58.91 -2.20 -17.25
CA TYR B 227 58.26 -2.57 -18.49
C TYR B 227 58.23 -1.38 -19.46
N HIS B 228 58.15 -0.16 -18.95
CA HIS B 228 57.96 0.99 -19.82
C HIS B 228 59.25 1.73 -20.17
N CYS B 229 60.42 1.33 -19.67
CA CYS B 229 61.59 2.17 -19.90
C CYS B 229 62.05 2.12 -21.36
N GLY B 230 61.96 0.96 -22.00
CA GLY B 230 62.36 0.86 -23.40
C GLY B 230 61.61 1.89 -24.22
N PRO B 231 60.27 1.79 -24.20
CA PRO B 231 59.46 2.69 -25.04
C PRO B 231 59.39 4.13 -24.53
N ALA B 232 59.33 4.33 -23.21
CA ALA B 232 59.04 5.66 -22.67
C ALA B 232 60.28 6.46 -22.29
N HIS B 233 61.45 5.83 -22.18
CA HIS B 233 62.69 6.51 -21.79
C HIS B 233 63.80 6.15 -22.77
N PRO B 234 63.84 6.80 -23.93
CA PRO B 234 64.92 6.47 -24.89
C PRO B 234 66.32 6.75 -24.37
N GLY B 235 66.54 7.91 -23.74
CA GLY B 235 67.85 8.24 -23.19
C GLY B 235 68.18 7.47 -21.93
N PHE B 236 67.18 6.87 -21.31
CA PHE B 236 67.31 6.07 -20.10
C PHE B 236 67.34 4.56 -20.41
N ALA B 237 67.63 4.20 -21.66
CA ALA B 237 67.55 2.82 -22.16
C ALA B 237 68.89 2.06 -22.15
N ASP B 238 70.04 2.73 -22.20
CA ASP B 238 71.30 1.97 -22.23
C ASP B 238 71.68 1.45 -20.86
N SER B 239 71.18 2.08 -19.80
CA SER B 239 71.44 1.60 -18.45
C SER B 239 70.39 0.57 -18.02
N VAL B 240 69.19 0.69 -18.57
CA VAL B 240 68.09 -0.26 -18.23
C VAL B 240 68.34 -1.56 -19.00
N GLN B 241 69.04 -2.50 -18.37
CA GLN B 241 69.31 -3.82 -19.01
C GLN B 241 68.40 -4.84 -18.33
N VAL B 242 67.58 -5.55 -19.11
CA VAL B 242 66.64 -6.57 -18.56
C VAL B 242 67.42 -7.71 -17.89
N ASP B 243 68.59 -8.06 -18.44
CA ASP B 243 69.47 -9.11 -17.91
C ASP B 243 69.95 -8.76 -16.50
N LYS B 244 70.35 -7.50 -16.27
CA LYS B 244 70.93 -7.13 -14.97
C LYS B 244 70.02 -6.19 -14.21
N TYR B 245 68.78 -6.60 -13.99
CA TYR B 245 67.82 -5.74 -13.27
C TYR B 245 66.91 -6.67 -12.47
N TRP B 246 66.76 -6.37 -11.19
CA TRP B 246 65.96 -7.16 -10.26
C TRP B 246 65.05 -6.25 -9.45
N HIS B 247 63.82 -6.70 -9.24
CA HIS B 247 62.87 -6.03 -8.35
C HIS B 247 62.47 -7.03 -7.27
N THR B 248 63.00 -6.85 -6.06
CA THR B 248 62.70 -7.76 -4.97
C THR B 248 61.77 -7.04 -4.00
N THR B 249 60.79 -7.76 -3.46
CA THR B 249 59.90 -7.19 -2.47
C THR B 249 60.40 -7.50 -1.06
N HIS B 250 60.06 -6.64 -0.13
CA HIS B 250 60.50 -6.81 1.24
C HIS B 250 59.31 -6.67 2.20
N GLN B 251 59.36 -5.69 3.09
CA GLN B 251 58.29 -5.49 4.08
C GLN B 251 57.81 -4.04 3.97
N ASN B 252 56.78 -3.83 3.14
CA ASN B 252 56.23 -2.51 2.84
C ASN B 252 57.22 -1.62 2.11
N TRP B 253 58.22 -2.22 1.47
CA TRP B 253 59.07 -1.48 0.54
C TRP B 253 59.64 -2.49 -0.44
N THR B 254 60.13 -1.99 -1.57
CA THR B 254 60.70 -2.87 -2.60
C THR B 254 61.95 -2.23 -3.15
N LEU B 255 62.78 -3.05 -3.78
CA LEU B 255 64.07 -2.62 -4.30
C LEU B 255 64.21 -3.05 -5.73
N GLN B 256 64.49 -2.07 -6.57
CA GLN B 256 64.77 -2.29 -8.00
C GLN B 256 66.26 -2.02 -8.13
N TYR B 257 67.05 -3.08 -8.24
CA TYR B 257 68.52 -2.99 -8.26
C TYR B 257 69.05 -3.45 -9.61
N GLY B 258 70.02 -2.73 -10.16
CA GLY B 258 70.56 -3.08 -11.45
C GLY B 258 71.95 -2.54 -11.63
N PHE B 259 72.57 -2.96 -12.73
CA PHE B 259 73.90 -2.54 -13.13
C PHE B 259 73.77 -1.68 -14.39
N ALA B 260 74.56 -0.62 -14.47
CA ALA B 260 74.41 0.32 -15.58
C ALA B 260 75.54 0.16 -16.60
N ARG B 261 75.31 0.71 -17.78
CA ARG B 261 76.23 0.62 -18.91
C ARG B 261 76.71 2.02 -19.28
N SER B 262 78.03 2.22 -19.23
CA SER B 262 78.62 3.48 -19.66
C SER B 262 78.90 3.44 -21.16
N SER B 263 80.04 3.99 -21.58
CA SER B 263 80.40 4.06 -23.00
C SER B 263 79.24 4.59 -23.84
N PRO B 276 78.91 -0.19 -12.40
CA PRO B 276 78.29 0.64 -11.35
C PRO B 276 76.82 0.26 -11.13
N GLU B 277 76.45 0.04 -9.86
CA GLU B 277 75.10 -0.36 -9.52
C GLU B 277 74.21 0.87 -9.28
N PHE B 278 72.90 0.62 -9.27
CA PHE B 278 71.94 1.67 -8.95
C PHE B 278 70.80 1.06 -8.14
N HIS B 279 70.19 1.88 -7.30
CA HIS B 279 69.13 1.43 -6.41
C HIS B 279 67.91 2.33 -6.59
N GLY B 280 66.73 1.72 -6.55
CA GLY B 280 65.46 2.44 -6.59
C GLY B 280 64.53 1.84 -5.57
N PHE B 281 64.38 2.52 -4.44
CA PHE B 281 63.54 2.03 -3.35
C PHE B 281 62.17 2.70 -3.42
N TRP B 282 61.11 1.88 -3.34
CA TRP B 282 59.78 2.39 -3.07
C TRP B 282 59.41 1.98 -1.66
N THR B 283 58.88 2.93 -0.90
CA THR B 283 58.47 2.66 0.46
C THR B 283 57.01 3.04 0.67
N TRP B 284 56.34 2.24 1.47
CA TRP B 284 54.93 2.49 1.72
C TRP B 284 54.77 3.81 2.48
N PRO B 285 53.80 4.66 2.11
CA PRO B 285 52.88 4.43 0.99
C PRO B 285 53.40 4.88 -0.37
N CYS B 286 54.11 5.99 -0.46
CA CYS B 286 54.49 6.47 -1.78
C CYS B 286 55.67 7.43 -1.72
N THR B 287 56.80 6.95 -1.24
CA THR B 287 58.05 7.69 -1.37
C THR B 287 59.08 6.79 -2.04
N MET B 288 59.81 7.35 -3.00
CA MET B 288 60.74 6.58 -3.79
C MET B 288 62.11 7.20 -3.66
N PHE B 289 63.09 6.36 -3.35
CA PHE B 289 64.45 6.79 -3.13
C PHE B 289 65.31 6.14 -4.20
N ASN B 290 66.01 6.95 -4.97
CA ASN B 290 66.86 6.45 -6.05
C ASN B 290 68.31 6.75 -5.69
N VAL B 291 69.14 5.72 -5.72
CA VAL B 291 70.58 5.92 -5.60
C VAL B 291 71.14 5.51 -6.95
N PRO B 292 71.36 6.46 -7.85
CA PRO B 292 71.78 6.12 -9.22
C PRO B 292 73.24 5.68 -9.24
N PRO B 293 73.73 5.26 -10.40
CA PRO B 293 75.11 4.76 -10.48
C PRO B 293 76.09 5.78 -9.90
N GLY B 294 77.07 5.26 -9.16
CA GLY B 294 78.00 6.05 -8.40
C GLY B 294 77.74 6.08 -6.92
N SER B 295 76.46 6.00 -6.52
CA SER B 295 76.06 5.95 -5.11
C SER B 295 76.47 7.19 -4.33
N ASN B 296 76.76 8.30 -5.02
CA ASN B 296 77.24 9.53 -4.38
C ASN B 296 76.18 10.62 -4.29
N PHE B 297 74.98 10.39 -4.82
CA PHE B 297 73.89 11.36 -4.74
C PHE B 297 72.58 10.62 -4.74
N MET B 298 71.50 11.35 -4.49
CA MET B 298 70.18 10.74 -4.42
C MET B 298 69.16 11.66 -5.10
N THR B 299 68.14 11.03 -5.69
CA THR B 299 66.90 11.70 -6.03
C THR B 299 65.79 11.06 -5.19
N VAL B 300 64.80 11.85 -4.83
CA VAL B 300 63.72 11.34 -3.99
C VAL B 300 62.41 11.85 -4.56
N ILE B 301 61.43 10.96 -4.67
CA ILE B 301 60.10 11.30 -5.14
C ILE B 301 59.17 11.30 -3.94
N TYR B 302 58.64 12.46 -3.59
CA TYR B 302 57.62 12.58 -2.56
C TYR B 302 56.27 12.82 -3.21
N GLU B 303 55.30 11.98 -2.87
CA GLU B 303 53.93 12.12 -3.36
C GLU B 303 53.05 12.56 -2.21
N PHE B 304 52.45 13.73 -2.34
CA PHE B 304 51.49 14.22 -1.35
C PHE B 304 50.13 14.31 -2.02
N PRO B 305 49.28 13.30 -1.84
CA PRO B 305 48.02 13.25 -2.58
C PRO B 305 47.14 14.41 -2.17
N VAL B 306 46.38 14.92 -3.14
CA VAL B 306 45.43 16.02 -2.92
C VAL B 306 44.01 15.53 -2.97
N ASP B 307 43.61 14.91 -4.08
CA ASP B 307 42.34 14.23 -4.18
C ASP B 307 42.53 13.05 -5.12
N ALA B 308 41.43 12.36 -5.41
CA ALA B 308 41.48 11.13 -6.18
C ALA B 308 42.25 11.30 -7.49
N GLU B 309 42.26 12.52 -8.05
CA GLU B 309 42.87 12.70 -9.36
C GLU B 309 44.01 13.72 -9.36
N THR B 310 44.49 14.09 -8.17
CA THR B 310 45.54 15.09 -8.02
C THR B 310 46.51 14.65 -6.92
N THR B 311 47.79 14.73 -7.23
CA THR B 311 48.87 14.34 -6.32
C THR B 311 49.95 15.38 -6.48
N LEU B 312 50.27 16.07 -5.41
CA LEU B 312 51.40 16.95 -5.43
C LEU B 312 52.67 16.10 -5.33
N GLN B 313 53.66 16.40 -6.16
CA GLN B 313 54.90 15.67 -6.17
C GLN B 313 56.06 16.61 -5.88
N HIS B 314 56.97 16.17 -5.00
CA HIS B 314 58.30 16.75 -4.88
C HIS B 314 59.27 15.79 -5.55
N TYR B 315 60.08 16.30 -6.45
CA TYR B 315 61.20 15.55 -7.01
C TYR B 315 62.44 16.27 -6.50
N ASP B 316 63.10 15.66 -5.50
CA ASP B 316 64.27 16.24 -4.85
C ASP B 316 65.54 15.62 -5.39
N ILE B 317 66.49 16.47 -5.74
CA ILE B 317 67.83 16.04 -6.12
C ILE B 317 68.78 16.47 -5.02
N TYR B 318 69.52 15.52 -4.47
CA TYR B 318 70.39 15.74 -3.31
C TYR B 318 71.83 15.45 -3.73
N PHE B 319 72.72 16.42 -3.51
CA PHE B 319 74.16 16.24 -3.69
C PHE B 319 74.86 16.53 -2.37
N THR B 320 76.08 15.99 -2.22
CA THR B 320 76.85 16.19 -1.00
C THR B 320 77.51 17.57 -0.97
N ASN B 321 77.84 18.13 -2.12
CA ASN B 321 78.48 19.43 -2.18
C ASN B 321 77.44 20.54 -2.32
N GLU B 322 77.69 21.66 -1.67
CA GLU B 322 76.71 22.76 -1.75
C GLU B 322 76.88 23.54 -3.05
N GLU B 323 78.11 23.70 -3.53
CA GLU B 323 78.34 24.44 -4.79
C GLU B 323 78.35 23.44 -5.92
N LEU B 324 77.26 23.42 -6.67
CA LEU B 324 77.11 22.45 -7.77
C LEU B 324 78.11 22.76 -8.87
N THR B 325 78.57 21.71 -9.52
CA THR B 325 79.44 21.81 -10.72
C THR B 325 78.52 21.89 -11.95
N GLN B 326 79.06 22.15 -13.12
CA GLN B 326 78.17 22.21 -14.31
C GLN B 326 77.65 20.82 -14.64
N ASP B 327 78.42 19.76 -14.39
CA ASP B 327 77.86 18.42 -14.67
C ASP B 327 76.60 18.25 -13.84
N GLN B 328 76.65 18.70 -12.60
CA GLN B 328 75.48 18.54 -11.73
C GLN B 328 74.36 19.48 -12.16
N LYS B 329 74.71 20.71 -12.53
CA LYS B 329 73.69 21.63 -13.03
C LYS B 329 73.09 21.15 -14.34
N ASP B 330 73.89 20.50 -15.19
CA ASP B 330 73.36 19.95 -16.43
C ASP B 330 72.43 18.78 -16.15
N LEU B 331 72.83 17.88 -15.23
CA LEU B 331 72.00 16.73 -14.90
C LEU B 331 70.67 17.15 -14.26
N ILE B 332 70.69 18.19 -13.43
CA ILE B 332 69.44 18.67 -12.83
C ILE B 332 68.46 19.09 -13.93
N GLU B 333 68.95 19.79 -14.95
CA GLU B 333 68.08 20.22 -16.04
C GLU B 333 67.66 19.05 -16.92
N TRP B 334 68.51 18.02 -17.06
CA TRP B 334 68.09 16.83 -17.79
C TRP B 334 66.92 16.15 -17.08
N TYR B 335 67.00 16.01 -15.76
CA TYR B 335 65.84 15.53 -15.01
C TYR B 335 64.63 16.43 -15.19
N ARG B 336 64.85 17.74 -15.16
CA ARG B 336 63.73 18.68 -15.17
C ARG B 336 63.01 18.70 -16.52
N ASN B 337 63.78 18.67 -17.62
CA ASN B 337 63.22 18.90 -18.94
C ASN B 337 63.11 17.64 -19.80
N VAL B 338 63.85 16.58 -19.46
CA VAL B 338 63.88 15.38 -20.27
C VAL B 338 63.29 14.18 -19.55
N PHE B 339 63.83 13.86 -18.38
CA PHE B 339 63.45 12.61 -17.73
C PHE B 339 62.07 12.70 -17.09
N ARG B 340 61.89 13.67 -16.18
CA ARG B 340 60.63 13.76 -15.44
C ARG B 340 59.44 14.01 -16.35
N PRO B 341 59.49 14.91 -17.34
CA PRO B 341 58.30 15.11 -18.20
C PRO B 341 57.78 13.84 -18.83
N GLU B 342 58.67 12.91 -19.17
CA GLU B 342 58.22 11.64 -19.77
C GLU B 342 57.37 10.86 -18.76
N ASP B 343 57.79 10.81 -17.50
CA ASP B 343 57.01 10.05 -16.50
C ASP B 343 55.71 10.79 -16.17
N LEU B 344 55.74 12.12 -16.15
CA LEU B 344 54.54 12.89 -15.84
C LEU B 344 53.49 12.72 -16.94
N ASN B 345 53.90 12.73 -18.20
CA ASN B 345 52.94 12.50 -19.28
C ASN B 345 52.32 11.11 -19.19
N LEU B 346 53.14 10.10 -18.85
CA LEU B 346 52.64 8.74 -18.76
C LEU B 346 51.50 8.65 -17.75
N VAL B 347 51.73 9.14 -16.53
CA VAL B 347 50.70 9.01 -15.51
C VAL B 347 49.48 9.89 -15.84
N GLU B 348 49.71 11.03 -16.49
CA GLU B 348 48.60 11.92 -16.85
C GLU B 348 47.71 11.30 -17.90
N SER B 349 48.31 10.65 -18.91
CA SER B 349 47.51 10.00 -19.93
C SER B 349 46.73 8.83 -19.36
N VAL B 350 47.36 8.08 -18.47
CA VAL B 350 46.73 6.92 -17.84
C VAL B 350 45.53 7.33 -17.01
N GLN B 351 45.70 8.39 -16.21
CA GLN B 351 44.57 8.89 -15.43
C GLN B 351 43.41 9.22 -16.36
N ARG B 352 43.68 9.91 -17.47
CA ARG B 352 42.60 10.18 -18.43
C ARG B 352 42.03 8.89 -18.97
N GLY B 353 42.91 7.97 -19.42
CA GLY B 353 42.44 6.79 -20.11
C GLY B 353 41.61 5.87 -19.24
N LEU B 354 41.93 5.77 -17.97
CA LEU B 354 41.20 4.74 -17.27
C LEU B 354 39.77 5.17 -16.93
N LYS B 355 39.40 6.43 -17.20
CA LYS B 355 38.01 6.82 -17.06
C LYS B 355 37.16 6.44 -18.28
N SER B 356 37.78 5.98 -19.36
CA SER B 356 37.03 5.67 -20.57
C SER B 356 36.14 4.45 -20.35
N ARG B 357 34.92 4.53 -20.87
CA ARG B 357 34.06 3.34 -20.90
C ARG B 357 34.66 2.27 -21.79
N GLY B 358 35.63 2.62 -22.64
CA GLY B 358 36.35 1.67 -23.46
C GLY B 358 37.52 1.00 -22.76
N TYR B 359 37.84 1.43 -21.55
CA TYR B 359 38.80 0.70 -20.73
C TYR B 359 38.03 -0.30 -19.87
N ARG B 360 38.23 -1.58 -20.14
CA ARG B 360 37.66 -2.60 -19.27
C ARG B 360 38.17 -2.31 -17.86
N GLY B 361 37.41 -2.69 -16.86
CA GLY B 361 37.82 -2.40 -15.50
C GLY B 361 39.29 -2.40 -15.08
N GLN B 362 40.01 -3.48 -15.31
CA GLN B 362 41.35 -3.63 -14.75
C GLN B 362 42.38 -3.95 -15.84
N GLY B 363 43.64 -3.70 -15.51
CA GLY B 363 44.74 -3.93 -16.44
C GLY B 363 45.58 -5.11 -15.99
N ARG B 364 45.99 -5.94 -16.95
CA ARG B 364 46.77 -7.11 -16.61
C ARG B 364 48.16 -6.71 -16.17
N ILE B 365 48.57 -7.19 -15.01
CA ILE B 365 49.93 -6.93 -14.57
C ILE B 365 50.83 -7.95 -15.26
N MET B 366 51.77 -7.46 -16.06
CA MET B 366 52.58 -8.31 -16.91
C MET B 366 53.77 -8.85 -16.12
N THR B 367 53.46 -9.75 -15.17
CA THR B 367 54.47 -10.50 -14.46
C THR B 367 54.93 -11.68 -15.32
N ASP B 368 56.24 -11.83 -15.48
CA ASP B 368 56.77 -13.02 -16.13
C ASP B 368 57.40 -13.95 -15.09
N LYS B 369 57.50 -15.23 -15.44
CA LYS B 369 58.00 -16.22 -14.47
C LYS B 369 59.41 -15.88 -13.99
N GLN B 370 60.26 -15.40 -14.89
CA GLN B 370 61.66 -15.14 -14.55
C GLN B 370 61.83 -13.98 -13.57
N ARG B 371 60.83 -13.10 -13.44
CA ARG B 371 60.93 -11.84 -12.70
C ARG B 371 62.06 -10.97 -13.29
N SER B 372 62.02 -10.80 -14.61
CA SER B 372 63.03 -10.04 -15.34
C SER B 372 62.88 -8.54 -15.06
N GLY B 373 63.76 -7.76 -15.69
CA GLY B 373 63.76 -6.32 -15.56
C GLY B 373 62.56 -5.63 -16.16
N ILE B 374 61.75 -6.36 -16.93
CA ILE B 374 60.54 -5.81 -17.51
C ILE B 374 59.29 -6.44 -16.91
N SER B 375 59.44 -7.24 -15.85
CA SER B 375 58.28 -7.77 -15.16
C SER B 375 57.57 -6.67 -14.36
N GLU B 376 56.25 -6.74 -14.31
CA GLU B 376 55.43 -5.76 -13.60
C GLU B 376 55.05 -6.22 -12.21
N HIS B 377 55.65 -7.30 -11.70
CA HIS B 377 55.21 -7.88 -10.44
C HIS B 377 55.25 -6.88 -9.29
N GLY B 378 56.12 -5.87 -9.38
CA GLY B 378 56.16 -4.88 -8.32
C GLY B 378 54.82 -4.20 -8.12
N ILE B 379 54.04 -4.07 -9.18
CA ILE B 379 52.72 -3.49 -9.05
C ILE B 379 51.83 -4.36 -8.16
N ALA B 380 51.87 -5.67 -8.35
CA ALA B 380 51.01 -6.56 -7.57
C ALA B 380 51.36 -6.49 -6.09
N TYR B 381 52.64 -6.32 -5.77
CA TYR B 381 53.00 -6.23 -4.37
C TYR B 381 52.39 -4.99 -3.75
N PHE B 382 52.57 -3.85 -4.44
CA PHE B 382 51.99 -2.60 -3.98
C PHE B 382 50.48 -2.70 -3.83
N GLN B 383 49.80 -3.23 -4.85
CA GLN B 383 48.33 -3.22 -4.84
C GLN B 383 47.76 -4.22 -3.84
N HIS B 384 48.46 -5.33 -3.57
CA HIS B 384 48.00 -6.23 -2.52
C HIS B 384 48.03 -5.55 -1.15
N LEU B 385 49.04 -4.70 -0.91
CA LEU B 385 49.08 -3.94 0.35
C LEU B 385 47.95 -2.91 0.39
N VAL B 386 47.81 -2.12 -0.67
CA VAL B 386 46.69 -1.19 -0.73
C VAL B 386 45.40 -1.93 -0.47
N ALA B 387 45.27 -3.12 -1.07
CA ALA B 387 44.03 -3.88 -0.96
C ALA B 387 43.66 -4.16 0.49
N GLN B 388 44.64 -4.24 1.38
CA GLN B 388 44.33 -4.51 2.78
C GLN B 388 43.52 -3.39 3.42
N TYR B 389 43.54 -2.19 2.86
CA TYR B 389 42.77 -1.06 3.37
C TYR B 389 41.39 -0.97 2.78
N HIS B 390 41.02 -1.92 1.93
CA HIS B 390 39.73 -1.91 1.26
C HIS B 390 38.95 -3.20 1.52
N GLN B 391 39.01 -3.68 2.75
CA GLN B 391 38.21 -4.82 3.17
C GLN B 391 36.88 -4.33 3.72
N ALA C 23 22.82 15.89 7.96
CA ALA C 23 22.44 16.72 9.11
C ALA C 23 22.94 18.16 8.93
N VAL C 24 22.08 19.13 9.23
CA VAL C 24 22.42 20.56 9.12
C VAL C 24 22.99 21.03 10.45
N GLU C 25 23.99 21.90 10.38
CA GLU C 25 24.63 22.38 11.59
C GLU C 25 23.73 23.38 12.29
N LYS C 26 23.77 23.40 13.61
CA LYS C 26 23.07 24.49 14.26
C LYS C 26 23.78 24.89 15.55
N LEU C 27 23.42 26.08 16.00
CA LEU C 27 24.00 26.74 17.15
C LEU C 27 22.98 26.97 18.25
N PRO C 28 23.43 27.08 19.51
CA PRO C 28 22.50 27.44 20.57
C PRO C 28 22.05 28.88 20.29
N GLU C 29 20.79 29.20 20.57
CA GLU C 29 20.41 30.60 20.40
C GLU C 29 21.21 31.51 21.34
N ASP C 30 21.76 30.98 22.43
CA ASP C 30 22.59 31.83 23.27
C ASP C 30 24.05 31.85 22.81
N PHE C 31 24.31 31.40 21.58
CA PHE C 31 25.66 31.40 21.03
C PHE C 31 26.26 32.80 21.01
N CYS C 32 27.42 32.95 21.63
CA CYS C 32 28.07 34.25 21.82
C CYS C 32 27.12 35.28 22.46
N ALA C 33 26.10 34.83 23.20
CA ALA C 33 25.28 35.79 23.94
C ALA C 33 26.08 36.50 25.02
N ASN C 34 27.11 35.84 25.54
CA ASN C 34 27.98 36.43 26.54
C ASN C 34 29.34 36.70 25.91
N PRO C 35 29.61 37.92 25.45
CA PRO C 35 30.90 38.19 24.78
C PRO C 35 32.09 37.93 25.70
N ASP C 36 31.90 37.99 27.01
CA ASP C 36 32.99 37.80 27.95
C ASP C 36 33.51 36.36 27.94
N VAL C 37 32.66 35.40 27.59
CA VAL C 37 33.04 33.99 27.47
C VAL C 37 32.46 33.47 26.16
N ALA C 38 33.18 33.66 25.06
CA ALA C 38 32.64 33.32 23.75
C ALA C 38 33.68 32.74 22.81
N TRP C 39 33.22 31.91 21.87
CA TRP C 39 34.05 31.33 20.85
C TRP C 39 33.42 31.53 19.47
N THR C 40 34.26 31.57 18.45
CA THR C 40 33.80 31.67 17.07
C THR C 40 33.02 30.42 16.66
N PHE C 41 32.32 30.54 15.54
CA PHE C 41 31.55 29.42 15.02
C PHE C 41 32.40 28.15 15.01
N PRO C 42 31.83 26.99 15.25
CA PRO C 42 32.49 25.75 14.82
C PRO C 42 32.89 25.88 13.36
N LYS C 43 34.07 25.35 13.04
CA LYS C 43 34.69 25.67 11.76
C LYS C 43 33.80 25.36 10.57
N VAL C 44 32.85 24.44 10.71
CA VAL C 44 32.05 24.06 9.55
C VAL C 44 31.22 25.24 9.10
N PHE C 45 30.92 26.20 9.99
CA PHE C 45 30.12 27.33 9.54
C PHE C 45 30.89 28.19 8.56
N TYR C 46 32.23 28.13 8.57
CA TYR C 46 33.03 28.86 7.60
C TYR C 46 33.29 28.11 6.31
N THR C 47 32.98 26.82 6.25
CA THR C 47 33.36 26.01 5.09
C THR C 47 32.21 25.23 4.47
N SER C 48 31.14 24.96 5.19
CA SER C 48 30.13 24.03 4.67
C SER C 48 29.32 24.67 3.55
N SER C 49 29.15 23.93 2.45
CA SER C 49 28.32 24.43 1.36
C SER C 49 26.85 24.46 1.77
N GLN C 50 26.42 23.53 2.62
CA GLN C 50 25.02 23.52 3.01
C GLN C 50 24.73 24.65 4.00
N VAL C 51 25.71 25.02 4.82
CA VAL C 51 25.56 26.23 5.63
C VAL C 51 25.46 27.45 4.72
N PHE C 52 26.34 27.54 3.71
CA PHE C 52 26.31 28.71 2.86
C PHE C 52 24.98 28.82 2.12
N GLU C 53 24.55 27.73 1.48
CA GLU C 53 23.30 27.77 0.73
C GLU C 53 22.12 28.16 1.63
N HIS C 54 22.17 27.80 2.92
CA HIS C 54 21.14 28.28 3.84
C HIS C 54 21.31 29.76 4.15
N GLU C 55 22.54 30.21 4.42
CA GLU C 55 22.75 31.62 4.65
C GLU C 55 22.44 32.44 3.41
N LYS C 56 22.70 31.88 2.23
CA LYS C 56 22.43 32.58 0.98
C LYS C 56 20.96 32.96 0.87
N GLU C 57 20.06 32.03 1.22
CA GLU C 57 18.64 32.26 1.04
C GLU C 57 17.99 32.87 2.29
N ALA C 58 18.42 32.46 3.48
CA ALA C 58 17.83 32.95 4.72
C ALA C 58 18.32 34.34 5.10
N ILE C 59 19.52 34.71 4.66
CA ILE C 59 20.13 36.00 4.96
C ILE C 59 20.21 36.88 3.71
N PHE C 60 20.95 36.44 2.69
CA PHE C 60 21.30 37.34 1.61
C PHE C 60 20.19 37.50 0.57
N ALA C 61 19.23 36.57 0.52
CA ALA C 61 18.05 36.75 -0.32
C ALA C 61 16.87 37.38 0.42
N LYS C 62 17.06 37.72 1.71
CA LYS C 62 16.00 38.25 2.55
C LYS C 62 16.44 39.44 3.40
N SER C 63 17.57 40.05 3.07
CA SER C 63 18.08 41.22 3.78
C SER C 63 18.37 42.32 2.77
N TRP C 64 18.49 43.53 3.29
CA TRP C 64 18.89 44.68 2.49
C TRP C 64 20.39 44.65 2.29
N ILE C 65 20.79 44.61 1.02
CA ILE C 65 22.17 44.47 0.58
C ILE C 65 22.59 45.79 -0.04
N CYS C 66 23.57 46.42 0.57
CA CYS C 66 24.02 47.71 0.08
C CYS C 66 24.89 47.48 -1.15
N VAL C 67 24.67 48.26 -2.20
CA VAL C 67 25.35 48.02 -3.47
C VAL C 67 26.10 49.23 -3.99
N ALA C 68 25.77 50.43 -3.56
CA ALA C 68 26.39 51.61 -4.15
C ALA C 68 26.06 52.82 -3.30
N HIS C 69 26.82 53.88 -3.55
CA HIS C 69 26.48 55.21 -3.11
C HIS C 69 25.48 55.85 -4.08
N GLY C 70 24.61 56.72 -3.55
CA GLY C 70 23.56 57.30 -4.38
C GLY C 70 24.09 58.02 -5.60
N SER C 71 25.30 58.57 -5.52
CA SER C 71 25.82 59.36 -6.63
C SER C 71 25.89 58.56 -7.92
N GLU C 72 26.05 57.22 -7.84
CA GLU C 72 26.09 56.40 -9.04
C GLU C 72 24.73 56.30 -9.73
N LEU C 73 23.66 56.69 -9.05
CA LEU C 73 22.30 56.53 -9.58
C LEU C 73 21.52 57.82 -9.42
N ALA C 74 22.19 58.97 -9.50
CA ALA C 74 21.54 60.24 -9.14
C ALA C 74 20.74 60.84 -10.27
N GLN C 75 21.11 60.58 -11.52
CA GLN C 75 20.45 61.20 -12.66
C GLN C 75 19.51 60.19 -13.35
N PRO C 76 18.44 60.67 -13.98
CA PRO C 76 17.59 59.77 -14.78
C PRO C 76 18.40 58.99 -15.80
N ASN C 77 18.05 57.71 -15.98
CA ASN C 77 18.64 56.75 -16.91
C ASN C 77 19.97 56.19 -16.38
N ASP C 78 20.50 56.70 -15.28
CA ASP C 78 21.68 56.12 -14.67
C ASP C 78 21.41 54.68 -14.29
N TYR C 79 22.38 53.79 -14.56
CA TYR C 79 22.19 52.40 -14.16
C TYR C 79 23.52 51.78 -13.72
N ILE C 80 23.39 50.81 -12.83
CA ILE C 80 24.53 49.98 -12.42
C ILE C 80 24.09 48.52 -12.41
N THR C 81 25.09 47.65 -12.47
CA THR C 81 24.90 46.22 -12.37
C THR C 81 25.76 45.69 -11.24
N ARG C 82 25.23 44.73 -10.49
CA ARG C 82 25.94 44.08 -9.40
C ARG C 82 25.70 42.58 -9.52
N LYS C 83 26.63 41.79 -9.00
CA LYS C 83 26.38 40.36 -8.85
C LYS C 83 26.48 40.02 -7.37
N VAL C 84 25.44 39.42 -6.82
CA VAL C 84 25.46 39.02 -5.42
C VAL C 84 24.70 37.70 -5.29
N ILE C 85 25.28 36.78 -4.53
CA ILE C 85 24.79 35.41 -4.35
C ILE C 85 24.25 34.81 -5.64
N GLY C 86 25.01 34.94 -6.73
CA GLY C 86 24.67 34.33 -8.00
C GLY C 86 23.67 35.11 -8.84
N GLU C 87 23.30 36.31 -8.42
CA GLU C 87 22.24 37.10 -9.05
C GLU C 87 22.82 38.32 -9.76
N ASN C 88 22.59 38.40 -11.06
CA ASN C 88 22.94 39.58 -11.84
C ASN C 88 21.77 40.57 -11.75
N ILE C 89 22.01 41.71 -11.10
CA ILE C 89 21.00 42.75 -10.86
C ILE C 89 21.38 44.08 -11.48
N VAL C 90 20.38 44.73 -12.05
CA VAL C 90 20.51 46.06 -12.60
C VAL C 90 19.71 47.01 -11.69
N ILE C 91 20.32 48.11 -11.31
CA ILE C 91 19.62 49.18 -10.59
C ILE C 91 19.66 50.41 -11.48
N ILE C 92 18.50 51.02 -11.68
CA ILE C 92 18.32 51.98 -12.76
C ILE C 92 17.36 53.06 -12.31
N ARG C 93 17.78 54.32 -12.49
CA ARG C 93 16.96 55.49 -12.22
C ARG C 93 16.15 55.76 -13.48
N GLY C 94 14.84 55.54 -13.40
CA GLY C 94 13.98 55.67 -14.56
C GLY C 94 13.89 57.10 -15.08
N LYS C 95 13.34 57.20 -16.29
CA LYS C 95 13.08 58.51 -16.88
C LYS C 95 12.25 59.36 -15.93
N ASP C 96 11.31 58.74 -15.24
CA ASP C 96 10.50 59.40 -14.24
C ASP C 96 11.27 59.67 -12.93
N SER C 97 12.59 59.51 -12.89
CA SER C 97 13.41 59.73 -11.71
C SER C 97 13.13 58.72 -10.60
N VAL C 98 12.37 57.67 -10.87
CA VAL C 98 12.10 56.65 -9.86
C VAL C 98 13.19 55.58 -9.93
N LEU C 99 13.85 55.34 -8.80
CA LEU C 99 14.88 54.33 -8.72
C LEU C 99 14.25 52.95 -8.60
N ARG C 100 14.61 52.08 -9.53
CA ARG C 100 14.08 50.70 -9.54
C ARG C 100 15.26 49.73 -9.70
N ALA C 101 15.03 48.46 -9.36
CA ALA C 101 16.03 47.42 -9.53
C ALA C 101 15.40 46.20 -10.21
N PHE C 102 16.15 45.55 -11.11
CA PHE C 102 15.64 44.40 -11.84
C PHE C 102 16.67 43.29 -11.93
N TYR C 103 16.19 42.06 -11.87
CA TYR C 103 17.02 40.94 -12.25
C TYR C 103 17.45 41.14 -13.70
N ASN C 104 18.76 41.05 -13.95
CA ASN C 104 19.35 41.51 -15.20
C ASN C 104 19.26 40.39 -16.24
N VAL C 105 18.03 40.05 -16.61
CA VAL C 105 17.80 38.92 -17.52
C VAL C 105 16.52 39.19 -18.29
N CYS C 106 16.60 39.06 -19.62
CA CYS C 106 15.43 39.31 -20.47
C CYS C 106 14.38 38.22 -20.28
N PRO C 107 13.09 38.60 -20.20
CA PRO C 107 12.01 37.64 -20.01
C PRO C 107 11.71 36.74 -21.21
N HIS C 108 12.20 37.09 -22.40
CA HIS C 108 11.95 36.21 -23.57
C HIS C 108 12.74 34.90 -23.43
N ARG C 109 14.05 34.95 -23.60
CA ARG C 109 14.83 33.72 -23.59
C ARG C 109 16.13 33.86 -22.79
N GLY C 110 16.19 34.80 -21.85
CA GLY C 110 17.19 34.77 -20.79
C GLY C 110 18.49 35.49 -21.06
N HIS C 111 18.60 36.23 -22.14
CA HIS C 111 19.83 36.99 -22.35
C HIS C 111 19.96 38.08 -21.29
N GLU C 112 21.20 38.38 -20.93
CA GLU C 112 21.42 39.47 -20.00
C GLU C 112 21.10 40.79 -20.72
N LEU C 113 20.59 41.75 -19.95
CA LEU C 113 20.04 42.97 -20.50
C LEU C 113 21.05 44.12 -20.53
N LEU C 114 21.73 44.40 -19.42
CA LEU C 114 22.68 45.49 -19.41
C LEU C 114 24.00 45.00 -18.82
N SER C 115 25.07 45.67 -19.23
CA SER C 115 26.41 45.35 -18.77
C SER C 115 27.08 46.60 -18.22
N GLY C 116 27.90 46.39 -17.21
CA GLY C 116 28.65 47.49 -16.62
C GLY C 116 27.72 48.47 -15.93
N SER C 117 28.08 49.75 -16.03
CA SER C 117 27.34 50.85 -15.42
C SER C 117 27.39 52.03 -16.38
N GLY C 118 26.35 52.87 -16.33
CA GLY C 118 26.34 54.05 -17.18
C GLY C 118 24.96 54.67 -17.36
N LYS C 119 24.67 55.11 -18.58
CA LYS C 119 23.43 55.82 -18.90
C LYS C 119 22.63 54.96 -19.88
N ALA C 120 21.55 54.35 -19.38
CA ALA C 120 20.69 53.58 -20.26
C ALA C 120 20.04 54.48 -21.30
N LYS C 121 19.78 53.91 -22.48
CA LYS C 121 18.99 54.58 -23.50
C LYS C 121 17.59 54.81 -22.97
N ASN C 122 16.70 55.40 -23.77
CA ASN C 122 15.35 55.64 -23.28
C ASN C 122 14.52 54.36 -23.18
N VAL C 123 14.91 53.31 -23.88
CA VAL C 123 14.39 51.96 -23.68
C VAL C 123 15.56 51.02 -23.61
N ILE C 124 15.34 49.86 -22.99
CA ILE C 124 16.36 48.83 -22.92
C ILE C 124 16.15 47.86 -24.07
N THR C 125 17.17 47.70 -24.90
CA THR C 125 17.11 46.79 -26.02
C THR C 125 17.88 45.54 -25.65
N CYS C 126 17.14 44.43 -25.55
CA CYS C 126 17.85 43.17 -25.26
C CYS C 126 18.77 42.88 -26.44
N PRO C 127 20.04 42.54 -26.24
CA PRO C 127 20.93 42.26 -27.36
C PRO C 127 20.59 41.04 -28.25
N TYR C 128 19.78 40.10 -27.76
CA TYR C 128 19.54 38.86 -28.53
C TYR C 128 18.45 39.00 -29.58
N HIS C 129 17.22 39.33 -29.18
CA HIS C 129 16.09 39.41 -30.15
C HIS C 129 15.50 40.81 -30.18
N ALA C 130 16.13 41.74 -29.45
CA ALA C 130 15.81 43.17 -29.48
C ALA C 130 14.40 43.46 -28.97
N TRP C 131 13.86 42.67 -28.04
CA TRP C 131 12.73 43.16 -27.27
C TRP C 131 13.11 44.48 -26.61
N THR C 132 12.13 45.38 -26.49
CA THR C 132 12.33 46.67 -25.86
C THR C 132 11.55 46.73 -24.55
N PHE C 133 12.16 47.36 -23.55
CA PHE C 133 11.59 47.54 -22.22
C PHE C 133 11.76 48.99 -21.82
N LYS C 134 10.68 49.59 -21.31
CA LYS C 134 10.80 50.89 -20.66
C LYS C 134 11.64 50.75 -19.39
N LEU C 135 12.22 51.88 -18.94
CA LEU C 135 13.14 51.82 -17.82
C LEU C 135 12.44 51.45 -16.51
N ASP C 136 11.15 51.11 -16.59
CA ASP C 136 10.48 50.65 -15.35
C ASP C 136 10.20 49.16 -15.48
N GLY C 137 10.75 48.53 -16.52
CA GLY C 137 10.60 47.10 -16.68
C GLY C 137 9.53 46.66 -17.65
N SER C 138 8.65 47.58 -18.03
CA SER C 138 7.51 47.33 -18.89
C SER C 138 7.94 46.83 -20.24
N LEU C 139 7.31 45.77 -20.73
CA LEU C 139 7.56 45.41 -22.13
C LEU C 139 7.04 46.55 -23.00
N ALA C 140 7.94 47.14 -23.79
CA ALA C 140 7.51 48.15 -24.77
C ALA C 140 7.11 47.48 -26.07
N LEU C 141 8.05 46.80 -26.73
CA LEU C 141 7.73 46.13 -28.00
C LEU C 141 8.55 44.85 -28.10
N ALA C 142 7.86 43.72 -28.27
CA ALA C 142 8.48 42.46 -28.62
C ALA C 142 8.30 42.26 -30.11
N ARG C 143 9.40 42.32 -30.86
CA ARG C 143 9.33 42.22 -32.31
C ARG C 143 8.48 41.03 -32.71
N ASN C 144 7.46 41.29 -33.55
CA ASN C 144 6.62 40.26 -34.16
C ASN C 144 5.61 39.65 -33.18
N CYS C 145 5.53 40.14 -31.95
CA CYS C 145 4.53 39.66 -31.01
C CYS C 145 3.14 39.62 -31.64
N ASP C 146 2.78 40.65 -32.41
CA ASP C 146 1.42 40.72 -32.94
C ASP C 146 1.08 39.50 -33.78
N HIS C 147 2.10 38.79 -34.27
CA HIS C 147 1.93 37.59 -35.08
C HIS C 147 2.19 36.33 -34.28
N VAL C 148 2.37 36.45 -32.97
CA VAL C 148 2.57 35.32 -32.08
C VAL C 148 1.28 35.06 -31.34
N GLU C 149 0.76 33.84 -31.47
CA GLU C 149 -0.50 33.47 -30.85
C GLU C 149 -0.41 33.53 -29.33
N SER C 150 -1.43 34.11 -28.69
CA SER C 150 -1.58 34.15 -27.23
C SER C 150 -0.37 34.79 -26.55
N PHE C 151 0.22 35.81 -27.19
CA PHE C 151 1.38 36.49 -26.61
C PHE C 151 0.97 37.28 -25.36
N ASP C 152 1.71 37.06 -24.26
CA ASP C 152 1.37 37.69 -22.99
C ASP C 152 2.08 39.04 -22.82
N LYS C 153 1.35 40.13 -22.60
CA LYS C 153 1.93 41.51 -22.48
C LYS C 153 2.86 41.59 -21.29
N GLU C 154 2.32 41.88 -20.12
CA GLU C 154 3.16 41.67 -18.96
C GLU C 154 3.06 40.22 -18.59
N ASN C 155 4.07 39.71 -17.89
CA ASN C 155 4.31 38.28 -17.81
C ASN C 155 5.45 38.03 -18.77
N SER C 156 5.84 39.14 -19.42
CA SER C 156 6.95 39.36 -20.34
C SER C 156 7.65 40.71 -20.04
N SER C 157 7.43 41.26 -18.84
CA SER C 157 8.13 42.45 -18.37
C SER C 157 9.33 42.01 -17.53
N MET C 158 10.29 42.91 -17.39
CA MET C 158 11.41 42.64 -16.49
C MET C 158 10.93 42.34 -15.07
N VAL C 159 11.65 41.48 -14.37
CA VAL C 159 11.28 41.05 -13.03
C VAL C 159 12.01 41.96 -12.04
N PRO C 160 11.29 42.70 -11.20
CA PRO C 160 11.92 43.67 -10.31
C PRO C 160 12.30 43.06 -8.97
N LEU C 161 13.10 43.82 -8.22
CA LEU C 161 13.32 43.56 -6.81
C LEU C 161 13.31 44.88 -6.05
N LYS C 162 13.14 44.79 -4.74
CA LYS C 162 13.06 46.01 -3.92
C LYS C 162 14.42 46.70 -3.87
N VAL C 163 14.40 48.03 -3.97
CA VAL C 163 15.57 48.89 -3.82
C VAL C 163 15.16 50.11 -3.02
N GLU C 164 16.07 50.59 -2.18
CA GLU C 164 15.80 51.76 -1.35
C GLU C 164 17.08 52.56 -1.19
N GLU C 165 16.96 53.87 -1.30
CA GLU C 165 18.05 54.79 -0.97
C GLU C 165 17.93 55.12 0.51
N TYR C 166 19.01 54.86 1.25
CA TYR C 166 18.99 54.98 2.69
C TYR C 166 20.38 55.42 3.15
N ALA C 167 20.44 56.43 4.02
CA ALA C 167 21.69 56.97 4.54
C ALA C 167 22.58 57.50 3.42
N GLY C 168 21.99 57.85 2.29
CA GLY C 168 22.80 58.25 1.15
C GLY C 168 23.36 57.10 0.34
N PHE C 169 23.02 55.85 0.67
CA PHE C 169 23.50 54.72 -0.10
C PHE C 169 22.31 53.99 -0.70
N VAL C 170 22.59 52.97 -1.50
CA VAL C 170 21.56 52.26 -2.23
C VAL C 170 21.58 50.80 -1.77
N PHE C 171 20.43 50.31 -1.35
CA PHE C 171 20.28 48.94 -0.88
C PHE C 171 19.29 48.22 -1.79
N ILE C 172 19.53 46.94 -2.06
CA ILE C 172 18.57 46.12 -2.77
C ILE C 172 18.08 45.03 -1.84
N ASN C 173 16.94 44.43 -2.19
CA ASN C 173 16.39 43.33 -1.41
C ASN C 173 15.64 42.41 -2.36
N MET C 174 16.02 41.14 -2.35
CA MET C 174 15.39 40.14 -3.21
C MET C 174 14.11 39.59 -2.62
N ASP C 175 13.85 39.89 -1.34
CA ASP C 175 12.67 39.43 -0.62
C ASP C 175 11.54 40.42 -0.87
N GLU C 176 10.53 39.99 -1.60
CA GLU C 176 9.45 40.88 -2.00
C GLU C 176 8.67 41.42 -0.80
N ASN C 177 8.77 40.74 0.34
CA ASN C 177 8.01 41.12 1.57
C ASN C 177 8.89 41.85 2.58
N ALA C 178 10.08 42.29 2.18
CA ALA C 178 10.90 43.09 3.07
C ALA C 178 10.26 44.46 3.28
N THR C 179 10.55 45.05 4.43
CA THR C 179 9.96 46.35 4.73
C THR C 179 10.89 47.46 4.24
N CYS C 180 11.80 47.91 5.08
CA CYS C 180 12.63 49.07 4.76
C CYS C 180 13.97 48.88 5.44
N VAL C 181 14.97 49.65 5.00
CA VAL C 181 16.32 49.46 5.52
C VAL C 181 16.36 49.80 7.01
N GLU C 182 15.60 50.82 7.42
CA GLU C 182 15.61 51.26 8.80
C GLU C 182 15.13 50.16 9.74
N ASP C 183 14.21 49.30 9.29
CA ASP C 183 13.82 48.18 10.14
C ASP C 183 14.96 47.22 10.36
N GLN C 184 15.87 47.14 9.39
CA GLN C 184 17.00 46.23 9.48
C GLN C 184 18.14 46.84 10.28
N LEU C 185 18.34 48.16 10.18
CA LEU C 185 19.45 48.85 10.83
C LEU C 185 18.94 50.02 11.67
N PRO C 186 18.05 49.78 12.63
CA PRO C 186 17.44 50.90 13.36
C PRO C 186 18.48 51.86 13.92
N GLY C 187 18.33 53.14 13.55
CA GLY C 187 19.21 54.20 14.00
C GLY C 187 20.47 54.41 13.18
N PHE C 188 20.77 53.54 12.21
CA PHE C 188 22.06 53.63 11.55
C PHE C 188 22.16 54.89 10.71
N ALA C 189 21.12 55.21 9.94
CA ALA C 189 21.14 56.43 9.15
C ALA C 189 21.41 57.65 10.03
N GLU C 190 20.68 57.75 11.16
CA GLU C 190 20.90 58.88 12.07
C GLU C 190 22.36 58.98 12.51
N ARG C 191 22.99 57.85 12.87
CA ARG C 191 24.33 57.96 13.44
C ARG C 191 25.38 58.22 12.36
N LEU C 192 25.23 57.58 11.19
CA LEU C 192 26.19 57.77 10.11
C LEU C 192 26.18 59.22 9.63
N ASN C 193 25.00 59.83 9.55
CA ASN C 193 24.92 61.24 9.18
C ASN C 193 25.56 62.15 10.23
N GLN C 194 25.62 61.72 11.48
CA GLN C 194 26.40 62.46 12.46
C GLN C 194 27.90 62.25 12.27
N ALA C 195 28.32 61.11 11.71
CA ALA C 195 29.75 60.91 11.52
C ALA C 195 30.27 61.65 10.28
N CYS C 196 29.47 61.71 9.22
CA CYS C 196 29.88 62.38 7.99
C CYS C 196 28.70 63.18 7.47
N GLY C 197 28.82 64.50 7.45
CA GLY C 197 27.73 65.36 7.06
C GLY C 197 27.65 65.71 5.59
N VAL C 198 28.50 65.12 4.75
CA VAL C 198 28.60 65.49 3.35
C VAL C 198 28.38 64.25 2.46
N ILE C 199 27.63 63.29 2.98
CA ILE C 199 27.48 62.01 2.29
C ILE C 199 26.92 62.21 0.89
N LYS C 200 25.93 63.09 0.74
CA LYS C 200 25.31 63.17 -0.56
C LYS C 200 26.19 63.91 -1.57
N ASP C 201 27.24 64.60 -1.13
CA ASP C 201 28.17 65.20 -2.07
C ASP C 201 29.29 64.26 -2.47
N LEU C 202 29.31 63.06 -1.91
CA LEU C 202 30.36 62.11 -2.25
C LEU C 202 30.22 61.63 -3.69
N LYS C 203 31.37 61.33 -4.30
CA LYS C 203 31.43 60.74 -5.62
C LYS C 203 32.47 59.61 -5.59
N LEU C 204 32.20 58.56 -6.37
CA LEU C 204 33.05 57.39 -6.38
C LEU C 204 34.42 57.76 -6.94
N ALA C 205 35.45 57.69 -6.11
CA ALA C 205 36.78 58.00 -6.60
C ALA C 205 37.56 56.77 -7.05
N ALA C 206 37.36 55.62 -6.39
CA ALA C 206 38.10 54.42 -6.76
C ALA C 206 37.38 53.21 -6.21
N ARG C 207 37.48 52.10 -6.95
CA ARG C 207 36.87 50.83 -6.57
C ARG C 207 37.89 49.72 -6.76
N PHE C 208 38.11 48.95 -5.69
CA PHE C 208 38.91 47.73 -5.76
C PHE C 208 37.96 46.55 -5.79
N VAL C 209 38.02 45.77 -6.86
CA VAL C 209 37.22 44.57 -7.00
C VAL C 209 38.13 43.38 -6.75
N THR C 210 37.78 42.55 -5.77
CA THR C 210 38.57 41.38 -5.45
C THR C 210 37.64 40.21 -5.15
N GLU C 211 37.89 39.08 -5.80
CA GLU C 211 37.26 37.83 -5.41
C GLU C 211 38.14 37.23 -4.33
N THR C 212 37.67 37.25 -3.09
CA THR C 212 38.48 36.86 -1.96
C THR C 212 38.11 35.46 -1.53
N PRO C 213 39.10 34.56 -1.49
CA PRO C 213 38.89 33.17 -1.03
C PRO C 213 38.82 33.08 0.49
N ALA C 214 37.77 33.69 1.04
CA ALA C 214 37.41 33.56 2.44
C ALA C 214 35.90 33.57 2.53
N ASN C 215 35.37 32.83 3.50
CA ASN C 215 33.94 32.93 3.80
C ASN C 215 33.60 34.37 4.18
N TRP C 216 32.41 34.83 3.81
CA TRP C 216 32.05 36.22 4.08
C TRP C 216 32.13 36.54 5.57
N LYS C 217 31.79 35.56 6.41
CA LYS C 217 31.84 35.74 7.85
C LYS C 217 33.28 35.88 8.38
N VAL C 218 34.26 35.29 7.68
CA VAL C 218 35.66 35.49 8.10
C VAL C 218 36.05 36.96 7.90
N ILE C 219 35.58 37.56 6.82
CA ILE C 219 35.87 38.96 6.51
C ILE C 219 35.17 39.91 7.49
N VAL C 220 33.96 39.55 7.97
CA VAL C 220 33.31 40.36 9.01
C VAL C 220 34.06 40.22 10.33
N ASP C 221 34.37 38.98 10.72
CA ASP C 221 35.21 38.74 11.89
C ASP C 221 36.42 39.67 11.88
N ASN C 222 37.08 39.72 10.73
CA ASN C 222 38.30 40.53 10.60
C ASN C 222 38.00 41.99 10.92
N TYR C 223 36.92 42.54 10.36
CA TYR C 223 36.60 43.95 10.57
C TYR C 223 36.17 44.23 12.00
N MET C 224 35.51 43.28 12.65
CA MET C 224 34.88 43.50 13.93
C MET C 224 35.86 43.58 15.09
N GLU C 225 37.17 43.53 14.84
CA GLU C 225 38.14 43.62 15.92
C GLU C 225 39.37 44.39 15.46
N CYS C 226 39.97 45.10 16.42
CA CYS C 226 41.24 45.79 16.24
C CYS C 226 42.35 45.13 17.03
N TYR C 227 42.07 43.98 17.63
CA TYR C 227 43.11 43.12 18.21
C TYR C 227 44.29 42.93 17.28
N HIS C 228 44.04 42.93 15.96
CA HIS C 228 45.05 42.60 14.97
C HIS C 228 45.71 43.81 14.34
N CYS C 229 45.27 45.03 14.69
CA CYS C 229 45.76 46.18 13.94
C CYS C 229 47.21 46.51 14.26
N GLY C 230 47.63 46.31 15.51
CA GLY C 230 49.01 46.49 15.89
C GLY C 230 49.99 45.62 15.12
N PRO C 231 49.82 44.30 15.22
CA PRO C 231 50.75 43.38 14.55
C PRO C 231 50.58 43.33 13.04
N ALA C 232 49.35 43.39 12.53
CA ALA C 232 49.05 43.12 11.13
C ALA C 232 48.95 44.37 10.26
N HIS C 233 48.83 45.55 10.85
CA HIS C 233 48.70 46.81 10.11
C HIS C 233 49.74 47.78 10.63
N PRO C 234 51.00 47.62 10.23
CA PRO C 234 52.04 48.56 10.67
C PRO C 234 51.83 49.96 10.13
N GLY C 235 51.48 50.09 8.85
CA GLY C 235 51.27 51.39 8.24
C GLY C 235 50.03 52.11 8.70
N PHE C 236 49.09 51.40 9.31
CA PHE C 236 47.85 51.98 9.82
C PHE C 236 47.91 52.20 11.32
N ALA C 237 49.13 52.34 11.85
CA ALA C 237 49.30 52.52 13.31
C ALA C 237 49.60 53.98 13.69
N ASP C 238 50.15 54.77 12.75
CA ASP C 238 50.58 56.17 13.04
C ASP C 238 49.43 57.18 12.90
N SER C 239 48.31 56.97 13.62
CA SER C 239 47.14 57.88 13.63
C SER C 239 46.16 57.43 14.71
N VAL C 240 45.99 56.11 14.86
CA VAL C 240 45.02 55.52 15.82
C VAL C 240 45.52 55.67 17.25
N GLN C 241 44.58 55.70 18.20
CA GLN C 241 44.85 55.80 19.65
C GLN C 241 44.18 54.56 20.28
N VAL C 242 44.97 53.72 20.96
CA VAL C 242 44.51 52.44 21.51
C VAL C 242 43.54 52.58 22.72
N ASP C 243 43.73 53.56 23.59
CA ASP C 243 42.80 53.82 24.69
C ASP C 243 41.65 54.80 24.39
N LYS C 244 41.65 55.47 23.24
CA LYS C 244 40.46 56.23 22.88
C LYS C 244 39.81 55.58 21.66
N TYR C 245 39.49 54.32 21.85
CA TYR C 245 38.87 53.45 20.82
C TYR C 245 37.77 52.65 21.50
N TRP C 246 36.55 52.74 21.00
CA TRP C 246 35.45 52.02 21.60
C TRP C 246 34.64 51.30 20.52
N HIS C 247 34.23 50.09 20.83
CA HIS C 247 33.36 49.33 19.95
C HIS C 247 32.04 49.08 20.68
N THR C 248 31.01 49.82 20.30
CA THR C 248 29.68 49.71 20.87
C THR C 248 28.76 49.02 19.88
N THR C 249 27.89 48.15 20.39
CA THR C 249 26.88 47.49 19.58
C THR C 249 25.57 48.25 19.68
N HIS C 250 24.77 48.13 18.62
CA HIS C 250 23.47 48.79 18.51
C HIS C 250 22.44 47.75 18.08
N GLN C 251 21.67 48.01 17.02
CA GLN C 251 20.67 47.06 16.54
C GLN C 251 21.04 46.65 15.12
N ASN C 252 21.71 45.49 14.99
CA ASN C 252 22.16 44.93 13.72
C ASN C 252 23.24 45.77 13.05
N TRP C 253 23.90 46.62 13.82
CA TRP C 253 25.11 47.29 13.37
C TRP C 253 25.95 47.60 14.60
N THR C 254 27.20 47.93 14.37
CA THR C 254 28.11 48.27 15.46
C THR C 254 28.92 49.47 15.00
N LEU C 255 29.50 50.18 15.95
CA LEU C 255 30.27 51.38 15.67
C LEU C 255 31.61 51.27 16.39
N GLN C 256 32.70 51.43 15.63
CA GLN C 256 34.03 51.52 16.21
C GLN C 256 34.41 53.00 16.21
N TYR C 257 34.45 53.59 17.40
CA TYR C 257 34.54 55.04 17.56
C TYR C 257 35.81 55.39 18.30
N GLY C 258 36.52 56.39 17.81
CA GLY C 258 37.75 56.81 18.46
C GLY C 258 38.21 58.17 18.01
N PHE C 259 39.27 58.63 18.66
CA PHE C 259 39.97 59.85 18.32
C PHE C 259 41.37 59.48 17.83
N ALA C 260 41.84 60.17 16.78
CA ALA C 260 43.09 59.83 16.12
C ALA C 260 44.20 60.78 16.54
N ARG C 261 45.38 60.19 16.78
CA ARG C 261 46.60 60.93 17.09
C ARG C 261 46.64 62.27 16.34
N SER C 262 46.88 63.33 17.09
CA SER C 262 47.08 64.66 16.51
C SER C 262 48.55 64.88 16.15
N ASP C 275 41.23 66.66 18.82
CA ASP C 275 41.62 65.39 18.21
C ASP C 275 40.56 64.92 17.19
N PRO C 276 40.98 64.63 15.97
CA PRO C 276 40.03 64.18 14.94
C PRO C 276 39.47 62.81 15.26
N GLU C 277 38.14 62.68 15.16
CA GLU C 277 37.46 61.44 15.45
C GLU C 277 37.39 60.58 14.19
N PHE C 278 37.07 59.30 14.38
CA PHE C 278 36.93 58.38 13.25
C PHE C 278 35.81 57.40 13.54
N HIS C 279 35.15 56.94 12.48
CA HIS C 279 34.04 56.01 12.63
C HIS C 279 34.27 54.78 11.76
N GLY C 280 33.91 53.64 12.30
CA GLY C 280 33.92 52.39 11.57
C GLY C 280 32.62 51.68 11.85
N PHE C 281 31.72 51.76 10.89
CA PHE C 281 30.41 51.15 11.02
C PHE C 281 30.44 49.80 10.32
N TRP C 282 29.98 48.77 11.01
CA TRP C 282 29.62 47.52 10.37
C TRP C 282 28.11 47.37 10.42
N THR C 283 27.50 47.05 9.29
CA THR C 283 26.06 46.85 9.28
C THR C 283 25.74 45.47 8.75
N TRP C 284 24.72 44.88 9.34
CA TRP C 284 24.28 43.56 8.96
C TRP C 284 23.75 43.60 7.53
N PRO C 285 24.10 42.61 6.70
CA PRO C 285 24.97 41.52 7.15
C PRO C 285 26.47 41.79 7.02
N CYS C 286 26.87 42.46 5.95
CA CYS C 286 28.29 42.61 5.70
C CYS C 286 28.58 43.79 4.78
N THR C 287 28.20 44.99 5.21
CA THR C 287 28.70 46.21 4.63
C THR C 287 29.29 47.05 5.76
N MET C 288 30.43 47.66 5.49
CA MET C 288 31.15 48.45 6.48
C MET C 288 31.41 49.82 5.89
N PHE C 289 31.10 50.86 6.67
CA PHE C 289 31.26 52.24 6.26
C PHE C 289 32.28 52.90 7.17
N ASN C 290 33.33 53.46 6.58
CA ASN C 290 34.39 54.09 7.34
C ASN C 290 34.41 55.58 7.04
N VAL C 291 34.38 56.37 8.11
CA VAL C 291 34.56 57.82 8.04
C VAL C 291 35.85 58.11 8.78
N PRO C 292 36.97 58.23 8.08
CA PRO C 292 38.24 58.44 8.75
C PRO C 292 38.33 59.86 9.29
N PRO C 293 39.40 60.20 10.02
CA PRO C 293 39.52 61.56 10.56
C PRO C 293 39.38 62.60 9.46
N GLY C 294 38.68 63.70 9.80
CA GLY C 294 38.29 64.73 8.87
C GLY C 294 36.82 64.69 8.50
N SER C 295 36.23 63.49 8.49
CA SER C 295 34.80 63.32 8.27
C SER C 295 34.35 63.90 6.93
N ASN C 296 35.30 64.12 6.02
CA ASN C 296 35.04 64.68 4.70
C ASN C 296 35.11 63.65 3.57
N PHE C 297 35.44 62.39 3.86
CA PHE C 297 35.46 61.35 2.84
C PHE C 297 35.06 60.03 3.48
N MET C 298 34.83 59.02 2.65
CA MET C 298 34.40 57.70 3.11
C MET C 298 35.06 56.59 2.29
N THR C 299 35.29 55.45 2.94
CA THR C 299 35.53 54.18 2.28
C THR C 299 34.42 53.22 2.70
N VAL C 300 34.03 52.33 1.80
CA VAL C 300 32.93 51.40 2.05
C VAL C 300 33.34 50.03 1.56
N ILE C 301 33.09 49.01 2.38
CA ILE C 301 33.40 47.62 2.03
C ILE C 301 32.07 46.93 1.78
N TYR C 302 31.89 46.48 0.55
CA TYR C 302 30.72 45.71 0.17
C TYR C 302 31.17 44.26 0.08
N GLU C 303 30.47 43.37 0.77
CA GLU C 303 30.74 41.95 0.69
C GLU C 303 29.60 41.33 -0.07
N PHE C 304 29.92 40.75 -1.22
CA PHE C 304 28.94 40.05 -2.03
C PHE C 304 29.37 38.59 -2.03
N PRO C 305 28.81 37.76 -1.15
CA PRO C 305 29.29 36.38 -1.03
C PRO C 305 28.98 35.60 -2.30
N VAL C 306 29.92 34.70 -2.65
CA VAL C 306 29.80 33.84 -3.83
C VAL C 306 29.50 32.41 -3.44
N ASP C 307 30.34 31.82 -2.60
CA ASP C 307 30.06 30.50 -2.07
C ASP C 307 30.70 30.40 -0.69
N ALA C 308 30.66 29.21 -0.10
CA ALA C 308 31.09 29.04 1.28
C ALA C 308 32.47 29.61 1.52
N GLU C 309 33.32 29.59 0.51
CA GLU C 309 34.70 30.03 0.68
C GLU C 309 35.08 31.14 -0.29
N THR C 310 34.10 31.85 -0.86
CA THR C 310 34.38 32.91 -1.82
C THR C 310 33.47 34.10 -1.59
N THR C 311 34.07 35.30 -1.58
CA THR C 311 33.35 36.55 -1.37
C THR C 311 33.90 37.61 -2.32
N LEU C 312 33.03 38.12 -3.18
CA LEU C 312 33.37 39.27 -4.00
C LEU C 312 33.35 40.53 -3.13
N GLN C 313 34.38 41.36 -3.26
CA GLN C 313 34.47 42.58 -2.47
C GLN C 313 34.60 43.79 -3.37
N HIS C 314 33.82 44.83 -3.06
CA HIS C 314 34.08 46.16 -3.55
C HIS C 314 34.63 46.97 -2.40
N TYR C 315 35.78 47.57 -2.61
CA TYR C 315 36.34 48.55 -1.67
C TYR C 315 36.28 49.88 -2.39
N ASP C 316 35.28 50.69 -2.04
CA ASP C 316 35.02 51.97 -2.69
C ASP C 316 35.57 53.09 -1.82
N ILE C 317 36.28 54.03 -2.45
CA ILE C 317 36.70 55.25 -1.79
C ILE C 317 35.94 56.41 -2.41
N TYR C 318 35.27 57.20 -1.57
CA TYR C 318 34.38 58.27 -2.01
C TYR C 318 34.94 59.61 -1.53
N PHE C 319 35.08 60.54 -2.47
CA PHE C 319 35.47 61.92 -2.18
C PHE C 319 34.36 62.88 -2.64
N THR C 320 34.37 64.09 -2.08
CA THR C 320 33.35 65.06 -2.47
C THR C 320 33.67 65.71 -3.81
N ASN C 321 34.94 65.75 -4.19
CA ASN C 321 35.36 66.36 -5.45
C ASN C 321 35.41 65.37 -6.60
N GLU C 322 35.11 65.87 -7.80
CA GLU C 322 35.07 65.04 -8.99
C GLU C 322 36.47 64.71 -9.49
N GLU C 323 37.35 65.69 -9.53
CA GLU C 323 38.70 65.51 -10.04
C GLU C 323 39.65 65.30 -8.87
N LEU C 324 40.32 64.15 -8.86
CA LEU C 324 41.16 63.78 -7.73
C LEU C 324 42.41 64.64 -7.70
N THR C 325 42.77 65.08 -6.50
CA THR C 325 44.10 65.61 -6.29
C THR C 325 45.12 64.48 -6.29
N GLN C 326 46.40 64.84 -6.37
CA GLN C 326 47.42 63.82 -6.37
C GLN C 326 47.65 63.27 -4.97
N ASP C 327 47.29 64.04 -3.94
CA ASP C 327 47.28 63.49 -2.58
C ASP C 327 46.17 62.46 -2.41
N GLN C 328 45.06 62.64 -3.11
CA GLN C 328 43.98 61.66 -3.07
C GLN C 328 44.37 60.41 -3.84
N LYS C 329 45.07 60.56 -4.97
CA LYS C 329 45.53 59.39 -5.71
C LYS C 329 46.54 58.59 -4.90
N ASP C 330 47.36 59.27 -4.11
CA ASP C 330 48.32 58.56 -3.27
C ASP C 330 47.61 57.76 -2.18
N LEU C 331 46.62 58.36 -1.52
CA LEU C 331 45.89 57.62 -0.49
C LEU C 331 45.18 56.41 -1.10
N ILE C 332 44.62 56.57 -2.29
CA ILE C 332 43.99 55.46 -2.99
C ILE C 332 45.02 54.34 -3.22
N GLU C 333 46.23 54.74 -3.61
CA GLU C 333 47.30 53.76 -3.89
C GLU C 333 47.67 53.03 -2.60
N TRP C 334 47.80 53.76 -1.50
CA TRP C 334 48.15 53.16 -0.22
C TRP C 334 47.12 52.12 0.21
N TYR C 335 45.83 52.45 0.07
CA TYR C 335 44.77 51.48 0.32
C TYR C 335 44.91 50.26 -0.59
N ARG C 336 45.14 50.51 -1.86
CA ARG C 336 45.16 49.41 -2.85
C ARG C 336 46.36 48.48 -2.68
N ASN C 337 47.52 49.01 -2.36
CA ASN C 337 48.75 48.21 -2.39
C ASN C 337 49.35 47.94 -1.02
N VAL C 338 48.98 48.69 0.02
CA VAL C 338 49.57 48.48 1.34
C VAL C 338 48.50 48.03 2.33
N PHE C 339 47.43 48.82 2.48
CA PHE C 339 46.46 48.55 3.54
C PHE C 339 45.60 47.34 3.20
N ARG C 340 44.91 47.37 2.06
CA ARG C 340 44.01 46.28 1.74
C ARG C 340 44.74 44.94 1.60
N PRO C 341 45.89 44.84 0.95
CA PRO C 341 46.59 43.54 0.90
C PRO C 341 46.81 42.92 2.28
N GLU C 342 47.05 43.73 3.31
CA GLU C 342 47.26 43.18 4.65
C GLU C 342 46.02 42.43 5.14
N ASP C 343 44.85 43.04 4.98
CA ASP C 343 43.60 42.44 5.43
C ASP C 343 43.17 41.29 4.52
N LEU C 344 43.44 41.37 3.22
CA LEU C 344 43.09 40.27 2.33
C LEU C 344 43.93 39.04 2.66
N ASN C 345 45.22 39.25 2.92
CA ASN C 345 46.11 38.14 3.31
C ASN C 345 45.67 37.49 4.61
N LEU C 346 45.26 38.28 5.59
CA LEU C 346 44.82 37.68 6.84
C LEU C 346 43.63 36.75 6.62
N VAL C 347 42.56 37.24 5.98
CA VAL C 347 41.37 36.42 5.83
C VAL C 347 41.64 35.24 4.90
N GLU C 348 42.51 35.40 3.89
CA GLU C 348 42.81 34.26 3.04
C GLU C 348 43.60 33.21 3.82
N SER C 349 44.56 33.65 4.65
CA SER C 349 45.31 32.69 5.42
C SER C 349 44.41 31.98 6.44
N VAL C 350 43.50 32.72 7.06
CA VAL C 350 42.62 32.11 8.05
C VAL C 350 41.72 31.07 7.40
N GLN C 351 41.16 31.39 6.23
CA GLN C 351 40.29 30.43 5.55
C GLN C 351 41.03 29.12 5.32
N ARG C 352 42.28 29.18 4.85
CA ARG C 352 43.05 27.94 4.70
C ARG C 352 43.25 27.25 6.05
N GLY C 353 43.71 28.01 7.05
CA GLY C 353 44.09 27.43 8.32
C GLY C 353 42.93 26.78 9.05
N LEU C 354 41.72 27.33 8.93
CA LEU C 354 40.66 26.76 9.75
C LEU C 354 40.16 25.42 9.21
N LYS C 355 40.61 25.02 8.03
CA LYS C 355 40.31 23.67 7.57
C LYS C 355 41.27 22.63 8.14
N SER C 356 42.37 23.05 8.76
CA SER C 356 43.34 22.07 9.22
C SER C 356 42.74 21.25 10.35
N ARG C 357 42.97 19.94 10.30
CA ARG C 357 42.58 19.11 11.43
C ARG C 357 43.29 19.53 12.70
N GLY C 358 44.35 20.34 12.58
CA GLY C 358 45.00 20.85 13.78
C GLY C 358 44.33 22.04 14.40
N TYR C 359 43.34 22.61 13.72
CA TYR C 359 42.51 23.65 14.31
C TYR C 359 41.38 22.97 15.07
N ARG C 360 41.43 23.06 16.39
CA ARG C 360 40.53 22.27 17.24
C ARG C 360 39.06 22.48 16.89
N GLY C 361 38.72 23.56 16.20
CA GLY C 361 37.35 23.78 15.76
C GLY C 361 36.85 25.20 15.95
N GLN C 362 37.00 25.75 17.15
CA GLN C 362 36.52 27.08 17.42
C GLN C 362 37.66 27.92 17.97
N GLY C 363 37.53 29.23 17.78
CA GLY C 363 38.53 30.18 18.22
C GLY C 363 37.97 31.02 19.36
N ARG C 364 38.80 31.22 20.39
CA ARG C 364 38.41 32.01 21.55
C ARG C 364 38.32 33.50 21.19
N ILE C 365 37.19 34.13 21.47
CA ILE C 365 37.04 35.57 21.25
C ILE C 365 37.66 36.32 22.43
N MET C 366 38.66 37.16 22.14
CA MET C 366 39.47 37.80 23.18
C MET C 366 38.78 39.07 23.67
N THR C 367 37.66 38.86 24.34
CA THR C 367 36.94 39.92 25.03
C THR C 367 37.56 40.15 26.40
N ASP C 368 37.74 41.43 26.76
CA ASP C 368 38.24 41.79 28.10
C ASP C 368 37.09 42.48 28.86
N LYS C 369 37.18 42.54 30.19
CA LYS C 369 36.10 43.15 31.02
C LYS C 369 36.00 44.64 30.68
N GLN C 370 37.15 45.29 30.49
CA GLN C 370 37.26 46.75 30.20
C GLN C 370 36.69 47.13 28.84
N ARG C 371 36.62 46.19 27.90
CA ARG C 371 36.18 46.45 26.51
C ARG C 371 37.12 47.49 25.95
N SER C 372 38.43 47.18 25.91
CA SER C 372 39.51 48.04 25.47
C SER C 372 39.57 48.18 23.95
N GLY C 373 40.60 48.88 23.48
CA GLY C 373 40.82 49.03 22.04
C GLY C 373 41.18 47.76 21.31
N ILE C 374 41.52 46.69 22.02
CA ILE C 374 41.88 45.42 21.39
C ILE C 374 40.93 44.29 21.77
N SER C 375 39.79 44.59 22.38
CA SER C 375 38.82 43.56 22.69
C SER C 375 38.13 43.03 21.43
N GLU C 376 37.90 41.72 21.39
CA GLU C 376 37.28 41.07 20.23
C GLU C 376 35.79 40.89 20.39
N HIS C 377 35.19 41.50 21.43
CA HIS C 377 33.79 41.26 21.76
C HIS C 377 32.86 41.54 20.59
N GLY C 378 33.25 42.45 19.69
CA GLY C 378 32.41 42.74 18.54
C GLY C 378 32.12 41.50 17.71
N ILE C 379 33.07 40.56 17.66
CA ILE C 379 32.83 39.32 16.94
C ILE C 379 31.65 38.58 17.56
N ALA C 380 31.54 38.61 18.88
CA ALA C 380 30.47 37.88 19.54
C ALA C 380 29.11 38.43 19.16
N TYR C 381 29.00 39.76 19.02
CA TYR C 381 27.73 40.35 18.62
C TYR C 381 27.37 39.90 17.21
N PHE C 382 28.33 40.00 16.29
CA PHE C 382 28.08 39.57 14.92
C PHE C 382 27.64 38.11 14.87
N GLN C 383 28.37 37.22 15.54
CA GLN C 383 28.07 35.81 15.42
C GLN C 383 26.81 35.43 16.19
N HIS C 384 26.49 36.15 17.27
CA HIS C 384 25.24 35.91 17.96
C HIS C 384 24.05 36.16 17.05
N LEU C 385 24.11 37.21 16.24
CA LEU C 385 23.06 37.45 15.26
C LEU C 385 23.04 36.36 14.19
N VAL C 386 24.21 36.03 13.63
CA VAL C 386 24.30 34.93 12.66
C VAL C 386 23.69 33.68 13.25
N ALA C 387 24.00 33.39 14.52
CA ALA C 387 23.53 32.16 15.13
C ALA C 387 22.02 32.05 15.09
N GLN C 388 21.31 33.19 15.11
CA GLN C 388 19.86 33.14 15.07
C GLN C 388 19.32 32.55 13.77
N TYR C 389 20.12 32.53 12.72
CA TYR C 389 19.69 31.94 11.45
C TYR C 389 20.01 30.46 11.38
N HIS C 390 20.54 29.88 12.44
CA HIS C 390 20.93 28.49 12.47
C HIS C 390 20.27 27.76 13.64
N GLN C 391 18.98 28.04 13.86
CA GLN C 391 18.18 27.31 14.85
C GLN C 391 17.49 26.12 14.19
N ALA D 23 -21.33 -60.56 36.34
CA ALA D 23 -20.60 -60.79 37.58
C ALA D 23 -19.69 -59.61 37.91
N VAL D 24 -19.68 -59.19 39.17
CA VAL D 24 -18.86 -58.07 39.61
C VAL D 24 -17.49 -58.61 40.00
N GLU D 25 -16.44 -57.91 39.56
CA GLU D 25 -15.07 -58.30 39.88
C GLU D 25 -14.75 -57.91 41.32
N LYS D 26 -14.38 -58.91 42.13
CA LYS D 26 -14.05 -58.68 43.53
C LYS D 26 -12.65 -59.17 43.83
N LEU D 27 -12.04 -58.60 44.86
CA LEU D 27 -10.70 -59.00 45.29
C LEU D 27 -10.71 -59.44 46.76
N PRO D 28 -9.81 -60.33 47.17
CA PRO D 28 -9.74 -60.68 48.58
C PRO D 28 -9.25 -59.50 49.40
N GLU D 29 -9.80 -59.40 50.60
CA GLU D 29 -9.47 -58.27 51.44
C GLU D 29 -7.97 -58.23 51.81
N ASP D 30 -7.32 -59.39 51.91
CA ASP D 30 -5.88 -59.47 52.18
C ASP D 30 -5.04 -59.48 50.89
N PHE D 31 -5.61 -59.09 49.75
CA PHE D 31 -4.88 -59.05 48.49
C PHE D 31 -3.65 -58.16 48.59
N CYS D 32 -2.49 -58.69 48.21
CA CYS D 32 -1.21 -58.00 48.38
C CYS D 32 -1.00 -57.50 49.81
N ALA D 33 -1.64 -58.09 50.80
CA ALA D 33 -1.29 -57.76 52.17
C ALA D 33 0.12 -58.20 52.51
N ASN D 34 0.62 -59.26 51.86
CA ASN D 34 1.97 -59.76 52.08
C ASN D 34 2.85 -59.46 50.87
N PRO D 35 3.62 -58.37 50.86
CA PRO D 35 4.40 -58.04 49.67
C PRO D 35 5.41 -59.09 49.28
N ASP D 36 5.86 -59.95 50.21
CA ASP D 36 6.90 -60.92 49.89
C ASP D 36 6.44 -62.02 48.93
N VAL D 37 5.16 -62.40 48.98
CA VAL D 37 4.59 -63.37 48.04
C VAL D 37 3.27 -62.76 47.54
N ALA D 38 3.36 -61.92 46.53
CA ALA D 38 2.21 -61.17 46.06
C ALA D 38 2.25 -61.10 44.54
N TRP D 39 1.08 -60.94 43.94
CA TRP D 39 0.94 -60.79 42.50
C TRP D 39 0.07 -59.57 42.22
N THR D 40 0.26 -58.98 41.04
CA THR D 40 -0.57 -57.87 40.60
C THR D 40 -1.99 -58.34 40.36
N PHE D 41 -2.91 -57.36 40.17
CA PHE D 41 -4.33 -57.60 39.92
C PHE D 41 -4.51 -58.64 38.82
N PRO D 42 -5.53 -59.48 38.91
CA PRO D 42 -6.01 -60.17 37.71
C PRO D 42 -6.25 -59.14 36.60
N LYS D 43 -5.97 -59.54 35.36
CA LYS D 43 -5.87 -58.58 34.27
C LYS D 43 -7.14 -57.75 34.10
N VAL D 44 -8.29 -58.29 34.49
CA VAL D 44 -9.53 -57.58 34.20
C VAL D 44 -9.55 -56.23 34.90
N PHE D 45 -8.83 -56.11 36.01
CA PHE D 45 -8.81 -54.87 36.76
C PHE D 45 -8.11 -53.74 36.03
N TYR D 46 -7.21 -54.07 35.12
CA TYR D 46 -6.56 -53.06 34.30
C TYR D 46 -7.33 -52.73 33.04
N THR D 47 -8.37 -53.51 32.69
CA THR D 47 -9.05 -53.34 31.41
C THR D 47 -10.56 -53.20 31.49
N SER D 48 -11.23 -53.67 32.54
CA SER D 48 -12.68 -53.69 32.52
C SER D 48 -13.24 -52.27 32.66
N SER D 49 -14.23 -51.95 31.81
CA SER D 49 -14.88 -50.65 31.94
C SER D 49 -15.76 -50.62 33.18
N GLN D 50 -16.31 -51.76 33.59
CA GLN D 50 -17.11 -51.79 34.80
C GLN D 50 -16.25 -51.52 36.03
N VAL D 51 -15.07 -52.13 36.08
CA VAL D 51 -14.16 -51.85 37.18
C VAL D 51 -13.82 -50.38 37.21
N PHE D 52 -13.59 -49.78 36.05
CA PHE D 52 -13.27 -48.36 36.01
C PHE D 52 -14.42 -47.53 36.57
N GLU D 53 -15.64 -47.81 36.12
CA GLU D 53 -16.77 -47.02 36.59
C GLU D 53 -16.87 -47.09 38.11
N HIS D 54 -16.50 -48.24 38.69
CA HIS D 54 -16.50 -48.34 40.14
C HIS D 54 -15.35 -47.52 40.75
N GLU D 55 -14.14 -47.68 40.19
CA GLU D 55 -13.01 -46.87 40.68
C GLU D 55 -13.25 -45.38 40.45
N LYS D 56 -13.94 -45.03 39.38
CA LYS D 56 -14.23 -43.63 39.09
C LYS D 56 -15.01 -42.98 40.22
N GLU D 57 -16.02 -43.67 40.72
CA GLU D 57 -16.93 -43.14 41.74
C GLU D 57 -16.50 -43.46 43.15
N ALA D 58 -15.94 -44.65 43.39
CA ALA D 58 -15.54 -45.04 44.73
C ALA D 58 -14.21 -44.39 45.12
N ILE D 59 -13.37 -44.09 44.15
CA ILE D 59 -12.04 -43.53 44.39
C ILE D 59 -11.94 -42.07 43.95
N PHE D 60 -12.19 -41.79 42.66
CA PHE D 60 -11.85 -40.49 42.11
C PHE D 60 -12.92 -39.44 42.32
N ALA D 61 -14.15 -39.83 42.61
CA ALA D 61 -15.19 -38.89 42.99
C ALA D 61 -15.31 -38.76 44.49
N LYS D 62 -14.48 -39.51 45.23
CA LYS D 62 -14.56 -39.57 46.69
C LYS D 62 -13.20 -39.32 47.34
N SER D 63 -12.18 -38.95 46.57
CA SER D 63 -10.84 -38.72 47.11
C SER D 63 -10.37 -37.32 46.75
N TRP D 64 -9.38 -36.85 47.48
CA TRP D 64 -8.73 -35.58 47.16
C TRP D 64 -7.82 -35.77 45.97
N ILE D 65 -8.05 -34.96 44.93
CA ILE D 65 -7.35 -35.03 43.65
C ILE D 65 -6.48 -33.79 43.51
N CYS D 66 -5.18 -34.01 43.44
CA CYS D 66 -4.28 -32.88 43.31
C CYS D 66 -4.30 -32.39 41.88
N VAL D 67 -4.37 -31.08 41.67
CA VAL D 67 -4.53 -30.53 40.33
C VAL D 67 -3.45 -29.53 39.95
N ALA D 68 -2.80 -28.91 40.92
CA ALA D 68 -1.89 -27.82 40.59
C ALA D 68 -1.05 -27.49 41.81
N HIS D 69 0.04 -26.77 41.55
CA HIS D 69 0.83 -26.10 42.56
C HIS D 69 0.14 -24.79 42.94
N GLY D 70 0.33 -24.39 44.19
CA GLY D 70 -0.35 -23.19 44.67
C GLY D 70 -0.04 -21.95 43.86
N SER D 71 1.14 -21.90 43.25
CA SER D 71 1.55 -20.69 42.51
C SER D 71 0.59 -20.37 41.36
N GLU D 72 -0.10 -21.37 40.80
CA GLU D 72 -1.02 -21.09 39.70
C GLU D 72 -2.26 -20.35 40.18
N LEU D 73 -2.51 -20.32 41.47
CA LEU D 73 -3.75 -19.80 42.04
C LEU D 73 -3.47 -18.85 43.20
N ALA D 74 -2.35 -18.13 43.15
CA ALA D 74 -1.93 -17.38 44.34
C ALA D 74 -2.62 -16.03 44.45
N GLN D 75 -3.05 -15.45 43.34
CA GLN D 75 -3.58 -14.11 43.31
C GLN D 75 -5.10 -14.12 43.13
N PRO D 76 -5.78 -13.11 43.68
CA PRO D 76 -7.23 -12.97 43.45
C PRO D 76 -7.55 -12.94 41.97
N ASN D 77 -8.62 -13.62 41.59
CA ASN D 77 -9.09 -13.74 40.22
C ASN D 77 -8.31 -14.79 39.41
N ASP D 78 -7.21 -15.34 39.95
CA ASP D 78 -6.50 -16.44 39.28
C ASP D 78 -7.41 -17.65 39.14
N TYR D 79 -7.36 -18.30 37.97
CA TYR D 79 -8.11 -19.53 37.81
C TYR D 79 -7.36 -20.50 36.91
N ILE D 80 -7.64 -21.79 37.11
CA ILE D 80 -7.22 -22.85 36.21
C ILE D 80 -8.41 -23.76 35.94
N THR D 81 -8.30 -24.52 34.86
CA THR D 81 -9.28 -25.55 34.56
C THR D 81 -8.57 -26.89 34.43
N ARG D 82 -9.23 -27.94 34.89
CA ARG D 82 -8.77 -29.30 34.79
C ARG D 82 -9.93 -30.15 34.28
N LYS D 83 -9.61 -31.34 33.79
CA LYS D 83 -10.59 -32.35 33.43
C LYS D 83 -10.17 -33.67 34.06
N VAL D 84 -11.05 -34.28 34.83
CA VAL D 84 -10.71 -35.58 35.41
C VAL D 84 -12.00 -36.36 35.61
N ILE D 85 -11.93 -37.64 35.24
CA ILE D 85 -13.05 -38.57 35.15
C ILE D 85 -14.29 -37.92 34.52
N GLY D 86 -14.07 -37.19 33.44
CA GLY D 86 -15.16 -36.60 32.69
C GLY D 86 -15.69 -35.28 33.19
N GLU D 87 -15.08 -34.70 34.23
CA GLU D 87 -15.58 -33.47 34.84
C GLU D 87 -14.66 -32.32 34.48
N ASN D 88 -15.21 -31.31 33.80
CA ASN D 88 -14.50 -30.07 33.52
C ASN D 88 -14.63 -29.18 34.75
N ILE D 89 -13.52 -28.90 35.44
CA ILE D 89 -13.54 -28.22 36.74
C ILE D 89 -12.80 -26.90 36.61
N VAL D 90 -13.34 -25.87 37.24
CA VAL D 90 -12.68 -24.59 37.33
C VAL D 90 -12.31 -24.36 38.80
N ILE D 91 -11.04 -24.08 39.06
CA ILE D 91 -10.56 -23.71 40.40
C ILE D 91 -10.17 -22.25 40.31
N ILE D 92 -10.68 -21.43 41.22
CA ILE D 92 -10.61 -19.98 41.05
C ILE D 92 -10.41 -19.28 42.41
N ARG D 93 -9.49 -18.34 42.42
CA ARG D 93 -9.28 -17.49 43.60
C ARG D 93 -10.20 -16.27 43.51
N GLY D 94 -11.19 -16.20 44.40
CA GLY D 94 -12.10 -15.07 44.39
C GLY D 94 -11.45 -13.75 44.74
N LYS D 95 -12.13 -12.66 44.35
CA LYS D 95 -11.70 -11.33 44.74
C LYS D 95 -11.44 -11.24 46.23
N ASP D 96 -12.17 -12.00 47.04
CA ASP D 96 -11.92 -12.01 48.46
C ASP D 96 -10.72 -12.86 48.86
N SER D 97 -9.94 -13.31 47.87
CA SER D 97 -8.74 -14.13 48.08
C SER D 97 -9.06 -15.54 48.58
N VAL D 98 -10.32 -15.96 48.58
CA VAL D 98 -10.70 -17.30 49.00
C VAL D 98 -10.67 -18.23 47.78
N LEU D 99 -9.94 -19.34 47.89
CA LEU D 99 -9.87 -20.30 46.78
C LEU D 99 -11.10 -21.19 46.75
N ARG D 100 -11.72 -21.30 45.57
CA ARG D 100 -12.92 -22.12 45.42
C ARG D 100 -12.81 -22.96 44.15
N ALA D 101 -13.63 -23.99 44.08
CA ALA D 101 -13.68 -24.82 42.88
C ALA D 101 -15.13 -25.05 42.47
N PHE D 102 -15.36 -25.09 41.15
CA PHE D 102 -16.70 -25.31 40.60
C PHE D 102 -16.64 -26.20 39.37
N TYR D 103 -17.69 -27.00 39.21
CA TYR D 103 -17.91 -27.63 37.91
C TYR D 103 -18.10 -26.54 36.86
N ASN D 104 -17.40 -26.69 35.75
CA ASN D 104 -17.25 -25.65 34.74
C ASN D 104 -18.42 -25.71 33.75
N VAL D 105 -19.63 -25.48 34.27
CA VAL D 105 -20.85 -25.60 33.42
C VAL D 105 -21.89 -24.59 33.90
N CYS D 106 -22.43 -23.78 33.00
CA CYS D 106 -23.43 -22.78 33.43
C CYS D 106 -24.70 -23.46 33.92
N PRO D 107 -25.30 -22.99 35.03
CA PRO D 107 -26.54 -23.55 35.55
C PRO D 107 -27.81 -23.27 34.72
N HIS D 108 -27.75 -22.34 33.77
CA HIS D 108 -28.92 -22.08 32.89
C HIS D 108 -29.09 -23.25 31.91
N ARG D 109 -28.22 -23.36 30.90
CA ARG D 109 -28.43 -24.44 29.94
C ARG D 109 -27.15 -25.20 29.58
N GLY D 110 -26.12 -25.16 30.44
CA GLY D 110 -25.04 -26.11 30.34
C GLY D 110 -23.87 -25.72 29.48
N HIS D 111 -23.78 -24.50 29.02
CA HIS D 111 -22.58 -24.09 28.31
C HIS D 111 -21.39 -24.04 29.27
N GLU D 112 -20.19 -24.33 28.77
CA GLU D 112 -19.01 -24.20 29.61
C GLU D 112 -18.77 -22.73 29.92
N LEU D 113 -18.19 -22.47 31.10
CA LEU D 113 -18.05 -21.09 31.57
C LEU D 113 -16.67 -20.51 31.27
N LEU D 114 -15.61 -21.20 31.63
CA LEU D 114 -14.26 -20.68 31.43
C LEU D 114 -13.42 -21.72 30.71
N SER D 115 -12.41 -21.24 29.99
CA SER D 115 -11.47 -22.11 29.30
C SER D 115 -10.04 -21.71 29.65
N GLY D 116 -9.15 -22.68 29.60
CA GLY D 116 -7.75 -22.43 29.82
C GLY D 116 -7.46 -22.01 31.26
N SER D 117 -6.51 -21.10 31.41
CA SER D 117 -6.06 -20.58 32.69
C SER D 117 -5.77 -19.10 32.54
N GLY D 118 -5.92 -18.35 33.62
CA GLY D 118 -5.58 -16.92 33.56
C GLY D 118 -6.19 -16.15 34.72
N LYS D 119 -6.45 -14.88 34.47
CA LYS D 119 -7.12 -14.00 35.43
C LYS D 119 -8.58 -13.84 35.05
N ALA D 120 -9.47 -14.26 35.95
CA ALA D 120 -10.89 -14.02 35.75
C ALA D 120 -11.19 -12.53 35.84
N LYS D 121 -12.13 -12.07 35.03
CA LYS D 121 -12.67 -10.73 35.22
C LYS D 121 -13.45 -10.70 36.53
N ASN D 122 -13.96 -9.52 36.87
CA ASN D 122 -14.58 -9.40 38.18
C ASN D 122 -15.85 -10.21 38.30
N VAL D 123 -16.48 -10.56 37.18
CA VAL D 123 -17.53 -11.55 37.18
C VAL D 123 -17.30 -12.53 36.04
N ILE D 124 -17.88 -13.70 36.17
CA ILE D 124 -17.84 -14.71 35.13
C ILE D 124 -19.10 -14.57 34.27
N THR D 125 -18.91 -14.33 32.99
CA THR D 125 -20.02 -14.19 32.05
C THR D 125 -20.13 -15.41 31.16
N CYS D 126 -21.23 -16.14 31.27
CA CYS D 126 -21.42 -17.34 30.40
C CYS D 126 -21.37 -16.90 28.94
N PRO D 127 -20.66 -17.60 28.05
CA PRO D 127 -20.60 -17.22 26.64
C PRO D 127 -21.91 -17.37 25.85
N TYR D 128 -22.87 -18.14 26.35
CA TYR D 128 -24.11 -18.42 25.61
C TYR D 128 -25.16 -17.31 25.78
N HIS D 129 -25.67 -17.09 27.00
CA HIS D 129 -26.73 -16.08 27.24
C HIS D 129 -26.28 -15.00 28.23
N ALA D 130 -24.98 -14.96 28.53
CA ALA D 130 -24.35 -13.88 29.28
C ALA D 130 -24.91 -13.76 30.69
N TRP D 131 -25.42 -14.83 31.28
CA TRP D 131 -25.55 -14.83 32.72
C TRP D 131 -24.20 -14.50 33.33
N THR D 132 -24.21 -13.70 34.39
CA THR D 132 -22.99 -13.34 35.10
C THR D 132 -23.01 -13.94 36.49
N PHE D 133 -21.85 -14.33 36.97
CA PHE D 133 -21.68 -14.90 38.30
C PHE D 133 -20.51 -14.23 38.99
N LYS D 134 -20.66 -14.02 40.30
CA LYS D 134 -19.52 -13.57 41.10
C LYS D 134 -18.45 -14.67 41.14
N LEU D 135 -17.25 -14.28 41.55
CA LEU D 135 -16.17 -15.25 41.61
C LEU D 135 -16.38 -16.30 42.68
N ASP D 136 -17.46 -16.19 43.45
CA ASP D 136 -17.85 -17.23 44.39
C ASP D 136 -18.99 -18.10 43.88
N GLY D 137 -19.33 -17.98 42.59
CA GLY D 137 -20.34 -18.83 42.01
C GLY D 137 -21.73 -18.28 42.09
N SER D 138 -21.96 -17.27 42.94
CA SER D 138 -23.26 -16.67 43.09
C SER D 138 -23.73 -16.06 41.78
N LEU D 139 -24.99 -16.30 41.45
CA LEU D 139 -25.59 -15.63 40.31
C LEU D 139 -25.60 -14.13 40.57
N ALA D 140 -24.93 -13.38 39.71
CA ALA D 140 -24.98 -11.93 39.79
C ALA D 140 -26.19 -11.40 39.03
N LEU D 141 -26.27 -11.70 37.74
CA LEU D 141 -27.38 -11.22 36.93
C LEU D 141 -27.76 -12.31 35.93
N ALA D 142 -29.03 -12.71 35.97
CA ALA D 142 -29.65 -13.55 34.94
C ALA D 142 -30.51 -12.64 34.08
N ARG D 143 -29.97 -12.21 32.93
CA ARG D 143 -30.73 -11.54 31.86
C ARG D 143 -32.23 -11.84 31.95
N ASN D 144 -33.06 -10.79 31.98
CA ASN D 144 -34.51 -10.97 31.87
C ASN D 144 -35.05 -11.74 33.05
N CYS D 145 -34.22 -12.01 34.06
CA CYS D 145 -34.63 -12.66 35.29
C CYS D 145 -35.96 -12.20 35.82
N ASP D 146 -36.16 -10.88 35.90
CA ASP D 146 -37.31 -10.32 36.57
C ASP D 146 -38.64 -10.69 35.91
N HIS D 147 -38.62 -11.08 34.64
CA HIS D 147 -39.82 -11.37 33.89
C HIS D 147 -40.06 -12.86 33.69
N VAL D 148 -39.31 -13.71 34.38
CA VAL D 148 -39.48 -15.16 34.33
C VAL D 148 -40.20 -15.60 35.59
N GLU D 149 -41.33 -16.28 35.43
CA GLU D 149 -42.15 -16.62 36.58
C GLU D 149 -41.42 -17.58 37.51
N SER D 150 -41.40 -17.24 38.79
CA SER D 150 -40.86 -18.12 39.83
C SER D 150 -39.41 -18.50 39.56
N PHE D 151 -38.62 -17.55 39.07
CA PHE D 151 -37.22 -17.82 38.84
C PHE D 151 -36.52 -18.06 40.16
N ASP D 152 -35.83 -19.20 40.25
CA ASP D 152 -35.14 -19.64 41.45
C ASP D 152 -33.69 -19.15 41.41
N LYS D 153 -33.42 -18.01 42.05
CA LYS D 153 -32.09 -17.42 41.92
C LYS D 153 -31.02 -18.25 42.61
N GLU D 154 -31.36 -18.87 43.74
CA GLU D 154 -30.32 -19.52 44.52
C GLU D 154 -30.02 -20.92 44.00
N ASN D 155 -30.97 -21.56 43.31
CA ASN D 155 -30.67 -22.79 42.58
C ASN D 155 -30.09 -22.50 41.21
N SER D 156 -29.69 -21.25 40.94
CA SER D 156 -29.11 -20.86 39.65
C SER D 156 -27.68 -20.37 39.77
N SER D 157 -26.98 -20.72 40.84
CA SER D 157 -25.57 -20.39 41.01
C SER D 157 -24.69 -21.53 40.47
N MET D 158 -23.43 -21.19 40.18
CA MET D 158 -22.46 -22.23 39.84
C MET D 158 -22.39 -23.25 40.96
N VAL D 159 -22.13 -24.51 40.60
CA VAL D 159 -22.15 -25.62 41.52
C VAL D 159 -20.70 -25.84 42.05
N PRO D 160 -20.47 -25.77 43.34
CA PRO D 160 -19.10 -25.91 43.85
C PRO D 160 -18.72 -27.36 44.12
N LEU D 161 -17.42 -27.55 44.31
CA LEU D 161 -16.87 -28.77 44.88
C LEU D 161 -15.77 -28.37 45.85
N LYS D 162 -15.30 -29.33 46.63
CA LYS D 162 -14.31 -29.04 47.66
C LYS D 162 -12.96 -28.73 47.03
N VAL D 163 -12.25 -27.77 47.61
CA VAL D 163 -10.88 -27.46 47.21
C VAL D 163 -10.08 -27.17 48.46
N GLU D 164 -8.82 -27.60 48.49
CA GLU D 164 -7.97 -27.39 49.66
C GLU D 164 -6.55 -27.17 49.21
N GLU D 165 -5.89 -26.20 49.83
CA GLU D 165 -4.46 -26.02 49.66
C GLU D 165 -3.77 -26.81 50.76
N TYR D 166 -2.88 -27.70 50.36
CA TYR D 166 -2.23 -28.64 51.25
C TYR D 166 -0.83 -28.92 50.71
N ALA D 167 0.17 -28.82 51.57
CA ALA D 167 1.55 -29.14 51.17
C ALA D 167 2.06 -28.22 50.07
N GLY D 168 1.44 -27.05 49.91
CA GLY D 168 1.77 -26.11 48.84
C GLY D 168 1.09 -26.39 47.51
N PHE D 169 0.23 -27.40 47.44
CA PHE D 169 -0.45 -27.76 46.20
C PHE D 169 -1.95 -27.65 46.41
N VAL D 170 -2.69 -27.92 45.35
CA VAL D 170 -4.13 -27.70 45.34
C VAL D 170 -4.84 -29.01 45.01
N PHE D 171 -5.77 -29.39 45.88
CA PHE D 171 -6.55 -30.61 45.69
C PHE D 171 -8.03 -30.25 45.62
N ILE D 172 -8.76 -30.95 44.76
CA ILE D 172 -10.20 -30.86 44.70
C ILE D 172 -10.78 -32.18 45.14
N ASN D 173 -12.06 -32.16 45.52
CA ASN D 173 -12.78 -33.35 45.97
C ASN D 173 -14.25 -33.17 45.61
N MET D 174 -14.80 -34.15 44.90
CA MET D 174 -16.19 -34.10 44.44
C MET D 174 -17.18 -34.53 45.51
N ASP D 175 -16.71 -35.06 46.63
CA ASP D 175 -17.58 -35.47 47.72
C ASP D 175 -17.79 -34.28 48.66
N GLU D 176 -19.01 -33.72 48.67
CA GLU D 176 -19.32 -32.64 49.60
C GLU D 176 -18.95 -32.99 51.03
N ASN D 177 -18.94 -34.27 51.36
CA ASN D 177 -18.79 -34.74 52.73
C ASN D 177 -17.36 -35.10 53.06
N ALA D 178 -16.42 -34.84 52.16
CA ALA D 178 -15.01 -35.16 52.43
C ALA D 178 -14.50 -34.30 53.57
N THR D 179 -13.50 -34.82 54.27
CA THR D 179 -12.94 -34.07 55.38
C THR D 179 -11.84 -33.16 54.87
N CYS D 180 -10.60 -33.66 54.89
CA CYS D 180 -9.45 -32.85 54.52
C CYS D 180 -8.37 -33.78 53.99
N VAL D 181 -7.43 -33.19 53.26
CA VAL D 181 -6.36 -33.94 52.62
C VAL D 181 -5.47 -34.62 53.65
N GLU D 182 -5.25 -34.01 54.84
CA GLU D 182 -4.39 -34.65 55.83
C GLU D 182 -4.97 -35.97 56.31
N ASP D 183 -6.30 -36.09 56.38
CA ASP D 183 -6.90 -37.38 56.71
C ASP D 183 -6.66 -38.41 55.62
N GLN D 184 -6.44 -37.99 54.39
CA GLN D 184 -6.17 -38.92 53.30
C GLN D 184 -4.69 -39.29 53.22
N LEU D 185 -3.81 -38.32 53.49
CA LEU D 185 -2.37 -38.51 53.37
C LEU D 185 -1.68 -38.12 54.67
N PRO D 186 -2.05 -38.77 55.79
CA PRO D 186 -1.52 -38.34 57.09
C PRO D 186 0.00 -38.25 57.11
N GLY D 187 0.51 -37.08 57.48
CA GLY D 187 1.93 -36.86 57.57
C GLY D 187 2.61 -36.43 56.29
N PHE D 188 1.89 -36.35 55.17
CA PHE D 188 2.56 -36.14 53.88
C PHE D 188 3.10 -34.72 53.78
N ALA D 189 2.27 -33.71 54.08
CA ALA D 189 2.77 -32.34 54.04
C ALA D 189 3.98 -32.18 54.96
N GLU D 190 3.93 -32.75 56.17
CA GLU D 190 5.08 -32.70 57.08
C GLU D 190 6.35 -33.22 56.41
N ARG D 191 6.25 -34.38 55.75
CA ARG D 191 7.43 -35.02 55.15
C ARG D 191 7.84 -34.32 53.85
N LEU D 192 6.86 -33.88 53.04
CA LEU D 192 7.19 -33.20 51.80
C LEU D 192 7.96 -31.91 52.08
N ASN D 193 7.52 -31.17 53.09
CA ASN D 193 8.19 -29.93 53.48
C ASN D 193 9.58 -30.18 54.03
N GLN D 194 9.86 -31.38 54.55
CA GLN D 194 11.24 -31.70 54.93
C GLN D 194 12.10 -32.04 53.73
N ALA D 195 11.52 -32.58 52.65
CA ALA D 195 12.31 -32.93 51.49
C ALA D 195 12.65 -31.70 50.65
N CYS D 196 11.71 -30.76 50.57
CA CYS D 196 11.87 -29.56 49.77
C CYS D 196 11.41 -28.38 50.59
N GLY D 197 12.35 -27.49 50.92
CA GLY D 197 12.08 -26.35 51.75
C GLY D 197 11.68 -25.08 51.02
N VAL D 198 11.49 -25.14 49.70
CA VAL D 198 11.20 -23.95 48.92
C VAL D 198 9.93 -24.13 48.11
N ILE D 199 9.01 -24.97 48.59
CA ILE D 199 7.84 -25.32 47.80
C ILE D 199 6.99 -24.08 47.48
N LYS D 200 6.85 -23.16 48.45
CA LYS D 200 6.04 -21.96 48.20
C LYS D 200 6.65 -21.07 47.13
N ASP D 201 7.95 -21.19 46.88
CA ASP D 201 8.61 -20.37 45.86
C ASP D 201 8.68 -21.06 44.51
N LEU D 202 8.20 -22.29 44.39
CA LEU D 202 8.21 -22.96 43.11
C LEU D 202 7.23 -22.26 42.16
N LYS D 203 7.60 -22.27 40.87
CA LYS D 203 6.73 -21.80 39.81
C LYS D 203 6.77 -22.79 38.65
N LEU D 204 5.65 -22.94 37.97
CA LEU D 204 5.56 -23.89 36.86
C LEU D 204 6.51 -23.49 35.74
N ALA D 205 7.50 -24.33 35.48
CA ALA D 205 8.46 -24.10 34.40
C ALA D 205 8.06 -24.77 33.08
N ALA D 206 7.40 -25.93 33.15
CA ALA D 206 7.00 -26.63 31.94
C ALA D 206 5.96 -27.67 32.30
N ARG D 207 5.04 -27.92 31.37
CA ARG D 207 4.00 -28.93 31.54
C ARG D 207 3.94 -29.80 30.29
N PHE D 208 4.04 -31.11 30.49
CA PHE D 208 3.82 -32.09 29.43
C PHE D 208 2.43 -32.67 29.62
N VAL D 209 1.57 -32.53 28.62
CA VAL D 209 0.23 -33.09 28.63
C VAL D 209 0.20 -34.22 27.63
N THR D 210 -0.12 -35.44 28.09
CA THR D 210 -0.19 -36.60 27.21
C THR D 210 -1.39 -37.45 27.59
N GLU D 211 -2.21 -37.82 26.61
CA GLU D 211 -3.28 -38.79 26.85
C GLU D 211 -2.69 -40.18 26.65
N THR D 212 -2.48 -40.87 27.74
CA THR D 212 -1.73 -42.11 27.67
C THR D 212 -2.69 -43.28 27.60
N PRO D 213 -2.54 -44.20 26.60
CA PRO D 213 -3.37 -45.42 26.56
C PRO D 213 -2.90 -46.47 27.57
N ALA D 214 -3.05 -46.14 28.85
CA ALA D 214 -2.81 -47.12 29.90
C ALA D 214 -3.77 -46.86 31.05
N ASN D 215 -4.14 -47.94 31.72
CA ASN D 215 -4.93 -47.79 32.92
C ASN D 215 -4.15 -46.96 33.94
N TRP D 216 -4.87 -46.17 34.74
CA TRP D 216 -4.15 -45.32 35.70
C TRP D 216 -3.31 -46.15 36.66
N LYS D 217 -3.81 -47.33 37.04
CA LYS D 217 -3.09 -48.23 37.93
C LYS D 217 -1.83 -48.79 37.29
N VAL D 218 -1.79 -48.96 35.97
CA VAL D 218 -0.54 -49.39 35.34
C VAL D 218 0.49 -48.30 35.45
N ILE D 219 0.05 -47.05 35.32
CA ILE D 219 0.97 -45.92 35.42
C ILE D 219 1.51 -45.78 36.85
N VAL D 220 0.71 -46.09 37.88
CA VAL D 220 1.21 -46.08 39.25
C VAL D 220 2.18 -47.25 39.48
N ASP D 221 1.79 -48.47 39.04
CA ASP D 221 2.69 -49.61 39.11
C ASP D 221 4.08 -49.21 38.64
N ASN D 222 4.14 -48.61 37.46
CA ASN D 222 5.43 -48.24 36.87
C ASN D 222 6.21 -47.31 37.80
N TYR D 223 5.54 -46.34 38.42
CA TYR D 223 6.26 -45.42 39.29
C TYR D 223 6.73 -46.12 40.57
N MET D 224 5.97 -47.11 41.06
CA MET D 224 6.17 -47.69 42.37
C MET D 224 7.35 -48.65 42.45
N GLU D 225 8.13 -48.80 41.39
CA GLU D 225 9.32 -49.67 41.42
C GLU D 225 10.42 -49.07 40.56
N CYS D 226 11.66 -49.38 40.95
CA CYS D 226 12.85 -49.08 40.16
C CYS D 226 13.49 -50.35 39.59
N TYR D 227 12.84 -51.50 39.76
CA TYR D 227 13.25 -52.74 39.10
C TYR D 227 13.55 -52.52 37.62
N HIS D 228 12.87 -51.57 36.99
CA HIS D 228 13.00 -51.36 35.55
C HIS D 228 13.96 -50.24 35.18
N CYS D 229 14.55 -49.56 36.17
CA CYS D 229 15.28 -48.34 35.86
C CYS D 229 16.60 -48.61 35.14
N GLY D 230 17.29 -49.70 35.51
CA GLY D 230 18.50 -50.07 34.81
C GLY D 230 18.28 -50.26 33.31
N PRO D 231 17.38 -51.18 32.95
CA PRO D 231 17.17 -51.48 31.52
C PRO D 231 16.46 -50.38 30.74
N ALA D 232 15.47 -49.74 31.35
CA ALA D 232 14.56 -48.84 30.65
C ALA D 232 14.98 -47.37 30.71
N HIS D 233 15.91 -47.01 31.61
CA HIS D 233 16.35 -45.62 31.78
C HIS D 233 17.87 -45.54 31.76
N PRO D 234 18.48 -45.53 30.57
CA PRO D 234 19.94 -45.42 30.52
C PRO D 234 20.44 -44.11 31.10
N GLY D 235 19.79 -42.98 30.78
CA GLY D 235 20.20 -41.70 31.33
C GLY D 235 19.87 -41.53 32.79
N PHE D 236 18.95 -42.35 33.31
CA PHE D 236 18.61 -42.34 34.72
C PHE D 236 19.28 -43.49 35.49
N ALA D 237 20.25 -44.16 34.86
CA ALA D 237 20.96 -45.26 35.48
C ALA D 237 22.32 -44.85 36.01
N ASP D 238 22.93 -43.81 35.44
CA ASP D 238 24.25 -43.31 35.88
C ASP D 238 24.14 -42.41 37.11
N SER D 239 23.32 -42.81 38.08
CA SER D 239 23.15 -42.11 39.36
C SER D 239 22.18 -42.90 40.20
N VAL D 240 21.74 -44.03 39.65
CA VAL D 240 21.12 -45.13 40.38
C VAL D 240 22.17 -45.96 41.11
N GLN D 241 22.04 -46.07 42.45
CA GLN D 241 22.55 -47.24 43.15
C GLN D 241 21.47 -48.00 43.90
N VAL D 242 21.47 -49.32 43.70
CA VAL D 242 20.59 -50.25 44.38
C VAL D 242 20.94 -50.39 45.87
N ASP D 243 22.18 -50.13 46.30
CA ASP D 243 22.41 -50.16 47.73
C ASP D 243 22.14 -48.80 48.43
N LYS D 244 21.89 -47.69 47.70
CA LYS D 244 21.46 -46.47 48.40
C LYS D 244 20.07 -46.03 47.98
N TYR D 245 19.09 -46.92 48.15
CA TYR D 245 17.74 -46.59 47.64
C TYR D 245 16.73 -47.38 48.44
N TRP D 246 15.76 -46.66 49.01
CA TRP D 246 14.79 -47.22 49.94
C TRP D 246 13.39 -46.77 49.54
N HIS D 247 12.45 -47.71 49.60
CA HIS D 247 11.05 -47.45 49.30
C HIS D 247 10.24 -47.81 50.55
N THR D 248 9.84 -46.81 51.32
CA THR D 248 9.09 -47.03 52.55
C THR D 248 7.65 -46.60 52.36
N THR D 249 6.72 -47.41 52.88
CA THR D 249 5.30 -47.10 52.80
C THR D 249 4.82 -46.39 54.05
N HIS D 250 3.81 -45.56 53.90
CA HIS D 250 3.33 -44.80 55.04
C HIS D 250 1.83 -44.92 55.18
N GLN D 251 1.12 -43.81 55.09
CA GLN D 251 -0.32 -43.76 55.31
C GLN D 251 -0.93 -43.23 54.02
N ASN D 252 -1.27 -44.15 53.10
CA ASN D 252 -1.81 -43.79 51.78
C ASN D 252 -0.79 -43.06 50.92
N TRP D 253 0.50 -43.18 51.26
CA TRP D 253 1.56 -42.70 50.39
C TRP D 253 2.82 -43.50 50.70
N THR D 254 3.80 -43.39 49.81
CA THR D 254 5.07 -44.08 49.95
C THR D 254 6.15 -43.09 49.55
N LEU D 255 7.36 -43.36 50.01
CA LEU D 255 8.51 -42.50 49.78
C LEU D 255 9.66 -43.35 49.25
N GLN D 256 10.19 -42.97 48.08
CA GLN D 256 11.40 -43.57 47.52
C GLN D 256 12.57 -42.63 47.73
N TYR D 257 13.51 -43.08 48.56
CA TYR D 257 14.66 -42.26 49.03
C TYR D 257 15.97 -42.88 48.54
N GLY D 258 16.84 -42.04 47.97
CA GLY D 258 18.13 -42.52 47.53
C GLY D 258 19.11 -41.37 47.40
N PHE D 259 20.37 -41.73 47.18
CA PHE D 259 21.44 -40.75 47.00
C PHE D 259 21.92 -40.81 45.56
N ALA D 260 22.14 -39.63 44.97
CA ALA D 260 22.53 -39.49 43.58
C ALA D 260 24.00 -39.14 43.46
N ARG D 261 24.47 -39.10 42.21
CA ARG D 261 25.86 -38.76 41.93
C ARG D 261 25.95 -37.61 40.93
N SER D 262 26.03 -37.89 39.61
CA SER D 262 26.21 -36.78 38.68
C SER D 262 25.60 -36.97 37.29
N SER D 263 25.15 -38.18 36.96
CA SER D 263 24.57 -38.45 35.61
C SER D 263 25.65 -38.54 34.55
N VAL D 273 27.20 -31.14 51.19
CA VAL D 273 28.45 -31.27 51.91
C VAL D 273 28.91 -32.73 51.93
N THR D 274 28.07 -33.61 51.36
CA THR D 274 28.39 -35.03 51.29
C THR D 274 27.94 -35.61 49.96
N ASP D 275 26.64 -35.56 49.67
CA ASP D 275 26.15 -35.97 48.36
C ASP D 275 24.67 -35.62 48.25
N PRO D 276 24.12 -35.53 47.02
CA PRO D 276 22.76 -35.04 46.85
C PRO D 276 21.72 -36.13 46.99
N GLU D 277 20.73 -35.91 47.85
CA GLU D 277 19.67 -36.94 48.03
C GLU D 277 18.52 -36.64 47.07
N PHE D 278 17.61 -37.59 46.92
CA PHE D 278 16.43 -37.42 46.09
C PHE D 278 15.24 -38.11 46.74
N HIS D 279 14.04 -37.55 46.51
CA HIS D 279 12.79 -38.04 47.06
C HIS D 279 11.78 -38.27 45.94
N GLY D 280 11.05 -39.37 46.05
CA GLY D 280 9.99 -39.67 45.12
C GLY D 280 8.78 -40.16 45.88
N PHE D 281 7.79 -39.28 46.05
CA PHE D 281 6.59 -39.62 46.80
C PHE D 281 5.51 -40.04 45.81
N TRP D 282 4.83 -41.14 46.13
CA TRP D 282 3.54 -41.45 45.53
C TRP D 282 2.46 -41.24 46.59
N THR D 283 1.39 -40.55 46.21
CA THR D 283 0.28 -40.26 47.11
C THR D 283 -1.03 -40.75 46.53
N TRP D 284 -1.90 -41.24 47.40
CA TRP D 284 -3.17 -41.79 46.94
C TRP D 284 -4.06 -40.68 46.37
N PRO D 285 -4.75 -40.93 45.24
CA PRO D 285 -4.70 -42.19 44.49
C PRO D 285 -3.55 -42.27 43.49
N CYS D 286 -3.18 -41.15 42.86
CA CYS D 286 -2.17 -41.25 41.81
C CYS D 286 -1.59 -39.89 41.49
N THR D 287 -0.97 -39.25 42.45
CA THR D 287 -0.15 -38.08 42.18
C THR D 287 1.20 -38.35 42.79
N MET D 288 2.26 -38.00 42.07
CA MET D 288 3.61 -38.33 42.50
C MET D 288 4.43 -37.05 42.53
N PHE D 289 5.14 -36.85 43.64
CA PHE D 289 5.93 -35.66 43.84
C PHE D 289 7.39 -36.08 43.91
N ASN D 290 8.21 -35.51 43.03
CA ASN D 290 9.63 -35.84 42.99
C ASN D 290 10.42 -34.61 43.38
N VAL D 291 11.33 -34.80 44.33
CA VAL D 291 12.29 -33.79 44.74
C VAL D 291 13.66 -34.30 44.32
N PRO D 292 14.16 -33.94 43.15
CA PRO D 292 15.41 -34.52 42.65
C PRO D 292 16.62 -33.95 43.38
N PRO D 293 17.82 -34.45 43.09
CA PRO D 293 19.02 -33.95 43.77
C PRO D 293 19.14 -32.43 43.67
N GLY D 294 19.54 -31.82 44.77
CA GLY D 294 19.53 -30.39 44.94
C GLY D 294 18.41 -29.90 45.84
N SER D 295 17.29 -30.62 45.85
CA SER D 295 16.16 -30.32 46.73
C SER D 295 15.60 -28.91 46.51
N ASN D 296 15.92 -28.26 45.38
CA ASN D 296 15.45 -26.92 45.08
C ASN D 296 14.43 -26.86 43.94
N PHE D 297 14.06 -28.01 43.37
CA PHE D 297 13.04 -28.02 42.32
C PHE D 297 12.25 -29.32 42.42
N MET D 298 11.14 -29.36 41.69
CA MET D 298 10.25 -30.52 41.76
C MET D 298 9.74 -30.88 40.36
N THR D 299 9.45 -32.16 40.18
CA THR D 299 8.57 -32.59 39.11
C THR D 299 7.41 -33.29 39.79
N VAL D 300 6.24 -33.19 39.18
CA VAL D 300 5.03 -33.76 39.76
C VAL D 300 4.26 -34.41 38.64
N ILE D 301 3.78 -35.62 38.89
CA ILE D 301 3.00 -36.38 37.92
C ILE D 301 1.56 -36.39 38.39
N TYR D 302 0.69 -35.78 37.60
CA TYR D 302 -0.74 -35.81 37.85
C TYR D 302 -1.36 -36.79 36.88
N GLU D 303 -2.09 -37.75 37.40
CA GLU D 303 -2.82 -38.70 36.59
C GLU D 303 -4.29 -38.35 36.70
N PHE D 304 -4.90 -38.01 35.57
CA PHE D 304 -6.32 -37.71 35.53
C PHE D 304 -6.98 -38.78 34.69
N PRO D 305 -7.55 -39.82 35.30
CA PRO D 305 -8.03 -40.95 34.51
C PRO D 305 -9.18 -40.53 33.60
N VAL D 306 -9.23 -41.13 32.41
CA VAL D 306 -10.28 -40.89 31.41
C VAL D 306 -11.20 -42.10 31.29
N ASP D 307 -10.64 -43.27 30.98
CA ASP D 307 -11.41 -44.51 31.02
C ASP D 307 -10.47 -45.65 31.40
N ALA D 308 -10.96 -46.89 31.32
CA ALA D 308 -10.19 -48.05 31.76
C ALA D 308 -8.81 -48.11 31.11
N GLU D 309 -8.66 -47.62 29.89
CA GLU D 309 -7.40 -47.75 29.15
C GLU D 309 -6.85 -46.39 28.74
N THR D 310 -7.32 -45.31 29.38
CA THR D 310 -6.89 -43.96 29.05
C THR D 310 -6.72 -43.16 30.33
N THR D 311 -5.60 -42.46 30.42
CA THR D 311 -5.25 -41.64 31.57
C THR D 311 -4.59 -40.40 31.04
N LEU D 312 -5.17 -39.24 31.34
CA LEU D 312 -4.53 -37.97 31.04
C LEU D 312 -3.45 -37.73 32.07
N GLN D 313 -2.27 -37.31 31.62
CA GLN D 313 -1.14 -37.07 32.49
C GLN D 313 -0.69 -35.63 32.31
N HIS D 314 -0.43 -34.95 33.42
CA HIS D 314 0.37 -33.74 33.43
C HIS D 314 1.73 -34.09 34.02
N TYR D 315 2.78 -33.74 33.32
CA TYR D 315 4.11 -33.84 33.89
C TYR D 315 4.59 -32.40 34.06
N ASP D 316 4.55 -31.92 35.30
CA ASP D 316 4.89 -30.54 35.65
C ASP D 316 6.31 -30.50 36.19
N ILE D 317 7.10 -29.55 35.67
CA ILE D 317 8.42 -29.25 36.18
C ILE D 317 8.36 -27.88 36.85
N TYR D 318 8.82 -27.82 38.10
CA TYR D 318 8.73 -26.61 38.92
C TYR D 318 10.12 -26.17 39.35
N PHE D 319 10.44 -24.91 39.07
CA PHE D 319 11.63 -24.24 39.59
C PHE D 319 11.23 -23.02 40.43
N THR D 320 12.13 -22.60 41.33
CA THR D 320 11.85 -21.41 42.13
C THR D 320 12.15 -20.12 41.36
N ASN D 321 13.06 -20.18 40.39
CA ASN D 321 13.41 -19.01 39.60
C ASN D 321 12.42 -18.87 38.45
N GLU D 322 12.03 -17.63 38.14
CA GLU D 322 10.96 -17.38 37.18
C GLU D 322 11.44 -17.48 35.74
N GLU D 323 12.67 -17.02 35.49
CA GLU D 323 13.28 -17.08 34.14
C GLU D 323 14.26 -18.26 34.10
N LEU D 324 14.10 -19.15 33.13
CA LEU D 324 14.87 -20.39 33.10
C LEU D 324 16.31 -20.15 32.64
N THR D 325 17.25 -20.75 33.35
CA THR D 325 18.61 -20.85 32.85
C THR D 325 18.63 -21.78 31.64
N GLN D 326 19.73 -21.75 30.88
CA GLN D 326 19.76 -22.62 29.71
C GLN D 326 20.05 -24.06 30.08
N ASP D 327 20.65 -24.30 31.25
CA ASP D 327 20.76 -25.66 31.74
C ASP D 327 19.40 -26.20 32.18
N GLN D 328 18.53 -25.32 32.68
CA GLN D 328 17.19 -25.76 33.06
C GLN D 328 16.35 -26.04 31.83
N LYS D 329 16.48 -25.21 30.78
CA LYS D 329 15.74 -25.47 29.55
C LYS D 329 16.20 -26.77 28.92
N ASP D 330 17.47 -27.12 29.07
CA ASP D 330 17.96 -28.42 28.61
C ASP D 330 17.40 -29.54 29.48
N LEU D 331 17.41 -29.36 30.81
CA LEU D 331 16.83 -30.37 31.68
C LEU D 331 15.36 -30.56 31.33
N ILE D 332 14.68 -29.50 30.96
CA ILE D 332 13.26 -29.69 30.59
C ILE D 332 13.24 -30.53 29.32
N GLU D 333 14.08 -30.19 28.34
CA GLU D 333 14.09 -30.98 27.08
C GLU D 333 14.55 -32.41 27.34
N TRP D 334 15.44 -32.66 28.30
CA TRP D 334 15.80 -34.05 28.65
C TRP D 334 14.55 -34.81 29.11
N TYR D 335 13.83 -34.29 30.11
CA TYR D 335 12.56 -34.87 30.56
C TYR D 335 11.60 -35.08 29.40
N ARG D 336 11.43 -34.09 28.56
CA ARG D 336 10.44 -34.16 27.46
C ARG D 336 10.75 -35.24 26.44
N ASN D 337 11.99 -35.31 25.98
CA ASN D 337 12.34 -36.14 24.82
C ASN D 337 13.03 -37.44 25.18
N VAL D 338 13.62 -37.55 26.35
CA VAL D 338 14.38 -38.76 26.66
C VAL D 338 13.71 -39.52 27.79
N PHE D 339 13.51 -38.85 28.91
CA PHE D 339 13.07 -39.56 30.12
C PHE D 339 11.60 -39.96 30.04
N ARG D 340 10.70 -38.99 29.88
CA ARG D 340 9.28 -39.32 29.88
C ARG D 340 8.90 -40.29 28.76
N PRO D 341 9.43 -40.16 27.53
CA PRO D 341 9.09 -41.17 26.51
C PRO D 341 9.39 -42.59 26.95
N GLU D 342 10.43 -42.80 27.75
CA GLU D 342 10.72 -44.15 28.20
C GLU D 342 9.57 -44.71 29.04
N ASP D 343 9.09 -43.91 29.99
CA ASP D 343 7.99 -44.40 30.86
C ASP D 343 6.69 -44.55 30.07
N LEU D 344 6.41 -43.64 29.14
CA LEU D 344 5.19 -43.72 28.35
C LEU D 344 5.16 -44.98 27.50
N ASN D 345 6.27 -45.28 26.83
CA ASN D 345 6.33 -46.49 26.03
C ASN D 345 6.09 -47.74 26.87
N LEU D 346 6.68 -47.77 28.07
CA LEU D 346 6.55 -48.94 28.92
C LEU D 346 5.10 -49.22 29.30
N VAL D 347 4.41 -48.22 29.85
CA VAL D 347 3.05 -48.47 30.31
C VAL D 347 2.10 -48.69 29.13
N GLU D 348 2.39 -48.08 27.98
CA GLU D 348 1.54 -48.35 26.82
C GLU D 348 1.73 -49.78 26.32
N SER D 349 2.97 -50.26 26.31
CA SER D 349 3.20 -51.64 25.88
C SER D 349 2.58 -52.62 26.88
N VAL D 350 2.66 -52.31 28.17
CA VAL D 350 2.06 -53.18 29.19
C VAL D 350 0.55 -53.21 29.05
N GLN D 351 -0.08 -52.04 28.84
CA GLN D 351 -1.53 -52.01 28.62
C GLN D 351 -1.92 -52.91 27.45
N ARG D 352 -1.15 -52.88 26.35
CA ARG D 352 -1.40 -53.79 25.24
C ARG D 352 -1.16 -55.25 25.62
N GLY D 353 -0.03 -55.53 26.28
CA GLY D 353 0.34 -56.91 26.55
C GLY D 353 -0.59 -57.63 27.50
N LEU D 354 -1.13 -56.93 28.50
CA LEU D 354 -1.86 -57.69 29.52
C LEU D 354 -3.25 -58.11 29.07
N LYS D 355 -3.74 -57.64 27.92
CA LYS D 355 -4.97 -58.19 27.36
C LYS D 355 -4.74 -59.51 26.63
N SER D 356 -3.49 -59.92 26.44
CA SER D 356 -3.21 -61.13 25.68
C SER D 356 -3.65 -62.38 26.43
N ARG D 357 -4.26 -63.31 25.69
CA ARG D 357 -4.54 -64.62 26.29
C ARG D 357 -3.25 -65.34 26.67
N GLY D 358 -2.10 -64.89 26.13
CA GLY D 358 -0.84 -65.48 26.55
C GLY D 358 -0.27 -64.92 27.83
N TYR D 359 -0.87 -63.86 28.34
CA TYR D 359 -0.49 -63.35 29.66
C TYR D 359 -1.35 -64.05 30.72
N ARG D 360 -0.72 -64.95 31.46
CA ARG D 360 -1.37 -65.67 32.55
C ARG D 360 -1.85 -64.65 33.57
N GLY D 361 -3.13 -64.32 33.51
CA GLY D 361 -3.82 -63.42 34.42
C GLY D 361 -3.12 -62.36 35.25
N GLN D 362 -2.15 -62.76 36.07
CA GLN D 362 -1.50 -61.85 37.01
C GLN D 362 0.01 -61.88 36.88
N GLY D 363 0.66 -60.83 37.37
CA GLY D 363 2.11 -60.71 37.32
C GLY D 363 2.73 -60.78 38.71
N ARG D 364 3.83 -61.51 38.81
CA ARG D 364 4.51 -61.65 40.11
C ARG D 364 5.22 -60.35 40.49
N ILE D 365 4.90 -59.85 41.68
CA ILE D 365 5.56 -58.67 42.23
C ILE D 365 6.89 -59.10 42.83
N MET D 366 7.98 -58.60 42.27
CA MET D 366 9.32 -59.09 42.59
C MET D 366 9.84 -58.38 43.84
N THR D 367 9.23 -58.71 44.99
CA THR D 367 9.72 -58.26 46.28
C THR D 367 10.88 -59.15 46.74
N ASP D 368 11.96 -58.53 47.23
CA ASP D 368 12.98 -59.32 47.89
C ASP D 368 12.98 -59.12 49.41
N LYS D 369 13.66 -60.05 50.09
CA LYS D 369 13.84 -59.98 51.53
C LYS D 369 14.37 -58.62 51.98
N GLN D 370 15.43 -58.16 51.33
CA GLN D 370 16.16 -56.96 51.73
C GLN D 370 15.38 -55.66 51.52
N ARG D 371 14.32 -55.68 50.70
CA ARG D 371 13.64 -54.47 50.25
C ARG D 371 14.65 -53.52 49.59
N SER D 372 15.44 -54.09 48.68
CA SER D 372 16.52 -53.36 48.02
C SER D 372 15.93 -52.36 47.03
N GLY D 373 16.83 -51.63 46.34
CA GLY D 373 16.42 -50.60 45.41
C GLY D 373 15.71 -51.09 44.16
N ILE D 374 15.72 -52.39 43.89
CA ILE D 374 15.03 -52.96 42.74
C ILE D 374 13.88 -53.85 43.17
N SER D 375 13.54 -53.86 44.46
CA SER D 375 12.37 -54.60 44.93
C SER D 375 11.09 -53.90 44.46
N GLU D 376 10.09 -54.70 44.11
CA GLU D 376 8.79 -54.21 43.63
C GLU D 376 7.77 -54.14 44.75
N HIS D 377 8.21 -54.25 46.01
CA HIS D 377 7.25 -54.31 47.11
C HIS D 377 6.32 -53.11 47.11
N GLY D 378 6.79 -51.97 46.58
CA GLY D 378 5.94 -50.79 46.54
C GLY D 378 4.66 -51.00 45.76
N ILE D 379 4.72 -51.82 44.71
CA ILE D 379 3.51 -52.12 43.95
C ILE D 379 2.50 -52.82 44.85
N ALA D 380 2.96 -53.73 45.70
CA ALA D 380 2.05 -54.52 46.53
C ALA D 380 1.31 -53.65 47.53
N TYR D 381 1.96 -52.61 48.03
CA TYR D 381 1.28 -51.69 48.94
C TYR D 381 0.18 -50.93 48.22
N PHE D 382 0.50 -50.37 47.05
CA PHE D 382 -0.52 -49.66 46.29
C PHE D 382 -1.72 -50.57 46.02
N GLN D 383 -1.46 -51.77 45.51
CA GLN D 383 -2.55 -52.63 45.06
C GLN D 383 -3.36 -53.18 46.24
N HIS D 384 -2.74 -53.29 47.42
CA HIS D 384 -3.49 -53.65 48.62
C HIS D 384 -4.50 -52.56 48.99
N LEU D 385 -4.13 -51.29 48.80
CA LEU D 385 -5.07 -50.19 49.02
C LEU D 385 -6.21 -50.22 48.00
N VAL D 386 -5.86 -50.33 46.72
CA VAL D 386 -6.88 -50.44 45.66
C VAL D 386 -7.85 -51.57 45.96
N ALA D 387 -7.33 -52.74 46.37
CA ALA D 387 -8.21 -53.88 46.55
C ALA D 387 -9.31 -53.59 47.56
N GLN D 388 -9.05 -52.71 48.53
CA GLN D 388 -10.09 -52.42 49.51
C GLN D 388 -11.33 -51.82 48.87
N TYR D 389 -11.21 -51.28 47.65
CA TYR D 389 -12.36 -50.72 46.95
C TYR D 389 -13.11 -51.73 46.12
N HIS D 390 -12.70 -52.98 46.14
CA HIS D 390 -13.29 -54.05 45.35
C HIS D 390 -13.74 -55.18 46.26
N GLN D 391 -14.37 -54.84 47.38
CA GLN D 391 -14.98 -55.84 48.26
C GLN D 391 -16.43 -56.08 47.87
N ALA E 23 -35.50 -48.68 33.46
CA ALA E 23 -34.39 -48.59 32.52
C ALA E 23 -34.68 -47.55 31.44
N VAL E 24 -35.95 -47.45 31.05
CA VAL E 24 -36.38 -46.55 29.99
C VAL E 24 -36.75 -45.19 30.61
N GLU E 25 -36.15 -44.12 30.07
CA GLU E 25 -36.36 -42.78 30.58
C GLU E 25 -37.60 -42.17 29.94
N LYS E 26 -38.43 -41.54 30.76
CA LYS E 26 -39.72 -41.11 30.28
C LYS E 26 -40.03 -39.73 30.83
N LEU E 27 -40.90 -39.04 30.11
CA LEU E 27 -41.33 -37.69 30.46
C LEU E 27 -42.82 -37.69 30.69
N PRO E 28 -43.32 -36.76 31.53
CA PRO E 28 -44.77 -36.62 31.72
C PRO E 28 -45.44 -36.10 30.47
N GLU E 29 -46.73 -36.35 30.33
CA GLU E 29 -47.42 -35.82 29.13
C GLU E 29 -47.43 -34.29 29.18
N ASP E 30 -47.22 -33.69 30.35
CA ASP E 30 -47.35 -32.25 30.48
C ASP E 30 -46.01 -31.58 30.45
N PHE E 31 -44.99 -32.33 30.04
CA PHE E 31 -43.66 -31.76 29.99
C PHE E 31 -43.67 -30.53 29.10
N CYS E 32 -43.22 -29.42 29.67
CA CYS E 32 -43.23 -28.12 28.99
C CYS E 32 -44.59 -27.79 28.39
N ALA E 33 -45.70 -28.33 28.90
CA ALA E 33 -47.01 -27.85 28.47
C ALA E 33 -47.22 -26.41 28.89
N ASN E 34 -46.58 -25.98 29.97
CA ASN E 34 -46.70 -24.61 30.42
C ASN E 34 -45.38 -23.90 30.16
N PRO E 35 -45.23 -23.19 29.04
CA PRO E 35 -43.93 -22.56 28.75
C PRO E 35 -43.50 -21.51 29.77
N ASP E 36 -44.43 -20.91 30.53
CA ASP E 36 -44.05 -19.86 31.47
C ASP E 36 -43.26 -20.39 32.65
N VAL E 37 -43.47 -21.65 33.03
CA VAL E 37 -42.69 -22.31 34.09
C VAL E 37 -42.27 -23.65 33.51
N ALA E 38 -41.11 -23.67 32.85
CA ALA E 38 -40.66 -24.86 32.15
C ALA E 38 -39.16 -25.02 32.27
N TRP E 39 -38.70 -26.27 32.15
CA TRP E 39 -37.29 -26.62 32.13
C TRP E 39 -37.02 -27.54 30.95
N THR E 40 -35.78 -27.52 30.46
CA THR E 40 -35.36 -28.42 29.42
C THR E 40 -35.36 -29.84 29.94
N PHE E 41 -35.22 -30.84 29.00
CA PHE E 41 -35.18 -32.26 29.32
C PHE E 41 -34.19 -32.55 30.45
N PRO E 42 -34.47 -33.52 31.31
CA PRO E 42 -33.40 -34.15 32.08
C PRO E 42 -32.24 -34.52 31.15
N LYS E 43 -31.02 -34.35 31.64
CA LYS E 43 -29.85 -34.38 30.78
C LYS E 43 -29.72 -35.68 30.01
N VAL E 44 -30.28 -36.78 30.52
CA VAL E 44 -30.10 -38.06 29.87
C VAL E 44 -30.74 -38.08 28.47
N PHE E 45 -31.74 -37.22 28.25
CA PHE E 45 -32.38 -37.18 26.93
C PHE E 45 -31.47 -36.64 25.85
N TYR E 46 -30.46 -35.86 26.21
CA TYR E 46 -29.49 -35.40 25.22
C TYR E 46 -28.29 -36.35 25.05
N THR E 47 -28.14 -37.38 25.89
CA THR E 47 -26.92 -38.19 25.86
C THR E 47 -27.17 -39.69 25.75
N SER E 48 -28.34 -40.17 26.15
CA SER E 48 -28.58 -41.60 26.26
C SER E 48 -28.66 -42.27 24.90
N SER E 49 -28.00 -43.42 24.78
CA SER E 49 -28.09 -44.20 23.56
C SER E 49 -29.47 -44.81 23.40
N GLN E 50 -30.05 -45.32 24.49
CA GLN E 50 -31.42 -45.78 24.44
C GLN E 50 -32.34 -44.70 23.90
N VAL E 51 -32.22 -43.49 24.46
CA VAL E 51 -33.10 -42.40 24.03
C VAL E 51 -32.94 -42.15 22.54
N PHE E 52 -31.70 -42.11 22.06
CA PHE E 52 -31.52 -41.84 20.64
C PHE E 52 -32.16 -42.93 19.81
N GLU E 53 -31.87 -44.20 20.11
CA GLU E 53 -32.44 -45.27 19.29
C GLU E 53 -33.96 -45.19 19.30
N HIS E 54 -34.56 -44.72 20.38
CA HIS E 54 -36.02 -44.55 20.37
C HIS E 54 -36.43 -43.37 19.50
N GLU E 55 -35.74 -42.23 19.64
CA GLU E 55 -36.05 -41.10 18.75
C GLU E 55 -35.74 -41.45 17.30
N LYS E 56 -34.72 -42.28 17.07
CA LYS E 56 -34.35 -42.64 15.70
C LYS E 56 -35.48 -43.32 14.96
N GLU E 57 -36.16 -44.27 15.60
CA GLU E 57 -37.23 -45.03 14.97
C GLU E 57 -38.59 -44.39 15.16
N ALA E 58 -38.84 -43.82 16.35
CA ALA E 58 -40.17 -43.27 16.60
C ALA E 58 -40.37 -41.94 15.89
N ILE E 59 -39.31 -41.19 15.69
CA ILE E 59 -39.37 -39.87 15.07
C ILE E 59 -38.80 -39.91 13.66
N PHE E 60 -37.52 -40.24 13.54
CA PHE E 60 -36.84 -40.00 12.27
C PHE E 60 -37.12 -41.08 11.22
N ALA E 61 -37.57 -42.27 11.63
CA ALA E 61 -37.99 -43.27 10.67
C ALA E 61 -39.49 -43.19 10.39
N LYS E 62 -40.18 -42.27 11.05
CA LYS E 62 -41.62 -42.14 10.93
C LYS E 62 -42.05 -40.70 10.66
N SER E 63 -41.12 -39.81 10.32
CA SER E 63 -41.49 -38.43 10.02
C SER E 63 -40.94 -38.03 8.67
N TRP E 64 -41.55 -37.00 8.11
CA TRP E 64 -41.07 -36.46 6.85
C TRP E 64 -39.77 -35.70 7.13
N ILE E 65 -38.72 -36.10 6.45
CA ILE E 65 -37.38 -35.58 6.65
C ILE E 65 -36.98 -34.80 5.42
N CYS E 66 -36.78 -33.50 5.57
CA CYS E 66 -36.44 -32.67 4.43
C CYS E 66 -34.96 -32.87 4.07
N VAL E 67 -34.68 -33.05 2.79
CA VAL E 67 -33.33 -33.38 2.32
C VAL E 67 -32.78 -32.35 1.35
N ALA E 68 -33.63 -31.58 0.67
CA ALA E 68 -33.12 -30.70 -0.36
C ALA E 68 -34.18 -29.70 -0.81
N HIS E 69 -33.72 -28.65 -1.51
CA HIS E 69 -34.58 -27.79 -2.30
C HIS E 69 -34.91 -28.47 -3.62
N GLY E 70 -36.08 -28.13 -4.17
CA GLY E 70 -36.51 -28.78 -5.41
C GLY E 70 -35.53 -28.60 -6.54
N SER E 71 -34.80 -27.49 -6.56
CA SER E 71 -33.91 -27.19 -7.68
C SER E 71 -32.87 -28.28 -7.92
N GLU E 72 -32.48 -29.04 -6.88
CA GLU E 72 -31.50 -30.10 -7.07
C GLU E 72 -32.03 -31.28 -7.88
N LEU E 73 -33.35 -31.41 -7.99
CA LEU E 73 -33.96 -32.60 -8.57
C LEU E 73 -35.00 -32.21 -9.61
N ALA E 74 -34.77 -31.09 -10.29
CA ALA E 74 -35.80 -30.47 -11.13
C ALA E 74 -35.88 -31.11 -12.51
N GLN E 75 -34.79 -31.69 -13.01
CA GLN E 75 -34.72 -32.26 -14.34
C GLN E 75 -34.67 -33.79 -14.30
N PRO E 76 -35.20 -34.45 -15.34
CA PRO E 76 -35.08 -35.91 -15.41
C PRO E 76 -33.63 -36.35 -15.26
N ASN E 77 -33.43 -37.43 -14.52
CA ASN E 77 -32.15 -38.07 -14.22
C ASN E 77 -31.40 -37.34 -13.11
N ASP E 78 -31.87 -36.18 -12.65
CA ASP E 78 -31.25 -35.52 -11.51
C ASP E 78 -31.36 -36.44 -10.30
N TYR E 79 -30.28 -36.53 -9.53
CA TYR E 79 -30.34 -37.32 -8.31
C TYR E 79 -29.45 -36.67 -7.25
N ILE E 80 -29.79 -36.94 -5.99
CA ILE E 80 -28.95 -36.64 -4.84
C ILE E 80 -28.93 -37.85 -3.93
N THR E 81 -27.92 -37.90 -3.06
CA THR E 81 -27.81 -38.90 -2.02
C THR E 81 -27.73 -38.18 -0.67
N ARG E 82 -28.39 -38.75 0.33
CA ARG E 82 -28.38 -38.24 1.69
C ARG E 82 -28.13 -39.40 2.66
N LYS E 83 -27.61 -39.08 3.84
CA LYS E 83 -27.46 -40.06 4.89
C LYS E 83 -28.17 -39.54 6.13
N VAL E 84 -29.10 -40.31 6.67
CA VAL E 84 -29.79 -39.89 7.88
C VAL E 84 -30.14 -41.15 8.66
N ILE E 85 -29.91 -41.08 9.97
CA ILE E 85 -30.04 -42.18 10.91
C ILE E 85 -29.52 -43.50 10.35
N GLY E 86 -28.33 -43.48 9.74
CA GLY E 86 -27.68 -44.70 9.30
C GLY E 86 -28.13 -45.20 7.94
N GLU E 87 -28.97 -44.46 7.23
CA GLU E 87 -29.58 -44.84 5.96
C GLU E 87 -29.06 -43.94 4.85
N ASN E 88 -28.35 -44.53 3.89
CA ASN E 88 -27.88 -43.86 2.69
C ASN E 88 -29.00 -43.93 1.65
N ILE E 89 -29.54 -42.78 1.28
CA ILE E 89 -30.75 -42.69 0.47
C ILE E 89 -30.45 -41.97 -0.82
N VAL E 90 -31.02 -42.45 -1.92
CA VAL E 90 -30.95 -41.74 -3.19
C VAL E 90 -32.35 -41.25 -3.55
N ILE E 91 -32.46 -39.97 -3.87
CA ILE E 91 -33.67 -39.37 -4.41
C ILE E 91 -33.36 -39.03 -5.86
N ILE E 92 -34.22 -39.47 -6.77
CA ILE E 92 -33.91 -39.45 -8.20
C ILE E 92 -35.18 -39.16 -8.98
N ARG E 93 -35.07 -38.20 -9.89
CA ARG E 93 -36.12 -37.85 -10.84
C ARG E 93 -35.96 -38.78 -12.05
N GLY E 94 -36.95 -39.65 -12.24
CA GLY E 94 -36.89 -40.62 -13.32
C GLY E 94 -36.94 -39.96 -14.70
N LYS E 95 -36.73 -40.79 -15.71
CA LYS E 95 -36.84 -40.34 -17.09
C LYS E 95 -38.26 -39.90 -17.40
N ASP E 96 -39.24 -40.44 -16.69
CA ASP E 96 -40.64 -40.03 -16.78
C ASP E 96 -40.97 -38.79 -15.93
N SER E 97 -39.96 -38.09 -15.41
CA SER E 97 -40.15 -36.88 -14.61
C SER E 97 -40.79 -37.13 -13.26
N VAL E 98 -40.94 -38.38 -12.85
CA VAL E 98 -41.54 -38.72 -11.56
C VAL E 98 -40.44 -38.79 -10.51
N LEU E 99 -40.64 -38.06 -9.41
CA LEU E 99 -39.67 -38.05 -8.31
C LEU E 99 -39.80 -39.28 -7.43
N ARG E 100 -38.67 -39.94 -7.19
CA ARG E 100 -38.62 -41.17 -6.39
C ARG E 100 -37.45 -41.16 -5.41
N ALA E 101 -37.55 -42.02 -4.40
CA ALA E 101 -36.45 -42.18 -3.46
C ALA E 101 -36.22 -43.65 -3.16
N PHE E 102 -34.95 -44.04 -3.00
CA PHE E 102 -34.60 -45.43 -2.75
C PHE E 102 -33.50 -45.49 -1.69
N TYR E 103 -33.53 -46.56 -0.88
CA TYR E 103 -32.35 -46.91 -0.11
C TYR E 103 -31.23 -47.20 -1.10
N ASN E 104 -30.08 -46.58 -0.88
CA ASN E 104 -29.00 -46.58 -1.85
C ASN E 104 -28.17 -47.86 -1.66
N VAL E 105 -28.77 -48.99 -1.98
CA VAL E 105 -28.11 -50.28 -1.79
C VAL E 105 -28.62 -51.29 -2.83
N CYS E 106 -27.69 -51.94 -3.47
CA CYS E 106 -28.12 -52.92 -4.48
C CYS E 106 -28.83 -54.10 -3.85
N PRO E 107 -29.91 -54.63 -4.47
CA PRO E 107 -30.65 -55.78 -3.96
C PRO E 107 -29.90 -57.11 -4.10
N HIS E 108 -28.87 -57.15 -4.93
CA HIS E 108 -28.09 -58.41 -5.12
C HIS E 108 -27.21 -58.69 -3.90
N ARG E 109 -26.14 -57.94 -3.70
CA ARG E 109 -25.27 -58.28 -2.58
C ARG E 109 -24.82 -57.05 -1.77
N GLY E 110 -25.56 -55.94 -1.84
CA GLY E 110 -25.46 -54.88 -0.86
C GLY E 110 -24.49 -53.78 -1.13
N HIS E 111 -23.91 -53.71 -2.32
CA HIS E 111 -23.07 -52.58 -2.69
C HIS E 111 -23.91 -51.30 -2.84
N GLU E 112 -23.30 -50.17 -2.51
CA GLU E 112 -23.99 -48.90 -2.72
C GLU E 112 -24.16 -48.65 -4.22
N LEU E 113 -25.25 -47.99 -4.59
CA LEU E 113 -25.60 -47.87 -6.00
C LEU E 113 -25.13 -46.57 -6.65
N LEU E 114 -25.36 -45.42 -5.99
CA LEU E 114 -24.95 -44.12 -6.51
C LEU E 114 -24.20 -43.35 -5.44
N SER E 115 -23.35 -42.42 -5.90
CA SER E 115 -22.56 -41.60 -4.99
C SER E 115 -22.74 -40.12 -5.34
N GLY E 116 -22.66 -39.27 -4.30
CA GLY E 116 -22.71 -37.85 -4.54
C GLY E 116 -24.04 -37.40 -5.14
N SER E 117 -23.97 -36.41 -6.01
CA SER E 117 -25.16 -35.84 -6.64
C SER E 117 -24.84 -35.52 -8.09
N GLY E 118 -25.86 -35.61 -8.94
CA GLY E 118 -25.64 -35.25 -10.32
C GLY E 118 -26.70 -35.77 -11.27
N LYS E 119 -26.25 -36.27 -12.43
CA LYS E 119 -27.14 -36.75 -13.48
C LYS E 119 -26.94 -38.25 -13.65
N ALA E 120 -27.96 -39.02 -13.33
CA ALA E 120 -27.91 -40.45 -13.58
C ALA E 120 -27.99 -40.72 -15.08
N LYS E 121 -27.25 -41.74 -15.53
CA LYS E 121 -27.47 -42.27 -16.86
C LYS E 121 -28.83 -42.97 -16.90
N ASN E 122 -29.24 -43.40 -18.09
CA ASN E 122 -30.63 -43.80 -18.25
C ASN E 122 -30.98 -45.08 -17.49
N VAL E 123 -29.98 -45.84 -17.05
CA VAL E 123 -30.18 -46.90 -16.08
C VAL E 123 -29.12 -46.73 -15.00
N ILE E 124 -29.39 -47.29 -13.83
CA ILE E 124 -28.42 -47.33 -12.74
C ILE E 124 -27.67 -48.65 -12.83
N THR E 125 -26.35 -48.57 -12.96
CA THR E 125 -25.51 -49.76 -13.04
C THR E 125 -24.78 -49.92 -11.72
N CYS E 126 -25.11 -50.99 -11.02
CA CYS E 126 -24.42 -51.23 -9.74
C CYS E 126 -22.92 -51.39 -10.01
N PRO E 127 -22.04 -50.75 -9.23
CA PRO E 127 -20.61 -50.86 -9.43
C PRO E 127 -20.00 -52.25 -9.15
N TYR E 128 -20.70 -53.13 -8.45
CA TYR E 128 -20.13 -54.45 -8.08
C TYR E 128 -20.27 -55.50 -9.19
N HIS E 129 -21.49 -55.89 -9.56
CA HIS E 129 -21.72 -56.95 -10.57
C HIS E 129 -22.54 -56.45 -11.76
N ALA E 130 -22.69 -55.13 -11.85
CA ALA E 130 -23.28 -54.45 -13.00
C ALA E 130 -24.74 -54.85 -13.23
N TRP E 131 -25.49 -55.24 -12.19
CA TRP E 131 -26.94 -55.23 -12.35
C TRP E 131 -27.35 -53.82 -12.74
N THR E 132 -28.30 -53.71 -13.66
CA THR E 132 -28.81 -52.42 -14.09
C THR E 132 -30.25 -52.25 -13.66
N PHE E 133 -30.60 -51.03 -13.31
CA PHE E 133 -31.94 -50.71 -12.87
C PHE E 133 -32.45 -49.48 -13.61
N LYS E 134 -33.75 -49.45 -13.86
CA LYS E 134 -34.31 -48.22 -14.40
C LYS E 134 -34.40 -47.17 -13.29
N LEU E 135 -34.57 -45.91 -13.69
CA LEU E 135 -34.58 -44.83 -12.70
C LEU E 135 -35.78 -44.89 -11.78
N ASP E 136 -36.67 -45.85 -11.97
CA ASP E 136 -37.78 -46.10 -11.05
C ASP E 136 -37.48 -47.26 -10.12
N GLY E 137 -36.24 -47.76 -10.10
CA GLY E 137 -35.86 -48.82 -9.20
C GLY E 137 -36.04 -50.21 -9.78
N SER E 138 -36.83 -50.31 -10.85
CA SER E 138 -37.11 -51.59 -11.47
C SER E 138 -35.83 -52.22 -12.00
N LEU E 139 -35.67 -53.52 -11.73
CA LEU E 139 -34.55 -54.27 -12.30
C LEU E 139 -34.67 -54.30 -13.83
N ALA E 140 -33.63 -53.79 -14.50
CA ALA E 140 -33.55 -53.86 -15.95
C ALA E 140 -32.96 -55.18 -16.40
N LEU E 141 -31.73 -55.45 -15.99
CA LEU E 141 -31.01 -56.65 -16.37
C LEU E 141 -30.14 -57.08 -15.19
N ALA E 142 -30.35 -58.32 -14.72
CA ALA E 142 -29.44 -58.97 -13.78
C ALA E 142 -28.56 -59.91 -14.59
N ARG E 143 -27.31 -59.51 -14.81
CA ARG E 143 -26.37 -60.31 -15.58
C ARG E 143 -26.49 -61.79 -15.21
N ASN E 144 -26.66 -62.64 -16.23
CA ASN E 144 -26.64 -64.10 -16.13
C ASN E 144 -27.86 -64.67 -15.39
N CYS E 145 -28.82 -63.82 -15.00
CA CYS E 145 -30.05 -64.29 -14.36
C CYS E 145 -30.70 -65.44 -15.13
N ASP E 146 -30.61 -65.43 -16.47
CA ASP E 146 -31.27 -66.46 -17.28
C ASP E 146 -30.76 -67.85 -16.95
N HIS E 147 -29.55 -67.94 -16.39
CA HIS E 147 -28.96 -69.22 -16.05
C HIS E 147 -28.99 -69.47 -14.55
N VAL E 148 -29.70 -68.65 -13.79
CA VAL E 148 -29.83 -68.82 -12.35
C VAL E 148 -31.20 -69.42 -12.05
N GLU E 149 -31.19 -70.56 -11.36
CA GLU E 149 -32.42 -71.26 -11.04
C GLU E 149 -33.26 -70.42 -10.07
N SER E 150 -34.55 -70.29 -10.38
CA SER E 150 -35.51 -69.63 -9.50
C SER E 150 -35.07 -68.21 -9.17
N PHE E 151 -34.49 -67.52 -10.15
CA PHE E 151 -34.15 -66.12 -9.94
C PHE E 151 -35.44 -65.31 -9.78
N ASP E 152 -35.54 -64.58 -8.68
CA ASP E 152 -36.73 -63.80 -8.35
C ASP E 152 -36.60 -62.38 -8.87
N LYS E 153 -36.97 -62.17 -10.14
CA LYS E 153 -36.79 -60.85 -10.73
C LYS E 153 -37.69 -59.79 -10.10
N GLU E 154 -38.92 -60.15 -9.73
CA GLU E 154 -39.80 -59.14 -9.14
C GLU E 154 -39.30 -58.69 -7.77
N ASN E 155 -38.55 -59.55 -7.06
CA ASN E 155 -38.02 -59.28 -5.73
C ASN E 155 -36.59 -58.74 -5.76
N SER E 156 -36.11 -58.31 -6.93
CA SER E 156 -34.74 -57.83 -7.09
C SER E 156 -34.65 -56.37 -7.55
N SER E 157 -35.68 -55.59 -7.30
CA SER E 157 -35.63 -54.18 -7.62
C SER E 157 -35.12 -53.41 -6.41
N MET E 158 -34.71 -52.18 -6.67
CA MET E 158 -34.28 -51.22 -5.64
C MET E 158 -35.47 -51.00 -4.70
N VAL E 159 -35.18 -50.84 -3.43
CA VAL E 159 -36.22 -50.78 -2.41
C VAL E 159 -36.62 -49.30 -2.20
N PRO E 160 -37.88 -48.94 -2.41
CA PRO E 160 -38.24 -47.53 -2.34
C PRO E 160 -38.63 -47.05 -0.94
N LEU E 161 -38.65 -45.74 -0.81
CA LEU E 161 -39.30 -45.08 0.30
C LEU E 161 -40.05 -43.89 -0.27
N LYS E 162 -40.94 -43.33 0.54
CA LYS E 162 -41.79 -42.24 0.09
C LYS E 162 -40.98 -40.96 -0.04
N VAL E 163 -41.31 -40.16 -1.03
CA VAL E 163 -40.71 -38.85 -1.22
C VAL E 163 -41.83 -37.92 -1.59
N GLU E 164 -41.76 -36.68 -1.13
CA GLU E 164 -42.83 -35.74 -1.45
C GLU E 164 -42.19 -34.39 -1.69
N GLU E 165 -42.65 -33.71 -2.73
CA GLU E 165 -42.24 -32.35 -3.06
C GLU E 165 -43.21 -31.43 -2.33
N TYR E 166 -42.72 -30.58 -1.42
CA TYR E 166 -43.61 -29.77 -0.61
C TYR E 166 -42.96 -28.44 -0.28
N ALA E 167 -43.69 -27.35 -0.48
CA ALA E 167 -43.23 -26.00 -0.18
C ALA E 167 -41.99 -25.63 -0.99
N GLY E 168 -41.78 -26.29 -2.13
CA GLY E 168 -40.57 -26.07 -2.91
C GLY E 168 -39.36 -26.87 -2.45
N PHE E 169 -39.51 -27.72 -1.45
CA PHE E 169 -38.43 -28.56 -0.98
C PHE E 169 -38.82 -30.03 -1.14
N VAL E 170 -37.91 -30.92 -0.79
CA VAL E 170 -38.07 -32.35 -1.00
C VAL E 170 -37.98 -33.06 0.34
N PHE E 171 -38.97 -33.86 0.65
CA PHE E 171 -39.03 -34.60 1.90
C PHE E 171 -39.06 -36.10 1.62
N ILE E 172 -38.37 -36.90 2.44
CA ILE E 172 -38.51 -38.35 2.38
C ILE E 172 -39.15 -38.86 3.67
N ASN E 173 -39.66 -40.09 3.61
CA ASN E 173 -40.27 -40.73 4.78
C ASN E 173 -40.04 -42.23 4.68
N MET E 174 -39.47 -42.81 5.73
CA MET E 174 -39.16 -44.24 5.73
C MET E 174 -40.36 -45.10 6.12
N ASP E 175 -41.46 -44.48 6.57
CA ASP E 175 -42.66 -45.21 6.96
C ASP E 175 -43.58 -45.36 5.74
N GLU E 176 -43.75 -46.58 5.26
CA GLU E 176 -44.54 -46.76 4.06
C GLU E 176 -45.99 -46.29 4.26
N ASN E 177 -46.46 -46.25 5.52
CA ASN E 177 -47.82 -45.83 5.84
C ASN E 177 -47.94 -44.31 6.08
N ALA E 178 -46.90 -43.54 5.80
CA ALA E 178 -46.96 -42.09 5.96
C ALA E 178 -47.98 -41.49 4.99
N THR E 179 -48.54 -40.35 5.39
CA THR E 179 -49.53 -39.65 4.55
C THR E 179 -48.81 -38.67 3.65
N CYS E 180 -48.68 -37.43 4.12
CA CYS E 180 -48.08 -36.38 3.31
C CYS E 180 -47.49 -35.36 4.27
N VAL E 181 -46.61 -34.52 3.75
CA VAL E 181 -45.97 -33.51 4.58
C VAL E 181 -46.98 -32.55 5.21
N GLU E 182 -48.06 -32.23 4.48
CA GLU E 182 -49.02 -31.27 5.01
C GLU E 182 -49.64 -31.77 6.31
N ASP E 183 -49.83 -33.08 6.45
CA ASP E 183 -50.35 -33.63 7.71
C ASP E 183 -49.37 -33.41 8.88
N GLN E 184 -48.08 -33.27 8.58
CA GLN E 184 -47.07 -33.09 9.62
C GLN E 184 -46.84 -31.62 9.95
N LEU E 185 -46.92 -30.76 8.94
CA LEU E 185 -46.67 -29.32 9.09
C LEU E 185 -47.87 -28.54 8.57
N PRO E 186 -49.06 -28.75 9.15
CA PRO E 186 -50.26 -28.09 8.61
C PRO E 186 -50.07 -26.59 8.49
N GLY E 187 -50.23 -26.06 7.28
CA GLY E 187 -50.14 -24.65 6.99
C GLY E 187 -48.77 -24.12 6.68
N PHE E 188 -47.72 -24.93 6.79
CA PHE E 188 -46.37 -24.39 6.69
C PHE E 188 -46.04 -23.96 5.27
N ALA E 189 -46.35 -24.82 4.28
CA ALA E 189 -46.12 -24.39 2.91
C ALA E 189 -46.80 -23.06 2.65
N GLU E 190 -48.06 -22.93 3.08
CA GLU E 190 -48.78 -21.65 2.91
C GLU E 190 -47.98 -20.48 3.46
N ARG E 191 -47.62 -20.55 4.74
CA ARG E 191 -46.94 -19.43 5.37
C ARG E 191 -45.56 -19.21 4.76
N LEU E 192 -44.85 -20.29 4.41
CA LEU E 192 -43.52 -20.13 3.83
C LEU E 192 -43.58 -19.41 2.49
N ASN E 193 -44.56 -19.77 1.64
CA ASN E 193 -44.68 -19.11 0.34
C ASN E 193 -45.00 -17.64 0.50
N GLN E 194 -45.64 -17.27 1.60
CA GLN E 194 -45.86 -15.86 1.87
C GLN E 194 -44.58 -15.16 2.31
N ALA E 195 -43.66 -15.89 2.93
CA ALA E 195 -42.42 -15.27 3.41
C ALA E 195 -41.44 -15.01 2.28
N CYS E 196 -41.37 -15.93 1.32
CA CYS E 196 -40.45 -15.83 0.19
C CYS E 196 -41.22 -16.23 -1.05
N GLY E 197 -41.42 -15.28 -1.96
CA GLY E 197 -42.17 -15.57 -3.16
C GLY E 197 -41.32 -16.07 -4.31
N VAL E 198 -40.02 -16.30 -4.07
CA VAL E 198 -39.12 -16.66 -5.15
C VAL E 198 -38.49 -18.02 -4.85
N ILE E 199 -39.19 -18.83 -4.06
CA ILE E 199 -38.64 -20.12 -3.62
C ILE E 199 -38.33 -20.99 -4.83
N LYS E 200 -39.22 -20.96 -5.84
CA LYS E 200 -39.13 -21.90 -6.96
C LYS E 200 -37.93 -21.62 -7.85
N ASP E 201 -37.33 -20.43 -7.75
CA ASP E 201 -36.17 -20.09 -8.56
C ASP E 201 -34.87 -20.09 -7.77
N LEU E 202 -34.96 -20.44 -6.49
CA LEU E 202 -33.75 -20.51 -5.62
C LEU E 202 -32.83 -21.61 -6.14
N LYS E 203 -31.52 -21.38 -6.10
CA LYS E 203 -30.52 -22.37 -6.56
C LYS E 203 -29.46 -22.51 -5.46
N LEU E 204 -28.98 -23.73 -5.23
CA LEU E 204 -27.97 -23.98 -4.19
C LEU E 204 -26.69 -23.21 -4.51
N ALA E 205 -26.38 -22.18 -3.71
CA ALA E 205 -25.16 -21.42 -3.90
C ALA E 205 -24.01 -21.95 -3.06
N ALA E 206 -24.30 -22.48 -1.88
CA ALA E 206 -23.23 -22.99 -1.01
C ALA E 206 -23.86 -23.95 -0.03
N ARG E 207 -23.08 -24.94 0.37
CA ARG E 207 -23.47 -25.93 1.36
C ARG E 207 -22.32 -26.13 2.33
N PHE E 208 -22.59 -25.93 3.62
CA PHE E 208 -21.65 -26.26 4.68
C PHE E 208 -22.07 -27.59 5.30
N VAL E 209 -21.17 -28.58 5.25
CA VAL E 209 -21.38 -29.90 5.86
C VAL E 209 -20.50 -29.99 7.10
N THR E 210 -21.12 -30.24 8.24
CA THR E 210 -20.40 -30.35 9.51
C THR E 210 -20.98 -31.52 10.28
N GLU E 211 -20.12 -32.41 10.75
CA GLU E 211 -20.56 -33.42 11.71
C GLU E 211 -20.46 -32.80 13.10
N THR E 212 -21.59 -32.53 13.70
CA THR E 212 -21.58 -31.77 14.94
C THR E 212 -21.66 -32.72 16.12
N PRO E 213 -20.72 -32.64 17.09
CA PRO E 213 -20.83 -33.44 18.32
C PRO E 213 -21.81 -32.81 19.30
N ALA E 214 -23.08 -32.77 18.91
CA ALA E 214 -24.17 -32.38 19.78
C ALA E 214 -25.41 -33.19 19.44
N ASN E 215 -26.22 -33.49 20.46
CA ASN E 215 -27.51 -34.11 20.20
C ASN E 215 -28.34 -33.22 19.28
N TRP E 216 -29.13 -33.83 18.39
CA TRP E 216 -29.90 -33.03 17.45
C TRP E 216 -30.82 -32.06 18.21
N LYS E 217 -31.36 -32.49 19.35
CA LYS E 217 -32.24 -31.67 20.15
C LYS E 217 -31.51 -30.46 20.75
N VAL E 218 -30.20 -30.56 21.00
CA VAL E 218 -29.45 -29.39 21.47
C VAL E 218 -29.41 -28.33 20.38
N ILE E 219 -29.24 -28.75 19.13
CA ILE E 219 -29.15 -27.84 18.01
C ILE E 219 -30.49 -27.16 17.75
N VAL E 220 -31.59 -27.89 17.98
CA VAL E 220 -32.91 -27.28 17.84
C VAL E 220 -33.16 -26.28 18.97
N ASP E 221 -32.85 -26.65 20.21
CA ASP E 221 -32.92 -25.70 21.33
C ASP E 221 -32.29 -24.38 20.94
N ASN E 222 -31.05 -24.46 20.45
CA ASN E 222 -30.29 -23.27 20.09
C ASN E 222 -31.00 -22.42 19.07
N TYR E 223 -31.61 -23.05 18.06
CA TYR E 223 -32.30 -22.28 17.04
C TYR E 223 -33.56 -21.64 17.61
N MET E 224 -34.23 -22.30 18.54
CA MET E 224 -35.56 -21.90 19.00
C MET E 224 -35.56 -20.67 19.93
N GLU E 225 -34.41 -20.04 20.20
CA GLU E 225 -34.40 -18.84 21.03
C GLU E 225 -33.37 -17.85 20.53
N CYS E 226 -33.65 -16.57 20.73
CA CYS E 226 -32.70 -15.50 20.48
C CYS E 226 -32.17 -14.88 21.76
N TYR E 227 -32.47 -15.49 22.91
CA TYR E 227 -31.84 -15.09 24.18
C TYR E 227 -30.32 -14.99 24.05
N HIS E 228 -29.74 -15.80 23.17
CA HIS E 228 -28.26 -15.81 23.11
C HIS E 228 -27.70 -14.97 21.98
N CYS E 229 -28.56 -14.37 21.16
CA CYS E 229 -28.05 -13.72 19.95
C CYS E 229 -27.22 -12.47 20.30
N GLY E 230 -27.63 -11.73 21.32
CA GLY E 230 -26.88 -10.60 21.81
C GLY E 230 -25.48 -10.99 22.24
N PRO E 231 -25.41 -11.92 23.19
CA PRO E 231 -24.10 -12.34 23.72
C PRO E 231 -23.29 -13.20 22.76
N ALA E 232 -23.92 -14.09 22.00
CA ALA E 232 -23.19 -15.08 21.23
C ALA E 232 -22.94 -14.69 19.77
N HIS E 233 -23.66 -13.67 19.25
CA HIS E 233 -23.51 -13.22 17.86
C HIS E 233 -23.31 -11.72 17.83
N PRO E 234 -22.08 -11.25 18.07
CA PRO E 234 -21.85 -9.79 18.06
C PRO E 234 -22.15 -9.12 16.74
N GLY E 235 -21.70 -9.70 15.62
CA GLY E 235 -21.95 -9.11 14.31
C GLY E 235 -23.38 -9.25 13.79
N PHE E 236 -24.15 -10.19 14.33
CA PHE E 236 -25.53 -10.40 13.92
C PHE E 236 -26.52 -9.79 14.91
N ALA E 237 -26.06 -8.96 15.83
CA ALA E 237 -26.90 -8.45 16.91
C ALA E 237 -27.44 -7.05 16.68
N ASP E 238 -26.72 -6.17 15.97
CA ASP E 238 -27.24 -4.83 15.73
C ASP E 238 -28.21 -4.79 14.55
N SER E 239 -28.06 -5.72 13.59
CA SER E 239 -28.87 -5.71 12.38
C SER E 239 -30.27 -6.22 12.64
N VAL E 240 -30.72 -6.11 13.88
CA VAL E 240 -31.99 -6.68 14.29
C VAL E 240 -32.41 -6.03 15.60
N GLN E 241 -33.70 -5.71 15.66
CA GLN E 241 -34.42 -5.05 16.76
C GLN E 241 -35.02 -6.06 17.73
N VAL E 242 -34.65 -5.97 19.00
CA VAL E 242 -35.18 -6.86 20.04
C VAL E 242 -36.65 -6.55 20.45
N ASP E 243 -37.17 -5.36 20.17
CA ASP E 243 -38.59 -5.15 20.54
C ASP E 243 -39.47 -5.43 19.33
N LYS E 244 -38.85 -5.74 18.19
CA LYS E 244 -39.61 -6.06 16.96
C LYS E 244 -39.26 -7.51 16.62
N TYR E 245 -39.57 -8.43 17.56
CA TYR E 245 -39.25 -9.86 17.39
C TYR E 245 -40.32 -10.69 18.06
N TRP E 246 -40.90 -11.58 17.28
CA TRP E 246 -41.98 -12.42 17.81
C TRP E 246 -41.71 -13.86 17.39
N HIS E 247 -41.97 -14.77 18.31
CA HIS E 247 -41.84 -16.21 18.07
C HIS E 247 -43.21 -16.84 18.33
N THR E 248 -43.92 -17.15 17.27
CA THR E 248 -45.24 -17.74 17.41
C THR E 248 -45.16 -19.21 17.05
N THR E 249 -45.88 -20.04 17.81
CA THR E 249 -45.95 -21.47 17.55
C THR E 249 -47.18 -21.83 16.73
N HIS E 250 -47.07 -22.90 15.97
CA HIS E 250 -48.18 -23.30 15.11
C HIS E 250 -48.49 -24.78 15.27
N GLN E 251 -48.32 -25.57 14.23
CA GLN E 251 -48.61 -27.00 14.32
C GLN E 251 -47.37 -27.75 13.85
N ASN E 252 -46.49 -28.08 14.81
CA ASN E 252 -45.22 -28.75 14.58
C ASN E 252 -44.24 -27.88 13.80
N TRP E 253 -44.45 -26.56 13.83
CA TRP E 253 -43.45 -25.61 13.37
C TRP E 253 -43.69 -24.31 14.11
N THR E 254 -42.70 -23.43 14.05
CA THR E 254 -42.77 -22.14 14.71
C THR E 254 -42.17 -21.09 13.79
N LEU E 255 -42.49 -19.83 14.08
CA LEU E 255 -42.03 -18.72 13.25
C LEU E 255 -41.40 -17.67 14.15
N GLN E 256 -40.16 -17.32 13.85
CA GLN E 256 -39.50 -16.19 14.46
C GLN E 256 -39.49 -15.08 13.42
N TYR E 257 -40.28 -14.04 13.70
CA TYR E 257 -40.62 -12.95 12.79
C TYR E 257 -40.13 -11.64 13.39
N GLY E 258 -39.45 -10.84 12.58
CA GLY E 258 -39.01 -9.54 13.05
C GLY E 258 -38.63 -8.63 11.91
N PHE E 259 -38.39 -7.37 12.27
CA PHE E 259 -37.95 -6.32 11.34
C PHE E 259 -36.50 -5.96 11.68
N ALA E 260 -35.69 -5.73 10.65
CA ALA E 260 -34.26 -5.50 10.81
C ALA E 260 -33.88 -4.04 10.57
N ARG E 261 -32.94 -3.56 11.41
CA ARG E 261 -32.35 -2.21 11.34
C ARG E 261 -31.33 -2.21 10.18
N SER E 262 -31.52 -1.36 9.17
CA SER E 262 -30.56 -1.38 8.04
C SER E 262 -29.16 -1.01 8.55
N SER E 263 -28.15 -1.78 8.09
CA SER E 263 -26.68 -1.71 8.38
C SER E 263 -26.32 -0.65 9.41
N VAL E 273 -38.65 1.06 -1.59
CA VAL E 273 -38.93 -0.10 -0.75
C VAL E 273 -39.04 0.35 0.71
N THR E 274 -39.61 -0.50 1.56
CA THR E 274 -39.98 -0.14 2.92
C THR E 274 -39.30 -1.11 3.90
N ASP E 275 -39.75 -1.11 5.14
CA ASP E 275 -39.34 -1.99 6.23
C ASP E 275 -38.94 -3.38 5.69
N PRO E 276 -37.69 -3.81 5.91
CA PRO E 276 -37.34 -5.19 5.54
C PRO E 276 -37.52 -6.13 6.71
N GLU E 277 -38.31 -7.17 6.48
CA GLU E 277 -38.62 -8.20 7.45
C GLU E 277 -37.73 -9.43 7.24
N PHE E 278 -37.73 -10.31 8.23
CA PHE E 278 -36.99 -11.57 8.11
C PHE E 278 -37.81 -12.67 8.77
N HIS E 279 -37.64 -13.89 8.26
CA HIS E 279 -38.40 -15.05 8.72
C HIS E 279 -37.44 -16.18 9.11
N GLY E 280 -37.80 -16.88 10.18
CA GLY E 280 -37.07 -18.05 10.64
C GLY E 280 -38.03 -19.14 11.06
N PHE E 281 -38.21 -20.14 10.20
CA PHE E 281 -39.13 -21.24 10.46
C PHE E 281 -38.36 -22.43 11.02
N TRP E 282 -38.86 -23.00 12.10
CA TRP E 282 -38.43 -24.32 12.53
C TRP E 282 -39.59 -25.26 12.25
N THR E 283 -39.28 -26.39 11.64
CA THR E 283 -40.28 -27.39 11.32
C THR E 283 -39.90 -28.72 11.94
N TRP E 284 -40.90 -29.46 12.41
CA TRP E 284 -40.66 -30.75 13.04
C TRP E 284 -40.14 -31.74 12.00
N PRO E 285 -39.12 -32.56 12.34
CA PRO E 285 -38.40 -32.56 13.64
C PRO E 285 -37.27 -31.53 13.78
N CYS E 286 -36.51 -31.26 12.72
CA CYS E 286 -35.36 -30.38 12.90
C CYS E 286 -34.86 -29.85 11.56
N THR E 287 -35.72 -29.14 10.83
CA THR E 287 -35.30 -28.41 9.64
C THR E 287 -35.70 -26.97 9.86
N MET E 288 -34.81 -26.04 9.52
CA MET E 288 -35.03 -24.63 9.80
C MET E 288 -34.90 -23.89 8.50
N PHE E 289 -35.88 -23.03 8.22
CA PHE E 289 -35.89 -22.26 6.98
C PHE E 289 -35.83 -20.79 7.36
N ASN E 290 -34.82 -20.09 6.86
CA ASN E 290 -34.61 -18.69 7.17
C ASN E 290 -34.79 -17.88 5.90
N VAL E 291 -35.63 -16.84 5.99
CA VAL E 291 -35.81 -15.87 4.92
C VAL E 291 -35.35 -14.52 5.46
N PRO E 292 -34.11 -14.12 5.16
CA PRO E 292 -33.54 -12.90 5.72
C PRO E 292 -34.10 -11.66 5.04
N PRO E 293 -33.71 -10.47 5.50
CA PRO E 293 -34.22 -9.24 4.88
C PRO E 293 -33.99 -9.25 3.37
N GLY E 294 -35.00 -8.75 2.65
CA GLY E 294 -35.06 -8.81 1.21
C GLY E 294 -36.00 -9.87 0.70
N SER E 295 -36.14 -10.98 1.42
CA SER E 295 -37.07 -12.07 1.10
C SER E 295 -36.81 -12.67 -0.27
N ASN E 296 -35.62 -12.45 -0.84
CA ASN E 296 -35.28 -13.00 -2.15
C ASN E 296 -34.24 -14.12 -2.06
N PHE E 297 -33.81 -14.52 -0.87
CA PHE E 297 -32.90 -15.65 -0.75
C PHE E 297 -33.19 -16.40 0.55
N MET E 298 -32.62 -17.59 0.69
CA MET E 298 -32.89 -18.42 1.85
C MET E 298 -31.61 -19.12 2.31
N THR E 299 -31.54 -19.38 3.61
CA THR E 299 -30.64 -20.38 4.14
C THR E 299 -31.48 -21.44 4.84
N VAL E 300 -31.05 -22.68 4.76
CA VAL E 300 -31.79 -23.80 5.32
C VAL E 300 -30.83 -24.62 6.15
N ILE E 301 -31.27 -25.03 7.34
CA ILE E 301 -30.51 -25.88 8.21
C ILE E 301 -31.19 -27.24 8.22
N TYR E 302 -30.50 -28.25 7.71
CA TYR E 302 -30.95 -29.64 7.74
C TYR E 302 -30.15 -30.39 8.79
N GLU E 303 -30.85 -31.02 9.73
CA GLU E 303 -30.20 -31.83 10.76
C GLU E 303 -30.47 -33.30 10.49
N PHE E 304 -29.41 -34.04 10.22
CA PHE E 304 -29.50 -35.48 10.01
C PHE E 304 -28.79 -36.17 11.16
N PRO E 305 -29.51 -36.63 12.17
CA PRO E 305 -28.85 -37.16 13.37
C PRO E 305 -28.10 -38.45 13.07
N VAL E 306 -26.97 -38.62 13.74
CA VAL E 306 -26.13 -39.82 13.62
C VAL E 306 -26.28 -40.70 14.86
N ASP E 307 -26.00 -40.15 16.04
CA ASP E 307 -26.26 -40.84 17.29
C ASP E 307 -26.54 -39.78 18.37
N ALA E 308 -26.74 -40.24 19.61
CA ALA E 308 -27.13 -39.34 20.69
C ALA E 308 -26.21 -38.13 20.77
N GLU E 309 -24.94 -38.25 20.37
CA GLU E 309 -24.07 -37.11 20.55
C GLU E 309 -23.51 -36.60 19.22
N THR E 310 -24.11 -36.99 18.10
CA THR E 310 -23.64 -36.61 16.77
C THR E 310 -24.82 -36.32 15.85
N THR E 311 -24.74 -35.19 15.14
CA THR E 311 -25.76 -34.74 14.22
C THR E 311 -25.04 -34.17 13.01
N LEU E 312 -25.28 -34.76 11.85
CA LEU E 312 -24.79 -34.19 10.60
C LEU E 312 -25.64 -32.99 10.22
N GLN E 313 -25.01 -31.89 9.84
CA GLN E 313 -25.74 -30.67 9.45
C GLN E 313 -25.38 -30.28 8.03
N HIS E 314 -26.40 -29.90 7.27
CA HIS E 314 -26.22 -29.14 6.05
C HIS E 314 -26.69 -27.73 6.32
N TYR E 315 -25.85 -26.75 6.04
CA TYR E 315 -26.26 -25.35 6.04
C TYR E 315 -26.18 -24.89 4.59
N ASP E 316 -27.34 -24.76 3.96
CA ASP E 316 -27.48 -24.41 2.55
C ASP E 316 -27.81 -22.93 2.42
N ILE E 317 -27.11 -22.25 1.52
CA ILE E 317 -27.42 -20.88 1.14
C ILE E 317 -27.96 -20.91 -0.29
N TYR E 318 -29.15 -20.36 -0.48
CA TYR E 318 -29.84 -20.39 -1.77
C TYR E 318 -30.06 -18.97 -2.27
N PHE E 319 -29.58 -18.69 -3.48
CA PHE E 319 -29.85 -17.45 -4.19
C PHE E 319 -30.55 -17.77 -5.51
N THR E 320 -31.26 -16.78 -6.06
CA THR E 320 -31.94 -16.97 -7.34
C THR E 320 -30.98 -16.86 -8.52
N ASN E 321 -29.92 -16.08 -8.39
CA ASN E 321 -28.96 -15.92 -9.46
C ASN E 321 -27.89 -16.97 -9.34
N GLU E 322 -27.47 -17.51 -10.49
CA GLU E 322 -26.44 -18.55 -10.47
C GLU E 322 -25.05 -17.95 -10.30
N GLU E 323 -24.72 -16.95 -11.13
CA GLU E 323 -23.48 -16.21 -10.93
C GLU E 323 -23.66 -15.26 -9.74
N LEU E 324 -22.80 -15.39 -8.73
CA LEU E 324 -22.98 -14.66 -7.48
C LEU E 324 -22.20 -13.36 -7.49
N THR E 325 -22.83 -12.30 -6.98
CA THR E 325 -22.09 -11.06 -6.74
C THR E 325 -21.02 -11.30 -5.67
N GLN E 326 -20.11 -10.34 -5.57
CA GLN E 326 -19.02 -10.50 -4.60
C GLN E 326 -19.49 -10.25 -3.18
N ASP E 327 -20.61 -9.55 -3.02
CA ASP E 327 -21.26 -9.53 -1.71
C ASP E 327 -21.86 -10.90 -1.39
N GLN E 328 -22.33 -11.62 -2.40
CA GLN E 328 -22.85 -12.95 -2.17
C GLN E 328 -21.73 -13.95 -1.88
N LYS E 329 -20.63 -13.87 -2.64
CA LYS E 329 -19.50 -14.74 -2.33
C LYS E 329 -18.88 -14.36 -0.99
N ASP E 330 -18.88 -13.07 -0.67
CA ASP E 330 -18.40 -12.61 0.63
C ASP E 330 -19.38 -12.97 1.74
N LEU E 331 -20.69 -12.80 1.50
CA LEU E 331 -21.67 -13.15 2.52
C LEU E 331 -21.59 -14.64 2.87
N ILE E 332 -21.35 -15.49 1.87
CA ILE E 332 -21.19 -16.91 2.11
C ILE E 332 -20.03 -17.16 3.07
N GLU E 333 -18.92 -16.45 2.86
CA GLU E 333 -17.76 -16.67 3.72
C GLU E 333 -18.00 -16.13 5.13
N TRP E 334 -18.78 -15.06 5.27
CA TRP E 334 -19.16 -14.60 6.60
C TRP E 334 -20.04 -15.64 7.29
N TYR E 335 -20.98 -16.24 6.57
CA TYR E 335 -21.73 -17.35 7.13
C TYR E 335 -20.80 -18.49 7.55
N ARG E 336 -19.83 -18.80 6.69
CA ARG E 336 -18.98 -19.96 6.90
C ARG E 336 -17.99 -19.76 8.05
N ASN E 337 -17.36 -18.57 8.13
CA ASN E 337 -16.24 -18.33 9.02
C ASN E 337 -16.57 -17.50 10.25
N VAL E 338 -17.65 -16.73 10.22
CA VAL E 338 -18.01 -15.83 11.31
C VAL E 338 -19.29 -16.27 12.00
N PHE E 339 -20.37 -16.42 11.25
CA PHE E 339 -21.69 -16.65 11.81
C PHE E 339 -21.87 -18.08 12.32
N ARG E 340 -21.74 -19.06 11.43
CA ARG E 340 -22.01 -20.44 11.80
C ARG E 340 -21.07 -20.97 12.87
N PRO E 341 -19.77 -20.73 12.81
CA PRO E 341 -18.89 -21.21 13.88
C PRO E 341 -19.36 -20.80 15.27
N GLU E 342 -19.97 -19.62 15.41
CA GLU E 342 -20.43 -19.24 16.73
C GLU E 342 -21.51 -20.20 17.24
N ASP E 343 -22.44 -20.57 16.37
CA ASP E 343 -23.53 -21.49 16.79
C ASP E 343 -22.97 -22.89 16.99
N LEU E 344 -22.01 -23.29 16.17
CA LEU E 344 -21.41 -24.60 16.31
C LEU E 344 -20.67 -24.73 17.64
N ASN E 345 -19.90 -23.70 18.03
CA ASN E 345 -19.24 -23.74 19.35
C ASN E 345 -20.26 -23.82 20.48
N LEU E 346 -21.36 -23.07 20.37
CA LEU E 346 -22.38 -23.06 21.42
C LEU E 346 -22.93 -24.46 21.67
N VAL E 347 -23.41 -25.13 20.61
CA VAL E 347 -24.06 -26.41 20.85
C VAL E 347 -23.03 -27.47 21.27
N GLU E 348 -21.79 -27.37 20.79
CA GLU E 348 -20.76 -28.31 21.17
C GLU E 348 -20.37 -28.13 22.64
N SER E 349 -20.25 -26.88 23.10
CA SER E 349 -19.91 -26.66 24.51
C SER E 349 -21.04 -27.14 25.42
N VAL E 350 -22.30 -26.92 25.00
CA VAL E 350 -23.45 -27.39 25.76
C VAL E 350 -23.46 -28.91 25.83
N GLN E 351 -23.17 -29.58 24.71
CA GLN E 351 -23.17 -31.04 24.72
C GLN E 351 -22.19 -31.56 25.75
N ARG E 352 -21.00 -30.97 25.79
CA ARG E 352 -20.02 -31.35 26.81
C ARG E 352 -20.54 -31.01 28.20
N GLY E 353 -21.03 -29.78 28.37
CA GLY E 353 -21.37 -29.29 29.69
C GLY E 353 -22.49 -30.07 30.36
N LEU E 354 -23.45 -30.52 29.59
CA LEU E 354 -24.57 -31.14 30.31
C LEU E 354 -24.26 -32.55 30.77
N LYS E 355 -23.13 -33.13 30.36
CA LYS E 355 -22.75 -34.41 30.94
C LYS E 355 -22.13 -34.28 32.33
N SER E 356 -21.80 -33.07 32.77
CA SER E 356 -21.14 -32.90 34.06
C SER E 356 -22.09 -33.16 35.22
N ARG E 357 -21.57 -33.83 36.26
CA ARG E 357 -22.32 -33.97 37.49
C ARG E 357 -22.59 -32.61 38.13
N GLY E 358 -21.91 -31.55 37.69
CA GLY E 358 -22.22 -30.22 38.20
C GLY E 358 -23.39 -29.53 37.52
N TYR E 359 -23.89 -30.09 36.43
CA TYR E 359 -25.14 -29.61 35.84
C TYR E 359 -26.27 -30.33 36.54
N ARG E 360 -27.09 -29.57 37.30
CA ARG E 360 -28.08 -30.16 38.19
C ARG E 360 -28.99 -31.13 37.47
N GLY E 361 -29.21 -30.93 36.18
CA GLY E 361 -30.02 -31.87 35.43
C GLY E 361 -30.78 -31.22 34.30
N GLN E 362 -31.56 -30.19 34.60
CA GLN E 362 -32.37 -29.50 33.60
C GLN E 362 -32.05 -28.01 33.65
N GLY E 363 -32.31 -27.33 32.55
CA GLY E 363 -32.04 -25.91 32.46
C GLY E 363 -33.35 -25.16 32.41
N ARG E 364 -33.40 -24.04 33.14
CA ARG E 364 -34.61 -23.23 33.15
C ARG E 364 -34.81 -22.57 31.80
N ILE E 365 -35.98 -22.76 31.24
CA ILE E 365 -36.35 -22.07 30.01
C ILE E 365 -36.80 -20.66 30.37
N MET E 366 -36.07 -19.66 29.88
CA MET E 366 -36.30 -18.28 30.31
C MET E 366 -37.44 -17.67 29.50
N THR E 367 -38.64 -18.21 29.73
CA THR E 367 -39.87 -17.64 29.19
C THR E 367 -40.34 -16.48 30.05
N ASP E 368 -40.70 -15.36 29.41
CA ASP E 368 -41.35 -14.27 30.10
C ASP E 368 -42.82 -14.19 29.69
N LYS E 369 -43.61 -13.48 30.50
CA LYS E 369 -45.02 -13.31 30.22
C LYS E 369 -45.27 -12.55 28.92
N GLN E 370 -44.33 -11.66 28.56
CA GLN E 370 -44.47 -10.83 27.36
C GLN E 370 -44.22 -11.58 26.07
N ARG E 371 -43.50 -12.70 26.11
CA ARG E 371 -43.04 -13.39 24.90
C ARG E 371 -42.22 -12.44 24.01
N SER E 372 -41.23 -11.78 24.61
CA SER E 372 -40.35 -10.85 23.93
C SER E 372 -39.36 -11.58 23.01
N GLY E 373 -38.52 -10.79 22.33
CA GLY E 373 -37.52 -11.31 21.39
C GLY E 373 -36.41 -12.11 22.03
N ILE E 374 -36.28 -12.05 23.36
CA ILE E 374 -35.29 -12.81 24.09
C ILE E 374 -35.92 -13.89 24.95
N SER E 375 -37.23 -14.12 24.82
CA SER E 375 -37.87 -15.21 25.52
C SER E 375 -37.48 -16.57 24.91
N GLU E 376 -37.37 -17.58 25.76
CA GLU E 376 -36.99 -18.92 25.35
C GLU E 376 -38.20 -19.85 25.17
N HIS E 377 -39.41 -19.30 25.18
CA HIS E 377 -40.60 -20.12 25.15
C HIS E 377 -40.60 -21.08 23.96
N GLY E 378 -39.89 -20.74 22.89
CA GLY E 378 -39.83 -21.63 21.73
C GLY E 378 -39.23 -22.99 22.07
N ILE E 379 -38.29 -23.03 23.00
CA ILE E 379 -37.75 -24.31 23.42
C ILE E 379 -38.85 -25.17 24.03
N ALA E 380 -39.71 -24.58 24.86
CA ALA E 380 -40.75 -25.36 25.53
C ALA E 380 -41.74 -25.96 24.53
N TYR E 381 -42.03 -25.25 23.45
CA TYR E 381 -42.95 -25.83 22.48
C TYR E 381 -42.33 -27.05 21.82
N PHE E 382 -41.09 -26.91 21.36
CA PHE E 382 -40.37 -28.05 20.77
C PHE E 382 -40.26 -29.22 21.75
N GLN E 383 -39.87 -28.95 23.00
CA GLN E 383 -39.64 -30.05 23.93
C GLN E 383 -40.95 -30.69 24.38
N HIS E 384 -42.06 -29.92 24.40
CA HIS E 384 -43.36 -30.54 24.65
C HIS E 384 -43.73 -31.51 23.53
N LEU E 385 -43.39 -31.18 22.29
CA LEU E 385 -43.62 -32.10 21.18
C LEU E 385 -42.75 -33.35 21.33
N VAL E 386 -41.45 -33.16 21.55
CA VAL E 386 -40.56 -34.31 21.74
C VAL E 386 -41.07 -35.19 22.85
N ALA E 387 -41.52 -34.57 23.95
CA ALA E 387 -41.95 -35.32 25.13
C ALA E 387 -43.03 -36.33 24.80
N GLN E 388 -43.81 -36.07 23.74
CA GLN E 388 -44.88 -36.98 23.34
C GLN E 388 -44.35 -38.33 22.84
N TYR E 389 -43.08 -38.41 22.46
CA TYR E 389 -42.50 -39.67 22.05
C TYR E 389 -41.85 -40.43 23.21
N HIS E 390 -41.93 -39.91 24.43
CA HIS E 390 -41.28 -40.54 25.56
C HIS E 390 -42.26 -40.82 26.69
N GLN E 391 -43.42 -41.36 26.31
CA GLN E 391 -44.40 -41.85 27.27
C GLN E 391 -44.12 -43.33 27.56
N ALA F 23 -30.89 -63.19 22.12
CA ALA F 23 -30.96 -64.42 21.35
C ALA F 23 -29.72 -64.60 20.47
N VAL F 24 -29.15 -65.81 20.45
CA VAL F 24 -27.95 -66.09 19.68
C VAL F 24 -28.34 -66.50 18.28
N GLU F 25 -27.63 -65.95 17.29
CA GLU F 25 -27.94 -66.17 15.89
C GLU F 25 -27.40 -67.51 15.42
N LYS F 26 -28.27 -68.31 14.80
CA LYS F 26 -27.91 -69.63 14.30
C LYS F 26 -28.39 -69.79 12.87
N LEU F 27 -27.75 -70.69 12.15
CA LEU F 27 -28.03 -70.98 10.75
C LEU F 27 -28.46 -72.44 10.62
N PRO F 28 -29.22 -72.77 9.58
CA PRO F 28 -29.57 -74.17 9.35
C PRO F 28 -28.31 -74.94 8.96
N GLU F 29 -28.26 -76.24 9.26
CA GLU F 29 -27.03 -76.97 8.89
C GLU F 29 -26.93 -77.07 7.36
N ASP F 30 -28.06 -77.01 6.65
CA ASP F 30 -28.02 -77.12 5.17
C ASP F 30 -27.93 -75.73 4.55
N PHE F 31 -27.57 -74.71 5.33
CA PHE F 31 -27.43 -73.36 4.80
C PHE F 31 -26.44 -73.34 3.66
N CYS F 32 -26.86 -72.87 2.49
CA CYS F 32 -26.02 -72.96 1.30
C CYS F 32 -25.55 -74.39 0.98
N ALA F 33 -26.26 -75.44 1.43
CA ALA F 33 -25.86 -76.78 0.98
C ALA F 33 -26.08 -76.98 -0.51
N ASN F 34 -27.07 -76.29 -1.07
CA ASN F 34 -27.41 -76.36 -2.50
C ASN F 34 -27.00 -75.07 -3.16
N PRO F 35 -25.83 -75.01 -3.80
CA PRO F 35 -25.38 -73.73 -4.40
C PRO F 35 -26.29 -73.22 -5.50
N ASP F 36 -27.08 -74.10 -6.14
CA ASP F 36 -27.92 -73.70 -7.27
C ASP F 36 -29.04 -72.77 -6.85
N VAL F 37 -29.56 -72.90 -5.62
CA VAL F 37 -30.57 -72.01 -5.06
C VAL F 37 -30.11 -71.62 -3.67
N ALA F 38 -29.32 -70.54 -3.57
CA ALA F 38 -28.72 -70.18 -2.30
C ALA F 38 -28.67 -68.66 -2.12
N TRP F 39 -28.65 -68.23 -0.86
CA TRP F 39 -28.50 -66.84 -0.47
C TRP F 39 -27.40 -66.72 0.58
N THR F 40 -26.76 -65.54 0.62
CA THR F 40 -25.76 -65.24 1.62
C THR F 40 -26.38 -65.15 3.01
N PHE F 41 -25.51 -65.12 4.04
CA PHE F 41 -25.92 -65.00 5.43
C PHE F 41 -26.93 -63.86 5.59
N PRO F 42 -27.91 -64.00 6.48
CA PRO F 42 -28.62 -62.82 6.98
C PRO F 42 -27.63 -61.77 7.49
N LYS F 43 -27.96 -60.49 7.28
CA LYS F 43 -26.97 -59.43 7.43
C LYS F 43 -26.30 -59.43 8.81
N VAL F 44 -26.98 -59.96 9.84
CA VAL F 44 -26.42 -59.85 11.18
C VAL F 44 -25.11 -60.63 11.32
N PHE F 45 -24.91 -61.66 10.51
CA PHE F 45 -23.68 -62.39 10.61
C PHE F 45 -22.50 -61.56 10.15
N TYR F 46 -22.76 -60.54 9.34
CA TYR F 46 -21.71 -59.62 8.92
C TYR F 46 -21.54 -58.44 9.88
N THR F 47 -22.43 -58.26 10.87
CA THR F 47 -22.38 -57.04 11.69
C THR F 47 -22.37 -57.29 13.18
N SER F 48 -22.92 -58.41 13.63
CA SER F 48 -23.13 -58.60 15.05
C SER F 48 -21.80 -58.78 15.77
N SER F 49 -21.63 -58.06 16.87
CA SER F 49 -20.42 -58.26 17.66
C SER F 49 -20.46 -59.58 18.39
N GLN F 50 -21.65 -60.13 18.66
CA GLN F 50 -21.73 -61.44 19.28
C GLN F 50 -21.42 -62.56 18.28
N VAL F 51 -21.89 -62.44 17.03
CA VAL F 51 -21.46 -63.40 16.02
C VAL F 51 -19.95 -63.35 15.85
N PHE F 52 -19.37 -62.14 15.88
CA PHE F 52 -17.93 -62.06 15.71
C PHE F 52 -17.20 -62.77 16.84
N GLU F 53 -17.60 -62.52 18.09
CA GLU F 53 -16.93 -63.15 19.22
C GLU F 53 -17.02 -64.67 19.15
N HIS F 54 -18.12 -65.20 18.61
CA HIS F 54 -18.20 -66.65 18.46
C HIS F 54 -17.26 -67.12 17.36
N GLU F 55 -17.25 -66.42 16.22
CA GLU F 55 -16.32 -66.80 15.17
C GLU F 55 -14.89 -66.61 15.60
N LYS F 56 -14.64 -65.60 16.44
CA LYS F 56 -13.30 -65.36 16.95
C LYS F 56 -12.80 -66.58 17.72
N GLU F 57 -13.65 -67.13 18.58
CA GLU F 57 -13.20 -68.23 19.44
C GLU F 57 -13.43 -69.60 18.81
N ALA F 58 -14.53 -69.81 18.11
CA ALA F 58 -14.80 -71.13 17.53
C ALA F 58 -13.99 -71.38 16.27
N ILE F 59 -13.63 -70.31 15.56
CA ILE F 59 -12.92 -70.42 14.29
C ILE F 59 -11.48 -69.97 14.43
N PHE F 60 -11.25 -68.70 14.75
CA PHE F 60 -9.90 -68.16 14.59
C PHE F 60 -8.97 -68.52 15.74
N ALA F 61 -9.51 -68.90 16.90
CA ALA F 61 -8.67 -69.40 17.98
C ALA F 61 -8.54 -70.93 17.94
N LYS F 62 -9.16 -71.59 16.97
CA LYS F 62 -9.11 -73.05 16.90
C LYS F 62 -8.79 -73.55 15.50
N SER F 63 -8.35 -72.68 14.59
CA SER F 63 -8.02 -73.07 13.23
C SER F 63 -6.60 -72.63 12.95
N TRP F 64 -6.01 -73.28 11.96
CA TRP F 64 -4.68 -72.91 11.54
C TRP F 64 -4.77 -71.61 10.75
N ILE F 65 -4.04 -70.60 11.22
CA ILE F 65 -4.04 -69.26 10.67
C ILE F 65 -2.71 -69.03 9.99
N CYS F 66 -2.72 -68.82 8.67
CA CYS F 66 -1.49 -68.59 7.92
C CYS F 66 -1.01 -67.17 8.15
N VAL F 67 0.29 -67.02 8.40
CA VAL F 67 0.85 -65.73 8.78
C VAL F 67 1.96 -65.26 7.86
N ALA F 68 2.63 -66.16 7.13
CA ALA F 68 3.81 -65.73 6.38
C ALA F 68 4.24 -66.82 5.40
N HIS F 69 5.10 -66.42 4.45
CA HIS F 69 5.88 -67.35 3.66
C HIS F 69 7.10 -67.83 4.47
N GLY F 70 7.52 -69.07 4.22
CA GLY F 70 8.64 -69.63 4.97
C GLY F 70 9.89 -68.80 4.89
N SER F 71 10.07 -68.06 3.79
CA SER F 71 11.31 -67.31 3.62
C SER F 71 11.55 -66.30 4.75
N GLU F 72 10.49 -65.79 5.38
CA GLU F 72 10.67 -64.82 6.47
C GLU F 72 11.26 -65.47 7.73
N LEU F 73 11.25 -66.81 7.82
CA LEU F 73 11.60 -67.51 9.03
C LEU F 73 12.60 -68.62 8.73
N ALA F 74 13.45 -68.41 7.72
CA ALA F 74 14.25 -69.50 7.18
C ALA F 74 15.50 -69.77 7.99
N GLN F 75 16.04 -68.77 8.70
CA GLN F 75 17.30 -68.92 9.41
C GLN F 75 17.10 -68.92 10.92
N PRO F 76 18.00 -69.58 11.66
CA PRO F 76 17.97 -69.49 13.12
C PRO F 76 17.93 -68.04 13.57
N ASN F 77 17.09 -67.76 14.56
CA ASN F 77 16.88 -66.47 15.19
C ASN F 77 15.95 -65.55 14.38
N ASP F 78 15.57 -65.92 13.16
CA ASP F 78 14.59 -65.15 12.40
C ASP F 78 13.28 -65.10 13.17
N TYR F 79 12.64 -63.92 13.19
CA TYR F 79 11.35 -63.77 13.84
C TYR F 79 10.46 -62.79 13.08
N ILE F 80 9.17 -63.00 13.24
CA ILE F 80 8.17 -62.08 12.77
C ILE F 80 7.14 -61.92 13.89
N THR F 81 6.39 -60.83 13.80
CA THR F 81 5.27 -60.56 14.68
C THR F 81 4.03 -60.30 13.83
N ARG F 82 2.89 -60.77 14.31
CA ARG F 82 1.61 -60.61 13.69
C ARG F 82 0.61 -60.24 14.77
N LYS F 83 -0.52 -59.69 14.35
CA LYS F 83 -1.63 -59.46 15.25
C LYS F 83 -2.86 -60.10 14.66
N VAL F 84 -3.50 -61.02 15.40
CA VAL F 84 -4.73 -61.59 14.87
C VAL F 84 -5.70 -61.83 16.01
N ILE F 85 -6.97 -61.46 15.78
CA ILE F 85 -8.04 -61.50 16.76
C ILE F 85 -7.58 -61.04 18.14
N GLY F 86 -6.84 -59.92 18.19
CA GLY F 86 -6.46 -59.28 19.43
C GLY F 86 -5.20 -59.84 20.07
N GLU F 87 -4.52 -60.77 19.42
CA GLU F 87 -3.36 -61.44 19.97
C GLU F 87 -2.12 -61.00 19.22
N ASN F 88 -1.17 -60.40 19.94
CA ASN F 88 0.14 -60.06 19.40
C ASN F 88 0.99 -61.32 19.52
N ILE F 89 1.42 -61.87 18.38
CA ILE F 89 2.08 -63.17 18.34
C ILE F 89 3.46 -63.01 17.73
N VAL F 90 4.44 -63.72 18.29
CA VAL F 90 5.78 -63.76 17.75
C VAL F 90 6.07 -65.18 17.25
N ILE F 91 6.56 -65.28 16.03
CA ILE F 91 7.01 -66.55 15.44
C ILE F 91 8.50 -66.45 15.23
N ILE F 92 9.23 -67.46 15.69
CA ILE F 92 10.68 -67.34 15.82
C ILE F 92 11.33 -68.68 15.57
N ARG F 93 12.35 -68.67 14.71
CA ARG F 93 13.17 -69.84 14.41
C ARG F 93 14.31 -69.89 15.44
N GLY F 94 14.28 -70.92 16.29
CA GLY F 94 15.25 -71.04 17.36
C GLY F 94 16.67 -71.25 16.87
N LYS F 95 17.60 -71.05 17.83
CA LYS F 95 18.99 -71.44 17.64
C LYS F 95 19.12 -72.86 17.16
N ASP F 96 18.26 -73.74 17.66
CA ASP F 96 18.25 -75.14 17.25
C ASP F 96 17.51 -75.34 15.93
N SER F 97 17.16 -74.25 15.24
CA SER F 97 16.45 -74.29 13.98
C SER F 97 15.02 -74.79 14.14
N VAL F 98 14.53 -74.89 15.37
CA VAL F 98 13.15 -75.28 15.61
C VAL F 98 12.26 -74.04 15.55
N LEU F 99 11.26 -74.07 14.70
CA LEU F 99 10.30 -72.97 14.57
C LEU F 99 9.27 -73.05 15.68
N ARG F 100 9.08 -71.94 16.40
CA ARG F 100 8.18 -71.89 17.53
C ARG F 100 7.36 -70.61 17.45
N ALA F 101 6.24 -70.61 18.17
CA ALA F 101 5.41 -69.41 18.23
C ALA F 101 5.02 -69.11 19.66
N PHE F 102 5.00 -67.82 20.02
CA PHE F 102 4.65 -67.44 21.37
C PHE F 102 3.74 -66.22 21.35
N TYR F 103 2.83 -66.16 22.32
CA TYR F 103 2.17 -64.90 22.60
C TYR F 103 3.22 -63.88 23.02
N ASN F 104 3.20 -62.73 22.36
CA ASN F 104 4.26 -61.75 22.45
C ASN F 104 4.08 -60.86 23.68
N VAL F 105 4.16 -61.47 24.86
CA VAL F 105 3.96 -60.71 26.11
C VAL F 105 4.81 -61.35 27.20
N CYS F 106 5.49 -60.52 27.96
CA CYS F 106 6.38 -61.04 28.99
C CYS F 106 5.53 -61.62 30.12
N PRO F 107 5.92 -62.80 30.65
CA PRO F 107 5.16 -63.39 31.75
C PRO F 107 5.37 -62.72 33.11
N HIS F 108 6.30 -61.77 33.27
CA HIS F 108 6.39 -61.04 34.55
C HIS F 108 5.25 -60.04 34.69
N ARG F 109 5.28 -58.93 33.95
CA ARG F 109 4.24 -57.91 34.13
C ARG F 109 3.67 -57.37 32.81
N GLY F 110 3.76 -58.14 31.73
CA GLY F 110 2.95 -57.90 30.55
C GLY F 110 3.51 -56.99 29.49
N HIS F 111 4.76 -56.57 29.58
CA HIS F 111 5.33 -55.80 28.47
C HIS F 111 5.46 -56.70 27.24
N GLU F 112 5.34 -56.11 26.06
CA GLU F 112 5.58 -56.84 24.83
C GLU F 112 7.05 -57.16 24.69
N LEU F 113 7.34 -58.31 24.08
CA LEU F 113 8.71 -58.81 24.08
C LEU F 113 9.49 -58.38 22.85
N LEU F 114 8.90 -58.53 21.67
CA LEU F 114 9.56 -58.16 20.44
C LEU F 114 8.63 -57.33 19.58
N SER F 115 9.23 -56.52 18.71
CA SER F 115 8.50 -55.67 17.78
C SER F 115 8.97 -55.92 16.36
N GLY F 116 8.04 -55.80 15.42
CA GLY F 116 8.38 -55.93 14.01
C GLY F 116 8.83 -57.35 13.65
N SER F 117 9.81 -57.41 12.75
CA SER F 117 10.37 -58.63 12.19
C SER F 117 11.86 -58.41 12.05
N GLY F 118 12.63 -59.49 12.15
CA GLY F 118 14.08 -59.38 11.98
C GLY F 118 14.84 -60.57 12.54
N LYS F 119 16.02 -60.30 13.12
CA LYS F 119 16.89 -61.31 13.72
C LYS F 119 16.94 -61.09 15.23
N ALA F 120 16.38 -62.04 15.99
CA ALA F 120 16.55 -61.97 17.44
C ALA F 120 18.00 -62.24 17.81
N LYS F 121 18.45 -61.60 18.89
CA LYS F 121 19.69 -61.99 19.53
C LYS F 121 19.51 -63.40 20.07
N ASN F 122 20.53 -63.96 20.75
CA ASN F 122 20.38 -65.34 21.15
C ASN F 122 19.52 -65.50 22.40
N VAL F 123 19.22 -64.42 23.10
CA VAL F 123 18.15 -64.43 24.08
C VAL F 123 17.23 -63.27 23.80
N ILE F 124 15.99 -63.39 24.27
CA ILE F 124 15.02 -62.31 24.21
C ILE F 124 15.03 -61.59 25.56
N THR F 125 15.35 -60.31 25.54
CA THR F 125 15.35 -59.52 26.77
C THR F 125 14.11 -58.63 26.79
N CYS F 126 13.23 -58.88 27.74
CA CYS F 126 12.02 -58.02 27.85
C CYS F 126 12.48 -56.57 28.04
N PRO F 127 11.95 -55.59 27.32
CA PRO F 127 12.38 -54.22 27.51
C PRO F 127 12.11 -53.56 28.88
N TYR F 128 11.20 -54.11 29.69
CA TYR F 128 10.80 -53.46 30.95
C TYR F 128 11.78 -53.75 32.12
N HIS F 129 11.92 -55.01 32.54
CA HIS F 129 12.81 -55.37 33.67
C HIS F 129 13.88 -56.37 33.21
N ALA F 130 13.99 -56.57 31.89
CA ALA F 130 15.10 -57.30 31.31
C ALA F 130 15.15 -58.74 31.78
N TRP F 131 14.03 -59.36 32.10
CA TRP F 131 14.02 -60.82 32.12
C TRP F 131 14.49 -61.32 30.76
N THR F 132 15.24 -62.42 30.77
CA THR F 132 15.75 -63.00 29.54
C THR F 132 15.10 -64.34 29.28
N PHE F 133 14.87 -64.62 28.00
CA PHE F 133 14.27 -65.88 27.59
C PHE F 133 15.10 -66.49 26.49
N LYS F 134 15.21 -67.81 26.52
CA LYS F 134 15.78 -68.51 25.40
C LYS F 134 14.81 -68.45 24.22
N LEU F 135 15.34 -68.68 23.01
CA LEU F 135 14.44 -68.56 21.85
C LEU F 135 13.39 -69.65 21.82
N ASP F 136 13.39 -70.59 22.76
CA ASP F 136 12.32 -71.55 22.90
C ASP F 136 11.34 -71.17 24.01
N GLY F 137 11.43 -69.95 24.53
CA GLY F 137 10.48 -69.45 25.49
C GLY F 137 10.84 -69.70 26.95
N SER F 138 11.72 -70.66 27.24
CA SER F 138 12.09 -70.94 28.62
C SER F 138 12.69 -69.68 29.23
N LEU F 139 12.34 -69.44 30.48
CA LEU F 139 12.97 -68.39 31.24
C LEU F 139 14.47 -68.65 31.34
N ALA F 140 15.28 -67.68 30.91
CA ALA F 140 16.73 -67.78 31.12
C ALA F 140 17.08 -67.22 32.50
N LEU F 141 16.91 -65.92 32.68
CA LEU F 141 17.24 -65.28 33.96
C LEU F 141 16.26 -64.15 34.23
N ALA F 142 15.59 -64.21 35.37
CA ALA F 142 14.80 -63.11 35.89
C ALA F 142 15.66 -62.39 36.92
N ARG F 143 16.11 -61.19 36.58
CA ARG F 143 16.96 -60.42 37.49
C ARG F 143 16.41 -60.49 38.91
N ASN F 144 17.31 -60.65 39.88
CA ASN F 144 17.00 -60.69 41.31
C ASN F 144 16.08 -61.84 41.69
N CYS F 145 15.83 -62.75 40.75
CA CYS F 145 15.08 -63.97 41.04
C CYS F 145 15.52 -64.63 42.34
N ASP F 146 16.83 -64.69 42.60
CA ASP F 146 17.33 -65.47 43.73
C ASP F 146 16.80 -64.98 45.07
N HIS F 147 16.38 -63.72 45.17
CA HIS F 147 15.93 -63.10 46.41
C HIS F 147 14.43 -62.91 46.50
N VAL F 148 13.66 -63.50 45.59
CA VAL F 148 12.20 -63.42 45.63
C VAL F 148 11.68 -64.74 46.19
N GLU F 149 10.90 -64.66 47.27
CA GLU F 149 10.40 -65.86 47.92
C GLU F 149 9.44 -66.61 47.01
N SER F 150 9.63 -67.93 46.92
CA SER F 150 8.72 -68.82 46.20
C SER F 150 8.59 -68.42 44.73
N PHE F 151 9.67 -67.94 44.13
CA PHE F 151 9.63 -67.58 42.73
C PHE F 151 9.42 -68.86 41.91
N ASP F 152 8.40 -68.85 41.07
CA ASP F 152 7.99 -70.02 40.28
C ASP F 152 8.71 -69.98 38.93
N LYS F 153 9.93 -70.50 38.88
CA LYS F 153 10.70 -70.40 37.65
C LYS F 153 10.01 -71.09 36.49
N GLU F 154 9.48 -72.29 36.71
CA GLU F 154 8.52 -72.84 35.77
C GLU F 154 7.21 -72.09 35.91
N ASN F 155 6.63 -71.69 34.79
CA ASN F 155 5.48 -70.79 34.76
C ASN F 155 5.92 -69.34 34.70
N SER F 156 7.20 -69.11 34.46
CA SER F 156 7.72 -67.80 34.16
C SER F 156 8.35 -67.79 32.77
N SER F 157 7.98 -68.76 31.94
CA SER F 157 8.43 -68.84 30.56
C SER F 157 7.42 -68.21 29.64
N MET F 158 7.89 -67.77 28.47
CA MET F 158 6.98 -67.30 27.42
C MET F 158 5.97 -68.39 27.11
N VAL F 159 4.75 -67.98 26.78
CA VAL F 159 3.62 -68.89 26.59
C VAL F 159 3.50 -69.23 25.12
N PRO F 160 3.59 -70.49 24.74
CA PRO F 160 3.62 -70.86 23.32
C PRO F 160 2.24 -71.14 22.72
N LEU F 161 2.21 -71.18 21.40
CA LEU F 161 1.09 -71.72 20.66
C LEU F 161 1.63 -72.56 19.50
N LYS F 162 0.76 -73.35 18.88
CA LYS F 162 1.25 -74.25 17.84
C LYS F 162 1.63 -73.45 16.60
N VAL F 163 2.68 -73.88 15.92
CA VAL F 163 3.08 -73.33 14.64
C VAL F 163 3.52 -74.49 13.76
N GLU F 164 3.22 -74.41 12.47
CA GLU F 164 3.58 -75.49 11.57
C GLU F 164 3.90 -74.90 10.21
N GLU F 165 4.96 -75.40 9.59
CA GLU F 165 5.31 -75.03 8.23
C GLU F 165 4.61 -75.97 7.26
N TYR F 166 3.82 -75.41 6.35
CA TYR F 166 2.98 -76.19 5.44
C TYR F 166 2.86 -75.49 4.11
N ALA F 167 3.06 -76.25 3.03
CA ALA F 167 2.93 -75.77 1.66
C ALA F 167 3.90 -74.66 1.33
N GLY F 168 4.99 -74.56 2.09
CA GLY F 168 5.92 -73.47 1.96
C GLY F 168 5.52 -72.24 2.76
N PHE F 169 4.42 -72.30 3.51
CA PHE F 169 3.99 -71.15 4.31
C PHE F 169 3.96 -71.54 5.80
N VAL F 170 3.65 -70.56 6.65
CA VAL F 170 3.73 -70.72 8.09
C VAL F 170 2.35 -70.46 8.70
N PHE F 171 1.86 -71.40 9.47
CA PHE F 171 0.55 -71.32 10.11
C PHE F 171 0.70 -71.37 11.61
N ILE F 172 -0.10 -70.59 12.33
CA ILE F 172 -0.14 -70.69 13.77
C ILE F 172 -1.52 -71.20 14.17
N ASN F 173 -1.60 -71.74 15.39
CA ASN F 173 -2.87 -72.25 15.91
C ASN F 173 -2.84 -72.05 17.41
N MET F 174 -3.87 -71.36 17.92
CA MET F 174 -3.97 -71.05 19.34
C MET F 174 -4.54 -72.20 20.15
N ASP F 175 -5.09 -73.20 19.50
CA ASP F 175 -5.60 -74.39 20.18
C ASP F 175 -4.46 -75.41 20.21
N GLU F 176 -3.77 -75.51 21.34
CA GLU F 176 -2.61 -76.39 21.27
C GLU F 176 -2.95 -77.88 21.22
N ASN F 177 -4.24 -78.23 21.14
CA ASN F 177 -4.65 -79.59 20.81
C ASN F 177 -5.05 -79.75 19.35
N ALA F 178 -4.83 -78.72 18.52
CA ALA F 178 -5.06 -78.82 17.09
C ALA F 178 -4.11 -79.86 16.52
N THR F 179 -4.50 -80.48 15.40
CA THR F 179 -3.67 -81.52 14.84
C THR F 179 -2.63 -80.93 13.89
N CYS F 180 -2.96 -80.83 12.61
CA CYS F 180 -1.98 -80.38 11.65
C CYS F 180 -2.72 -79.69 10.51
N VAL F 181 -2.00 -78.86 9.77
CA VAL F 181 -2.63 -78.05 8.73
C VAL F 181 -3.26 -78.94 7.67
N GLU F 182 -2.60 -80.06 7.33
CA GLU F 182 -3.14 -80.94 6.30
C GLU F 182 -4.50 -81.48 6.70
N ASP F 183 -4.74 -81.68 8.00
CA ASP F 183 -6.07 -82.11 8.44
C ASP F 183 -7.12 -81.02 8.18
N GLN F 184 -6.70 -79.77 8.09
CA GLN F 184 -7.61 -78.66 7.82
C GLN F 184 -7.79 -78.41 6.33
N LEU F 185 -6.72 -78.61 5.56
CA LEU F 185 -6.70 -78.32 4.12
C LEU F 185 -6.26 -79.54 3.34
N PRO F 186 -6.95 -80.67 3.49
CA PRO F 186 -6.48 -81.91 2.83
C PRO F 186 -6.21 -81.70 1.36
N GLY F 187 -4.98 -82.00 0.94
CA GLY F 187 -4.61 -81.91 -0.45
C GLY F 187 -4.13 -80.56 -0.92
N PHE F 188 -4.18 -79.53 -0.07
CA PHE F 188 -3.90 -78.18 -0.57
C PHE F 188 -2.43 -78.01 -0.90
N ALA F 189 -1.52 -78.42 0.00
CA ALA F 189 -0.10 -78.33 -0.31
C ALA F 189 0.21 -79.05 -1.63
N GLU F 190 -0.31 -80.26 -1.79
CA GLU F 190 -0.05 -80.99 -3.04
C GLU F 190 -0.47 -80.18 -4.26
N ARG F 191 -1.66 -79.57 -4.22
CA ARG F 191 -2.15 -78.89 -5.42
C ARG F 191 -1.42 -77.56 -5.63
N LEU F 192 -1.11 -76.84 -4.52
CA LEU F 192 -0.40 -75.57 -4.65
C LEU F 192 0.99 -75.78 -5.24
N ASN F 193 1.70 -76.84 -4.80
CA ASN F 193 3.01 -77.13 -5.36
C ASN F 193 2.93 -77.50 -6.83
N GLN F 194 1.78 -77.98 -7.30
CA GLN F 194 1.58 -78.16 -8.73
C GLN F 194 1.32 -76.85 -9.46
N ALA F 195 0.72 -75.86 -8.77
CA ALA F 195 0.45 -74.59 -9.42
C ALA F 195 1.69 -73.74 -9.52
N CYS F 196 2.56 -73.81 -8.51
CA CYS F 196 3.75 -72.98 -8.45
C CYS F 196 4.89 -73.87 -8.03
N GLY F 197 5.88 -74.02 -8.90
CA GLY F 197 6.97 -74.91 -8.59
C GLY F 197 8.17 -74.27 -7.93
N VAL F 198 8.11 -72.99 -7.59
CA VAL F 198 9.29 -72.31 -7.06
C VAL F 198 8.94 -71.65 -5.73
N ILE F 199 7.96 -72.20 -5.02
CA ILE F 199 7.47 -71.56 -3.82
C ILE F 199 8.60 -71.37 -2.82
N LYS F 200 9.47 -72.38 -2.69
CA LYS F 200 10.64 -72.27 -1.83
C LYS F 200 11.54 -71.11 -2.21
N ASP F 201 11.60 -70.77 -3.49
CA ASP F 201 12.50 -69.69 -3.93
C ASP F 201 11.85 -68.32 -3.82
N LEU F 202 10.60 -68.23 -3.39
CA LEU F 202 9.95 -66.93 -3.28
C LEU F 202 10.56 -66.12 -2.15
N LYS F 203 10.60 -64.79 -2.35
CA LYS F 203 11.00 -63.80 -1.36
C LYS F 203 9.98 -62.66 -1.36
N LEU F 204 9.75 -62.09 -0.18
CA LEU F 204 8.75 -61.04 -0.04
C LEU F 204 9.20 -59.82 -0.83
N ALA F 205 8.44 -59.46 -1.88
CA ALA F 205 8.78 -58.29 -2.67
C ALA F 205 8.04 -57.04 -2.20
N ALA F 206 6.83 -57.17 -1.66
CA ALA F 206 6.03 -56.04 -1.21
C ALA F 206 4.93 -56.56 -0.31
N ARG F 207 4.54 -55.73 0.64
CA ARG F 207 3.42 -55.99 1.53
C ARG F 207 2.56 -54.75 1.59
N PHE F 208 1.27 -54.91 1.34
CA PHE F 208 0.29 -53.85 1.57
C PHE F 208 -0.46 -54.17 2.84
N VAL F 209 -0.35 -53.29 3.85
CA VAL F 209 -1.10 -53.47 5.08
C VAL F 209 -2.26 -52.48 5.02
N THR F 210 -3.48 -53.00 5.19
CA THR F 210 -4.68 -52.17 5.20
C THR F 210 -5.63 -52.68 6.26
N GLU F 211 -6.11 -51.78 7.10
CA GLU F 211 -7.21 -52.09 8.01
C GLU F 211 -8.52 -51.79 7.29
N THR F 212 -9.22 -52.83 6.91
CA THR F 212 -10.38 -52.72 6.05
C THR F 212 -11.66 -52.75 6.87
N PRO F 213 -12.52 -51.74 6.70
CA PRO F 213 -13.84 -51.70 7.37
C PRO F 213 -14.86 -52.61 6.69
N ALA F 214 -14.59 -53.90 6.72
CA ALA F 214 -15.56 -54.89 6.31
C ALA F 214 -15.35 -56.14 7.15
N ASN F 215 -16.44 -56.83 7.42
CA ASN F 215 -16.33 -58.14 8.07
C ASN F 215 -15.46 -59.07 7.22
N TRP F 216 -14.73 -59.97 7.89
CA TRP F 216 -13.81 -60.85 7.18
C TRP F 216 -14.52 -61.69 6.14
N LYS F 217 -15.76 -62.11 6.43
CA LYS F 217 -16.54 -62.93 5.48
C LYS F 217 -16.95 -62.16 4.23
N VAL F 218 -17.13 -60.83 4.33
CA VAL F 218 -17.42 -60.05 3.13
C VAL F 218 -16.23 -60.08 2.18
N ILE F 219 -15.01 -60.06 2.75
CA ILE F 219 -13.80 -60.06 1.93
C ILE F 219 -13.63 -61.43 1.26
N VAL F 220 -14.00 -62.51 1.97
CA VAL F 220 -13.94 -63.84 1.37
C VAL F 220 -15.02 -63.99 0.30
N ASP F 221 -16.27 -63.59 0.62
CA ASP F 221 -17.33 -63.54 -0.39
C ASP F 221 -16.80 -62.94 -1.67
N ASN F 222 -16.17 -61.76 -1.54
CA ASN F 222 -15.66 -61.04 -2.70
C ASN F 222 -14.63 -61.85 -3.49
N TYR F 223 -13.72 -62.55 -2.80
CA TYR F 223 -12.69 -63.32 -3.49
C TYR F 223 -13.31 -64.51 -4.20
N MET F 224 -14.39 -65.05 -3.64
CA MET F 224 -14.94 -66.32 -4.07
C MET F 224 -15.73 -66.25 -5.38
N GLU F 225 -15.81 -65.11 -6.07
CA GLU F 225 -16.52 -65.05 -7.34
C GLU F 225 -15.82 -64.08 -8.28
N CYS F 226 -15.91 -64.38 -9.57
CA CYS F 226 -15.45 -63.50 -10.62
C CYS F 226 -16.60 -62.89 -11.39
N TYR F 227 -17.83 -63.11 -10.92
CA TYR F 227 -18.97 -62.33 -11.38
C TYR F 227 -18.65 -60.86 -11.44
N HIS F 228 -17.78 -60.38 -10.57
CA HIS F 228 -17.50 -58.94 -10.47
C HIS F 228 -16.26 -58.49 -11.23
N CYS F 229 -15.57 -59.37 -11.95
CA CYS F 229 -14.31 -58.94 -12.54
C CYS F 229 -14.52 -58.07 -13.76
N GLY F 230 -15.53 -58.37 -14.57
CA GLY F 230 -15.86 -57.56 -15.71
C GLY F 230 -16.11 -56.11 -15.35
N PRO F 231 -17.08 -55.87 -14.46
CA PRO F 231 -17.41 -54.47 -14.13
C PRO F 231 -16.40 -53.74 -13.24
N ALA F 232 -15.83 -54.38 -12.21
CA ALA F 232 -14.99 -53.65 -11.26
C ALA F 232 -13.49 -53.77 -11.53
N HIS F 233 -13.08 -54.65 -12.44
CA HIS F 233 -11.67 -54.82 -12.77
C HIS F 233 -11.55 -54.71 -14.28
N PRO F 234 -11.60 -53.48 -14.81
CA PRO F 234 -11.47 -53.32 -16.27
C PRO F 234 -10.13 -53.80 -16.79
N GLY F 235 -9.04 -53.45 -16.10
CA GLY F 235 -7.71 -53.90 -16.48
C GLY F 235 -7.42 -55.35 -16.16
N PHE F 236 -8.21 -55.95 -15.28
CA PHE F 236 -8.09 -57.36 -14.95
C PHE F 236 -9.11 -58.20 -15.69
N ALA F 237 -9.78 -57.59 -16.66
CA ALA F 237 -10.81 -58.32 -17.44
C ALA F 237 -10.16 -58.90 -18.68
N ASP F 238 -9.10 -58.25 -19.16
CA ASP F 238 -8.35 -58.67 -20.38
C ASP F 238 -7.71 -60.05 -20.18
N SER F 239 -7.09 -60.27 -19.02
CA SER F 239 -6.45 -61.58 -18.73
C SER F 239 -7.50 -62.70 -18.64
N VAL F 240 -8.61 -62.43 -17.95
CA VAL F 240 -9.70 -63.42 -17.66
C VAL F 240 -10.53 -63.77 -18.89
N GLN F 241 -10.88 -65.05 -19.05
CA GLN F 241 -11.78 -65.52 -20.14
C GLN F 241 -12.94 -66.27 -19.47
N VAL F 242 -14.19 -65.89 -19.74
CA VAL F 242 -15.39 -66.48 -19.05
C VAL F 242 -15.57 -67.97 -19.37
N ASP F 243 -15.51 -68.38 -20.64
CA ASP F 243 -15.62 -69.80 -20.93
C ASP F 243 -14.29 -70.52 -20.67
N LYS F 244 -13.29 -69.81 -20.15
CA LYS F 244 -12.02 -70.51 -19.83
C LYS F 244 -11.64 -70.23 -18.37
N TYR F 245 -12.60 -70.38 -17.49
CA TYR F 245 -12.45 -70.15 -16.03
C TYR F 245 -13.35 -71.12 -15.25
N TRP F 246 -12.75 -71.83 -14.29
CA TRP F 246 -13.44 -72.83 -13.48
C TRP F 246 -13.18 -72.57 -12.00
N HIS F 247 -14.21 -72.75 -11.18
CA HIS F 247 -14.10 -72.66 -9.73
C HIS F 247 -14.51 -74.00 -9.14
N THR F 248 -13.55 -74.80 -8.73
CA THR F 248 -13.80 -76.12 -8.17
C THR F 248 -13.57 -76.08 -6.65
N THR F 249 -14.44 -76.76 -5.90
CA THR F 249 -14.32 -76.83 -4.46
C THR F 249 -13.63 -78.13 -4.05
N HIS F 250 -12.97 -78.08 -2.90
CA HIS F 250 -12.25 -79.25 -2.44
C HIS F 250 -12.60 -79.55 -1.00
N GLN F 251 -11.63 -79.52 -0.09
CA GLN F 251 -11.90 -79.82 1.31
C GLN F 251 -11.37 -78.65 2.12
N ASN F 252 -12.24 -77.69 2.42
CA ASN F 252 -11.89 -76.45 3.14
C ASN F 252 -10.99 -75.54 2.33
N TRP F 253 -10.97 -75.72 1.02
CA TRP F 253 -10.32 -74.77 0.14
C TRP F 253 -10.96 -74.93 -1.24
N THR F 254 -10.71 -73.95 -2.10
CA THR F 254 -11.25 -73.98 -3.43
C THR F 254 -10.19 -73.46 -4.38
N LEU F 255 -10.36 -73.76 -5.66
CA LEU F 255 -9.39 -73.35 -6.66
C LEU F 255 -10.13 -72.66 -7.80
N GLN F 256 -9.73 -71.42 -8.07
CA GLN F 256 -10.18 -70.67 -9.23
C GLN F 256 -9.05 -70.71 -10.25
N TYR F 257 -9.29 -71.41 -11.35
CA TYR F 257 -8.32 -71.72 -12.38
C TYR F 257 -8.79 -71.23 -13.74
N GLY F 258 -7.91 -70.60 -14.51
CA GLY F 258 -8.29 -70.17 -15.84
C GLY F 258 -7.08 -69.99 -16.73
N PHE F 259 -7.34 -69.73 -18.01
CA PHE F 259 -6.31 -69.45 -19.00
C PHE F 259 -6.38 -67.98 -19.40
N ALA F 260 -5.22 -67.34 -19.53
CA ALA F 260 -5.15 -65.91 -19.78
C ALA F 260 -4.76 -65.61 -21.23
N ARG F 261 -4.19 -64.42 -21.45
CA ARG F 261 -3.93 -63.90 -22.78
C ARG F 261 -2.64 -63.08 -22.72
N SER F 262 -1.55 -63.67 -23.21
CA SER F 262 -0.27 -62.99 -23.26
C SER F 262 -0.32 -61.83 -24.26
N VAL F 273 5.60 -71.85 -25.45
CA VAL F 273 4.74 -72.46 -24.42
C VAL F 273 3.34 -72.74 -24.97
N THR F 274 2.36 -72.30 -24.19
CA THR F 274 0.93 -72.45 -24.45
C THR F 274 0.23 -71.28 -23.78
N ASP F 275 -1.09 -71.31 -23.77
CA ASP F 275 -1.85 -70.29 -23.04
C ASP F 275 -1.42 -70.28 -21.57
N PRO F 276 -0.93 -69.16 -21.04
CA PRO F 276 -0.53 -69.13 -19.63
C PRO F 276 -1.75 -69.25 -18.72
N GLU F 277 -1.67 -70.19 -17.78
CA GLU F 277 -2.78 -70.45 -16.83
C GLU F 277 -2.56 -69.60 -15.58
N PHE F 278 -3.58 -69.56 -14.71
CA PHE F 278 -3.51 -68.87 -13.44
C PHE F 278 -4.33 -69.64 -12.41
N HIS F 279 -3.93 -69.52 -11.13
CA HIS F 279 -4.56 -70.21 -10.03
C HIS F 279 -4.95 -69.24 -8.93
N GLY F 280 -6.10 -69.48 -8.33
CA GLY F 280 -6.54 -68.69 -7.20
C GLY F 280 -7.11 -69.57 -6.13
N PHE F 281 -6.33 -69.84 -5.10
CA PHE F 281 -6.74 -70.72 -4.02
C PHE F 281 -7.31 -69.87 -2.88
N TRP F 282 -8.48 -70.25 -2.40
CA TRP F 282 -8.98 -69.79 -1.11
C TRP F 282 -8.86 -70.97 -0.14
N THR F 283 -8.33 -70.70 1.05
CA THR F 283 -8.23 -71.73 2.08
C THR F 283 -8.89 -71.26 3.38
N TRP F 284 -9.52 -72.21 4.06
CA TRP F 284 -10.20 -71.90 5.30
C TRP F 284 -9.18 -71.48 6.35
N PRO F 285 -9.46 -70.44 7.14
CA PRO F 285 -10.71 -69.68 7.09
C PRO F 285 -10.69 -68.55 6.05
N CYS F 286 -9.56 -67.87 5.92
CA CYS F 286 -9.49 -66.72 5.03
C CYS F 286 -8.05 -66.36 4.67
N THR F 287 -7.36 -67.26 4.00
CA THR F 287 -6.10 -66.95 3.34
C THR F 287 -6.25 -67.34 1.88
N MET F 288 -5.77 -66.49 0.98
CA MET F 288 -5.93 -66.74 -0.45
C MET F 288 -4.56 -66.68 -1.09
N PHE F 289 -4.26 -67.66 -1.94
CA PHE F 289 -2.98 -67.78 -2.62
C PHE F 289 -3.21 -67.70 -4.13
N ASN F 290 -2.54 -66.76 -4.79
CA ASN F 290 -2.69 -66.55 -6.21
C ASN F 290 -1.39 -66.81 -6.93
N VAL F 291 -1.46 -67.65 -7.95
CA VAL F 291 -0.33 -67.89 -8.85
C VAL F 291 -0.76 -67.38 -10.21
N PRO F 292 -0.43 -66.13 -10.57
CA PRO F 292 -0.91 -65.58 -11.84
C PRO F 292 -0.18 -66.17 -13.02
N PRO F 293 -0.58 -65.83 -14.24
CA PRO F 293 0.08 -66.38 -15.42
C PRO F 293 1.58 -66.21 -15.38
N GLY F 294 2.29 -67.23 -15.83
CA GLY F 294 3.72 -67.35 -15.67
C GLY F 294 4.10 -68.35 -14.60
N SER F 295 3.25 -68.49 -13.59
CA SER F 295 3.40 -69.50 -12.54
C SER F 295 4.73 -69.40 -11.79
N ASN F 296 5.45 -68.28 -11.91
CA ASN F 296 6.75 -68.09 -11.26
C ASN F 296 6.69 -67.09 -10.10
N PHE F 297 5.53 -66.56 -9.74
CA PHE F 297 5.42 -65.66 -8.60
C PHE F 297 4.06 -65.84 -7.95
N MET F 298 3.91 -65.25 -6.77
CA MET F 298 2.68 -65.42 -6.02
C MET F 298 2.30 -64.09 -5.37
N THR F 299 0.99 -63.88 -5.19
CA THR F 299 0.46 -62.91 -4.25
C THR F 299 -0.41 -63.68 -3.27
N VAL F 300 -0.40 -63.23 -2.01
CA VAL F 300 -1.14 -63.90 -0.96
C VAL F 300 -1.88 -62.85 -0.15
N ILE F 301 -3.15 -63.15 0.15
CA ILE F 301 -4.03 -62.30 0.92
C ILE F 301 -4.23 -62.98 2.25
N TYR F 302 -3.75 -62.34 3.33
CA TYR F 302 -3.98 -62.80 4.68
C TYR F 302 -5.05 -61.92 5.30
N GLU F 303 -6.06 -62.54 5.87
CA GLU F 303 -7.12 -61.82 6.55
C GLU F 303 -6.96 -62.06 8.03
N PHE F 304 -6.73 -60.98 8.78
CA PHE F 304 -6.63 -61.08 10.22
C PHE F 304 -7.79 -60.30 10.84
N PRO F 305 -8.89 -60.97 11.19
CA PRO F 305 -10.06 -60.25 11.67
C PRO F 305 -9.76 -59.51 12.97
N VAL F 306 -10.33 -58.30 13.09
CA VAL F 306 -10.21 -57.44 14.28
C VAL F 306 -11.52 -57.42 15.07
N ASP F 307 -12.61 -57.04 14.43
CA ASP F 307 -13.93 -57.14 15.02
C ASP F 307 -14.94 -57.35 13.89
N ALA F 308 -16.23 -57.34 14.25
CA ALA F 308 -17.29 -57.67 13.30
C ALA F 308 -17.19 -56.86 12.02
N GLU F 309 -16.68 -55.64 12.10
CA GLU F 309 -16.66 -54.78 10.93
C GLU F 309 -15.26 -54.32 10.60
N THR F 310 -14.23 -55.03 11.10
CA THR F 310 -12.84 -54.69 10.84
C THR F 310 -12.00 -55.92 10.60
N THR F 311 -11.18 -55.88 9.55
CA THR F 311 -10.30 -56.97 9.18
C THR F 311 -9.01 -56.35 8.70
N LEU F 312 -7.92 -56.66 9.38
CA LEU F 312 -6.60 -56.26 8.92
C LEU F 312 -6.17 -57.20 7.79
N GLN F 313 -5.61 -56.64 6.71
CA GLN F 313 -5.18 -57.44 5.58
C GLN F 313 -3.71 -57.24 5.25
N HIS F 314 -3.01 -58.34 5.01
CA HIS F 314 -1.72 -58.29 4.32
C HIS F 314 -1.92 -58.79 2.90
N TYR F 315 -1.48 -58.00 1.94
CA TYR F 315 -1.41 -58.42 0.54
C TYR F 315 0.08 -58.49 0.21
N ASP F 316 0.58 -59.72 0.13
CA ASP F 316 2.00 -59.95 -0.10
C ASP F 316 2.26 -60.30 -1.57
N ILE F 317 3.27 -59.68 -2.16
CA ILE F 317 3.74 -60.03 -3.48
C ILE F 317 5.12 -60.67 -3.32
N TYR F 318 5.27 -61.89 -3.84
CA TYR F 318 6.48 -62.71 -3.71
C TYR F 318 7.06 -62.96 -5.09
N PHE F 319 8.32 -62.60 -5.27
CA PHE F 319 9.07 -62.92 -6.47
C PHE F 319 10.27 -63.78 -6.08
N THR F 320 10.82 -64.49 -7.05
CA THR F 320 12.00 -65.30 -6.72
C THR F 320 13.25 -64.46 -6.66
N ASN F 321 13.30 -63.36 -7.40
CA ASN F 321 14.49 -62.52 -7.39
C ASN F 321 14.38 -61.41 -6.33
N GLU F 322 15.51 -61.12 -5.70
CA GLU F 322 15.54 -60.12 -4.66
C GLU F 322 15.58 -58.71 -5.23
N GLU F 323 16.41 -58.50 -6.26
CA GLU F 323 16.52 -57.21 -6.91
C GLU F 323 15.41 -57.12 -7.96
N LEU F 324 14.42 -56.28 -7.70
CA LEU F 324 13.25 -56.18 -8.58
C LEU F 324 13.61 -55.54 -9.91
N THR F 325 13.07 -56.13 -10.98
CA THR F 325 13.06 -55.46 -12.27
C THR F 325 12.05 -54.31 -12.28
N GLN F 326 12.16 -53.43 -13.28
CA GLN F 326 11.19 -52.35 -13.35
C GLN F 326 9.83 -52.85 -13.79
N ASP F 327 9.78 -53.98 -14.49
CA ASP F 327 8.48 -54.59 -14.78
C ASP F 327 7.83 -55.13 -13.53
N GLN F 328 8.63 -55.64 -12.60
CA GLN F 328 8.06 -56.15 -11.36
C GLN F 328 7.60 -55.01 -10.47
N LYS F 329 8.36 -53.91 -10.43
CA LYS F 329 7.94 -52.75 -9.67
C LYS F 329 6.67 -52.13 -10.23
N ASP F 330 6.48 -52.20 -11.56
CA ASP F 330 5.25 -51.70 -12.16
C ASP F 330 4.07 -52.55 -11.72
N LEU F 331 4.23 -53.87 -11.72
CA LEU F 331 3.15 -54.77 -11.33
C LEU F 331 2.78 -54.58 -9.86
N ILE F 332 3.79 -54.49 -9.00
CA ILE F 332 3.52 -54.20 -7.60
C ILE F 332 2.76 -52.90 -7.52
N GLU F 333 3.21 -51.90 -8.28
CA GLU F 333 2.52 -50.63 -8.16
C GLU F 333 1.13 -50.63 -8.77
N TRP F 334 0.92 -51.45 -9.79
CA TRP F 334 -0.41 -51.59 -10.33
C TRP F 334 -1.34 -52.23 -9.32
N TYR F 335 -0.85 -53.25 -8.63
CA TYR F 335 -1.63 -53.87 -7.55
C TYR F 335 -1.98 -52.85 -6.47
N ARG F 336 -1.01 -52.00 -6.12
CA ARG F 336 -1.20 -51.10 -4.99
C ARG F 336 -2.24 -50.04 -5.32
N ASN F 337 -2.16 -49.47 -6.52
CA ASN F 337 -2.95 -48.28 -6.85
C ASN F 337 -4.16 -48.55 -7.74
N VAL F 338 -4.21 -49.68 -8.44
CA VAL F 338 -5.31 -49.93 -9.35
C VAL F 338 -6.10 -51.14 -8.87
N PHE F 339 -5.44 -52.29 -8.77
CA PHE F 339 -6.17 -53.55 -8.58
C PHE F 339 -6.75 -53.64 -7.17
N ARG F 340 -5.90 -53.53 -6.15
CA ARG F 340 -6.39 -53.66 -4.78
C ARG F 340 -7.41 -52.59 -4.39
N PRO F 341 -7.23 -51.30 -4.71
CA PRO F 341 -8.26 -50.31 -4.37
C PRO F 341 -9.65 -50.67 -4.88
N GLU F 342 -9.76 -51.32 -6.03
CA GLU F 342 -11.07 -51.73 -6.52
C GLU F 342 -11.69 -52.76 -5.59
N ASP F 343 -10.89 -53.71 -5.14
CA ASP F 343 -11.41 -54.76 -4.23
C ASP F 343 -11.75 -54.13 -2.87
N LEU F 344 -10.87 -53.27 -2.38
CA LEU F 344 -11.12 -52.63 -1.09
C LEU F 344 -12.37 -51.77 -1.14
N ASN F 345 -12.54 -51.00 -2.23
CA ASN F 345 -13.75 -50.19 -2.35
C ASN F 345 -15.00 -51.04 -2.38
N LEU F 346 -14.97 -52.15 -3.10
CA LEU F 346 -16.14 -53.01 -3.15
C LEU F 346 -16.54 -53.49 -1.76
N VAL F 347 -15.59 -54.07 -1.02
CA VAL F 347 -15.97 -54.69 0.24
C VAL F 347 -16.37 -53.64 1.26
N GLU F 348 -15.78 -52.45 1.19
CA GLU F 348 -16.17 -51.39 2.12
C GLU F 348 -17.58 -50.90 1.82
N SER F 349 -17.92 -50.71 0.54
CA SER F 349 -19.28 -50.28 0.17
C SER F 349 -20.30 -51.33 0.56
N VAL F 350 -19.97 -52.60 0.36
CA VAL F 350 -20.89 -53.66 0.75
C VAL F 350 -21.11 -53.66 2.26
N GLN F 351 -20.04 -53.50 3.03
CA GLN F 351 -20.23 -53.43 4.47
C GLN F 351 -21.18 -52.30 4.86
N ARG F 352 -21.00 -51.12 4.26
CA ARG F 352 -21.95 -50.04 4.53
C ARG F 352 -23.36 -50.42 4.06
N GLY F 353 -23.48 -50.88 2.81
CA GLY F 353 -24.79 -51.08 2.26
C GLY F 353 -25.60 -52.13 3.01
N LEU F 354 -24.94 -53.16 3.52
CA LEU F 354 -25.76 -54.21 4.09
C LEU F 354 -26.31 -53.85 5.49
N LYS F 355 -25.91 -52.71 6.06
CA LYS F 355 -26.60 -52.31 7.27
C LYS F 355 -27.91 -51.58 6.99
N SER F 356 -28.17 -51.20 5.75
CA SER F 356 -29.37 -50.42 5.44
C SER F 356 -30.62 -51.24 5.65
N ARG F 357 -31.62 -50.62 6.25
CA ARG F 357 -32.92 -51.26 6.32
C ARG F 357 -33.49 -51.49 4.94
N GLY F 358 -32.92 -50.83 3.92
CA GLY F 358 -33.34 -51.10 2.56
C GLY F 358 -32.71 -52.33 1.94
N TYR F 359 -31.73 -52.94 2.60
CA TYR F 359 -31.20 -54.23 2.17
C TYR F 359 -32.06 -55.30 2.81
N ARG F 360 -32.88 -55.96 1.99
CA ARG F 360 -33.88 -56.96 2.46
C ARG F 360 -33.33 -57.93 3.50
N GLY F 361 -32.03 -58.21 3.51
CA GLY F 361 -31.47 -59.11 4.53
C GLY F 361 -30.38 -60.01 3.98
N GLN F 362 -30.67 -60.72 2.90
CA GLN F 362 -29.71 -61.62 2.27
C GLN F 362 -29.65 -61.31 0.79
N GLY F 363 -28.54 -61.67 0.18
CA GLY F 363 -28.30 -61.43 -1.24
C GLY F 363 -28.28 -62.73 -2.00
N ARG F 364 -28.84 -62.73 -3.19
CA ARG F 364 -28.89 -63.95 -3.99
C ARG F 364 -27.50 -64.33 -4.52
N ILE F 365 -27.08 -65.56 -4.26
CA ILE F 365 -25.82 -66.05 -4.83
C ILE F 365 -26.10 -66.53 -6.25
N MET F 366 -25.49 -65.85 -7.22
CA MET F 366 -25.82 -66.04 -8.63
C MET F 366 -25.01 -67.21 -9.21
N THR F 367 -25.39 -68.40 -8.75
CA THR F 367 -24.89 -69.65 -9.31
C THR F 367 -25.63 -70.02 -10.59
N ASP F 368 -24.90 -70.40 -11.64
CA ASP F 368 -25.55 -71.01 -12.80
C ASP F 368 -25.21 -72.49 -12.86
N LYS F 369 -26.09 -73.28 -13.51
CA LYS F 369 -25.81 -74.71 -13.49
C LYS F 369 -24.60 -75.11 -14.34
N GLN F 370 -24.15 -74.30 -15.32
CA GLN F 370 -22.86 -74.70 -15.89
C GLN F 370 -21.68 -74.45 -14.96
N ARG F 371 -21.82 -73.61 -13.92
CA ARG F 371 -20.66 -73.19 -13.13
C ARG F 371 -19.64 -72.50 -14.02
N SER F 372 -20.10 -71.49 -14.76
CA SER F 372 -19.23 -70.76 -15.66
C SER F 372 -18.30 -69.85 -14.88
N GLY F 373 -17.45 -69.12 -15.60
CA GLY F 373 -16.49 -68.25 -14.96
C GLY F 373 -17.07 -67.09 -14.19
N ILE F 374 -18.37 -66.82 -14.32
CA ILE F 374 -18.99 -65.74 -13.56
C ILE F 374 -20.02 -66.25 -12.57
N SER F 375 -20.06 -67.57 -12.34
CA SER F 375 -20.92 -68.15 -11.31
C SER F 375 -20.42 -67.80 -9.91
N GLU F 376 -21.36 -67.53 -8.99
CA GLU F 376 -21.03 -67.17 -7.61
C GLU F 376 -21.04 -68.38 -6.68
N HIS F 377 -21.08 -69.61 -7.24
CA HIS F 377 -21.27 -70.79 -6.39
C HIS F 377 -20.17 -70.91 -5.32
N GLY F 378 -18.97 -70.38 -5.57
CA GLY F 378 -17.93 -70.45 -4.55
C GLY F 378 -18.34 -69.81 -3.25
N ILE F 379 -19.17 -68.76 -3.31
CA ILE F 379 -19.68 -68.13 -2.10
C ILE F 379 -20.47 -69.13 -1.29
N ALA F 380 -21.28 -69.94 -1.97
CA ALA F 380 -22.14 -70.86 -1.27
C ALA F 380 -21.33 -71.90 -0.52
N TYR F 381 -20.22 -72.36 -1.11
CA TYR F 381 -19.37 -73.34 -0.44
C TYR F 381 -18.74 -72.75 0.81
N PHE F 382 -18.18 -71.54 0.70
CA PHE F 382 -17.63 -70.85 1.85
C PHE F 382 -18.68 -70.71 2.95
N GLN F 383 -19.86 -70.21 2.57
CA GLN F 383 -20.85 -69.89 3.59
C GLN F 383 -21.46 -71.14 4.20
N HIS F 384 -21.53 -72.24 3.43
CA HIS F 384 -21.98 -73.47 4.06
C HIS F 384 -21.02 -73.91 5.16
N LEU F 385 -19.71 -73.78 4.92
CA LEU F 385 -18.74 -74.14 5.95
C LEU F 385 -18.87 -73.24 7.18
N VAL F 386 -18.91 -71.92 6.98
CA VAL F 386 -19.08 -71.00 8.10
C VAL F 386 -20.30 -71.37 8.91
N ALA F 387 -21.38 -71.73 8.22
CA ALA F 387 -22.65 -72.02 8.89
C ALA F 387 -22.53 -73.17 9.87
N GLN F 388 -21.58 -74.09 9.64
CA GLN F 388 -21.40 -75.21 10.55
C GLN F 388 -20.97 -74.74 11.93
N TYR F 389 -20.43 -73.54 12.05
CA TYR F 389 -20.04 -73.00 13.33
C TYR F 389 -21.14 -72.22 14.02
N HIS F 390 -22.34 -72.15 13.43
CA HIS F 390 -23.45 -71.38 13.98
C HIS F 390 -24.67 -72.27 14.18
N GLN F 391 -24.43 -73.47 14.69
CA GLN F 391 -25.51 -74.38 15.07
C GLN F 391 -25.85 -74.17 16.55
N ALA G 23 3.13 -8.54 -48.71
CA ALA G 23 2.32 -7.56 -49.44
C ALA G 23 0.98 -7.30 -48.73
N VAL G 24 0.59 -6.04 -48.66
CA VAL G 24 -0.65 -5.64 -48.00
C VAL G 24 -1.78 -5.68 -49.03
N GLU G 25 -2.78 -6.54 -48.79
CA GLU G 25 -3.88 -6.69 -49.72
C GLU G 25 -4.77 -5.46 -49.70
N LYS G 26 -4.97 -4.86 -50.87
CA LYS G 26 -5.72 -3.62 -50.99
C LYS G 26 -6.95 -3.84 -51.86
N LEU G 27 -7.95 -2.98 -51.66
CA LEU G 27 -9.18 -3.07 -52.43
C LEU G 27 -9.46 -1.75 -53.16
N PRO G 28 -10.22 -1.80 -54.26
CA PRO G 28 -10.58 -0.56 -54.94
C PRO G 28 -11.52 0.27 -54.07
N GLU G 29 -11.39 1.58 -54.18
CA GLU G 29 -12.29 2.47 -53.47
C GLU G 29 -13.73 2.24 -53.86
N ASP G 30 -13.97 1.88 -55.13
CA ASP G 30 -15.32 1.66 -55.60
C ASP G 30 -15.76 0.21 -55.45
N PHE G 31 -15.04 -0.57 -54.65
CA PHE G 31 -15.40 -1.97 -54.44
C PHE G 31 -16.83 -2.06 -53.92
N CYS G 32 -17.66 -2.83 -54.60
CA CYS G 32 -19.09 -2.91 -54.31
C CYS G 32 -19.78 -1.54 -54.27
N ALA G 33 -19.24 -0.51 -54.96
CA ALA G 33 -19.99 0.74 -55.09
C ALA G 33 -21.26 0.54 -55.91
N ASN G 34 -21.27 -0.42 -56.81
CA ASN G 34 -22.47 -0.73 -57.59
C ASN G 34 -23.03 -2.08 -57.15
N PRO G 35 -24.00 -2.10 -56.23
CA PRO G 35 -24.51 -3.41 -55.76
C PRO G 35 -25.11 -4.28 -56.85
N ASP G 36 -25.54 -3.68 -57.97
CA ASP G 36 -26.18 -4.46 -59.03
C ASP G 36 -25.20 -5.39 -59.74
N VAL G 37 -23.93 -5.05 -59.79
CA VAL G 37 -22.90 -5.89 -60.39
C VAL G 37 -21.74 -5.95 -59.39
N ALA G 38 -21.81 -6.86 -58.43
CA ALA G 38 -20.82 -6.84 -57.37
C ALA G 38 -20.50 -8.25 -56.91
N TRP G 39 -19.27 -8.41 -56.38
CA TRP G 39 -18.79 -9.64 -55.80
C TRP G 39 -18.21 -9.36 -54.42
N THR G 40 -18.24 -10.37 -53.56
CA THR G 40 -17.65 -10.28 -52.23
C THR G 40 -16.13 -10.14 -52.34
N PHE G 41 -15.48 -9.84 -51.18
CA PHE G 41 -14.04 -9.72 -51.10
C PHE G 41 -13.33 -10.90 -51.74
N PRO G 42 -12.19 -10.69 -52.38
CA PRO G 42 -11.27 -11.81 -52.61
C PRO G 42 -11.06 -12.57 -51.31
N LYS G 43 -10.99 -13.90 -51.43
CA LYS G 43 -11.08 -14.80 -50.30
C LYS G 43 -10.05 -14.51 -49.22
N VAL G 44 -8.92 -13.88 -49.56
CA VAL G 44 -7.88 -13.65 -48.56
C VAL G 44 -8.34 -12.69 -47.46
N PHE G 45 -9.32 -11.83 -47.75
CA PHE G 45 -9.78 -10.87 -46.73
C PHE G 45 -10.55 -11.53 -45.60
N TYR G 46 -11.11 -12.70 -45.86
CA TYR G 46 -11.77 -13.51 -44.84
C TYR G 46 -10.81 -14.48 -44.11
N THR G 47 -9.55 -14.63 -44.56
CA THR G 47 -8.71 -15.68 -43.97
C THR G 47 -7.36 -15.17 -43.47
N SER G 48 -6.86 -14.09 -44.06
CA SER G 48 -5.49 -13.67 -43.81
C SER G 48 -5.34 -13.03 -42.42
N SER G 49 -4.35 -13.48 -41.67
CA SER G 49 -4.06 -12.86 -40.38
C SER G 49 -3.44 -11.47 -40.57
N GLN G 50 -2.75 -11.24 -41.70
CA GLN G 50 -2.28 -9.89 -41.98
C GLN G 50 -3.45 -8.94 -42.21
N VAL G 51 -4.47 -9.37 -42.97
CA VAL G 51 -5.65 -8.53 -43.15
C VAL G 51 -6.35 -8.33 -41.81
N PHE G 52 -6.47 -9.39 -41.01
CA PHE G 52 -7.17 -9.25 -39.74
C PHE G 52 -6.48 -8.26 -38.81
N GLU G 53 -5.15 -8.38 -38.67
CA GLU G 53 -4.42 -7.46 -37.82
C GLU G 53 -4.60 -6.03 -38.30
N HIS G 54 -4.79 -5.85 -39.61
CA HIS G 54 -5.07 -4.50 -40.07
C HIS G 54 -6.48 -4.07 -39.68
N GLU G 55 -7.48 -4.94 -39.88
CA GLU G 55 -8.83 -4.58 -39.45
C GLU G 55 -8.91 -4.41 -37.94
N LYS G 56 -8.11 -5.18 -37.21
CA LYS G 56 -8.12 -5.11 -35.75
C LYS G 56 -7.79 -3.69 -35.28
N GLU G 57 -6.78 -3.07 -35.88
CA GLU G 57 -6.30 -1.77 -35.43
C GLU G 57 -6.97 -0.62 -36.15
N ALA G 58 -7.25 -0.77 -37.45
CA ALA G 58 -7.87 0.30 -38.23
C ALA G 58 -9.37 0.40 -37.98
N ILE G 59 -10.01 -0.72 -37.64
CA ILE G 59 -11.45 -0.75 -37.43
C ILE G 59 -11.77 -0.90 -35.96
N PHE G 60 -11.34 -2.01 -35.35
CA PHE G 60 -11.90 -2.34 -34.05
C PHE G 60 -11.27 -1.59 -32.89
N ALA G 61 -10.07 -1.04 -33.07
CA ALA G 61 -9.48 -0.19 -32.07
C ALA G 61 -9.75 1.30 -32.33
N LYS G 62 -10.53 1.60 -33.38
CA LYS G 62 -10.82 2.98 -33.75
C LYS G 62 -12.30 3.22 -34.04
N SER G 63 -13.19 2.29 -33.69
CA SER G 63 -14.62 2.43 -33.91
C SER G 63 -15.34 2.25 -32.59
N TRP G 64 -16.58 2.72 -32.54
CA TRP G 64 -17.41 2.49 -31.38
C TRP G 64 -17.93 1.05 -31.41
N ILE G 65 -17.60 0.30 -30.36
CA ILE G 65 -17.93 -1.11 -30.27
C ILE G 65 -19.04 -1.30 -29.24
N CYS G 66 -20.19 -1.81 -29.68
CA CYS G 66 -21.30 -2.04 -28.76
C CYS G 66 -21.01 -3.24 -27.90
N VAL G 67 -21.23 -3.10 -26.60
CA VAL G 67 -20.90 -4.17 -25.67
C VAL G 67 -22.09 -4.63 -24.83
N ALA G 68 -23.14 -3.83 -24.67
CA ALA G 68 -24.21 -4.23 -23.76
C ALA G 68 -25.41 -3.31 -23.94
N HIS G 69 -26.54 -3.75 -23.41
CA HIS G 69 -27.70 -2.90 -23.18
C HIS G 69 -27.49 -2.09 -21.90
N GLY G 70 -28.06 -0.88 -21.85
CA GLY G 70 -27.86 -0.02 -20.71
C GLY G 70 -28.28 -0.65 -19.41
N SER G 71 -29.24 -1.57 -19.44
CA SER G 71 -29.76 -2.14 -18.20
C SER G 71 -28.66 -2.84 -17.38
N GLU G 72 -27.61 -3.37 -18.02
CA GLU G 72 -26.54 -4.04 -17.27
C GLU G 72 -25.69 -3.06 -16.47
N LEU G 73 -25.79 -1.78 -16.76
CA LEU G 73 -24.92 -0.78 -16.18
C LEU G 73 -25.69 0.42 -15.66
N ALA G 74 -26.92 0.21 -15.17
CA ALA G 74 -27.81 1.33 -14.84
C ALA G 74 -27.57 1.93 -13.45
N GLN G 75 -27.03 1.16 -12.52
CA GLN G 75 -26.87 1.62 -11.15
C GLN G 75 -25.41 1.90 -10.83
N PRO G 76 -25.18 2.81 -9.87
CA PRO G 76 -23.80 3.03 -9.40
C PRO G 76 -23.16 1.72 -9.00
N ASN G 77 -21.91 1.55 -9.37
CA ASN G 77 -21.10 0.38 -9.06
C ASN G 77 -21.39 -0.82 -9.98
N ASP G 78 -22.39 -0.75 -10.85
CA ASP G 78 -22.61 -1.82 -11.83
C ASP G 78 -21.40 -1.94 -12.75
N TYR G 79 -21.00 -3.17 -13.04
CA TYR G 79 -19.91 -3.37 -13.99
C TYR G 79 -20.16 -4.61 -14.84
N ILE G 80 -19.57 -4.60 -16.02
CA ILE G 80 -19.46 -5.79 -16.87
C ILE G 80 -18.04 -5.85 -17.39
N THR G 81 -17.67 -7.02 -17.88
CA THR G 81 -16.39 -7.22 -18.54
C THR G 81 -16.68 -7.79 -19.92
N ARG G 82 -15.90 -7.37 -20.90
CA ARG G 82 -15.98 -7.87 -22.25
C ARG G 82 -14.56 -8.17 -22.72
N LYS G 83 -14.46 -8.95 -23.78
CA LYS G 83 -13.18 -9.24 -24.41
C LYS G 83 -13.35 -9.03 -25.90
N VAL G 84 -12.55 -8.15 -26.48
CA VAL G 84 -12.64 -7.90 -27.91
C VAL G 84 -11.26 -7.53 -28.42
N ILE G 85 -10.92 -8.11 -29.58
CA ILE G 85 -9.62 -8.06 -30.24
C ILE G 85 -8.48 -8.17 -29.23
N GLY G 86 -8.62 -9.09 -28.30
CA GLY G 86 -7.56 -9.41 -27.37
C GLY G 86 -7.50 -8.53 -26.16
N GLU G 87 -8.45 -7.61 -26.00
CA GLU G 87 -8.45 -6.65 -24.90
C GLU G 87 -9.57 -7.00 -23.94
N ASN G 88 -9.20 -7.28 -22.70
CA ASN G 88 -10.12 -7.52 -21.61
C ASN G 88 -10.53 -6.17 -21.03
N ILE G 89 -11.80 -5.84 -21.15
CA ILE G 89 -12.29 -4.48 -20.82
C ILE G 89 -13.31 -4.55 -19.70
N VAL G 90 -13.25 -3.56 -18.81
CA VAL G 90 -14.20 -3.38 -17.73
C VAL G 90 -15.00 -2.12 -18.03
N ILE G 91 -16.32 -2.22 -17.99
CA ILE G 91 -17.21 -1.07 -18.10
C ILE G 91 -17.92 -0.94 -16.77
N ILE G 92 -17.85 0.25 -16.18
CA ILE G 92 -18.25 0.36 -14.78
C ILE G 92 -18.93 1.71 -14.54
N ARG G 93 -20.09 1.65 -13.90
CA ARG G 93 -20.81 2.85 -13.49
C ARG G 93 -20.28 3.29 -12.13
N GLY G 94 -19.66 4.47 -12.09
CA GLY G 94 -19.04 4.96 -10.87
C GLY G 94 -20.06 5.23 -9.76
N LYS G 95 -19.51 5.41 -8.55
CA LYS G 95 -20.32 5.90 -7.43
C LYS G 95 -20.93 7.25 -7.75
N ASP G 96 -20.22 8.07 -8.53
CA ASP G 96 -20.78 9.32 -8.99
C ASP G 96 -21.75 9.15 -10.16
N SER G 97 -22.13 7.91 -10.50
CA SER G 97 -23.05 7.62 -11.60
C SER G 97 -22.47 7.92 -12.98
N VAL G 98 -21.17 8.19 -13.11
CA VAL G 98 -20.57 8.44 -14.40
C VAL G 98 -20.08 7.10 -14.95
N LEU G 99 -20.50 6.76 -16.18
CA LEU G 99 -20.09 5.51 -16.82
C LEU G 99 -18.68 5.64 -17.36
N ARG G 100 -17.83 4.67 -17.06
CA ARG G 100 -16.44 4.69 -17.46
C ARG G 100 -16.04 3.31 -17.98
N ALA G 101 -14.96 3.26 -18.71
CA ALA G 101 -14.45 1.99 -19.19
C ALA G 101 -12.95 1.96 -19.00
N PHE G 102 -12.43 0.78 -18.64
CA PHE G 102 -11.00 0.59 -18.43
C PHE G 102 -10.51 -0.73 -18.99
N TYR G 103 -9.28 -0.71 -19.47
CA TYR G 103 -8.57 -1.96 -19.67
C TYR G 103 -8.47 -2.67 -18.33
N ASN G 104 -8.86 -3.94 -18.33
CA ASN G 104 -9.04 -4.74 -17.11
C ASN G 104 -7.70 -5.34 -16.69
N VAL G 105 -6.76 -4.47 -16.33
CA VAL G 105 -5.39 -4.91 -16.02
C VAL G 105 -4.78 -3.97 -14.97
N CYS G 106 -4.24 -4.56 -13.93
CA CYS G 106 -3.67 -3.71 -12.87
C CYS G 106 -2.45 -2.96 -13.38
N PRO G 107 -2.31 -1.67 -13.05
CA PRO G 107 -1.14 -0.88 -13.42
C PRO G 107 0.14 -1.27 -12.64
N HIS G 108 0.02 -2.02 -11.55
CA HIS G 108 1.22 -2.52 -10.84
C HIS G 108 1.90 -3.62 -11.67
N ARG G 109 1.40 -4.85 -11.61
CA ARG G 109 2.15 -5.91 -12.29
C ARG G 109 1.26 -6.77 -13.20
N GLY G 110 0.13 -6.22 -13.65
CA GLY G 110 -0.58 -6.75 -14.79
C GLY G 110 -1.61 -7.82 -14.50
N HIS G 111 -1.89 -8.12 -13.24
CA HIS G 111 -2.97 -9.05 -12.93
C HIS G 111 -4.30 -8.44 -13.36
N GLU G 112 -5.23 -9.30 -13.74
CA GLU G 112 -6.57 -8.83 -14.08
C GLU G 112 -7.31 -8.34 -12.84
N LEU G 113 -8.20 -7.36 -13.04
CA LEU G 113 -8.82 -6.70 -11.89
C LEU G 113 -10.19 -7.25 -11.54
N LEU G 114 -11.07 -7.37 -12.51
CA LEU G 114 -12.43 -7.84 -12.26
C LEU G 114 -12.77 -8.96 -13.23
N SER G 115 -13.71 -9.78 -12.80
CA SER G 115 -14.19 -10.92 -13.56
C SER G 115 -15.70 -10.90 -13.63
N GLY G 116 -16.23 -11.38 -14.76
CA GLY G 116 -17.66 -11.50 -14.91
C GLY G 116 -18.35 -10.15 -14.92
N SER G 117 -19.54 -10.12 -14.31
CA SER G 117 -20.41 -8.95 -14.25
C SER G 117 -21.02 -8.88 -12.86
N GLY G 118 -21.30 -7.68 -12.40
CA GLY G 118 -21.97 -7.58 -11.12
C GLY G 118 -21.84 -6.19 -10.56
N LYS G 119 -21.85 -6.12 -9.23
CA LYS G 119 -21.75 -4.86 -8.48
C LYS G 119 -20.38 -4.78 -7.85
N ALA G 120 -19.56 -3.85 -8.30
CA ALA G 120 -18.27 -3.63 -7.68
C ALA G 120 -18.44 -3.07 -6.27
N LYS G 121 -17.50 -3.42 -5.39
CA LYS G 121 -17.46 -2.76 -4.08
C LYS G 121 -17.06 -1.31 -4.29
N ASN G 122 -17.02 -0.52 -3.21
CA ASN G 122 -16.74 0.90 -3.39
C ASN G 122 -15.33 1.17 -3.87
N VAL G 123 -14.42 0.22 -3.71
CA VAL G 123 -13.14 0.30 -4.39
C VAL G 123 -12.92 -1.04 -5.08
N ILE G 124 -12.08 -1.01 -6.10
CA ILE G 124 -11.65 -2.22 -6.81
C ILE G 124 -10.32 -2.65 -6.21
N THR G 125 -10.24 -3.87 -5.70
CA THR G 125 -9.01 -4.39 -5.13
C THR G 125 -8.36 -5.42 -6.05
N CYS G 126 -7.17 -5.09 -6.55
CA CYS G 126 -6.45 -6.05 -7.39
C CYS G 126 -6.24 -7.34 -6.59
N PRO G 127 -6.53 -8.53 -7.12
CA PRO G 127 -6.34 -9.76 -6.36
C PRO G 127 -4.88 -10.14 -6.03
N TYR G 128 -3.90 -9.55 -6.71
CA TYR G 128 -2.50 -9.97 -6.50
C TYR G 128 -1.84 -9.26 -5.30
N HIS G 129 -1.66 -7.95 -5.36
CA HIS G 129 -1.01 -7.21 -4.25
C HIS G 129 -1.98 -6.25 -3.55
N ALA G 130 -3.28 -6.36 -3.83
CA ALA G 130 -4.32 -5.61 -3.15
C ALA G 130 -4.14 -4.10 -3.26
N TRP G 131 -3.54 -3.60 -4.34
CA TRP G 131 -3.77 -2.19 -4.65
C TRP G 131 -5.26 -1.96 -4.80
N THR G 132 -5.73 -0.80 -4.35
CA THR G 132 -7.14 -0.43 -4.48
C THR G 132 -7.31 0.76 -5.41
N PHE G 133 -8.39 0.74 -6.16
CA PHE G 133 -8.68 1.81 -7.11
C PHE G 133 -10.12 2.24 -6.89
N LYS G 134 -10.33 3.55 -6.84
CA LYS G 134 -11.67 4.09 -6.89
C LYS G 134 -12.32 3.69 -8.20
N LEU G 135 -13.65 3.84 -8.27
CA LEU G 135 -14.32 3.36 -9.48
C LEU G 135 -14.08 4.25 -10.69
N ASP G 136 -13.33 5.33 -10.55
CA ASP G 136 -12.92 6.13 -11.70
C ASP G 136 -11.51 5.78 -12.16
N GLY G 137 -10.96 4.66 -11.69
CA GLY G 137 -9.66 4.22 -12.13
C GLY G 137 -8.53 4.74 -11.28
N SER G 138 -8.79 5.79 -10.49
CA SER G 138 -7.78 6.43 -9.64
C SER G 138 -7.23 5.48 -8.60
N LEU G 139 -5.92 5.52 -8.41
CA LEU G 139 -5.31 4.79 -7.31
C LEU G 139 -5.82 5.34 -5.99
N ALA G 140 -6.45 4.47 -5.22
CA ALA G 140 -6.87 4.83 -3.87
C ALA G 140 -5.67 4.55 -2.97
N LEU G 141 -5.41 3.26 -2.71
CA LEU G 141 -4.27 2.88 -1.86
C LEU G 141 -3.46 1.74 -2.46
N ALA G 142 -2.16 1.97 -2.60
CA ALA G 142 -1.20 0.93 -3.02
C ALA G 142 -0.44 0.59 -1.74
N ARG G 143 -0.61 -0.62 -1.19
CA ARG G 143 0.03 -1.05 0.05
C ARG G 143 1.53 -0.75 0.02
N ASN G 144 2.04 -0.21 1.13
CA ASN G 144 3.45 0.08 1.34
C ASN G 144 3.97 1.16 0.41
N CYS G 145 3.08 1.81 -0.32
CA CYS G 145 3.40 2.96 -1.15
C CYS G 145 4.29 3.97 -0.45
N ASP G 146 4.01 4.26 0.84
CA ASP G 146 4.74 5.33 1.50
C ASP G 146 6.26 5.07 1.56
N HIS G 147 6.69 3.81 1.44
CA HIS G 147 8.10 3.45 1.60
C HIS G 147 8.80 3.13 0.29
N VAL G 148 8.17 3.39 -0.86
CA VAL G 148 8.80 3.15 -2.16
C VAL G 148 9.30 4.49 -2.70
N GLU G 149 10.58 4.54 -3.04
CA GLU G 149 11.18 5.78 -3.51
C GLU G 149 10.56 6.21 -4.85
N SER G 150 10.21 7.49 -4.94
CA SER G 150 9.72 8.12 -6.16
C SER G 150 8.48 7.41 -6.71
N PHE G 151 7.59 6.96 -5.82
CA PHE G 151 6.40 6.28 -6.27
C PHE G 151 5.52 7.23 -7.06
N ASP G 152 5.18 6.84 -8.29
CA ASP G 152 4.41 7.68 -9.20
C ASP G 152 2.93 7.36 -9.02
N LYS G 153 2.26 8.10 -8.14
CA LYS G 153 0.86 7.79 -7.87
C LYS G 153 -0.02 8.05 -9.09
N GLU G 154 0.16 9.20 -9.74
CA GLU G 154 -0.75 9.59 -10.81
C GLU G 154 -0.59 8.72 -12.05
N ASN G 155 0.56 8.04 -12.19
CA ASN G 155 0.78 7.09 -13.27
C ASN G 155 0.50 5.67 -12.85
N SER G 156 -0.17 5.47 -11.71
CA SER G 156 -0.53 4.15 -11.20
C SER G 156 -2.03 3.94 -11.19
N SER G 157 -2.75 4.68 -12.01
CA SER G 157 -4.19 4.53 -12.13
C SER G 157 -4.53 3.51 -13.21
N MET G 158 -5.73 2.93 -13.10
CA MET G 158 -6.28 2.12 -14.18
C MET G 158 -6.34 2.95 -15.44
N VAL G 159 -6.17 2.31 -16.59
CA VAL G 159 -6.00 2.95 -17.85
C VAL G 159 -7.41 3.02 -18.55
N PRO G 160 -7.92 4.18 -18.83
CA PRO G 160 -9.30 4.24 -19.35
C PRO G 160 -9.35 4.12 -20.86
N LEU G 161 -10.58 3.91 -21.33
CA LEU G 161 -10.90 4.08 -22.73
C LEU G 161 -12.29 4.70 -22.78
N LYS G 162 -12.66 5.19 -23.96
CA LYS G 162 -13.92 5.91 -24.12
C LYS G 162 -15.10 4.96 -24.02
N VAL G 163 -16.17 5.44 -23.40
CA VAL G 163 -17.42 4.71 -23.32
C VAL G 163 -18.57 5.71 -23.50
N GLU G 164 -19.64 5.27 -24.16
CA GLU G 164 -20.77 6.14 -24.39
C GLU G 164 -22.06 5.35 -24.40
N GLU G 165 -23.09 5.91 -23.75
CA GLU G 165 -24.44 5.34 -23.80
C GLU G 165 -25.18 5.96 -24.97
N TYR G 166 -25.64 5.13 -25.90
CA TYR G 166 -26.24 5.61 -27.13
C TYR G 166 -27.31 4.61 -27.53
N ALA G 167 -28.48 5.14 -27.90
CA ALA G 167 -29.60 4.34 -28.34
C ALA G 167 -30.06 3.36 -27.28
N GLY G 168 -29.74 3.65 -26.01
CA GLY G 168 -30.06 2.70 -24.98
C GLY G 168 -29.04 1.59 -24.82
N PHE G 169 -27.95 1.62 -25.59
CA PHE G 169 -26.89 0.61 -25.47
C PHE G 169 -25.58 1.30 -25.10
N VAL G 170 -24.56 0.50 -24.86
CA VAL G 170 -23.29 0.96 -24.34
C VAL G 170 -22.20 0.62 -25.34
N PHE G 171 -21.43 1.61 -25.74
CA PHE G 171 -20.37 1.46 -26.73
C PHE G 171 -19.05 1.86 -26.10
N ILE G 172 -17.99 1.11 -26.43
CA ILE G 172 -16.64 1.49 -26.02
C ILE G 172 -15.86 1.86 -27.27
N ASN G 173 -14.77 2.61 -27.07
CA ASN G 173 -13.88 3.01 -28.15
C ASN G 173 -12.46 3.12 -27.61
N MET G 174 -11.52 2.43 -28.27
CA MET G 174 -10.13 2.43 -27.84
C MET G 174 -9.35 3.63 -28.36
N ASP G 175 -9.91 4.39 -29.29
CA ASP G 175 -9.25 5.58 -29.82
C ASP G 175 -9.64 6.79 -28.97
N GLU G 176 -8.67 7.37 -28.28
CA GLU G 176 -8.98 8.51 -27.42
C GLU G 176 -9.32 9.75 -28.24
N ASN G 177 -9.06 9.74 -29.55
CA ASN G 177 -9.46 10.83 -30.42
C ASN G 177 -10.83 10.61 -31.04
N ALA G 178 -11.53 9.56 -30.63
CA ALA G 178 -12.86 9.31 -31.14
C ALA G 178 -13.80 10.42 -30.71
N THR G 179 -14.84 10.64 -31.51
CA THR G 179 -15.80 11.68 -31.18
C THR G 179 -16.96 11.08 -30.39
N CYS G 180 -17.96 10.59 -31.10
CA CYS G 180 -19.17 10.09 -30.46
C CYS G 180 -19.81 9.07 -31.40
N VAL G 181 -20.70 8.26 -30.82
CA VAL G 181 -21.35 7.21 -31.59
C VAL G 181 -22.26 7.79 -32.67
N GLU G 182 -22.94 8.91 -32.39
CA GLU G 182 -23.83 9.45 -33.41
C GLU G 182 -23.06 9.81 -34.66
N ASP G 183 -21.81 10.27 -34.51
CA ASP G 183 -20.96 10.52 -35.68
C ASP G 183 -20.69 9.23 -36.47
N GLN G 184 -20.72 8.08 -35.82
CA GLN G 184 -20.43 6.82 -36.51
C GLN G 184 -21.68 6.21 -37.15
N LEU G 185 -22.82 6.41 -36.50
CA LEU G 185 -24.10 5.82 -36.90
C LEU G 185 -25.17 6.91 -37.06
N PRO G 186 -24.91 7.92 -37.90
CA PRO G 186 -25.82 9.09 -37.94
C PRO G 186 -27.26 8.68 -38.12
N GLY G 187 -28.12 9.10 -37.21
CA GLY G 187 -29.52 8.81 -37.34
C GLY G 187 -29.96 7.49 -36.77
N PHE G 188 -29.03 6.67 -36.25
CA PHE G 188 -29.38 5.31 -35.87
C PHE G 188 -30.26 5.28 -34.64
N ALA G 189 -29.86 6.00 -33.58
CA ALA G 189 -30.67 6.02 -32.37
C ALA G 189 -32.07 6.56 -32.67
N GLU G 190 -32.13 7.67 -33.39
CA GLU G 190 -33.46 8.18 -33.75
C GLU G 190 -34.30 7.08 -34.41
N ARG G 191 -33.72 6.33 -35.35
CA ARG G 191 -34.53 5.33 -36.05
C ARG G 191 -34.81 4.12 -35.17
N LEU G 192 -33.84 3.70 -34.35
CA LEU G 192 -34.06 2.53 -33.49
C LEU G 192 -35.17 2.78 -32.50
N ASN G 193 -35.21 3.98 -31.90
CA ASN G 193 -36.27 4.31 -30.96
C ASN G 193 -37.65 4.38 -31.63
N GLN G 194 -37.72 4.61 -32.94
CA GLN G 194 -38.99 4.46 -33.63
C GLN G 194 -39.37 2.99 -33.82
N ALA G 195 -38.38 2.10 -33.91
CA ALA G 195 -38.69 0.68 -34.11
C ALA G 195 -39.15 0.01 -32.83
N CYS G 196 -38.57 0.43 -31.70
CA CYS G 196 -38.88 -0.15 -30.40
C CYS G 196 -39.00 0.98 -29.40
N GLY G 197 -40.18 1.16 -28.83
CA GLY G 197 -40.38 2.26 -27.91
C GLY G 197 -40.13 1.94 -26.47
N VAL G 198 -39.67 0.72 -26.16
CA VAL G 198 -39.53 0.30 -24.77
C VAL G 198 -38.10 -0.14 -24.48
N ILE G 199 -37.15 0.38 -25.24
CA ILE G 199 -35.76 -0.05 -25.10
C ILE G 199 -35.27 0.19 -23.68
N LYS G 200 -35.62 1.34 -23.09
CA LYS G 200 -35.15 1.62 -21.74
C LYS G 200 -35.62 0.58 -20.74
N ASP G 201 -36.74 -0.08 -21.02
CA ASP G 201 -37.27 -1.07 -20.09
C ASP G 201 -36.78 -2.49 -20.39
N LEU G 202 -35.95 -2.67 -21.42
CA LEU G 202 -35.46 -4.01 -21.73
C LEU G 202 -34.53 -4.52 -20.64
N LYS G 203 -34.59 -5.84 -20.41
CA LYS G 203 -33.71 -6.51 -19.47
C LYS G 203 -33.16 -7.77 -20.13
N LEU G 204 -31.92 -8.10 -19.78
CA LEU G 204 -31.25 -9.25 -20.37
C LEU G 204 -31.99 -10.50 -19.91
N ALA G 205 -32.61 -11.23 -20.86
CA ALA G 205 -33.31 -12.46 -20.58
C ALA G 205 -32.49 -13.71 -20.84
N ALA G 206 -31.59 -13.66 -21.83
CA ALA G 206 -30.77 -14.81 -22.14
C ALA G 206 -29.60 -14.33 -22.98
N ARG G 207 -28.46 -15.00 -22.79
CA ARG G 207 -27.26 -14.73 -23.58
C ARG G 207 -26.65 -16.04 -24.05
N PHE G 208 -26.47 -16.17 -25.34
CA PHE G 208 -25.75 -17.29 -25.95
C PHE G 208 -24.35 -16.80 -26.31
N VAL G 209 -23.34 -17.43 -25.73
CA VAL G 209 -21.93 -17.12 -25.99
C VAL G 209 -21.38 -18.26 -26.84
N THR G 210 -20.80 -17.93 -28.00
CA THR G 210 -20.21 -18.93 -28.90
C THR G 210 -18.94 -18.36 -29.51
N GLU G 211 -17.87 -19.14 -29.47
CA GLU G 211 -16.66 -18.84 -30.22
C GLU G 211 -16.85 -19.45 -31.60
N THR G 212 -17.02 -18.60 -32.60
CA THR G 212 -17.41 -19.02 -33.93
C THR G 212 -16.20 -19.07 -34.82
N PRO G 213 -15.92 -20.23 -35.46
CA PRO G 213 -14.81 -20.30 -36.45
C PRO G 213 -15.24 -19.76 -37.82
N ALA G 214 -15.52 -18.46 -37.85
CA ALA G 214 -15.72 -17.72 -39.07
C ALA G 214 -15.16 -16.31 -38.88
N ASN G 215 -14.63 -15.75 -39.97
CA ASN G 215 -14.23 -14.36 -39.97
C ASN G 215 -15.43 -13.49 -39.62
N TRP G 216 -15.18 -12.38 -38.91
CA TRP G 216 -16.26 -11.52 -38.49
C TRP G 216 -17.08 -11.03 -39.69
N LYS G 217 -16.41 -10.77 -40.81
CA LYS G 217 -17.09 -10.33 -42.02
C LYS G 217 -17.96 -11.42 -42.65
N VAL G 218 -17.62 -12.71 -42.47
CA VAL G 218 -18.52 -13.76 -42.94
C VAL G 218 -19.83 -13.73 -42.16
N ILE G 219 -19.76 -13.45 -40.86
CA ILE G 219 -20.97 -13.39 -40.04
C ILE G 219 -21.83 -12.18 -40.41
N VAL G 220 -21.21 -11.05 -40.76
CA VAL G 220 -22.00 -9.90 -41.19
C VAL G 220 -22.63 -10.15 -42.57
N ASP G 221 -21.84 -10.64 -43.52
CA ASP G 221 -22.39 -11.06 -44.80
C ASP G 221 -23.66 -11.86 -44.60
N ASN G 222 -23.57 -12.88 -43.76
CA ASN G 222 -24.70 -13.80 -43.49
C ASN G 222 -25.93 -13.03 -43.01
N TYR G 223 -25.76 -12.07 -42.10
CA TYR G 223 -26.90 -11.30 -41.60
C TYR G 223 -27.46 -10.37 -42.67
N MET G 224 -26.60 -9.86 -43.54
CA MET G 224 -26.96 -8.80 -44.46
C MET G 224 -27.82 -9.26 -45.64
N GLU G 225 -28.27 -10.52 -45.69
CA GLU G 225 -29.14 -10.97 -46.78
C GLU G 225 -30.15 -11.96 -46.22
N CYS G 226 -31.33 -11.97 -46.83
CA CYS G 226 -32.35 -12.98 -46.55
C CYS G 226 -32.54 -13.94 -47.71
N TYR G 227 -31.66 -13.87 -48.72
CA TYR G 227 -31.58 -14.90 -49.74
C TYR G 227 -31.54 -16.32 -49.17
N HIS G 228 -30.97 -16.49 -47.98
CA HIS G 228 -30.83 -17.83 -47.43
C HIS G 228 -31.92 -18.22 -46.45
N CYS G 229 -32.86 -17.32 -46.14
CA CYS G 229 -33.85 -17.66 -45.10
C CYS G 229 -34.82 -18.72 -45.61
N GLY G 230 -35.17 -18.67 -46.89
CA GLY G 230 -36.03 -19.68 -47.46
C GLY G 230 -35.45 -21.07 -47.25
N PRO G 231 -34.26 -21.31 -47.82
CA PRO G 231 -33.68 -22.66 -47.73
C PRO G 231 -33.14 -23.02 -46.35
N ALA G 232 -32.52 -22.08 -45.63
CA ALA G 232 -31.81 -22.39 -44.39
C ALA G 232 -32.61 -22.15 -43.12
N HIS G 233 -33.71 -21.39 -43.19
CA HIS G 233 -34.56 -21.08 -42.03
C HIS G 233 -36.02 -21.35 -42.38
N PRO G 234 -36.44 -22.61 -42.42
CA PRO G 234 -37.85 -22.92 -42.73
C PRO G 234 -38.84 -22.41 -41.68
N GLY G 235 -38.56 -22.58 -40.38
CA GLY G 235 -39.47 -22.08 -39.36
C GLY G 235 -39.48 -20.56 -39.23
N PHE G 236 -38.45 -19.92 -39.76
CA PHE G 236 -38.35 -18.47 -39.82
C PHE G 236 -38.67 -17.96 -41.23
N ALA G 237 -39.25 -18.82 -42.07
CA ALA G 237 -39.55 -18.47 -43.45
C ALA G 237 -41.00 -18.03 -43.65
N ASP G 238 -41.92 -18.47 -42.79
CA ASP G 238 -43.31 -18.04 -42.93
C ASP G 238 -43.49 -16.61 -42.40
N SER G 239 -42.70 -16.22 -41.39
CA SER G 239 -42.71 -14.83 -40.93
C SER G 239 -42.32 -13.88 -42.05
N VAL G 240 -41.21 -14.16 -42.74
CA VAL G 240 -40.70 -13.28 -43.77
C VAL G 240 -41.52 -13.45 -45.04
N GLN G 241 -42.06 -12.35 -45.54
CA GLN G 241 -42.79 -12.29 -46.80
C GLN G 241 -41.86 -11.65 -47.83
N VAL G 242 -41.60 -12.38 -48.92
CA VAL G 242 -40.64 -11.94 -49.97
C VAL G 242 -41.03 -10.59 -50.58
N ASP G 243 -42.31 -10.37 -50.85
CA ASP G 243 -42.71 -9.08 -51.47
C ASP G 243 -42.93 -8.01 -50.40
N LYS G 244 -42.96 -8.39 -49.12
CA LYS G 244 -43.12 -7.40 -48.02
C LYS G 244 -41.82 -7.39 -47.21
N TYR G 245 -40.69 -7.14 -47.86
CA TYR G 245 -39.38 -7.18 -47.18
C TYR G 245 -38.44 -6.23 -47.89
N TRP G 246 -37.90 -5.26 -47.16
CA TRP G 246 -37.05 -4.24 -47.75
C TRP G 246 -35.77 -4.09 -46.94
N HIS G 247 -34.64 -3.92 -47.63
CA HIS G 247 -33.34 -3.68 -47.03
C HIS G 247 -32.84 -2.33 -47.54
N THR G 248 -32.92 -1.29 -46.72
CA THR G 248 -32.48 0.05 -47.09
C THR G 248 -31.19 0.40 -46.36
N THR G 249 -30.24 1.00 -47.06
CA THR G 249 -29.00 1.42 -46.43
C THR G 249 -29.10 2.87 -46.01
N HIS G 250 -28.36 3.22 -44.95
CA HIS G 250 -28.39 4.57 -44.39
C HIS G 250 -26.96 5.07 -44.23
N GLN G 251 -26.51 5.41 -43.03
CA GLN G 251 -25.12 5.85 -42.89
C GLN G 251 -24.38 4.97 -41.89
N ASN G 252 -23.59 4.03 -42.41
CA ASN G 252 -22.88 3.04 -41.62
C ASN G 252 -23.83 2.13 -40.87
N TRP G 253 -25.08 2.06 -41.31
CA TRP G 253 -26.00 1.06 -40.83
C TRP G 253 -27.05 0.81 -41.91
N THR G 254 -27.77 -0.29 -41.73
CA THR G 254 -28.85 -0.66 -42.62
C THR G 254 -30.01 -1.21 -41.81
N LEU G 255 -31.17 -1.20 -42.46
CA LEU G 255 -32.42 -1.66 -41.86
C LEU G 255 -33.08 -2.67 -42.80
N GLN G 256 -33.35 -3.84 -42.27
CA GLN G 256 -34.14 -4.86 -42.93
C GLN G 256 -35.50 -4.83 -42.27
N TYR G 257 -36.50 -4.44 -43.03
CA TYR G 257 -37.84 -4.20 -42.54
C TYR G 257 -38.81 -5.10 -43.29
N GLY G 258 -39.76 -5.68 -42.58
CA GLY G 258 -40.75 -6.50 -43.25
C GLY G 258 -42.00 -6.63 -42.41
N PHE G 259 -43.02 -7.22 -43.01
CA PHE G 259 -44.27 -7.52 -42.34
C PHE G 259 -44.39 -9.03 -42.23
N ALA G 260 -44.82 -9.50 -41.08
CA ALA G 260 -44.86 -10.92 -40.79
C ALA G 260 -46.27 -11.47 -40.89
N ARG G 261 -46.36 -12.82 -40.90
CA ARG G 261 -47.65 -13.56 -40.99
C ARG G 261 -47.98 -14.18 -39.63
N SER G 262 -48.87 -13.54 -38.86
CA SER G 262 -49.22 -14.05 -37.50
C SER G 262 -50.18 -15.24 -37.60
N SER G 263 -49.81 -16.35 -36.95
CA SER G 263 -50.50 -17.66 -36.86
C SER G 263 -49.59 -18.69 -36.16
N GLU G 264 -49.82 -19.98 -36.44
CA GLU G 264 -48.99 -21.05 -35.84
C GLU G 264 -47.75 -21.27 -36.71
N LYS G 265 -46.57 -21.14 -36.11
CA LYS G 265 -45.28 -21.28 -36.81
C LYS G 265 -44.16 -21.45 -35.77
N SER G 266 -42.92 -21.66 -36.23
CA SER G 266 -41.77 -21.74 -35.29
C SER G 266 -41.63 -20.39 -34.57
N PHE G 267 -41.82 -19.28 -35.28
CA PHE G 267 -41.75 -17.93 -34.66
C PHE G 267 -43.13 -17.54 -34.10
N THR G 274 -54.01 -5.60 -39.05
CA THR G 274 -52.67 -5.12 -39.37
C THR G 274 -51.67 -6.27 -39.29
N ASP G 275 -50.73 -6.30 -40.23
CA ASP G 275 -49.64 -7.26 -40.17
C ASP G 275 -48.52 -6.72 -39.29
N PRO G 276 -47.98 -7.52 -38.37
CA PRO G 276 -46.95 -7.00 -37.45
C PRO G 276 -45.64 -6.78 -38.17
N GLU G 277 -45.04 -5.61 -37.95
CA GLU G 277 -43.79 -5.27 -38.60
C GLU G 277 -42.61 -5.76 -37.76
N PHE G 278 -41.45 -5.83 -38.41
CA PHE G 278 -40.21 -6.23 -37.76
C PHE G 278 -39.05 -5.46 -38.36
N HIS G 279 -38.01 -5.27 -37.55
CA HIS G 279 -36.82 -4.51 -37.93
C HIS G 279 -35.57 -5.33 -37.65
N GLY G 280 -34.61 -5.24 -38.55
CA GLY G 280 -33.32 -5.88 -38.38
C GLY G 280 -32.23 -4.90 -38.77
N PHE G 281 -31.61 -4.26 -37.80
CA PHE G 281 -30.60 -3.25 -38.03
C PHE G 281 -29.22 -3.87 -38.00
N TRP G 282 -28.39 -3.58 -38.99
CA TRP G 282 -26.96 -3.82 -38.89
C TRP G 282 -26.27 -2.46 -38.76
N THR G 283 -25.38 -2.35 -37.79
CA THR G 283 -24.62 -1.14 -37.55
C THR G 283 -23.13 -1.45 -37.59
N TRP G 284 -22.37 -0.50 -38.13
CA TRP G 284 -20.94 -0.63 -38.26
C TRP G 284 -20.28 -0.67 -36.89
N PRO G 285 -19.28 -1.56 -36.68
CA PRO G 285 -18.81 -2.53 -37.68
C PRO G 285 -19.63 -3.81 -37.70
N CYS G 286 -20.05 -4.29 -36.52
CA CYS G 286 -20.71 -5.57 -36.52
C CYS G 286 -21.56 -5.80 -35.28
N THR G 287 -22.55 -4.96 -35.07
CA THR G 287 -23.57 -5.23 -34.08
C THR G 287 -24.91 -5.15 -34.78
N MET G 288 -25.80 -6.08 -34.45
CA MET G 288 -27.10 -6.15 -35.12
C MET G 288 -28.18 -6.12 -34.07
N PHE G 289 -29.20 -5.29 -34.31
CA PHE G 289 -30.33 -5.12 -33.42
C PHE G 289 -31.60 -5.53 -34.14
N ASN G 290 -32.31 -6.50 -33.56
CA ASN G 290 -33.53 -7.02 -34.14
C ASN G 290 -34.69 -6.69 -33.22
N VAL G 291 -35.74 -6.13 -33.81
CA VAL G 291 -37.01 -5.90 -33.11
C VAL G 291 -38.04 -6.77 -33.81
N PRO G 292 -38.34 -7.96 -33.27
CA PRO G 292 -39.22 -8.90 -33.96
C PRO G 292 -40.66 -8.45 -33.88
N PRO G 293 -41.57 -9.18 -34.55
CA PRO G 293 -42.99 -8.80 -34.50
C PRO G 293 -43.48 -8.63 -33.08
N GLY G 294 -44.31 -7.62 -32.87
CA GLY G 294 -44.73 -7.20 -31.55
C GLY G 294 -44.01 -5.96 -31.07
N SER G 295 -42.76 -5.79 -31.49
CA SER G 295 -41.95 -4.60 -31.20
C SER G 295 -41.76 -4.37 -29.72
N ASN G 296 -42.02 -5.36 -28.88
CA ASN G 296 -41.90 -5.19 -27.44
C ASN G 296 -40.67 -5.86 -26.83
N PHE G 297 -39.80 -6.44 -27.65
CA PHE G 297 -38.58 -7.06 -27.15
C PHE G 297 -37.51 -6.97 -28.23
N MET G 298 -36.29 -7.37 -27.88
CA MET G 298 -35.18 -7.30 -28.81
C MET G 298 -34.27 -8.52 -28.63
N THR G 299 -33.61 -8.90 -29.71
CA THR G 299 -32.42 -9.72 -29.66
C THR G 299 -31.31 -8.91 -30.31
N VAL G 300 -30.09 -9.09 -29.81
CA VAL G 300 -28.93 -8.33 -30.28
C VAL G 300 -27.78 -9.29 -30.45
N ILE G 301 -27.07 -9.17 -31.57
CA ILE G 301 -25.92 -9.99 -31.92
C ILE G 301 -24.70 -9.10 -31.80
N TYR G 302 -23.79 -9.42 -30.86
CA TYR G 302 -22.54 -8.70 -30.73
C TYR G 302 -21.44 -9.58 -31.29
N GLU G 303 -20.63 -9.04 -32.18
CA GLU G 303 -19.51 -9.76 -32.75
C GLU G 303 -18.25 -9.13 -32.20
N PHE G 304 -17.48 -9.91 -31.45
CA PHE G 304 -16.21 -9.47 -30.90
C PHE G 304 -15.11 -10.28 -31.57
N PRO G 305 -14.46 -9.76 -32.61
CA PRO G 305 -13.49 -10.56 -33.36
C PRO G 305 -12.32 -11.00 -32.48
N VAL G 306 -11.87 -12.22 -32.72
CA VAL G 306 -10.71 -12.81 -32.05
C VAL G 306 -9.51 -12.86 -33.00
N ASP G 307 -9.66 -13.53 -34.14
CA ASP G 307 -8.62 -13.51 -35.16
C ASP G 307 -9.30 -13.69 -36.50
N ALA G 308 -8.47 -13.85 -37.55
CA ALA G 308 -8.99 -13.89 -38.92
C ALA G 308 -10.09 -14.92 -39.09
N GLU G 309 -10.09 -15.99 -38.32
CA GLU G 309 -11.06 -17.06 -38.52
C GLU G 309 -11.87 -17.35 -37.28
N THR G 310 -11.88 -16.42 -36.32
CA THR G 310 -12.53 -16.63 -35.04
C THR G 310 -13.20 -15.33 -34.62
N THR G 311 -14.46 -15.46 -34.20
CA THR G 311 -15.28 -14.34 -33.79
C THR G 311 -16.08 -14.81 -32.60
N LEU G 312 -15.89 -14.13 -31.47
CA LEU G 312 -16.74 -14.37 -30.31
C LEU G 312 -18.08 -13.70 -30.56
N GLN G 313 -19.17 -14.41 -30.28
CA GLN G 313 -20.51 -13.88 -30.48
C GLN G 313 -21.28 -13.91 -29.18
N HIS G 314 -21.95 -12.81 -28.87
CA HIS G 314 -23.04 -12.80 -27.90
C HIS G 314 -24.35 -12.66 -28.66
N TYR G 315 -25.30 -13.54 -28.39
CA TYR G 315 -26.65 -13.37 -28.88
C TYR G 315 -27.55 -13.13 -27.68
N ASP G 316 -27.94 -11.87 -27.50
CA ASP G 316 -28.70 -11.46 -26.32
C ASP G 316 -30.18 -11.36 -26.67
N ILE G 317 -31.02 -11.93 -25.79
CA ILE G 317 -32.46 -11.80 -25.84
C ILE G 317 -32.88 -10.90 -24.69
N TYR G 318 -33.65 -9.84 -25.01
CA TYR G 318 -34.06 -8.82 -24.03
C TYR G 318 -35.58 -8.75 -24.00
N PHE G 319 -36.16 -8.91 -22.81
CA PHE G 319 -37.58 -8.72 -22.55
C PHE G 319 -37.77 -7.62 -21.52
N THR G 320 -38.97 -7.02 -21.51
CA THR G 320 -39.25 -5.99 -20.50
C THR G 320 -39.58 -6.60 -19.15
N ASN G 321 -40.11 -7.82 -19.11
CA ASN G 321 -40.41 -8.46 -17.84
C ASN G 321 -39.24 -9.31 -17.38
N GLU G 322 -38.95 -9.24 -16.08
CA GLU G 322 -37.84 -10.01 -15.52
C GLU G 322 -38.25 -11.45 -15.25
N GLU G 323 -39.48 -11.67 -14.78
CA GLU G 323 -39.99 -13.02 -14.56
C GLU G 323 -40.66 -13.50 -15.84
N LEU G 324 -40.04 -14.44 -16.52
CA LEU G 324 -40.43 -14.82 -17.87
C LEU G 324 -41.66 -15.71 -17.88
N THR G 325 -42.44 -15.57 -18.94
CA THR G 325 -43.59 -16.47 -19.16
C THR G 325 -43.07 -17.76 -19.82
N GLN G 326 -43.89 -18.81 -19.85
CA GLN G 326 -43.45 -20.07 -20.51
C GLN G 326 -43.22 -19.80 -22.00
N ASP G 327 -44.08 -19.00 -22.63
CA ASP G 327 -43.88 -18.67 -24.06
C ASP G 327 -42.51 -18.01 -24.23
N GLN G 328 -42.09 -17.18 -23.29
CA GLN G 328 -40.79 -16.53 -23.44
C GLN G 328 -39.65 -17.52 -23.23
N LYS G 329 -39.80 -18.42 -22.26
CA LYS G 329 -38.76 -19.44 -22.07
C LYS G 329 -38.70 -20.39 -23.25
N ASP G 330 -39.86 -20.66 -23.90
CA ASP G 330 -39.88 -21.52 -25.09
C ASP G 330 -39.21 -20.82 -26.26
N LEU G 331 -39.53 -19.55 -26.45
CA LEU G 331 -38.92 -18.78 -27.53
C LEU G 331 -37.41 -18.71 -27.37
N ILE G 332 -36.93 -18.56 -26.14
CA ILE G 332 -35.49 -18.56 -25.89
C ILE G 332 -34.88 -19.87 -26.35
N GLU G 333 -35.51 -20.99 -26.01
CA GLU G 333 -34.94 -22.28 -26.38
C GLU G 333 -35.06 -22.54 -27.89
N TRP G 334 -36.10 -22.03 -28.53
CA TRP G 334 -36.17 -22.15 -29.98
C TRP G 334 -35.00 -21.43 -30.65
N TYR G 335 -34.69 -20.23 -30.19
CA TYR G 335 -33.50 -19.51 -30.65
C TYR G 335 -32.23 -20.32 -30.39
N ARG G 336 -32.14 -20.91 -29.20
CA ARG G 336 -30.91 -21.56 -28.79
C ARG G 336 -30.68 -22.83 -29.60
N ASN G 337 -31.76 -23.59 -29.86
CA ASN G 337 -31.68 -24.93 -30.41
C ASN G 337 -32.10 -25.04 -31.87
N VAL G 338 -32.87 -24.10 -32.40
CA VAL G 338 -33.33 -24.20 -33.78
C VAL G 338 -32.75 -23.06 -34.63
N PHE G 339 -33.02 -21.82 -34.26
CA PHE G 339 -32.71 -20.71 -35.16
C PHE G 339 -31.20 -20.47 -35.23
N ARG G 340 -30.59 -20.19 -34.09
CA ARG G 340 -29.15 -19.85 -34.10
C ARG G 340 -28.30 -20.98 -34.65
N PRO G 341 -28.52 -22.25 -34.33
CA PRO G 341 -27.67 -23.29 -34.92
C PRO G 341 -27.61 -23.24 -36.45
N GLU G 342 -28.69 -22.86 -37.13
CA GLU G 342 -28.64 -22.81 -38.59
C GLU G 342 -27.65 -21.74 -39.08
N ASP G 343 -27.68 -20.55 -38.49
CA ASP G 343 -26.74 -19.50 -38.93
C ASP G 343 -25.30 -19.81 -38.53
N LEU G 344 -25.11 -20.46 -37.38
CA LEU G 344 -23.76 -20.85 -36.99
C LEU G 344 -23.21 -21.91 -37.96
N ASN G 345 -24.02 -22.89 -38.33
CA ASN G 345 -23.55 -23.89 -39.30
C ASN G 345 -23.15 -23.27 -40.62
N LEU G 346 -23.95 -22.34 -41.13
CA LEU G 346 -23.67 -21.72 -42.42
C LEU G 346 -22.33 -21.00 -42.40
N VAL G 347 -22.13 -20.13 -41.41
CA VAL G 347 -20.92 -19.33 -41.46
C VAL G 347 -19.70 -20.21 -41.22
N GLU G 348 -19.85 -21.29 -40.45
CA GLU G 348 -18.69 -22.17 -40.22
C GLU G 348 -18.33 -22.93 -41.48
N SER G 349 -19.33 -23.42 -42.22
CA SER G 349 -19.05 -24.11 -43.48
C SER G 349 -18.46 -23.14 -44.52
N VAL G 350 -18.98 -21.91 -44.56
CA VAL G 350 -18.46 -20.93 -45.51
C VAL G 350 -16.99 -20.61 -45.22
N GLN G 351 -16.64 -20.45 -43.94
CA GLN G 351 -15.25 -20.18 -43.60
C GLN G 351 -14.32 -21.28 -44.10
N ARG G 352 -14.71 -22.53 -43.90
CA ARG G 352 -13.92 -23.64 -44.42
C ARG G 352 -13.85 -23.58 -45.95
N GLY G 353 -15.00 -23.36 -46.60
CA GLY G 353 -15.04 -23.54 -48.06
C GLY G 353 -14.18 -22.51 -48.78
N LEU G 354 -14.18 -21.29 -48.28
CA LEU G 354 -13.45 -20.23 -48.98
C LEU G 354 -11.93 -20.39 -48.83
N LYS G 355 -11.47 -21.35 -48.02
CA LYS G 355 -10.04 -21.64 -48.13
C LYS G 355 -9.75 -22.54 -49.34
N SER G 356 -10.78 -23.14 -49.93
CA SER G 356 -10.54 -24.11 -51.00
C SER G 356 -9.99 -23.45 -52.24
N ARG G 357 -8.96 -24.10 -52.80
CA ARG G 357 -8.47 -23.70 -54.12
C ARG G 357 -9.55 -23.90 -55.17
N GLY G 358 -10.59 -24.68 -54.87
CA GLY G 358 -11.72 -24.77 -55.78
C GLY G 358 -12.72 -23.63 -55.71
N TYR G 359 -12.57 -22.73 -54.73
CA TYR G 359 -13.36 -21.50 -54.68
C TYR G 359 -12.64 -20.46 -55.52
N ARG G 360 -13.30 -20.03 -56.61
CA ARG G 360 -12.63 -19.18 -57.61
C ARG G 360 -12.01 -17.93 -57.01
N GLY G 361 -12.61 -17.39 -55.97
CA GLY G 361 -12.01 -16.27 -55.27
C GLY G 361 -13.04 -15.38 -54.60
N GLN G 362 -14.03 -14.93 -55.38
CA GLN G 362 -15.08 -14.05 -54.91
C GLN G 362 -16.43 -14.66 -55.25
N GLY G 363 -17.46 -14.26 -54.50
CA GLY G 363 -18.79 -14.77 -54.69
C GLY G 363 -19.68 -13.67 -55.24
N ARG G 364 -20.52 -14.03 -56.22
CA ARG G 364 -21.41 -13.04 -56.81
C ARG G 364 -22.47 -12.65 -55.78
N ILE G 365 -22.60 -11.34 -55.55
CA ILE G 365 -23.68 -10.87 -54.68
C ILE G 365 -24.95 -10.82 -55.51
N MET G 366 -25.93 -11.61 -55.13
CA MET G 366 -27.10 -11.77 -55.97
C MET G 366 -28.03 -10.61 -55.68
N THR G 367 -27.62 -9.44 -56.14
CA THR G 367 -28.48 -8.28 -56.10
C THR G 367 -29.45 -8.32 -57.29
N ASP G 368 -30.72 -8.01 -57.01
CA ASP G 368 -31.77 -7.91 -58.06
C ASP G 368 -32.20 -6.44 -58.20
N LYS G 369 -32.70 -6.04 -59.38
CA LYS G 369 -33.15 -4.64 -59.62
C LYS G 369 -34.33 -4.30 -58.72
N GLN G 370 -35.19 -5.27 -58.43
CA GLN G 370 -36.37 -5.13 -57.55
C GLN G 370 -35.96 -4.67 -56.14
N ARG G 371 -34.78 -5.09 -55.65
CA ARG G 371 -34.31 -4.87 -54.26
C ARG G 371 -35.31 -5.59 -53.38
N SER G 372 -35.60 -6.83 -53.76
CA SER G 372 -36.59 -7.70 -53.08
C SER G 372 -36.02 -8.30 -51.81
N GLY G 373 -36.87 -9.06 -51.13
CA GLY G 373 -36.54 -9.70 -49.86
C GLY G 373 -35.46 -10.78 -49.92
N ILE G 374 -35.12 -11.28 -51.10
CA ILE G 374 -34.04 -12.25 -51.26
C ILE G 374 -32.86 -11.66 -52.03
N SER G 375 -32.85 -10.34 -52.24
CA SER G 375 -31.69 -9.68 -52.82
C SER G 375 -30.55 -9.62 -51.80
N GLU G 376 -29.31 -9.77 -52.27
CA GLU G 376 -28.13 -9.73 -51.43
C GLU G 376 -27.44 -8.37 -51.41
N HIS G 377 -28.08 -7.34 -51.95
CA HIS G 377 -27.43 -6.03 -52.11
C HIS G 377 -26.91 -5.49 -50.79
N GLY G 378 -27.54 -5.85 -49.67
CA GLY G 378 -27.04 -5.38 -48.38
C GLY G 378 -25.60 -5.81 -48.11
N ILE G 379 -25.20 -6.98 -48.63
CA ILE G 379 -23.81 -7.40 -48.50
C ILE G 379 -22.89 -6.40 -49.17
N ALA G 380 -23.28 -5.89 -50.34
CA ALA G 380 -22.41 -4.98 -51.06
C ALA G 380 -22.21 -3.67 -50.29
N TYR G 381 -23.25 -3.20 -49.59
CA TYR G 381 -23.11 -1.97 -48.84
C TYR G 381 -22.08 -2.13 -47.72
N PHE G 382 -22.17 -3.23 -46.97
CA PHE G 382 -21.21 -3.54 -45.93
C PHE G 382 -19.79 -3.59 -46.47
N GLN G 383 -19.60 -4.33 -47.58
CA GLN G 383 -18.24 -4.57 -48.08
C GLN G 383 -17.65 -3.32 -48.74
N HIS G 384 -18.51 -2.46 -49.30
CA HIS G 384 -18.01 -1.17 -49.77
C HIS G 384 -17.46 -0.36 -48.60
N LEU G 385 -18.14 -0.42 -47.46
CA LEU G 385 -17.65 0.28 -46.27
C LEU G 385 -16.33 -0.33 -45.83
N VAL G 386 -16.31 -1.65 -45.65
CA VAL G 386 -15.08 -2.33 -45.25
C VAL G 386 -13.94 -1.96 -46.17
N ALA G 387 -14.22 -1.90 -47.47
CA ALA G 387 -13.17 -1.67 -48.46
C ALA G 387 -12.44 -0.36 -48.24
N GLN G 388 -13.10 0.64 -47.64
CA GLN G 388 -12.43 1.92 -47.39
C GLN G 388 -11.31 1.78 -46.38
N TYR G 389 -11.28 0.72 -45.60
CA TYR G 389 -10.17 0.50 -44.68
C TYR G 389 -9.04 -0.29 -45.32
N HIS G 390 -9.14 -0.61 -46.60
CA HIS G 390 -8.13 -1.41 -47.27
C HIS G 390 -7.58 -0.70 -48.49
N GLN G 391 -7.34 0.61 -48.35
CA GLN G 391 -6.64 1.36 -49.40
C GLN G 391 -5.13 1.33 -49.13
N ALA H 23 13.29 -5.85 -35.32
CA ALA H 23 14.40 -5.38 -34.47
C ALA H 23 14.44 -6.20 -33.17
N VAL H 24 15.62 -6.67 -32.78
CA VAL H 24 15.80 -7.53 -31.57
C VAL H 24 15.66 -6.67 -30.31
N GLU H 25 14.91 -7.17 -29.32
CA GLU H 25 14.65 -6.44 -28.09
C GLU H 25 15.84 -6.57 -27.13
N LYS H 26 16.31 -5.44 -26.62
CA LYS H 26 17.52 -5.42 -25.82
C LYS H 26 17.26 -4.63 -24.54
N LEU H 27 18.11 -4.89 -23.54
CA LEU H 27 17.99 -4.21 -22.27
C LEU H 27 19.29 -3.49 -21.94
N PRO H 28 19.22 -2.42 -21.14
CA PRO H 28 20.46 -1.79 -20.67
C PRO H 28 21.16 -2.71 -19.68
N GLU H 29 22.50 -2.63 -19.65
CA GLU H 29 23.24 -3.42 -18.69
C GLU H 29 22.81 -3.10 -17.26
N ASP H 30 22.44 -1.86 -16.98
CA ASP H 30 22.05 -1.46 -15.63
C ASP H 30 20.58 -1.69 -15.31
N PHE H 31 19.86 -2.44 -16.14
CA PHE H 31 18.44 -2.71 -15.89
C PHE H 31 18.22 -3.30 -14.51
N CYS H 32 17.35 -2.68 -13.74
CA CYS H 32 17.18 -3.08 -12.35
C CYS H 32 18.50 -3.18 -11.60
N ALA H 33 19.55 -2.43 -12.02
CA ALA H 33 20.74 -2.41 -11.19
C ALA H 33 20.47 -1.78 -9.83
N ASN H 34 19.51 -0.85 -9.77
CA ASN H 34 19.14 -0.17 -8.53
C ASN H 34 17.76 -0.61 -8.08
N PRO H 35 17.66 -1.60 -7.19
CA PRO H 35 16.34 -2.12 -6.82
C PRO H 35 15.42 -1.07 -6.20
N ASP H 36 16.00 0.01 -5.65
CA ASP H 36 15.22 1.08 -4.95
C ASP H 36 14.27 1.77 -5.92
N VAL H 37 14.75 2.07 -7.12
CA VAL H 37 13.86 2.63 -8.18
C VAL H 37 13.98 1.71 -9.39
N ALA H 38 13.07 0.76 -9.51
CA ALA H 38 13.19 -0.21 -10.61
C ALA H 38 11.83 -0.68 -11.11
N TRP H 39 11.80 -1.08 -12.39
CA TRP H 39 10.59 -1.59 -13.06
C TRP H 39 10.88 -2.93 -13.72
N THR H 40 9.85 -3.76 -13.84
CA THR H 40 9.99 -5.03 -14.53
C THR H 40 10.29 -4.81 -16.00
N PHE H 41 10.62 -5.92 -16.69
CA PHE H 41 10.87 -5.89 -18.14
C PHE H 41 9.73 -5.19 -18.85
N PRO H 42 10.00 -4.46 -19.92
CA PRO H 42 8.95 -4.15 -20.89
C PRO H 42 8.21 -5.42 -21.25
N LYS H 43 6.90 -5.29 -21.45
CA LYS H 43 6.01 -6.44 -21.52
C LYS H 43 6.45 -7.43 -22.59
N VAL H 44 7.17 -6.97 -23.61
CA VAL H 44 7.52 -7.86 -24.70
C VAL H 44 8.44 -8.99 -24.22
N PHE H 45 9.17 -8.77 -23.14
CA PHE H 45 10.08 -9.81 -22.67
C PHE H 45 9.34 -11.02 -22.10
N TYR H 46 8.11 -10.84 -21.66
CA TYR H 46 7.27 -11.91 -21.16
C TYR H 46 6.43 -12.60 -22.23
N THR H 47 6.36 -12.05 -23.44
CA THR H 47 5.43 -12.58 -24.43
C THR H 47 6.06 -12.90 -25.78
N SER H 48 7.17 -12.30 -26.15
CA SER H 48 7.68 -12.44 -27.50
C SER H 48 8.32 -13.81 -27.74
N SER H 49 7.94 -14.45 -28.84
CA SER H 49 8.55 -15.72 -29.18
C SER H 49 10.00 -15.52 -29.60
N GLN H 50 10.32 -14.36 -30.16
CA GLN H 50 11.72 -14.07 -30.48
C GLN H 50 12.57 -13.96 -29.21
N VAL H 51 12.05 -13.30 -28.17
CA VAL H 51 12.80 -13.20 -26.92
C VAL H 51 12.96 -14.59 -26.30
N PHE H 52 11.92 -15.41 -26.35
CA PHE H 52 12.03 -16.74 -25.78
C PHE H 52 13.10 -17.57 -26.50
N GLU H 53 13.09 -17.56 -27.85
CA GLU H 53 14.10 -18.35 -28.55
C GLU H 53 15.50 -17.94 -28.12
N HIS H 54 15.73 -16.65 -27.87
CA HIS H 54 17.04 -16.22 -27.40
C HIS H 54 17.32 -16.71 -25.98
N GLU H 55 16.33 -16.57 -25.09
CA GLU H 55 16.52 -17.07 -23.74
C GLU H 55 16.66 -18.58 -23.74
N LYS H 56 16.01 -19.25 -24.69
CA LYS H 56 16.11 -20.70 -24.79
C LYS H 56 17.55 -21.15 -25.00
N GLU H 57 18.27 -20.49 -25.92
CA GLU H 57 19.62 -20.90 -26.29
C GLU H 57 20.68 -20.20 -25.47
N ALA H 58 20.46 -18.92 -25.15
CA ALA H 58 21.44 -18.17 -24.38
C ALA H 58 21.37 -18.55 -22.91
N ILE H 59 20.21 -18.96 -22.43
CA ILE H 59 20.04 -19.30 -21.01
C ILE H 59 19.88 -20.81 -20.84
N PHE H 60 18.81 -21.37 -21.37
CA PHE H 60 18.44 -22.70 -20.94
C PHE H 60 19.25 -23.80 -21.65
N ALA H 61 19.92 -23.48 -22.75
CA ALA H 61 20.83 -24.41 -23.39
C ALA H 61 22.27 -24.21 -22.96
N LYS H 62 22.52 -23.24 -22.06
CA LYS H 62 23.88 -22.93 -21.64
C LYS H 62 24.00 -22.76 -20.13
N SER H 63 23.01 -23.20 -19.38
CA SER H 63 23.04 -23.11 -17.93
C SER H 63 22.77 -24.48 -17.35
N TRP H 64 23.15 -24.65 -16.09
CA TRP H 64 22.85 -25.86 -15.35
C TRP H 64 21.38 -25.83 -14.95
N ILE H 65 20.63 -26.84 -15.39
CA ILE H 65 19.19 -26.95 -15.18
C ILE H 65 18.93 -28.05 -14.17
N CYS H 66 18.33 -27.71 -13.05
CA CYS H 66 18.04 -28.70 -12.05
C CYS H 66 16.89 -29.58 -12.53
N VAL H 67 17.02 -30.88 -12.34
CA VAL H 67 16.00 -31.79 -12.83
C VAL H 67 15.42 -32.68 -11.75
N ALA H 68 16.13 -32.90 -10.64
CA ALA H 68 15.65 -33.91 -9.72
C ALA H 68 16.45 -33.83 -8.43
N HIS H 69 15.90 -34.47 -7.40
CA HIS H 69 16.67 -34.80 -6.23
C HIS H 69 17.52 -36.04 -6.50
N GLY H 70 18.67 -36.11 -5.83
CA GLY H 70 19.59 -37.21 -6.03
C GLY H 70 18.97 -38.57 -5.77
N SER H 71 17.95 -38.62 -4.89
CA SER H 71 17.34 -39.90 -4.52
C SER H 71 16.72 -40.63 -5.71
N GLU H 72 16.31 -39.91 -6.76
CA GLU H 72 15.72 -40.55 -7.93
C GLU H 72 16.74 -41.30 -8.76
N LEU H 73 18.02 -41.04 -8.55
CA LEU H 73 19.09 -41.53 -9.40
C LEU H 73 20.22 -42.13 -8.57
N ALA H 74 19.89 -42.69 -7.40
CA ALA H 74 20.89 -43.10 -6.41
C ALA H 74 21.47 -44.47 -6.70
N GLN H 75 20.73 -45.32 -7.39
CA GLN H 75 21.16 -46.67 -7.60
C GLN H 75 21.60 -46.88 -9.05
N PRO H 76 22.54 -47.81 -9.29
CA PRO H 76 22.90 -48.16 -10.66
C PRO H 76 21.66 -48.59 -11.44
N ASN H 77 21.58 -48.16 -12.70
CA ASN H 77 20.47 -48.40 -13.62
C ASN H 77 19.28 -47.47 -13.38
N ASP H 78 19.28 -46.70 -12.31
CA ASP H 78 18.23 -45.71 -12.11
C ASP H 78 18.25 -44.71 -13.25
N TYR H 79 17.08 -44.36 -13.77
CA TYR H 79 16.97 -43.30 -14.78
C TYR H 79 15.70 -42.48 -14.57
N ILE H 80 15.76 -41.25 -15.05
CA ILE H 80 14.59 -40.40 -15.16
C ILE H 80 14.59 -39.79 -16.55
N THR H 81 13.43 -39.29 -16.97
CA THR H 81 13.33 -38.49 -18.19
C THR H 81 12.69 -37.17 -17.83
N ARG H 82 13.16 -36.10 -18.48
CA ARG H 82 12.63 -34.75 -18.35
C ARG H 82 12.48 -34.15 -19.74
N LYS H 83 11.60 -33.16 -19.87
CA LYS H 83 11.51 -32.37 -21.09
C LYS H 83 11.69 -30.91 -20.76
N VAL H 84 12.65 -30.27 -21.44
CA VAL H 84 12.87 -28.85 -21.22
C VAL H 84 13.37 -28.24 -22.51
N ILE H 85 12.81 -27.07 -22.80
CA ILE H 85 12.96 -26.30 -24.04
C ILE H 85 12.99 -27.23 -25.25
N GLY H 86 12.06 -28.18 -25.29
CA GLY H 86 11.88 -29.04 -26.43
C GLY H 86 12.80 -30.26 -26.47
N GLU H 87 13.60 -30.48 -25.43
CA GLU H 87 14.56 -31.59 -25.41
C GLU H 87 14.08 -32.64 -24.44
N ASN H 88 13.79 -33.83 -24.96
CA ASN H 88 13.48 -34.99 -24.12
C ASN H 88 14.82 -35.57 -23.69
N ILE H 89 15.12 -35.51 -22.40
CA ILE H 89 16.42 -35.88 -21.88
C ILE H 89 16.28 -37.08 -20.96
N VAL H 90 17.25 -38.00 -21.02
CA VAL H 90 17.31 -39.12 -20.09
C VAL H 90 18.52 -38.92 -19.18
N ILE H 91 18.30 -39.03 -17.89
CA ILE H 91 19.39 -39.02 -16.91
C ILE H 91 19.45 -40.40 -16.30
N ILE H 92 20.65 -41.01 -16.28
CA ILE H 92 20.72 -42.44 -16.00
C ILE H 92 22.01 -42.74 -15.25
N ARG H 93 21.87 -43.50 -14.18
CA ARG H 93 23.00 -43.97 -13.39
C ARG H 93 23.45 -45.30 -13.99
N GLY H 94 24.62 -45.30 -14.61
CA GLY H 94 25.11 -46.49 -15.27
C GLY H 94 25.38 -47.63 -14.31
N LYS H 95 25.62 -48.83 -14.85
CA LYS H 95 25.89 -49.99 -13.95
C LYS H 95 27.21 -49.74 -13.21
N ASP H 96 28.08 -48.92 -13.79
CA ASP H 96 29.30 -48.52 -13.12
C ASP H 96 29.08 -47.41 -12.09
N SER H 97 27.82 -47.04 -11.82
CA SER H 97 27.47 -46.00 -10.85
C SER H 97 27.83 -44.58 -11.30
N VAL H 98 28.23 -44.40 -12.54
CA VAL H 98 28.52 -43.07 -13.06
C VAL H 98 27.23 -42.46 -13.61
N LEU H 99 26.89 -41.27 -13.12
CA LEU H 99 25.68 -40.59 -13.56
C LEU H 99 25.94 -39.92 -14.90
N ARG H 100 25.04 -40.15 -15.86
CA ARG H 100 25.16 -39.60 -17.19
C ARG H 100 23.81 -39.07 -17.63
N ALA H 101 23.86 -38.22 -18.64
CA ALA H 101 22.65 -37.71 -19.26
C ALA H 101 22.79 -37.81 -20.76
N PHE H 102 21.68 -38.11 -21.43
CA PHE H 102 21.63 -38.23 -22.88
C PHE H 102 20.35 -37.63 -23.41
N TYR H 103 20.41 -37.06 -24.62
CA TYR H 103 19.20 -36.81 -25.39
C TYR H 103 18.48 -38.11 -25.66
N ASN H 104 17.18 -38.10 -25.39
CA ASN H 104 16.39 -39.33 -25.37
C ASN H 104 15.94 -39.66 -26.79
N VAL H 105 16.92 -39.95 -27.65
CA VAL H 105 16.60 -40.15 -29.07
C VAL H 105 17.60 -41.12 -29.67
N CYS H 106 17.08 -42.17 -30.29
CA CYS H 106 17.97 -43.19 -30.88
C CYS H 106 18.78 -42.60 -32.03
N PRO H 107 20.09 -42.90 -32.12
CA PRO H 107 20.94 -42.42 -33.21
C PRO H 107 20.61 -43.04 -34.59
N HIS H 108 19.89 -44.16 -34.64
CA HIS H 108 19.50 -44.79 -35.91
C HIS H 108 18.48 -43.92 -36.64
N ARG H 109 17.21 -43.94 -36.24
CA ARG H 109 16.23 -43.15 -36.98
C ARG H 109 15.31 -42.35 -36.05
N GLY H 110 15.73 -42.07 -34.82
CA GLY H 110 15.07 -41.02 -34.06
C GLY H 110 13.92 -41.45 -33.17
N HIS H 111 13.68 -42.73 -33.00
CA HIS H 111 12.66 -43.11 -32.04
C HIS H 111 13.15 -42.75 -30.65
N GLU H 112 12.22 -42.40 -29.77
CA GLU H 112 12.60 -42.12 -28.40
C GLU H 112 13.08 -43.39 -27.73
N LEU H 113 14.01 -43.27 -26.78
CA LEU H 113 14.64 -44.46 -26.24
C LEU H 113 14.00 -44.95 -24.95
N LEU H 114 13.78 -44.07 -23.99
CA LEU H 114 13.19 -44.46 -22.72
C LEU H 114 12.00 -43.58 -22.42
N SER H 115 11.10 -44.10 -21.63
CA SER H 115 9.94 -43.36 -21.20
C SER H 115 9.84 -43.44 -19.68
N GLY H 116 9.31 -42.37 -19.09
CA GLY H 116 9.05 -42.36 -17.66
C GLY H 116 10.33 -42.36 -16.86
N SER H 117 10.27 -43.06 -15.72
CA SER H 117 11.34 -43.16 -14.74
C SER H 117 11.39 -44.57 -14.19
N GLY H 118 12.57 -45.01 -13.79
CA GLY H 118 12.61 -46.31 -13.17
C GLY H 118 14.01 -46.92 -13.27
N LYS H 119 14.04 -48.24 -13.22
CA LYS H 119 15.28 -49.00 -13.32
C LYS H 119 15.43 -49.53 -14.74
N ALA H 120 16.46 -49.06 -15.44
CA ALA H 120 16.74 -49.57 -16.76
C ALA H 120 17.27 -51.01 -16.69
N LYS H 121 17.00 -51.78 -17.75
CA LYS H 121 17.68 -53.07 -17.89
C LYS H 121 19.15 -52.84 -18.17
N ASN H 122 19.91 -53.93 -18.31
CA ASN H 122 21.34 -53.76 -18.42
C ASN H 122 21.75 -53.15 -19.74
N VAL H 123 20.90 -53.20 -20.76
CA VAL H 123 21.11 -52.42 -21.95
C VAL H 123 19.80 -51.71 -22.27
N ILE H 124 19.90 -50.63 -23.03
CA ILE H 124 18.75 -49.89 -23.54
C ILE H 124 18.44 -50.42 -24.93
N THR H 125 17.22 -50.91 -25.13
CA THR H 125 16.81 -51.44 -26.42
C THR H 125 15.86 -50.45 -27.08
N CYS H 126 16.29 -49.82 -28.16
CA CYS H 126 15.36 -48.88 -28.80
C CYS H 126 14.12 -49.66 -29.27
N PRO H 127 12.90 -49.17 -29.02
CA PRO H 127 11.69 -49.90 -29.40
C PRO H 127 11.41 -50.08 -30.90
N TYR H 128 12.08 -49.35 -31.78
CA TYR H 128 11.77 -49.42 -33.22
C TYR H 128 12.52 -50.56 -33.93
N HIS H 129 13.85 -50.54 -33.93
CA HIS H 129 14.69 -51.54 -34.66
C HIS H 129 15.57 -52.34 -33.70
N ALA H 130 15.41 -52.12 -32.41
CA ALA H 130 16.01 -52.89 -31.34
C ALA H 130 17.53 -52.79 -31.33
N TRP H 131 18.10 -51.70 -31.84
CA TRP H 131 19.47 -51.39 -31.46
C TRP H 131 19.55 -51.37 -29.94
N THR H 132 20.65 -51.90 -29.39
CA THR H 132 20.84 -51.89 -27.94
C THR H 132 22.03 -51.03 -27.58
N PHE H 133 21.93 -50.35 -26.45
CA PHE H 133 22.99 -49.45 -26.02
C PHE H 133 23.38 -49.79 -24.60
N LYS H 134 24.63 -49.51 -24.27
CA LYS H 134 25.09 -49.70 -22.87
C LYS H 134 24.61 -48.49 -22.06
N LEU H 135 24.52 -48.62 -20.74
CA LEU H 135 24.03 -47.48 -19.93
C LEU H 135 24.95 -46.26 -20.07
N ASP H 136 26.05 -46.39 -20.79
CA ASP H 136 26.90 -45.23 -21.05
C ASP H 136 26.68 -44.68 -22.44
N GLY H 137 25.66 -45.17 -23.14
CA GLY H 137 25.29 -44.61 -24.42
C GLY H 137 25.98 -45.25 -25.60
N SER H 138 27.07 -45.99 -25.35
CA SER H 138 27.80 -46.62 -26.43
C SER H 138 26.89 -47.66 -27.09
N LEU H 139 26.98 -47.71 -28.42
CA LEU H 139 26.29 -48.77 -29.14
C LEU H 139 26.83 -50.12 -28.70
N ALA H 140 25.93 -50.95 -28.21
CA ALA H 140 26.25 -52.33 -27.81
C ALA H 140 26.08 -53.19 -29.05
N LEU H 141 24.85 -53.28 -29.54
CA LEU H 141 24.58 -54.07 -30.74
C LEU H 141 23.62 -53.35 -31.68
N ALA H 142 24.00 -53.20 -32.92
CA ALA H 142 23.04 -52.70 -33.91
C ALA H 142 22.75 -53.89 -34.79
N ARG H 143 21.53 -54.43 -34.81
CA ARG H 143 21.13 -55.57 -35.62
C ARG H 143 21.59 -55.38 -37.08
N ASN H 144 22.12 -56.45 -37.67
CA ASN H 144 22.51 -56.51 -39.07
C ASN H 144 23.64 -55.57 -39.40
N CYS H 145 24.20 -54.86 -38.42
CA CYS H 145 25.21 -53.84 -38.81
C CYS H 145 26.45 -54.43 -39.48
N ASP H 146 26.65 -55.73 -39.37
CA ASP H 146 27.85 -56.38 -39.97
C ASP H 146 27.76 -56.38 -41.49
N HIS H 147 26.55 -56.24 -42.02
CA HIS H 147 26.29 -56.29 -43.44
C HIS H 147 25.93 -54.95 -44.04
N VAL H 148 26.09 -53.86 -43.29
CA VAL H 148 25.81 -52.52 -43.81
C VAL H 148 27.15 -51.89 -44.16
N GLU H 149 27.27 -51.42 -45.40
CA GLU H 149 28.55 -50.90 -45.84
C GLU H 149 28.94 -49.67 -45.02
N SER H 150 30.18 -49.66 -44.54
CA SER H 150 30.76 -48.50 -43.88
C SER H 150 29.93 -48.05 -42.68
N PHE H 151 29.44 -49.00 -41.90
CA PHE H 151 28.68 -48.63 -40.70
C PHE H 151 29.60 -47.95 -39.69
N ASP H 152 29.19 -46.77 -39.26
CA ASP H 152 29.97 -45.95 -38.32
C ASP H 152 29.50 -46.26 -36.89
N LYS H 153 30.15 -47.22 -36.24
CA LYS H 153 29.63 -47.65 -34.94
C LYS H 153 29.81 -46.58 -33.86
N GLU H 154 30.94 -45.87 -33.83
CA GLU H 154 31.11 -44.95 -32.72
C GLU H 154 30.45 -43.61 -32.96
N ASN H 155 29.94 -43.34 -34.17
CA ASN H 155 29.03 -42.22 -34.34
C ASN H 155 27.58 -42.67 -34.33
N SER H 156 27.32 -43.88 -33.82
CA SER H 156 25.98 -44.41 -33.63
C SER H 156 25.67 -44.66 -32.16
N SER H 157 26.36 -43.97 -31.27
CA SER H 157 26.04 -44.02 -29.86
C SER H 157 25.03 -42.92 -29.51
N MET H 158 24.33 -43.12 -28.39
CA MET H 158 23.52 -42.05 -27.84
C MET H 158 24.36 -40.80 -27.60
N VAL H 159 23.74 -39.64 -27.76
CA VAL H 159 24.39 -38.35 -27.72
C VAL H 159 24.31 -37.81 -26.25
N PRO H 160 25.41 -37.54 -25.62
CA PRO H 160 25.38 -37.11 -24.21
C PRO H 160 25.22 -35.62 -24.02
N LEU H 161 24.92 -35.26 -22.77
CA LEU H 161 25.06 -33.89 -22.33
C LEU H 161 25.58 -33.93 -20.90
N LYS H 162 26.01 -32.79 -20.42
CA LYS H 162 26.62 -32.76 -19.09
C LYS H 162 25.56 -32.96 -18.01
N VAL H 163 25.94 -33.67 -16.95
CA VAL H 163 25.11 -33.82 -15.76
C VAL H 163 26.05 -33.73 -14.56
N GLU H 164 25.57 -33.13 -13.48
CA GLU H 164 26.39 -32.97 -12.28
C GLU H 164 25.49 -33.07 -11.07
N GLU H 165 26.01 -33.72 -10.05
CA GLU H 165 25.30 -33.83 -8.76
C GLU H 165 25.86 -32.72 -7.90
N TYR H 166 25.00 -31.84 -7.42
CA TYR H 166 25.38 -30.65 -6.69
C TYR H 166 24.28 -30.34 -5.69
N ALA H 167 24.68 -30.05 -4.46
CA ALA H 167 23.76 -29.70 -3.38
C ALA H 167 22.80 -30.84 -3.08
N GLY H 168 23.14 -32.07 -3.47
CA GLY H 168 22.20 -33.15 -3.29
C GLY H 168 21.15 -33.25 -4.37
N PHE H 169 21.21 -32.40 -5.40
CA PHE H 169 20.24 -32.44 -6.52
C PHE H 169 20.99 -32.71 -7.83
N VAL H 170 20.26 -32.84 -8.93
CA VAL H 170 20.85 -33.23 -10.20
C VAL H 170 20.59 -32.15 -11.22
N PHE H 171 21.65 -31.66 -11.86
CA PHE H 171 21.59 -30.60 -12.85
C PHE H 171 22.10 -31.13 -14.19
N ILE H 172 21.47 -30.71 -15.27
CA ILE H 172 22.00 -31.01 -16.59
C ILE H 172 22.42 -29.71 -17.26
N ASN H 173 23.25 -29.83 -18.29
CA ASN H 173 23.73 -28.67 -19.05
C ASN H 173 23.97 -29.08 -20.49
N MET H 174 23.32 -28.36 -21.40
CA MET H 174 23.40 -28.66 -22.82
C MET H 174 24.65 -28.08 -23.48
N ASP H 175 25.38 -27.20 -22.78
CA ASP H 175 26.59 -26.60 -23.32
C ASP H 175 27.76 -27.54 -23.04
N GLU H 176 28.39 -28.03 -24.11
CA GLU H 176 29.52 -28.96 -23.94
C GLU H 176 30.68 -28.34 -23.19
N ASN H 177 30.80 -27.02 -23.22
CA ASN H 177 31.93 -26.33 -22.62
C ASN H 177 31.59 -25.77 -21.24
N ALA H 178 30.43 -26.13 -20.69
CA ALA H 178 30.07 -25.70 -19.35
C ALA H 178 31.08 -26.24 -18.34
N THR H 179 31.24 -25.53 -17.22
CA THR H 179 32.18 -25.95 -16.18
C THR H 179 31.47 -26.81 -15.13
N CYS H 180 30.93 -26.17 -14.09
CA CYS H 180 30.29 -26.93 -13.02
C CYS H 180 29.26 -26.02 -12.36
N VAL H 181 28.35 -26.62 -11.62
CA VAL H 181 27.24 -25.88 -11.03
C VAL H 181 27.72 -24.84 -10.01
N GLU H 182 28.82 -25.12 -9.30
CA GLU H 182 29.30 -24.15 -8.31
C GLU H 182 29.71 -22.83 -8.97
N ASP H 183 30.22 -22.87 -10.20
CA ASP H 183 30.54 -21.61 -10.88
C ASP H 183 29.27 -20.81 -11.16
N GLN H 184 28.13 -21.48 -11.24
CA GLN H 184 26.87 -20.81 -11.51
C GLN H 184 26.17 -20.33 -10.24
N LEU H 185 26.26 -21.10 -9.16
CA LEU H 185 25.56 -20.82 -7.91
C LEU H 185 26.59 -20.81 -6.77
N PRO H 186 27.60 -19.93 -6.86
CA PRO H 186 28.68 -19.93 -5.85
C PRO H 186 28.12 -19.85 -4.44
N GLY H 187 28.48 -20.82 -3.61
CA GLY H 187 28.07 -20.85 -2.23
C GLY H 187 26.72 -21.49 -1.98
N PHE H 188 25.98 -21.85 -3.03
CA PHE H 188 24.60 -22.26 -2.82
C PHE H 188 24.53 -23.61 -2.10
N ALA H 189 25.29 -24.60 -2.58
CA ALA H 189 25.33 -25.87 -1.88
C ALA H 189 25.75 -25.67 -0.43
N GLU H 190 26.78 -24.87 -0.20
CA GLU H 190 27.22 -24.56 1.16
C GLU H 190 26.07 -24.01 2.01
N ARG H 191 25.34 -23.03 1.49
CA ARG H 191 24.24 -22.42 2.28
C ARG H 191 23.06 -23.38 2.41
N LEU H 192 22.74 -24.13 1.36
CA LEU H 192 21.60 -25.04 1.40
C LEU H 192 21.84 -26.15 2.42
N ASN H 193 23.03 -26.70 2.45
CA ASN H 193 23.36 -27.72 3.44
C ASN H 193 23.29 -27.18 4.87
N GLN H 194 23.45 -25.87 5.06
CA GLN H 194 23.18 -25.26 6.36
C GLN H 194 21.69 -25.10 6.63
N ALA H 195 20.85 -24.94 5.59
CA ALA H 195 19.42 -24.77 5.84
C ALA H 195 18.73 -26.10 6.12
N CYS H 196 19.16 -27.18 5.47
CA CYS H 196 18.57 -28.50 5.62
C CYS H 196 19.69 -29.52 5.76
N GLY H 197 19.76 -30.18 6.91
CA GLY H 197 20.80 -31.16 7.16
C GLY H 197 20.47 -32.58 6.78
N VAL H 198 19.32 -32.82 6.15
CA VAL H 198 18.93 -34.20 5.85
C VAL H 198 18.62 -34.37 4.37
N ILE H 199 19.22 -33.55 3.51
CA ILE H 199 18.88 -33.56 2.09
C ILE H 199 19.15 -34.94 1.49
N LYS H 200 20.26 -35.57 1.89
CA LYS H 200 20.59 -36.88 1.35
C LYS H 200 19.57 -37.94 1.73
N ASP H 201 18.80 -37.71 2.78
CA ASP H 201 17.79 -38.67 3.22
C ASP H 201 16.41 -38.40 2.64
N LEU H 202 16.22 -37.31 1.90
CA LEU H 202 14.91 -37.01 1.34
C LEU H 202 14.51 -38.03 0.26
N LYS H 203 13.22 -38.29 0.18
CA LYS H 203 12.65 -39.16 -0.84
C LYS H 203 11.44 -38.48 -1.46
N LEU H 204 11.22 -38.71 -2.75
CA LEU H 204 10.13 -38.03 -3.45
C LEU H 204 8.78 -38.50 -2.92
N ALA H 205 8.04 -37.60 -2.29
CA ALA H 205 6.73 -37.92 -1.73
C ALA H 205 5.56 -37.61 -2.66
N ALA H 206 5.67 -36.56 -3.46
CA ALA H 206 4.60 -36.12 -4.34
C ALA H 206 5.19 -35.21 -5.39
N ARG H 207 4.61 -35.24 -6.57
CA ARG H 207 4.99 -34.34 -7.64
C ARG H 207 3.73 -33.83 -8.29
N PHE H 208 3.58 -32.50 -8.36
CA PHE H 208 2.52 -31.85 -9.11
C PHE H 208 3.11 -31.39 -10.43
N VAL H 209 2.57 -31.91 -11.53
CA VAL H 209 2.99 -31.56 -12.88
C VAL H 209 1.89 -30.67 -13.45
N THR H 210 2.25 -29.47 -13.87
CA THR H 210 1.29 -28.54 -14.47
C THR H 210 1.95 -27.83 -15.63
N GLU H 211 1.27 -27.77 -16.76
CA GLU H 211 1.71 -26.91 -17.85
C GLU H 211 1.09 -25.55 -17.62
N THR H 212 1.89 -24.60 -17.20
CA THR H 212 1.38 -23.31 -16.77
C THR H 212 1.42 -22.33 -17.91
N PRO H 213 0.29 -21.67 -18.26
CA PRO H 213 0.32 -20.64 -19.31
C PRO H 213 0.84 -19.30 -18.81
N ALA H 214 2.11 -19.27 -18.39
CA ALA H 214 2.78 -18.03 -18.04
C ALA H 214 4.24 -18.17 -18.43
N ASN H 215 4.84 -17.05 -18.83
CA ASN H 215 6.26 -17.04 -19.12
C ASN H 215 7.04 -17.45 -17.87
N TRP H 216 8.19 -18.12 -18.09
CA TRP H 216 8.93 -18.66 -16.94
C TRP H 216 9.33 -17.55 -15.98
N LYS H 217 9.68 -16.36 -16.51
CA LYS H 217 10.09 -15.22 -15.70
C LYS H 217 8.94 -14.67 -14.86
N VAL H 218 7.70 -14.77 -15.35
CA VAL H 218 6.58 -14.34 -14.53
C VAL H 218 6.45 -15.24 -13.32
N ILE H 219 6.72 -16.53 -13.51
CA ILE H 219 6.63 -17.46 -12.42
C ILE H 219 7.74 -17.20 -11.40
N VAL H 220 8.93 -16.79 -11.87
CA VAL H 220 10.01 -16.43 -10.93
C VAL H 220 9.65 -15.16 -10.18
N ASP H 221 9.16 -14.13 -10.91
CA ASP H 221 8.68 -12.91 -10.28
C ASP H 221 7.78 -13.22 -9.10
N ASN H 222 6.79 -14.07 -9.33
CA ASN H 222 5.84 -14.40 -8.28
C ASN H 222 6.55 -14.97 -7.06
N TYR H 223 7.52 -15.87 -7.25
CA TYR H 223 8.21 -16.46 -6.11
C TYR H 223 9.10 -15.45 -5.38
N MET H 224 9.64 -14.47 -6.09
CA MET H 224 10.66 -13.56 -5.60
C MET H 224 10.14 -12.45 -4.70
N GLU H 225 8.86 -12.44 -4.34
CA GLU H 225 8.32 -11.43 -3.44
C GLU H 225 7.24 -12.05 -2.58
N CYS H 226 7.09 -11.53 -1.38
CA CYS H 226 5.97 -11.89 -0.51
C CYS H 226 5.00 -10.73 -0.35
N TYR H 227 5.16 -9.66 -1.14
CA TYR H 227 4.17 -8.59 -1.25
C TYR H 227 2.75 -9.12 -1.44
N HIS H 228 2.60 -10.28 -2.10
CA HIS H 228 1.28 -10.78 -2.45
C HIS H 228 0.74 -11.81 -1.49
N CYS H 229 1.51 -12.23 -0.48
CA CYS H 229 1.09 -13.39 0.30
C CYS H 229 -0.12 -13.08 1.17
N GLY H 230 -0.17 -11.87 1.72
CA GLY H 230 -1.31 -11.47 2.52
C GLY H 230 -2.61 -11.59 1.73
N PRO H 231 -2.69 -10.90 0.59
CA PRO H 231 -3.94 -10.92 -0.19
C PRO H 231 -4.23 -12.24 -0.89
N ALA H 232 -3.20 -12.91 -1.41
CA ALA H 232 -3.38 -14.06 -2.30
C ALA H 232 -3.31 -15.41 -1.60
N HIS H 233 -2.81 -15.47 -0.35
CA HIS H 233 -2.67 -16.71 0.40
C HIS H 233 -3.27 -16.52 1.79
N PRO H 234 -4.59 -16.57 1.92
CA PRO H 234 -5.21 -16.37 3.24
C PRO H 234 -4.78 -17.40 4.26
N GLY H 235 -4.74 -18.68 3.88
CA GLY H 235 -4.30 -19.74 4.79
C GLY H 235 -2.82 -19.74 5.05
N PHE H 236 -2.04 -19.07 4.21
CA PHE H 236 -0.60 -18.96 4.37
C PHE H 236 -0.18 -17.61 4.97
N ALA H 237 -1.12 -16.86 5.55
CA ALA H 237 -0.79 -15.54 6.06
C ALA H 237 -0.57 -15.48 7.57
N ASP H 238 -1.30 -16.31 8.33
CA ASP H 238 -1.24 -16.29 9.82
C ASP H 238 -0.18 -17.26 10.35
N SER H 239 0.57 -17.93 9.45
CA SER H 239 1.64 -18.86 9.90
C SER H 239 2.99 -18.16 9.77
N VAL H 240 2.99 -16.89 9.36
CA VAL H 240 4.25 -16.14 9.11
C VAL H 240 4.17 -14.79 9.82
N GLN H 241 5.33 -14.16 10.00
CA GLN H 241 5.46 -12.83 10.66
C GLN H 241 6.19 -11.89 9.67
N VAL H 242 5.50 -10.85 9.20
CA VAL H 242 5.97 -9.91 8.22
C VAL H 242 7.15 -9.13 8.78
N ASP H 243 7.28 -8.99 10.13
CA ASP H 243 8.41 -8.35 10.83
C ASP H 243 9.63 -9.24 11.00
N LYS H 244 9.49 -10.55 10.76
CA LYS H 244 10.64 -11.44 10.88
C LYS H 244 10.92 -12.08 9.53
N TYR H 245 11.20 -11.28 8.48
CA TYR H 245 11.29 -11.79 7.12
C TYR H 245 12.31 -11.00 6.31
N TRP H 246 13.29 -11.69 5.72
CA TRP H 246 14.38 -11.06 4.97
C TRP H 246 14.62 -11.78 3.64
N HIS H 247 14.85 -10.98 2.60
CA HIS H 247 15.20 -11.48 1.28
C HIS H 247 16.59 -10.95 0.93
N THR H 248 17.61 -11.78 1.06
CA THR H 248 18.97 -11.38 0.77
C THR H 248 19.39 -12.03 -0.55
N THR H 249 20.11 -11.28 -1.38
CA THR H 249 20.65 -11.77 -2.63
C THR H 249 22.10 -12.21 -2.48
N HIS H 250 22.51 -13.15 -3.32
CA HIS H 250 23.87 -13.69 -3.28
C HIS H 250 24.47 -13.70 -4.68
N GLN H 251 24.96 -14.84 -5.15
CA GLN H 251 25.57 -14.88 -6.48
C GLN H 251 24.78 -15.87 -7.33
N ASN H 252 23.80 -15.33 -8.07
CA ASN H 252 22.88 -16.07 -8.91
C ASN H 252 21.91 -16.90 -8.11
N TRP H 253 21.71 -16.53 -6.86
CA TRP H 253 20.62 -17.07 -6.09
C TRP H 253 20.28 -16.07 -4.98
N THR H 254 19.14 -16.29 -4.36
CA THR H 254 18.68 -15.46 -3.26
C THR H 254 18.10 -16.36 -2.19
N LEU H 255 18.02 -15.82 -0.99
CA LEU H 255 17.50 -16.53 0.18
C LEU H 255 16.43 -15.66 0.83
N GLN H 256 15.23 -16.21 0.98
CA GLN H 256 14.13 -15.63 1.71
C GLN H 256 14.00 -16.36 3.04
N TYR H 257 14.39 -15.67 4.12
CA TYR H 257 14.42 -16.29 5.46
C TYR H 257 13.40 -15.65 6.40
N GLY H 258 12.72 -16.48 7.17
CA GLY H 258 11.79 -15.97 8.16
C GLY H 258 11.52 -17.00 9.24
N PHE H 259 10.91 -16.49 10.31
CA PHE H 259 10.44 -17.31 11.45
C PHE H 259 8.96 -17.62 11.23
N ALA H 260 8.37 -18.54 11.99
CA ALA H 260 6.95 -18.83 11.70
C ALA H 260 6.11 -18.94 12.96
N ARG H 261 4.89 -18.38 12.92
CA ARG H 261 3.92 -18.54 14.04
C ARG H 261 3.54 -20.03 14.12
N SER H 262 3.34 -20.67 12.97
CA SER H 262 2.95 -22.10 12.91
C SER H 262 3.84 -22.88 11.96
N THR H 274 12.34 -20.92 20.98
CA THR H 274 12.98 -21.63 19.87
C THR H 274 11.99 -21.95 18.75
N ASP H 275 11.38 -20.92 18.17
CA ASP H 275 10.37 -21.13 17.17
C ASP H 275 11.01 -21.36 15.79
N PRO H 276 10.25 -21.96 14.84
CA PRO H 276 10.89 -22.58 13.67
C PRO H 276 11.22 -21.61 12.54
N GLU H 277 12.45 -21.71 12.06
CA GLU H 277 12.91 -20.86 10.93
C GLU H 277 12.51 -21.53 9.61
N PHE H 278 12.51 -20.77 8.51
CA PHE H 278 12.25 -21.34 7.19
C PHE H 278 13.12 -20.62 6.15
N HIS H 279 13.44 -21.35 5.08
CA HIS H 279 14.31 -20.88 4.01
C HIS H 279 13.59 -21.02 2.68
N GLY H 280 13.76 -20.02 1.83
CA GLY H 280 13.22 -20.05 0.48
C GLY H 280 14.24 -19.56 -0.50
N PHE H 281 14.86 -20.49 -1.21
CA PHE H 281 15.93 -20.19 -2.17
C PHE H 281 15.38 -20.16 -3.59
N TRP H 282 15.74 -19.11 -4.33
CA TRP H 282 15.62 -19.12 -5.77
C TRP H 282 17.02 -19.18 -6.36
N THR H 283 17.23 -20.08 -7.32
CA THR H 283 18.53 -20.24 -7.96
C THR H 283 18.39 -20.05 -9.47
N TRP H 284 19.43 -19.49 -10.07
CA TRP H 284 19.43 -19.21 -11.49
C TRP H 284 19.45 -20.51 -12.29
N PRO H 285 18.65 -20.61 -13.37
CA PRO H 285 17.70 -19.59 -13.86
C PRO H 285 16.35 -19.65 -13.16
N CYS H 286 15.87 -20.84 -12.85
CA CYS H 286 14.52 -20.89 -12.30
C CYS H 286 14.25 -22.21 -11.60
N THR H 287 14.99 -22.49 -10.55
CA THR H 287 14.63 -23.55 -9.63
C THR H 287 14.60 -22.93 -8.25
N MET H 288 13.60 -23.30 -7.45
CA MET H 288 13.45 -22.75 -6.12
C MET H 288 13.39 -23.89 -5.11
N PHE H 289 14.16 -23.75 -4.03
CA PHE H 289 14.22 -24.76 -2.99
C PHE H 289 13.67 -24.19 -1.69
N ASN H 290 12.68 -24.86 -1.12
CA ASN H 290 12.02 -24.41 0.09
C ASN H 290 12.26 -25.40 1.23
N VAL H 291 12.72 -24.87 2.36
CA VAL H 291 12.87 -25.63 3.59
C VAL H 291 11.88 -25.05 4.59
N PRO H 292 10.71 -25.63 4.75
CA PRO H 292 9.68 -25.03 5.63
C PRO H 292 10.03 -25.26 7.09
N PRO H 293 9.27 -24.68 8.03
CA PRO H 293 9.59 -24.85 9.45
C PRO H 293 9.77 -26.33 9.81
N GLY H 294 10.77 -26.60 10.64
CA GLY H 294 11.19 -27.95 10.97
C GLY H 294 12.47 -28.36 10.28
N SER H 295 12.74 -27.85 9.09
CA SER H 295 13.99 -28.10 8.36
C SER H 295 14.23 -29.58 8.11
N ASN H 296 13.20 -30.42 8.22
CA ASN H 296 13.30 -31.85 8.01
C ASN H 296 12.67 -32.31 6.69
N PHE H 297 12.15 -31.38 5.88
CA PHE H 297 11.58 -31.73 4.58
C PHE H 297 11.75 -30.56 3.63
N MET H 298 11.48 -30.80 2.34
CA MET H 298 11.65 -29.77 1.33
C MET H 298 10.54 -29.85 0.30
N THR H 299 10.22 -28.71 -0.30
CA THR H 299 9.54 -28.65 -1.58
C THR H 299 10.44 -27.91 -2.55
N VAL H 300 10.34 -28.28 -3.83
CA VAL H 300 11.17 -27.70 -4.86
C VAL H 300 10.29 -27.37 -6.07
N ILE H 301 10.52 -26.22 -6.68
CA ILE H 301 9.82 -25.81 -7.90
C ILE H 301 10.83 -25.88 -9.03
N TYR H 302 10.55 -26.74 -10.00
CA TYR H 302 11.32 -26.79 -11.24
C TYR H 302 10.46 -26.16 -12.34
N GLU H 303 11.03 -25.19 -13.04
CA GLU H 303 10.40 -24.55 -14.17
C GLU H 303 11.12 -25.02 -15.43
N PHE H 304 10.42 -25.71 -16.32
CA PHE H 304 11.01 -26.14 -17.57
C PHE H 304 10.28 -25.41 -18.69
N PRO H 305 10.83 -24.33 -19.23
CA PRO H 305 10.07 -23.53 -20.17
C PRO H 305 9.77 -24.32 -21.44
N VAL H 306 8.60 -24.03 -22.01
CA VAL H 306 8.15 -24.60 -23.28
C VAL H 306 8.16 -23.53 -24.37
N ASP H 307 7.46 -22.43 -24.15
CA ASP H 307 7.57 -21.27 -25.04
C ASP H 307 7.33 -20.00 -24.23
N ALA H 308 7.25 -18.87 -24.93
CA ALA H 308 7.16 -17.56 -24.28
C ALA H 308 6.01 -17.48 -23.28
N GLU H 309 4.94 -18.26 -23.49
CA GLU H 309 3.79 -18.15 -22.59
C GLU H 309 3.43 -19.48 -21.96
N THR H 310 4.37 -20.42 -21.96
CA THR H 310 4.08 -21.74 -21.45
C THR H 310 5.29 -22.24 -20.68
N THR H 311 5.05 -22.74 -19.48
CA THR H 311 6.13 -23.22 -18.62
C THR H 311 5.67 -24.49 -17.96
N LEU H 312 6.38 -25.59 -18.19
CA LEU H 312 6.09 -26.80 -17.44
C LEU H 312 6.69 -26.66 -16.05
N GLN H 313 5.92 -27.01 -15.02
CA GLN H 313 6.36 -26.88 -13.64
C GLN H 313 6.27 -28.23 -12.96
N HIS H 314 7.32 -28.60 -12.22
CA HIS H 314 7.24 -29.67 -11.25
C HIS H 314 7.21 -29.03 -9.88
N TYR H 315 6.23 -29.40 -9.07
CA TYR H 315 6.21 -29.03 -7.66
C TYR H 315 6.38 -30.32 -6.87
N ASP H 316 7.59 -30.52 -6.35
CA ASP H 316 8.00 -31.75 -5.68
C ASP H 316 7.98 -31.53 -4.17
N ILE H 317 7.40 -32.47 -3.45
CA ILE H 317 7.42 -32.51 -2.00
C ILE H 317 8.30 -33.69 -1.59
N TYR H 318 9.29 -33.43 -0.74
CA TYR H 318 10.27 -34.45 -0.31
C TYR H 318 10.23 -34.61 1.21
N PHE H 319 10.03 -35.84 1.67
CA PHE H 319 10.15 -36.22 3.07
C PHE H 319 11.24 -37.26 3.21
N THR H 320 11.75 -37.42 4.44
CA THR H 320 12.79 -38.42 4.68
C THR H 320 12.22 -39.83 4.81
N ASN H 321 10.97 -39.96 5.25
CA ASN H 321 10.35 -41.27 5.42
C ASN H 321 9.61 -41.67 4.14
N GLU H 322 9.64 -42.97 3.83
CA GLU H 322 9.00 -43.45 2.63
C GLU H 322 7.49 -43.59 2.83
N GLU H 323 7.07 -44.22 3.92
CA GLU H 323 5.67 -44.34 4.29
C GLU H 323 5.20 -43.02 4.88
N LEU H 324 4.36 -42.30 4.14
CA LEU H 324 3.86 -41.03 4.62
C LEU H 324 2.80 -41.25 5.68
N THR H 325 2.89 -40.47 6.75
CA THR H 325 1.83 -40.37 7.74
C THR H 325 0.62 -39.65 7.14
N GLN H 326 -0.51 -39.72 7.85
CA GLN H 326 -1.72 -39.06 7.38
C GLN H 326 -1.65 -37.56 7.58
N ASP H 327 -0.78 -37.07 8.45
CA ASP H 327 -0.49 -35.63 8.48
C ASP H 327 0.30 -35.23 7.23
N GLN H 328 1.15 -36.12 6.72
CA GLN H 328 1.89 -35.81 5.50
C GLN H 328 0.98 -35.87 4.28
N LYS H 329 0.08 -36.85 4.23
CA LYS H 329 -0.87 -36.93 3.14
C LYS H 329 -1.79 -35.72 3.13
N ASP H 330 -2.09 -35.19 4.31
CA ASP H 330 -2.88 -33.96 4.41
C ASP H 330 -2.12 -32.75 3.90
N LEU H 331 -0.86 -32.61 4.29
CA LEU H 331 -0.08 -31.46 3.83
C LEU H 331 0.08 -31.48 2.32
N ILE H 332 0.30 -32.67 1.75
CA ILE H 332 0.44 -32.78 0.30
C ILE H 332 -0.82 -32.27 -0.39
N GLU H 333 -1.99 -32.64 0.13
CA GLU H 333 -3.24 -32.22 -0.50
C GLU H 333 -3.49 -30.74 -0.32
N TRP H 334 -3.02 -30.16 0.79
CA TRP H 334 -3.10 -28.71 0.99
C TRP H 334 -2.29 -27.97 -0.07
N TYR H 335 -1.07 -28.43 -0.32
CA TYR H 335 -0.28 -27.89 -1.42
C TYR H 335 -0.98 -28.06 -2.77
N ARG H 336 -1.55 -29.24 -3.01
CA ARG H 336 -2.10 -29.51 -4.34
C ARG H 336 -3.35 -28.69 -4.59
N ASN H 337 -4.25 -28.60 -3.60
CA ASN H 337 -5.58 -28.05 -3.79
C ASN H 337 -5.79 -26.66 -3.22
N VAL H 338 -4.94 -26.21 -2.30
CA VAL H 338 -5.15 -24.92 -1.65
C VAL H 338 -4.05 -23.94 -2.01
N PHE H 339 -2.81 -24.32 -1.70
CA PHE H 339 -1.69 -23.38 -1.82
C PHE H 339 -1.32 -23.13 -3.27
N ARG H 340 -0.98 -24.20 -3.99
CA ARG H 340 -0.50 -24.05 -5.35
C ARG H 340 -1.53 -23.45 -6.29
N PRO H 341 -2.80 -23.85 -6.27
CA PRO H 341 -3.77 -23.20 -7.17
C PRO H 341 -3.77 -21.70 -7.02
N GLU H 342 -3.53 -21.18 -5.82
CA GLU H 342 -3.51 -19.74 -5.64
C GLU H 342 -2.38 -19.08 -6.43
N ASP H 343 -1.18 -19.67 -6.41
CA ASP H 343 -0.08 -19.08 -7.18
C ASP H 343 -0.25 -19.31 -8.68
N LEU H 344 -0.82 -20.44 -9.08
CA LEU H 344 -1.02 -20.70 -10.51
C LEU H 344 -2.01 -19.69 -11.11
N ASN H 345 -3.11 -19.43 -10.40
CA ASN H 345 -4.05 -18.42 -10.90
C ASN H 345 -3.38 -17.06 -11.05
N LEU H 346 -2.52 -16.68 -10.09
CA LEU H 346 -1.87 -15.38 -10.15
C LEU H 346 -1.01 -15.22 -11.40
N VAL H 347 -0.13 -16.20 -11.67
CA VAL H 347 0.75 -16.01 -12.81
C VAL H 347 -0.04 -16.12 -14.10
N GLU H 348 -1.11 -16.91 -14.12
CA GLU H 348 -1.89 -17.04 -15.36
C GLU H 348 -2.65 -15.75 -15.66
N SER H 349 -3.22 -15.13 -14.64
CA SER H 349 -3.93 -13.86 -14.84
C SER H 349 -2.96 -12.77 -15.28
N VAL H 350 -1.76 -12.75 -14.70
CA VAL H 350 -0.74 -11.77 -15.07
C VAL H 350 -0.32 -11.96 -16.52
N GLN H 351 -0.12 -13.22 -16.94
CA GLN H 351 0.26 -13.49 -18.33
C GLN H 351 -0.78 -12.91 -19.30
N ARG H 352 -2.06 -13.12 -19.01
CA ARG H 352 -3.12 -12.53 -19.82
C ARG H 352 -3.08 -10.99 -19.76
N GLY H 353 -2.94 -10.43 -18.55
CA GLY H 353 -3.04 -8.99 -18.41
C GLY H 353 -1.93 -8.23 -19.10
N LEU H 354 -0.72 -8.77 -19.12
CA LEU H 354 0.37 -7.94 -19.64
C LEU H 354 0.41 -7.92 -21.17
N LYS H 355 -0.41 -8.72 -21.86
CA LYS H 355 -0.57 -8.50 -23.30
C LYS H 355 -1.51 -7.33 -23.60
N SER H 356 -2.22 -6.80 -22.61
CA SER H 356 -3.20 -5.76 -22.86
C SER H 356 -2.55 -4.44 -23.25
N ARG H 357 -3.16 -3.77 -24.23
CA ARG H 357 -2.72 -2.41 -24.57
C ARG H 357 -2.95 -1.45 -23.41
N GLY H 358 -3.76 -1.82 -22.43
CA GLY H 358 -3.97 -1.02 -21.22
C GLY H 358 -2.94 -1.18 -20.16
N TYR H 359 -2.01 -2.12 -20.35
CA TYR H 359 -0.84 -2.22 -19.48
C TYR H 359 0.26 -1.35 -20.09
N ARG H 360 0.61 -0.26 -19.38
CA ARG H 360 1.55 0.73 -19.89
C ARG H 360 2.89 0.12 -20.31
N GLY H 361 3.22 -1.10 -19.86
CA GLY H 361 4.44 -1.72 -20.36
C GLY H 361 5.28 -2.39 -19.30
N GLN H 362 5.64 -1.65 -18.26
CA GLN H 362 6.49 -2.18 -17.20
C GLN H 362 5.76 -1.98 -15.88
N GLY H 363 6.13 -2.79 -14.89
CA GLY H 363 5.51 -2.76 -13.59
C GLY H 363 6.49 -2.21 -12.56
N ARG H 364 5.99 -1.38 -11.65
CA ARG H 364 6.88 -0.86 -10.62
C ARG H 364 7.22 -1.96 -9.62
N ILE H 365 8.50 -2.18 -9.41
CA ILE H 365 8.95 -3.10 -8.37
C ILE H 365 8.90 -2.36 -7.05
N MET H 366 8.05 -2.82 -6.13
CA MET H 366 7.76 -2.09 -4.91
C MET H 366 8.84 -2.47 -3.87
N THR H 367 10.07 -1.98 -4.13
CA THR H 367 11.16 -2.07 -3.18
C THR H 367 11.01 -0.99 -2.12
N ASP H 368 11.11 -1.36 -0.84
CA ASP H 368 11.18 -0.33 0.19
C ASP H 368 12.57 -0.23 0.82
N LYS H 369 12.88 0.99 1.32
CA LYS H 369 14.21 1.26 1.87
C LYS H 369 14.58 0.29 2.98
N GLN H 370 13.59 -0.14 3.76
CA GLN H 370 13.84 -1.09 4.84
C GLN H 370 14.08 -2.51 4.33
N ARG H 371 13.73 -2.81 3.07
CA ARG H 371 13.79 -4.17 2.53
C ARG H 371 13.00 -5.13 3.43
N SER H 372 11.77 -4.74 3.72
CA SER H 372 10.88 -5.47 4.60
C SER H 372 10.43 -6.77 3.94
N GLY H 373 9.65 -7.54 4.69
CA GLY H 373 9.17 -8.82 4.20
C GLY H 373 8.22 -8.72 3.03
N ILE H 374 7.71 -7.53 2.72
CA ILE H 374 6.81 -7.33 1.59
C ILE H 374 7.45 -6.50 0.50
N SER H 375 8.76 -6.23 0.59
CA SER H 375 9.48 -5.56 -0.48
C SER H 375 9.65 -6.51 -1.66
N GLU H 376 9.57 -5.94 -2.87
CA GLU H 376 9.71 -6.69 -4.10
C GLU H 376 11.12 -6.65 -4.66
N HIS H 377 12.10 -6.18 -3.87
CA HIS H 377 13.45 -5.96 -4.40
C HIS H 377 14.03 -7.25 -5.02
N GLY H 378 13.60 -8.42 -4.54
CA GLY H 378 14.11 -9.66 -5.10
C GLY H 378 13.82 -9.76 -6.59
N ILE H 379 12.71 -9.17 -7.04
CA ILE H 379 12.41 -9.17 -8.46
C ILE H 379 13.50 -8.42 -9.22
N ALA H 380 13.98 -7.29 -8.68
CA ALA H 380 14.99 -6.54 -9.40
C ALA H 380 16.29 -7.32 -9.52
N TYR H 381 16.63 -8.11 -8.50
CA TYR H 381 17.85 -8.89 -8.63
C TYR H 381 17.73 -9.89 -9.76
N PHE H 382 16.63 -10.68 -9.75
CA PHE H 382 16.41 -11.65 -10.81
C PHE H 382 16.43 -10.97 -12.18
N GLN H 383 15.71 -9.86 -12.33
CA GLN H 383 15.59 -9.25 -13.66
C GLN H 383 16.89 -8.60 -14.10
N HIS H 384 17.71 -8.13 -13.16
CA HIS H 384 19.03 -7.62 -13.51
C HIS H 384 19.91 -8.71 -14.11
N LEU H 385 19.83 -9.93 -13.56
CA LEU H 385 20.57 -11.05 -14.13
C LEU H 385 20.04 -11.39 -15.51
N VAL H 386 18.71 -11.51 -15.64
CA VAL H 386 18.14 -11.79 -16.97
C VAL H 386 18.63 -10.77 -17.97
N ALA H 387 18.65 -9.48 -17.58
CA ALA H 387 18.98 -8.43 -18.52
C ALA H 387 20.36 -8.63 -19.15
N GLN H 388 21.28 -9.28 -18.44
CA GLN H 388 22.62 -9.51 -18.97
C GLN H 388 22.61 -10.40 -20.20
N TYR H 389 21.52 -11.13 -20.43
CA TYR H 389 21.37 -11.98 -21.59
C TYR H 389 20.73 -11.27 -22.76
N HIS H 390 20.43 -9.98 -22.64
CA HIS H 390 19.76 -9.21 -23.67
C HIS H 390 20.57 -7.97 -24.04
N GLN H 391 21.89 -8.14 -24.15
CA GLN H 391 22.82 -7.05 -24.55
C GLN H 391 23.07 -7.13 -26.06
N ALA I 23 17.33 -19.87 -45.84
CA ALA I 23 16.91 -19.96 -47.23
C ALA I 23 16.05 -21.21 -47.45
N VAL I 24 15.93 -21.66 -48.70
CA VAL I 24 15.14 -22.82 -49.06
C VAL I 24 16.04 -24.05 -48.95
N GLU I 25 15.49 -25.14 -48.41
CA GLU I 25 16.28 -26.34 -48.16
C GLU I 25 16.38 -27.18 -49.43
N LYS I 26 17.60 -27.48 -49.87
CA LYS I 26 17.82 -28.24 -51.09
C LYS I 26 18.49 -29.57 -50.78
N LEU I 27 18.29 -30.54 -51.67
CA LEU I 27 18.90 -31.84 -51.54
C LEU I 27 19.73 -32.13 -52.79
N PRO I 28 20.77 -32.96 -52.68
CA PRO I 28 21.50 -33.37 -53.87
C PRO I 28 20.63 -34.28 -54.74
N GLU I 29 20.85 -34.16 -56.03
CA GLU I 29 20.05 -34.89 -57.00
C GLU I 29 20.25 -36.38 -56.87
N ASP I 30 21.43 -36.78 -56.45
CA ASP I 30 21.81 -38.14 -56.19
C ASP I 30 21.54 -38.55 -54.75
N PHE I 31 20.73 -37.77 -54.02
CA PHE I 31 20.41 -38.11 -52.64
C PHE I 31 19.80 -39.51 -52.58
N CYS I 32 20.39 -40.37 -51.76
CA CYS I 32 20.03 -41.78 -51.67
C CYS I 32 20.02 -42.46 -53.02
N ALA I 33 20.79 -41.95 -53.98
CA ALA I 33 20.95 -42.67 -55.23
C ALA I 33 21.62 -44.01 -55.02
N ASN I 34 22.46 -44.13 -53.99
CA ASN I 34 23.12 -45.38 -53.66
C ASN I 34 22.61 -45.93 -52.33
N PRO I 35 21.63 -46.83 -52.33
CA PRO I 35 21.06 -47.28 -51.06
C PRO I 35 22.07 -47.97 -50.15
N ASP I 36 23.18 -48.48 -50.70
CA ASP I 36 24.16 -49.19 -49.89
C ASP I 36 24.85 -48.28 -48.91
N VAL I 37 25.00 -47.00 -49.25
CA VAL I 37 25.57 -45.99 -48.35
C VAL I 37 24.64 -44.78 -48.42
N ALA I 38 23.59 -44.78 -47.60
CA ALA I 38 22.58 -43.74 -47.67
C ALA I 38 22.08 -43.41 -46.27
N TRP I 39 21.62 -42.17 -46.12
CA TRP I 39 21.04 -41.66 -44.88
C TRP I 39 19.71 -40.98 -45.21
N THR I 40 18.80 -40.97 -44.24
CA THR I 40 17.53 -40.28 -44.41
C THR I 40 17.75 -38.77 -44.55
N PHE I 41 16.68 -38.07 -44.95
CA PHE I 41 16.72 -36.63 -45.11
C PHE I 41 17.29 -35.95 -43.88
N PRO I 42 18.01 -34.84 -44.04
CA PRO I 42 18.22 -33.92 -42.91
C PRO I 42 16.89 -33.62 -42.22
N LYS I 43 16.95 -33.51 -40.89
CA LYS I 43 15.74 -33.52 -40.08
C LYS I 43 14.75 -32.41 -40.48
N VAL I 44 15.22 -31.32 -41.07
CA VAL I 44 14.31 -30.22 -41.39
C VAL I 44 13.26 -30.67 -42.41
N PHE I 45 13.57 -31.66 -43.24
CA PHE I 45 12.58 -32.07 -44.24
C PHE I 45 11.37 -32.73 -43.60
N TYR I 46 11.50 -33.28 -42.40
CA TYR I 46 10.35 -33.85 -41.72
C TYR I 46 9.58 -32.83 -40.85
N THR I 47 10.12 -31.63 -40.64
CA THR I 47 9.51 -30.71 -39.69
C THR I 47 9.23 -29.32 -40.24
N SER I 48 9.93 -28.87 -41.27
CA SER I 48 9.81 -27.50 -41.72
C SER I 48 8.48 -27.29 -42.42
N SER I 49 7.76 -26.25 -41.97
CA SER I 49 6.49 -25.94 -42.59
C SER I 49 6.69 -25.41 -44.00
N GLN I 50 7.85 -24.83 -44.29
CA GLN I 50 8.11 -24.39 -45.65
C GLN I 50 8.37 -25.57 -46.57
N VAL I 51 9.14 -26.57 -46.12
CA VAL I 51 9.32 -27.78 -46.92
C VAL I 51 7.98 -28.41 -47.23
N PHE I 52 7.10 -28.48 -46.23
CA PHE I 52 5.80 -29.07 -46.46
C PHE I 52 5.02 -28.28 -47.51
N GLU I 53 4.98 -26.95 -47.36
CA GLU I 53 4.26 -26.15 -48.34
C GLU I 53 4.82 -26.38 -49.73
N HIS I 54 6.12 -26.62 -49.84
CA HIS I 54 6.65 -26.94 -51.16
C HIS I 54 6.19 -28.33 -51.60
N GLU I 55 6.29 -29.32 -50.70
CA GLU I 55 5.82 -30.66 -51.05
C GLU I 55 4.32 -30.67 -51.34
N LYS I 56 3.57 -29.81 -50.66
CA LYS I 56 2.13 -29.73 -50.85
C LYS I 56 1.77 -29.37 -52.28
N GLU I 57 2.46 -28.38 -52.85
CA GLU I 57 2.17 -27.85 -54.17
C GLU I 57 2.95 -28.56 -55.28
N ALA I 58 4.20 -28.95 -55.01
CA ALA I 58 5.01 -29.62 -56.03
C ALA I 58 4.65 -31.10 -56.15
N ILE I 59 4.20 -31.71 -55.06
CA ILE I 59 3.87 -33.12 -55.05
C ILE I 59 2.37 -33.35 -54.97
N PHE I 60 1.74 -32.88 -53.90
CA PHE I 60 0.40 -33.39 -53.66
C PHE I 60 -0.68 -32.69 -54.49
N ALA I 61 -0.42 -31.50 -55.04
CA ALA I 61 -1.36 -30.85 -55.93
C ALA I 61 -1.06 -31.11 -57.41
N LYS I 62 -0.03 -31.92 -57.69
CA LYS I 62 0.41 -32.21 -59.05
C LYS I 62 0.70 -33.70 -59.23
N SER I 63 0.18 -34.55 -58.34
CA SER I 63 0.31 -35.98 -58.43
C SER I 63 -1.06 -36.62 -58.29
N TRP I 64 -1.18 -37.83 -58.81
CA TRP I 64 -2.42 -38.58 -58.66
C TRP I 64 -2.50 -39.09 -57.23
N ILE I 65 -3.59 -38.73 -56.56
CA ILE I 65 -3.81 -39.03 -55.16
C ILE I 65 -4.90 -40.08 -55.07
N CYS I 66 -4.56 -41.25 -54.53
CA CYS I 66 -5.53 -42.31 -54.42
C CYS I 66 -6.45 -42.01 -53.23
N VAL I 67 -7.76 -42.16 -53.42
CA VAL I 67 -8.70 -41.79 -52.37
C VAL I 67 -9.63 -42.91 -51.97
N ALA I 68 -9.85 -43.94 -52.81
CA ALA I 68 -10.88 -44.91 -52.51
C ALA I 68 -10.73 -46.11 -53.43
N HIS I 69 -11.38 -47.20 -53.04
CA HIS I 69 -11.61 -48.32 -53.92
C HIS I 69 -12.83 -48.05 -54.80
N GLY I 70 -12.85 -48.63 -56.01
CA GLY I 70 -13.92 -48.38 -56.95
C GLY I 70 -15.31 -48.69 -56.42
N SER I 71 -15.42 -49.70 -55.56
CA SER I 71 -16.73 -50.11 -55.08
C SER I 71 -17.48 -48.97 -54.41
N GLU I 72 -16.77 -47.99 -53.83
CA GLU I 72 -17.48 -46.87 -53.20
C GLU I 72 -18.18 -45.97 -54.22
N LEU I 73 -17.84 -46.07 -55.49
CA LEU I 73 -18.35 -45.14 -56.47
C LEU I 73 -18.85 -45.87 -57.69
N ALA I 74 -19.36 -47.09 -57.48
CA ALA I 74 -19.67 -47.99 -58.58
C ALA I 74 -21.01 -47.67 -59.24
N GLN I 75 -21.95 -47.04 -58.52
CA GLN I 75 -23.31 -46.78 -59.00
C GLN I 75 -23.53 -45.31 -59.31
N PRO I 76 -24.41 -45.00 -60.25
CA PRO I 76 -24.78 -43.60 -60.48
C PRO I 76 -25.25 -42.94 -59.18
N ASN I 77 -24.85 -41.69 -58.98
CA ASN I 77 -25.19 -40.87 -57.81
C ASN I 77 -24.34 -41.20 -56.60
N ASP I 78 -23.54 -42.26 -56.63
CA ASP I 78 -22.60 -42.51 -55.52
C ASP I 78 -21.64 -41.35 -55.39
N TYR I 79 -21.35 -40.95 -54.16
CA TYR I 79 -20.32 -39.95 -53.95
C TYR I 79 -19.57 -40.25 -52.66
N ILE I 80 -18.34 -39.76 -52.61
CA ILE I 80 -17.56 -39.72 -51.37
C ILE I 80 -16.94 -38.34 -51.26
N THR I 81 -16.51 -37.99 -50.05
CA THR I 81 -15.77 -36.77 -49.81
C THR I 81 -14.45 -37.12 -49.13
N ARG I 82 -13.38 -36.42 -49.51
CA ARG I 82 -12.06 -36.60 -48.95
C ARG I 82 -11.48 -35.23 -48.66
N LYS I 83 -10.54 -35.19 -47.71
CA LYS I 83 -9.84 -33.97 -47.37
C LYS I 83 -8.36 -34.24 -47.55
N VAL I 84 -7.69 -33.44 -48.38
CA VAL I 84 -6.27 -33.65 -48.57
C VAL I 84 -5.61 -32.31 -48.89
N ILE I 85 -4.48 -32.10 -48.22
CA ILE I 85 -3.69 -30.87 -48.23
C ILE I 85 -4.60 -29.65 -48.19
N GLY I 86 -5.60 -29.71 -47.32
CA GLY I 86 -6.50 -28.60 -47.07
C GLY I 86 -7.66 -28.51 -48.05
N GLU I 87 -7.79 -29.45 -48.99
CA GLU I 87 -8.82 -29.37 -50.03
C GLU I 87 -9.89 -30.41 -49.74
N ASN I 88 -11.10 -29.94 -49.51
CA ASN I 88 -12.29 -30.78 -49.35
C ASN I 88 -12.80 -31.11 -50.74
N ILE I 89 -12.76 -32.39 -51.11
CA ILE I 89 -13.04 -32.85 -52.46
C ILE I 89 -14.17 -33.86 -52.43
N VAL I 90 -15.08 -33.74 -53.39
CA VAL I 90 -16.16 -34.69 -53.58
C VAL I 90 -15.89 -35.44 -54.88
N ILE I 91 -16.01 -36.76 -54.83
CA ILE I 91 -15.95 -37.60 -56.02
C ILE I 91 -17.32 -38.23 -56.17
N ILE I 92 -17.87 -38.09 -57.37
CA ILE I 92 -19.27 -38.53 -57.58
C ILE I 92 -19.45 -39.21 -58.93
N ARG I 93 -20.18 -40.30 -58.91
CA ARG I 93 -20.54 -41.02 -60.14
C ARG I 93 -21.83 -40.35 -60.60
N GLY I 94 -21.81 -39.72 -61.77
CA GLY I 94 -22.99 -38.99 -62.27
C GLY I 94 -24.17 -39.85 -62.67
N LYS I 95 -25.32 -39.21 -62.91
CA LYS I 95 -26.47 -39.95 -63.41
C LYS I 95 -26.15 -40.69 -64.71
N ASP I 96 -25.22 -40.15 -65.50
CA ASP I 96 -24.74 -40.75 -66.73
C ASP I 96 -23.66 -41.80 -66.50
N SER I 97 -23.40 -42.18 -65.24
CA SER I 97 -22.41 -43.20 -64.87
C SER I 97 -20.97 -42.76 -65.08
N VAL I 98 -20.75 -41.49 -65.37
CA VAL I 98 -19.42 -40.93 -65.58
C VAL I 98 -18.91 -40.45 -64.22
N LEU I 99 -17.72 -40.91 -63.85
CA LEU I 99 -17.11 -40.53 -62.58
C LEU I 99 -16.43 -39.16 -62.69
N ARG I 100 -16.73 -38.28 -61.73
CA ARG I 100 -16.19 -36.93 -61.71
C ARG I 100 -15.75 -36.56 -60.31
N ALA I 101 -14.93 -35.54 -60.24
CA ALA I 101 -14.48 -35.02 -58.95
C ALA I 101 -14.57 -33.50 -58.96
N PHE I 102 -14.94 -32.95 -57.81
CA PHE I 102 -15.11 -31.51 -57.65
C PHE I 102 -14.55 -31.06 -56.30
N TYR I 103 -14.02 -29.84 -56.26
CA TYR I 103 -13.84 -29.16 -54.99
C TYR I 103 -15.18 -28.93 -54.33
N ASN I 104 -15.28 -29.33 -53.08
CA ASN I 104 -16.55 -29.42 -52.38
C ASN I 104 -16.91 -28.06 -51.82
N VAL I 105 -17.15 -27.11 -52.72
CA VAL I 105 -17.42 -25.73 -52.28
C VAL I 105 -18.32 -25.05 -53.29
N CYS I 106 -19.38 -24.45 -52.78
CA CYS I 106 -20.31 -23.81 -53.72
C CYS I 106 -19.66 -22.61 -54.39
N PRO I 107 -19.89 -22.40 -55.69
CA PRO I 107 -19.40 -21.24 -56.41
C PRO I 107 -20.18 -19.96 -56.08
N HIS I 108 -21.31 -20.03 -55.39
CA HIS I 108 -21.96 -18.73 -55.02
C HIS I 108 -21.12 -18.05 -53.95
N ARG I 109 -21.16 -18.55 -52.72
CA ARG I 109 -20.46 -17.88 -51.63
C ARG I 109 -19.70 -18.85 -50.73
N GLY I 110 -19.36 -20.03 -51.24
CA GLY I 110 -18.34 -20.83 -50.59
C GLY I 110 -18.80 -21.81 -49.55
N HIS I 111 -20.10 -22.04 -49.42
CA HIS I 111 -20.57 -23.07 -48.50
C HIS I 111 -20.16 -24.46 -49.01
N GLU I 112 -19.89 -25.37 -48.08
CA GLU I 112 -19.59 -26.72 -48.51
C GLU I 112 -20.83 -27.35 -49.14
N LEU I 113 -20.61 -28.24 -50.09
CA LEU I 113 -21.73 -28.74 -50.88
C LEU I 113 -22.28 -30.06 -50.35
N LEU I 114 -21.41 -31.05 -50.14
CA LEU I 114 -21.85 -32.35 -49.67
C LEU I 114 -20.99 -32.75 -48.48
N SER I 115 -21.54 -33.66 -47.67
CA SER I 115 -20.89 -34.19 -46.50
C SER I 115 -20.93 -35.71 -46.50
N GLY I 116 -19.90 -36.32 -45.92
CA GLY I 116 -19.86 -37.77 -45.80
C GLY I 116 -19.80 -38.44 -47.16
N SER I 117 -20.47 -39.58 -47.27
CA SER I 117 -20.54 -40.39 -48.46
C SER I 117 -21.94 -40.94 -48.56
N GLY I 118 -22.37 -41.24 -49.78
CA GLY I 118 -23.69 -41.85 -49.92
C GLY I 118 -24.18 -41.76 -51.36
N LYS I 119 -25.49 -41.65 -51.49
CA LYS I 119 -26.12 -41.46 -52.78
C LYS I 119 -26.62 -40.02 -52.86
N ALA I 120 -26.05 -39.26 -53.78
CA ALA I 120 -26.52 -37.91 -54.07
C ALA I 120 -27.92 -37.95 -54.68
N LYS I 121 -28.70 -36.91 -54.38
CA LYS I 121 -29.96 -36.68 -55.08
C LYS I 121 -29.67 -36.47 -56.56
N ASN I 122 -30.72 -36.32 -57.39
CA ASN I 122 -30.42 -36.14 -58.80
C ASN I 122 -29.82 -34.77 -59.08
N VAL I 123 -29.96 -33.82 -58.15
CA VAL I 123 -29.17 -32.61 -58.18
C VAL I 123 -28.55 -32.41 -56.82
N ILE I 124 -27.46 -31.65 -56.80
CA ILE I 124 -26.83 -31.25 -55.55
C ILE I 124 -27.41 -29.88 -55.17
N THR I 125 -27.95 -29.79 -53.96
CA THR I 125 -28.54 -28.56 -53.43
C THR I 125 -27.63 -27.97 -52.36
N CYS I 126 -27.12 -26.77 -52.64
CA CYS I 126 -26.27 -26.08 -51.66
C CYS I 126 -27.14 -25.78 -50.44
N PRO I 127 -26.70 -26.07 -49.21
CA PRO I 127 -27.49 -25.80 -48.02
C PRO I 127 -27.69 -24.32 -47.68
N TYR I 128 -26.88 -23.41 -48.24
CA TYR I 128 -26.97 -21.98 -47.88
C TYR I 128 -28.07 -21.24 -48.65
N HIS I 129 -27.97 -21.16 -49.98
CA HIS I 129 -28.94 -20.40 -50.81
C HIS I 129 -29.63 -21.30 -51.84
N ALA I 130 -29.41 -22.61 -51.74
CA ALA I 130 -30.15 -23.58 -52.55
C ALA I 130 -29.91 -23.41 -54.04
N TRP I 131 -28.75 -22.92 -54.46
CA TRP I 131 -28.32 -23.21 -55.82
C TRP I 131 -28.29 -24.72 -56.02
N THR I 132 -28.74 -25.17 -57.18
CA THR I 132 -28.68 -26.57 -57.54
C THR I 132 -27.68 -26.77 -58.65
N PHE I 133 -27.05 -27.95 -58.63
CA PHE I 133 -26.08 -28.34 -59.64
C PHE I 133 -26.41 -29.76 -60.09
N LYS I 134 -26.24 -30.03 -61.38
CA LYS I 134 -26.33 -31.39 -61.86
C LYS I 134 -25.12 -32.18 -61.35
N LEU I 135 -25.21 -33.51 -61.46
CA LEU I 135 -24.13 -34.33 -60.92
C LEU I 135 -22.85 -34.20 -61.72
N ASP I 136 -22.86 -33.44 -62.81
CA ASP I 136 -21.64 -33.11 -63.53
C ASP I 136 -21.13 -31.72 -63.18
N GLY I 137 -21.69 -31.10 -62.17
CA GLY I 137 -21.17 -29.84 -61.74
C GLY I 137 -21.80 -28.64 -62.40
N SER I 138 -22.53 -28.84 -63.50
CA SER I 138 -23.19 -27.74 -64.18
C SER I 138 -24.19 -27.10 -63.25
N LEU I 139 -24.24 -25.76 -63.27
CA LEU I 139 -25.31 -25.06 -62.59
C LEU I 139 -26.66 -25.45 -63.21
N ALA I 140 -27.52 -26.01 -62.39
CA ALA I 140 -28.92 -26.33 -62.75
C ALA I 140 -29.74 -25.06 -62.50
N LEU I 141 -30.10 -24.76 -61.26
CA LEU I 141 -30.84 -23.51 -61.02
C LEU I 141 -30.24 -22.72 -59.86
N ALA I 142 -29.97 -21.44 -60.13
CA ALA I 142 -29.55 -20.44 -59.14
C ALA I 142 -30.82 -19.65 -58.85
N ARG I 143 -31.38 -19.72 -57.63
CA ARG I 143 -32.60 -19.00 -57.29
C ARG I 143 -32.46 -17.51 -57.60
N ASN I 144 -33.52 -16.91 -58.17
CA ASN I 144 -33.58 -15.50 -58.53
C ASN I 144 -32.54 -15.12 -59.56
N CYS I 145 -31.81 -16.10 -60.09
CA CYS I 145 -30.84 -15.85 -61.15
C CYS I 145 -31.40 -14.94 -62.24
N ASP I 146 -32.66 -15.15 -62.62
CA ASP I 146 -33.21 -14.41 -63.74
C ASP I 146 -33.22 -12.89 -63.53
N HIS I 147 -33.20 -12.42 -62.29
CA HIS I 147 -33.29 -10.99 -62.00
C HIS I 147 -31.97 -10.37 -61.56
N VAL I 148 -30.87 -11.08 -61.70
CA VAL I 148 -29.55 -10.58 -61.33
C VAL I 148 -28.81 -10.15 -62.59
N GLU I 149 -28.36 -8.91 -62.61
CA GLU I 149 -27.70 -8.36 -63.79
C GLU I 149 -26.41 -9.11 -64.12
N SER I 150 -26.27 -9.52 -65.38
CA SER I 150 -25.04 -10.10 -65.91
C SER I 150 -24.61 -11.33 -65.12
N PHE I 151 -25.58 -12.13 -64.69
CA PHE I 151 -25.26 -13.36 -63.99
C PHE I 151 -24.53 -14.30 -64.95
N ASP I 152 -23.36 -14.78 -64.55
CA ASP I 152 -22.51 -15.62 -65.39
C ASP I 152 -22.85 -17.08 -65.13
N LYS I 153 -23.83 -17.60 -65.87
CA LYS I 153 -24.27 -18.96 -65.62
C LYS I 153 -23.14 -19.98 -65.86
N GLU I 154 -22.27 -19.73 -66.85
CA GLU I 154 -21.22 -20.70 -67.16
C GLU I 154 -20.13 -20.73 -66.08
N ASN I 155 -19.73 -19.55 -65.57
CA ASN I 155 -18.71 -19.46 -64.52
C ASN I 155 -19.29 -19.70 -63.14
N SER I 156 -20.49 -20.25 -63.02
CA SER I 156 -21.11 -20.55 -61.74
C SER I 156 -21.32 -22.04 -61.54
N SER I 157 -20.55 -22.86 -62.21
CA SER I 157 -20.61 -24.29 -62.00
C SER I 157 -19.62 -24.70 -60.92
N MET I 158 -19.86 -25.88 -60.37
CA MET I 158 -18.85 -26.48 -59.50
C MET I 158 -17.54 -26.58 -60.25
N VAL I 159 -16.43 -26.48 -59.53
CA VAL I 159 -15.10 -26.45 -60.11
C VAL I 159 -14.54 -27.87 -60.06
N PRO I 160 -14.24 -28.49 -61.20
CA PRO I 160 -13.81 -29.88 -61.20
C PRO I 160 -12.30 -30.02 -61.04
N LEU I 161 -11.91 -31.25 -60.74
CA LEU I 161 -10.52 -31.65 -60.88
C LEU I 161 -10.54 -33.07 -61.45
N LYS I 162 -9.38 -33.53 -61.93
CA LYS I 162 -9.31 -34.81 -62.63
C LYS I 162 -9.52 -35.99 -61.68
N VAL I 163 -10.17 -37.03 -62.18
CA VAL I 163 -10.35 -38.26 -61.44
C VAL I 163 -10.17 -39.40 -62.41
N GLU I 164 -9.60 -40.50 -61.94
CA GLU I 164 -9.37 -41.63 -62.83
C GLU I 164 -9.52 -42.91 -62.02
N GLU I 165 -10.16 -43.89 -62.64
CA GLU I 165 -10.21 -45.24 -62.10
C GLU I 165 -9.05 -46.02 -62.68
N TYR I 166 -8.20 -46.53 -61.81
CA TYR I 166 -6.98 -47.19 -62.20
C TYR I 166 -6.71 -48.26 -61.17
N ALA I 167 -6.39 -49.46 -61.66
CA ALA I 167 -6.06 -50.61 -60.83
C ALA I 167 -7.21 -51.03 -59.93
N GLY I 168 -8.43 -50.62 -60.28
CA GLY I 168 -9.58 -50.85 -59.43
C GLY I 168 -9.76 -49.83 -58.32
N PHE I 169 -8.94 -48.79 -58.30
CA PHE I 169 -9.04 -47.73 -57.29
C PHE I 169 -9.30 -46.39 -57.96
N VAL I 170 -9.49 -45.36 -57.16
CA VAL I 170 -9.87 -44.06 -57.67
C VAL I 170 -8.81 -43.06 -57.26
N PHE I 171 -8.28 -42.33 -58.23
CA PHE I 171 -7.24 -41.34 -58.01
C PHE I 171 -7.77 -39.99 -58.42
N ILE I 172 -7.45 -38.95 -57.64
CA ILE I 172 -7.71 -37.59 -58.06
C ILE I 172 -6.37 -36.92 -58.31
N ASN I 173 -6.42 -35.81 -59.05
CA ASN I 173 -5.27 -34.98 -59.37
C ASN I 173 -5.78 -33.56 -59.53
N MET I 174 -5.18 -32.63 -58.78
CA MET I 174 -5.53 -31.22 -58.81
C MET I 174 -4.84 -30.45 -59.92
N ASP I 175 -3.87 -31.05 -60.60
CA ASP I 175 -3.17 -30.41 -61.71
C ASP I 175 -3.94 -30.66 -63.00
N GLU I 176 -4.40 -29.57 -63.62
CA GLU I 176 -5.19 -29.70 -64.84
C GLU I 176 -4.38 -30.33 -65.97
N ASN I 177 -3.06 -30.11 -65.99
CA ASN I 177 -2.21 -30.61 -67.05
C ASN I 177 -1.73 -32.05 -66.80
N ALA I 178 -2.25 -32.72 -65.77
CA ALA I 178 -1.87 -34.10 -65.53
C ALA I 178 -2.32 -35.00 -66.67
N THR I 179 -1.61 -36.09 -66.84
CA THR I 179 -1.92 -37.07 -67.87
C THR I 179 -2.83 -38.16 -67.32
N CYS I 180 -2.23 -39.24 -66.83
CA CYS I 180 -2.96 -40.41 -66.36
C CYS I 180 -2.12 -41.08 -65.28
N VAL I 181 -2.76 -41.93 -64.49
CA VAL I 181 -2.07 -42.57 -63.39
C VAL I 181 -0.96 -43.47 -63.90
N GLU I 182 -1.16 -44.13 -65.04
CA GLU I 182 -0.13 -45.05 -65.53
C GLU I 182 1.16 -44.32 -65.82
N ASP I 183 1.12 -43.06 -66.27
CA ASP I 183 2.35 -42.29 -66.45
C ASP I 183 3.04 -42.04 -65.10
N GLN I 184 2.29 -42.08 -64.01
CA GLN I 184 2.87 -41.88 -62.69
C GLN I 184 3.36 -43.18 -62.09
N LEU I 185 2.65 -44.27 -62.32
CA LEU I 185 2.99 -45.56 -61.74
C LEU I 185 3.12 -46.62 -62.82
N PRO I 186 4.04 -46.43 -63.80
CA PRO I 186 4.13 -47.37 -64.93
C PRO I 186 4.22 -48.81 -64.48
N GLY I 187 3.27 -49.64 -64.91
CA GLY I 187 3.24 -51.06 -64.61
C GLY I 187 2.50 -51.46 -63.35
N PHE I 188 2.01 -50.51 -62.56
CA PHE I 188 1.51 -50.86 -61.24
C PHE I 188 0.19 -51.61 -61.31
N ALA I 189 -0.79 -51.09 -62.06
CA ALA I 189 -2.04 -51.82 -62.21
C ALA I 189 -1.77 -53.23 -62.73
N GLU I 190 -0.87 -53.35 -63.70
CA GLU I 190 -0.56 -54.68 -64.22
C GLU I 190 -0.09 -55.60 -63.09
N ARG I 191 0.92 -55.16 -62.32
CA ARG I 191 1.44 -56.00 -61.26
C ARG I 191 0.42 -56.22 -60.16
N LEU I 192 -0.35 -55.18 -59.84
CA LEU I 192 -1.33 -55.31 -58.74
C LEU I 192 -2.37 -56.36 -59.07
N ASN I 193 -2.87 -56.35 -60.31
CA ASN I 193 -3.92 -57.34 -60.69
C ASN I 193 -3.36 -58.74 -60.56
N GLN I 194 -2.06 -58.88 -60.82
CA GLN I 194 -1.40 -60.17 -60.68
C GLN I 194 -1.28 -60.60 -59.22
N ALA I 195 -1.27 -59.63 -58.29
CA ALA I 195 -1.22 -59.97 -56.87
C ALA I 195 -2.60 -60.35 -56.35
N CYS I 196 -3.65 -59.69 -56.84
CA CYS I 196 -5.01 -59.89 -56.39
C CYS I 196 -5.94 -59.98 -57.58
N GLY I 197 -6.58 -61.12 -57.77
CA GLY I 197 -7.48 -61.30 -58.88
C GLY I 197 -8.94 -60.98 -58.59
N VAL I 198 -9.26 -60.47 -57.41
CA VAL I 198 -10.67 -60.22 -57.07
C VAL I 198 -10.86 -58.77 -56.62
N ILE I 199 -9.99 -57.88 -57.09
CA ILE I 199 -10.03 -56.48 -56.64
C ILE I 199 -11.37 -55.85 -56.97
N LYS I 200 -11.92 -56.18 -58.15
CA LYS I 200 -13.21 -55.62 -58.61
C LYS I 200 -14.37 -56.00 -57.69
N ASP I 201 -14.24 -57.08 -56.94
CA ASP I 201 -15.29 -57.58 -56.05
C ASP I 201 -15.06 -57.22 -54.59
N LEU I 202 -13.95 -56.56 -54.28
CA LEU I 202 -13.70 -56.17 -52.91
C LEU I 202 -14.74 -55.14 -52.48
N LYS I 203 -15.09 -55.17 -51.20
CA LYS I 203 -15.99 -54.19 -50.62
C LYS I 203 -15.40 -53.71 -49.31
N LEU I 204 -15.63 -52.43 -49.00
CA LEU I 204 -15.03 -51.83 -47.81
C LEU I 204 -15.59 -52.48 -46.55
N ALA I 205 -14.73 -53.16 -45.80
CA ALA I 205 -15.22 -53.81 -44.58
C ALA I 205 -15.02 -52.96 -43.33
N ALA I 206 -13.95 -52.17 -43.28
CA ALA I 206 -13.66 -51.35 -42.10
C ALA I 206 -12.71 -50.25 -42.53
N ARG I 207 -12.85 -49.11 -41.89
CA ARG I 207 -11.97 -47.97 -42.11
C ARG I 207 -11.58 -47.42 -40.76
N PHE I 208 -10.27 -47.29 -40.55
CA PHE I 208 -9.71 -46.62 -39.39
C PHE I 208 -9.21 -45.27 -39.85
N VAL I 209 -9.74 -44.20 -39.26
CA VAL I 209 -9.33 -42.84 -39.55
C VAL I 209 -8.52 -42.33 -38.37
N THR I 210 -7.30 -41.88 -38.63
CA THR I 210 -6.47 -41.35 -37.57
C THR I 210 -5.73 -40.13 -38.10
N GLU I 211 -5.76 -39.05 -37.34
CA GLU I 211 -4.89 -37.91 -37.61
C GLU I 211 -3.60 -38.13 -36.84
N THR I 212 -2.55 -38.44 -37.55
CA THR I 212 -1.29 -38.88 -37.00
C THR I 212 -0.32 -37.72 -36.94
N PRO I 213 0.24 -37.41 -35.74
CA PRO I 213 1.27 -36.36 -35.63
C PRO I 213 2.64 -36.88 -36.09
N ALA I 214 2.73 -37.15 -37.38
CA ALA I 214 3.99 -37.46 -38.03
C ALA I 214 3.96 -36.85 -39.42
N ASN I 215 5.13 -36.42 -39.88
CA ASN I 215 5.25 -36.03 -41.28
C ASN I 215 4.90 -37.20 -42.19
N TRP I 216 4.30 -36.92 -43.35
CA TRP I 216 3.87 -38.01 -44.22
C TRP I 216 5.05 -38.89 -44.60
N LYS I 217 6.22 -38.29 -44.84
CA LYS I 217 7.38 -39.05 -45.25
C LYS I 217 7.86 -39.99 -44.15
N VAL I 218 7.63 -39.65 -42.87
CA VAL I 218 7.99 -40.56 -41.78
C VAL I 218 7.16 -41.83 -41.87
N ILE I 219 5.88 -41.67 -42.23
CA ILE I 219 4.97 -42.80 -42.32
C ILE I 219 5.35 -43.71 -43.50
N VAL I 220 5.85 -43.12 -44.59
CA VAL I 220 6.32 -43.92 -45.71
C VAL I 220 7.60 -44.67 -45.33
N ASP I 221 8.55 -43.98 -44.69
CA ASP I 221 9.75 -44.64 -44.15
C ASP I 221 9.40 -45.92 -43.41
N ASN I 222 8.45 -45.80 -42.47
CA ASN I 222 8.06 -46.94 -41.66
C ASN I 222 7.55 -48.11 -42.50
N TYR I 223 6.75 -47.81 -43.53
CA TYR I 223 6.24 -48.87 -44.39
C TYR I 223 7.35 -49.49 -45.21
N MET I 224 8.34 -48.69 -45.61
CA MET I 224 9.35 -49.07 -46.57
C MET I 224 10.43 -50.01 -46.03
N GLU I 225 10.38 -50.44 -44.77
CA GLU I 225 11.37 -51.40 -44.26
C GLU I 225 10.70 -52.35 -43.28
N CYS I 226 11.20 -53.57 -43.24
CA CYS I 226 10.78 -54.56 -42.27
C CYS I 226 11.87 -54.80 -41.24
N TYR I 227 12.92 -53.99 -41.25
CA TYR I 227 13.89 -53.99 -40.17
C TYR I 227 13.22 -53.92 -38.79
N HIS I 228 12.05 -53.29 -38.68
CA HIS I 228 11.42 -53.09 -37.38
C HIS I 228 10.35 -54.11 -37.01
N CYS I 229 10.00 -55.03 -37.91
CA CYS I 229 8.84 -55.87 -37.65
C CYS I 229 9.13 -56.88 -36.54
N GLY I 230 10.36 -57.39 -36.48
CA GLY I 230 10.77 -58.31 -35.43
C GLY I 230 10.54 -57.74 -34.05
N PRO I 231 11.14 -56.58 -33.76
CA PRO I 231 10.99 -56.00 -32.42
C PRO I 231 9.62 -55.38 -32.14
N ALA I 232 9.00 -54.73 -33.13
CA ALA I 232 7.81 -53.92 -32.88
C ALA I 232 6.49 -54.62 -33.16
N HIS I 233 6.48 -55.78 -33.83
CA HIS I 233 5.26 -56.49 -34.22
C HIS I 233 5.29 -57.95 -33.80
N PRO I 234 4.96 -58.25 -32.53
CA PRO I 234 4.93 -59.66 -32.11
C PRO I 234 3.91 -60.49 -32.89
N GLY I 235 2.71 -59.95 -33.13
CA GLY I 235 1.73 -60.65 -33.93
C GLY I 235 2.06 -60.67 -35.41
N PHE I 236 2.95 -59.78 -35.85
CA PHE I 236 3.45 -59.75 -37.22
C PHE I 236 4.82 -60.40 -37.33
N ALA I 237 5.24 -61.14 -36.31
CA ALA I 237 6.55 -61.77 -36.25
C ALA I 237 6.54 -63.26 -36.56
N ASP I 238 5.41 -63.95 -36.34
CA ASP I 238 5.38 -65.40 -36.52
C ASP I 238 5.23 -65.85 -37.96
N SER I 239 4.21 -65.36 -38.66
CA SER I 239 4.05 -65.74 -40.06
C SER I 239 5.02 -65.01 -40.99
N VAL I 240 5.65 -63.91 -40.55
CA VAL I 240 6.65 -63.29 -41.41
C VAL I 240 7.84 -64.21 -41.54
N GLN I 241 8.29 -64.47 -42.78
CA GLN I 241 9.47 -65.37 -42.96
C GLN I 241 10.70 -64.50 -43.26
N VAL I 242 11.74 -64.62 -42.42
CA VAL I 242 12.97 -63.76 -42.48
C VAL I 242 13.75 -63.94 -43.79
N ASP I 243 13.94 -65.17 -44.26
CA ASP I 243 14.72 -65.35 -45.52
C ASP I 243 13.78 -65.35 -46.74
N LYS I 244 12.47 -65.43 -46.49
CA LYS I 244 11.48 -65.42 -47.59
C LYS I 244 10.95 -64.00 -47.76
N TYR I 245 11.81 -63.02 -48.00
CA TYR I 245 11.31 -61.64 -48.11
C TYR I 245 12.19 -60.78 -49.00
N TRP I 246 11.60 -60.15 -50.03
CA TRP I 246 12.30 -59.30 -50.98
C TRP I 246 11.57 -57.97 -51.17
N HIS I 247 12.33 -56.88 -51.30
CA HIS I 247 11.77 -55.54 -51.57
C HIS I 247 12.33 -55.02 -52.89
N THR I 248 11.51 -55.06 -53.95
CA THR I 248 11.93 -54.67 -55.28
C THR I 248 11.39 -53.29 -55.63
N THR I 249 12.24 -52.48 -56.26
CA THR I 249 11.85 -51.16 -56.74
C THR I 249 11.44 -51.22 -58.20
N HIS I 250 10.51 -50.35 -58.58
CA HIS I 250 10.01 -50.28 -59.96
C HIS I 250 10.02 -48.85 -60.48
N GLN I 251 8.89 -48.30 -60.88
CA GLN I 251 8.86 -46.92 -61.39
C GLN I 251 7.86 -46.11 -60.57
N ASN I 252 8.36 -45.49 -59.51
CA ASN I 252 7.55 -44.73 -58.56
C ASN I 252 6.66 -45.65 -57.73
N TRP I 253 7.05 -46.91 -57.63
CA TRP I 253 6.47 -47.80 -56.65
C TRP I 253 7.47 -48.92 -56.38
N THR I 254 7.24 -49.64 -55.29
CA THR I 254 8.07 -50.77 -54.92
C THR I 254 7.12 -51.86 -54.47
N LEU I 255 7.66 -53.08 -54.47
CA LEU I 255 6.91 -54.26 -54.09
C LEU I 255 7.71 -55.01 -53.03
N GLN I 256 7.08 -55.27 -51.88
CA GLN I 256 7.62 -56.12 -50.84
C GLN I 256 6.92 -57.47 -50.97
N TYR I 257 7.67 -58.48 -51.40
CA TYR I 257 7.15 -59.76 -51.86
C TYR I 257 7.73 -60.86 -50.99
N GLY I 258 6.86 -61.74 -50.47
CA GLY I 258 7.39 -62.81 -49.64
C GLY I 258 6.41 -63.95 -49.49
N PHE I 259 6.91 -65.04 -48.88
CA PHE I 259 6.12 -66.21 -48.55
C PHE I 259 6.06 -66.39 -47.04
N ALA I 260 4.87 -66.69 -46.54
CA ALA I 260 4.63 -66.76 -45.10
C ALA I 260 4.51 -68.20 -44.62
N ARG I 261 4.66 -68.38 -43.31
CA ARG I 261 4.47 -69.67 -42.67
C ARG I 261 2.99 -70.07 -42.66
N SER I 262 2.75 -71.36 -42.93
CA SER I 262 1.40 -71.89 -42.97
C SER I 262 0.85 -72.06 -41.55
N SER I 263 -0.46 -72.24 -41.47
CA SER I 263 -1.11 -72.58 -40.22
C SER I 263 -0.84 -71.52 -39.16
N ASP I 275 1.64 -72.80 -49.92
CA ASP I 275 2.66 -71.75 -50.11
C ASP I 275 2.03 -70.40 -50.48
N PRO I 276 1.42 -69.71 -49.51
CA PRO I 276 0.75 -68.44 -49.83
C PRO I 276 1.74 -67.30 -49.87
N GLU I 277 1.73 -66.54 -50.95
CA GLU I 277 2.60 -65.40 -51.10
C GLU I 277 1.90 -64.16 -50.53
N PHE I 278 2.65 -63.08 -50.36
CA PHE I 278 2.08 -61.82 -49.89
C PHE I 278 2.72 -60.66 -50.64
N HIS I 279 1.96 -59.58 -50.79
CA HIS I 279 2.43 -58.40 -51.52
C HIS I 279 2.20 -57.17 -50.64
N GLY I 280 3.16 -56.25 -50.67
CA GLY I 280 3.03 -54.98 -50.00
C GLY I 280 3.52 -53.93 -50.96
N PHE I 281 2.61 -53.22 -51.61
CA PHE I 281 2.94 -52.22 -52.61
C PHE I 281 2.96 -50.84 -51.97
N TRP I 282 4.03 -50.11 -52.20
CA TRP I 282 4.03 -48.67 -51.94
C TRP I 282 4.02 -47.96 -53.28
N THR I 283 3.13 -46.99 -53.44
CA THR I 283 3.04 -46.23 -54.68
C THR I 283 3.19 -44.75 -54.37
N TRP I 284 3.83 -44.02 -55.28
CA TRP I 284 4.07 -42.60 -55.12
C TRP I 284 2.74 -41.82 -55.17
N PRO I 285 2.52 -40.85 -54.27
CA PRO I 285 3.44 -40.43 -53.19
C PRO I 285 3.34 -41.26 -51.93
N CYS I 286 2.14 -41.68 -51.55
CA CYS I 286 2.02 -42.34 -50.26
C CYS I 286 0.72 -43.10 -50.14
N THR I 287 0.48 -44.06 -51.02
CA THR I 287 -0.60 -44.99 -50.84
C THR I 287 0.05 -46.36 -50.90
N MET I 288 -0.39 -47.26 -50.05
CA MET I 288 0.22 -48.55 -49.93
C MET I 288 -0.87 -49.59 -50.00
N PHE I 289 -0.64 -50.61 -50.81
CA PHE I 289 -1.60 -51.67 -51.05
C PHE I 289 -1.02 -53.01 -50.59
N ASN I 290 -1.74 -53.67 -49.69
CA ASN I 290 -1.31 -54.93 -49.13
C ASN I 290 -2.26 -56.01 -49.59
N VAL I 291 -1.70 -57.09 -50.13
CA VAL I 291 -2.43 -58.29 -50.48
C VAL I 291 -1.89 -59.41 -49.60
N PRO I 292 -2.56 -59.73 -48.51
CA PRO I 292 -2.03 -60.70 -47.56
C PRO I 292 -2.12 -62.11 -48.12
N PRO I 293 -1.53 -63.09 -47.43
CA PRO I 293 -1.61 -64.47 -47.90
C PRO I 293 -3.06 -64.88 -48.15
N GLY I 294 -3.27 -65.59 -49.25
CA GLY I 294 -4.58 -65.90 -49.74
C GLY I 294 -5.00 -65.06 -50.92
N SER I 295 -4.54 -63.82 -51.01
CA SER I 295 -4.77 -62.96 -52.15
C SER I 295 -6.25 -62.70 -52.40
N ASN I 296 -7.11 -62.96 -51.42
CA ASN I 296 -8.54 -62.73 -51.59
C ASN I 296 -9.05 -61.50 -50.84
N PHE I 297 -8.17 -60.77 -50.15
CA PHE I 297 -8.58 -59.54 -49.49
C PHE I 297 -7.42 -58.57 -49.49
N MET I 298 -7.71 -57.31 -49.15
CA MET I 298 -6.70 -56.27 -49.18
C MET I 298 -6.86 -55.35 -48.00
N THR I 299 -5.73 -54.77 -47.57
CA THR I 299 -5.73 -53.56 -46.77
C THR I 299 -5.03 -52.47 -47.56
N VAL I 300 -5.48 -51.22 -47.38
CA VAL I 300 -4.90 -50.09 -48.09
C VAL I 300 -4.68 -48.97 -47.10
N ILE I 301 -3.51 -48.34 -47.18
CA ILE I 301 -3.16 -47.21 -46.35
C ILE I 301 -3.13 -46.00 -47.25
N TYR I 302 -4.04 -45.05 -46.99
CA TYR I 302 -4.05 -43.79 -47.70
C TYR I 302 -3.49 -42.73 -46.77
N GLU I 303 -2.53 -41.97 -47.25
CA GLU I 303 -1.98 -40.88 -46.47
C GLU I 303 -2.42 -39.57 -47.08
N PHE I 304 -3.15 -38.77 -46.31
CA PHE I 304 -3.55 -37.46 -46.76
C PHE I 304 -2.87 -36.40 -45.90
N PRO I 305 -1.75 -35.82 -46.35
CA PRO I 305 -1.00 -34.91 -45.50
C PRO I 305 -1.80 -33.67 -45.15
N VAL I 306 -1.60 -33.19 -43.92
CA VAL I 306 -2.21 -31.96 -43.43
C VAL I 306 -1.17 -30.85 -43.30
N ASP I 307 -0.12 -31.07 -42.52
CA ASP I 307 0.97 -30.12 -42.46
C ASP I 307 2.25 -30.88 -42.16
N ALA I 308 3.33 -30.14 -41.96
CA ALA I 308 4.65 -30.73 -41.82
C ALA I 308 4.65 -31.82 -40.76
N GLU I 309 3.77 -31.75 -39.77
CA GLU I 309 3.84 -32.73 -38.70
C GLU I 309 2.53 -33.46 -38.47
N THR I 310 1.61 -33.43 -39.45
CA THR I 310 0.30 -34.03 -39.31
C THR I 310 -0.10 -34.71 -40.61
N THR I 311 -0.62 -35.93 -40.50
CA THR I 311 -1.03 -36.69 -41.66
C THR I 311 -2.31 -37.42 -41.31
N LEU I 312 -3.37 -37.13 -42.06
CA LEU I 312 -4.58 -37.91 -41.95
C LEU I 312 -4.34 -39.23 -42.66
N GLN I 313 -4.73 -40.32 -42.01
CA GLN I 313 -4.52 -41.67 -42.53
C GLN I 313 -5.86 -42.37 -42.61
N HIS I 314 -6.11 -43.04 -43.74
CA HIS I 314 -7.17 -44.03 -43.85
C HIS I 314 -6.51 -45.38 -43.92
N TYR I 315 -6.93 -46.29 -43.05
CA TYR I 315 -6.53 -47.69 -43.14
C TYR I 315 -7.78 -48.50 -43.45
N ASP I 316 -7.89 -48.94 -44.70
CA ASP I 316 -9.07 -49.64 -45.19
C ASP I 316 -8.80 -51.14 -45.28
N ILE I 317 -9.76 -51.93 -44.80
CA ILE I 317 -9.77 -53.38 -44.95
C ILE I 317 -10.89 -53.74 -45.92
N TYR I 318 -10.56 -54.49 -46.97
CA TYR I 318 -11.51 -54.82 -48.03
C TYR I 318 -11.66 -56.34 -48.13
N PHE I 319 -12.88 -56.83 -48.01
CA PHE I 319 -13.20 -58.22 -48.27
C PHE I 319 -14.21 -58.31 -49.41
N THR I 320 -14.27 -59.49 -50.04
CA THR I 320 -15.21 -59.70 -51.13
C THR I 320 -16.64 -59.92 -50.62
N ASN I 321 -16.81 -60.47 -49.42
CA ASN I 321 -18.15 -60.67 -48.88
C ASN I 321 -18.57 -59.46 -48.09
N GLU I 322 -19.84 -59.09 -48.24
CA GLU I 322 -20.37 -57.92 -47.55
C GLU I 322 -20.71 -58.25 -46.10
N GLU I 323 -21.44 -59.35 -45.88
CA GLU I 323 -21.74 -59.73 -44.48
C GLU I 323 -20.49 -60.37 -43.89
N LEU I 324 -19.92 -59.74 -42.88
CA LEU I 324 -18.63 -60.18 -42.29
C LEU I 324 -18.80 -61.43 -41.41
N THR I 325 -17.90 -62.40 -41.59
CA THR I 325 -17.87 -63.63 -40.78
C THR I 325 -17.20 -63.30 -39.46
N GLN I 326 -17.60 -63.98 -38.38
CA GLN I 326 -17.09 -63.73 -37.01
C GLN I 326 -15.56 -63.66 -37.00
N ASP I 327 -14.89 -64.49 -37.79
CA ASP I 327 -13.44 -64.47 -37.76
C ASP I 327 -12.90 -63.23 -38.49
N GLN I 328 -13.63 -62.73 -39.50
CA GLN I 328 -13.21 -61.50 -40.15
C GLN I 328 -13.38 -60.30 -39.23
N LYS I 329 -14.49 -60.27 -38.49
CA LYS I 329 -14.68 -59.22 -37.50
C LYS I 329 -13.63 -59.31 -36.41
N ASP I 330 -13.14 -60.53 -36.13
CA ASP I 330 -12.04 -60.67 -35.19
C ASP I 330 -10.75 -60.09 -35.76
N LEU I 331 -10.46 -60.40 -37.02
CA LEU I 331 -9.24 -59.90 -37.65
C LEU I 331 -9.24 -58.38 -37.75
N ILE I 332 -10.39 -57.79 -38.08
CA ILE I 332 -10.49 -56.35 -38.17
C ILE I 332 -10.13 -55.72 -36.83
N GLU I 333 -10.61 -56.32 -35.73
CA GLU I 333 -10.34 -55.76 -34.41
C GLU I 333 -8.88 -55.96 -34.02
N TRP I 334 -8.26 -57.07 -34.47
CA TRP I 334 -6.83 -57.24 -34.26
C TRP I 334 -6.05 -56.16 -35.00
N TYR I 335 -6.43 -55.89 -36.24
CA TYR I 335 -5.83 -54.77 -36.96
C TYR I 335 -6.03 -53.47 -36.19
N ARG I 336 -7.22 -53.25 -35.65
CA ARG I 336 -7.54 -51.97 -35.03
C ARG I 336 -6.80 -51.80 -33.70
N ASN I 337 -6.78 -52.84 -32.87
CA ASN I 337 -6.36 -52.67 -31.48
C ASN I 337 -4.94 -53.13 -31.24
N VAL I 338 -4.38 -53.98 -32.11
CA VAL I 338 -3.06 -54.54 -31.89
C VAL I 338 -2.08 -54.08 -32.95
N PHE I 339 -2.41 -54.33 -34.22
CA PHE I 339 -1.41 -54.14 -35.28
C PHE I 339 -1.18 -52.66 -35.56
N ARG I 340 -2.25 -51.93 -35.91
CA ARG I 340 -2.08 -50.53 -36.27
C ARG I 340 -1.52 -49.67 -35.13
N PRO I 341 -1.97 -49.82 -33.89
CA PRO I 341 -1.37 -48.99 -32.82
C PRO I 341 0.16 -49.07 -32.76
N GLU I 342 0.74 -50.22 -33.08
CA GLU I 342 2.21 -50.39 -33.00
C GLU I 342 2.88 -49.42 -33.98
N ASP I 343 2.41 -49.36 -35.22
CA ASP I 343 2.99 -48.50 -36.24
C ASP I 343 2.66 -47.04 -35.98
N LEU I 344 1.49 -46.76 -35.42
CA LEU I 344 1.16 -45.38 -35.09
C LEU I 344 2.07 -44.85 -33.98
N ASN I 345 2.25 -45.61 -32.90
CA ASN I 345 3.18 -45.19 -31.85
C ASN I 345 4.60 -45.00 -32.39
N LEU I 346 5.06 -45.91 -33.28
CA LEU I 346 6.40 -45.76 -33.82
C LEU I 346 6.59 -44.44 -34.54
N VAL I 347 5.71 -44.12 -35.51
CA VAL I 347 5.95 -42.89 -36.26
C VAL I 347 5.78 -41.65 -35.37
N GLU I 348 4.91 -41.72 -34.36
CA GLU I 348 4.73 -40.57 -33.48
C GLU I 348 5.96 -40.32 -32.61
N SER I 349 6.57 -41.39 -32.11
CA SER I 349 7.79 -41.20 -31.32
C SER I 349 8.92 -40.65 -32.19
N VAL I 350 9.03 -41.14 -33.42
CA VAL I 350 10.08 -40.67 -34.32
C VAL I 350 9.91 -39.20 -34.64
N GLN I 351 8.67 -38.78 -34.91
CA GLN I 351 8.44 -37.37 -35.18
C GLN I 351 8.88 -36.51 -33.99
N ARG I 352 8.53 -36.92 -32.78
CA ARG I 352 9.04 -36.16 -31.61
C ARG I 352 10.57 -36.20 -31.55
N GLY I 353 11.13 -37.40 -31.72
CA GLY I 353 12.55 -37.56 -31.50
C GLY I 353 13.42 -36.79 -32.47
N LEU I 354 12.96 -36.64 -33.71
CA LEU I 354 13.89 -36.09 -34.68
C LEU I 354 14.02 -34.58 -34.58
N LYS I 355 13.20 -33.93 -33.76
CA LYS I 355 13.36 -32.51 -33.47
C LYS I 355 14.40 -32.24 -32.41
N SER I 356 14.91 -33.28 -31.76
CA SER I 356 15.87 -33.10 -30.67
C SER I 356 17.19 -32.59 -31.23
N ARG I 357 17.82 -31.67 -30.52
CA ARG I 357 19.19 -31.32 -30.85
C ARG I 357 20.12 -32.52 -30.63
N GLY I 358 19.66 -33.53 -29.89
CA GLY I 358 20.47 -34.73 -29.73
C GLY I 358 20.38 -35.72 -30.88
N TYR I 359 19.51 -35.47 -31.84
CA TYR I 359 19.49 -36.25 -33.09
C TYR I 359 20.44 -35.56 -34.06
N ARG I 360 21.55 -36.23 -34.40
CA ARG I 360 22.61 -35.59 -35.14
C ARG I 360 22.14 -34.97 -36.45
N GLY I 361 21.02 -35.42 -36.99
CA GLY I 361 20.49 -34.81 -38.19
C GLY I 361 19.88 -35.81 -39.17
N GLN I 362 20.61 -36.86 -39.53
CA GLN I 362 20.12 -37.86 -40.46
C GLN I 362 20.31 -39.24 -39.85
N GLY I 363 19.53 -40.19 -40.33
CA GLY I 363 19.56 -41.55 -39.82
C GLY I 363 20.17 -42.45 -40.88
N ARG I 364 20.97 -43.41 -40.44
CA ARG I 364 21.59 -44.33 -41.39
C ARG I 364 20.53 -45.29 -41.95
N ILE I 365 20.41 -45.36 -43.26
CA ILE I 365 19.53 -46.36 -43.85
C ILE I 365 20.29 -47.70 -43.86
N MET I 366 19.78 -48.66 -43.11
CA MET I 366 20.50 -49.90 -42.84
C MET I 366 20.28 -50.86 -44.00
N THR I 367 20.86 -50.50 -45.14
CA THR I 367 20.88 -51.37 -46.31
C THR I 367 21.98 -52.42 -46.20
N ASP I 368 21.63 -53.70 -46.38
CA ASP I 368 22.62 -54.76 -46.50
C ASP I 368 22.72 -55.23 -47.94
N LYS I 369 23.94 -55.59 -48.36
CA LYS I 369 24.11 -55.85 -49.80
C LYS I 369 23.34 -57.10 -50.23
N GLN I 370 23.00 -58.00 -49.29
CA GLN I 370 22.09 -59.11 -49.62
C GLN I 370 20.70 -58.61 -49.99
N ARG I 371 20.31 -57.41 -49.56
CA ARG I 371 18.94 -56.94 -49.68
C ARG I 371 17.98 -57.95 -49.03
N SER I 372 18.32 -58.33 -47.80
CA SER I 372 17.55 -59.28 -47.02
C SER I 372 16.22 -58.67 -46.59
N GLY I 373 15.43 -59.47 -45.89
CA GLY I 373 14.12 -59.06 -45.41
C GLY I 373 14.13 -57.97 -44.36
N ILE I 374 15.29 -57.65 -43.80
CA ILE I 374 15.41 -56.59 -42.81
C ILE I 374 16.22 -55.41 -43.34
N SER I 375 16.58 -55.43 -44.61
CA SER I 375 17.29 -54.30 -45.20
C SER I 375 16.34 -53.11 -45.35
N GLU I 376 16.88 -51.91 -45.14
CA GLU I 376 16.11 -50.68 -45.21
C GLU I 376 16.18 -49.99 -46.56
N HIS I 377 16.73 -50.66 -47.59
CA HIS I 377 17.00 -49.99 -48.85
C HIS I 377 15.75 -49.37 -49.45
N GLY I 378 14.56 -49.85 -49.12
CA GLY I 378 13.37 -49.25 -49.68
C GLY I 378 13.24 -47.77 -49.36
N ILE I 379 13.73 -47.37 -48.18
CA ILE I 379 13.68 -45.97 -47.79
C ILE I 379 14.47 -45.10 -48.76
N ALA I 380 15.65 -45.58 -49.17
CA ALA I 380 16.46 -44.78 -50.09
C ALA I 380 15.76 -44.62 -51.43
N TYR I 381 15.03 -45.63 -51.88
CA TYR I 381 14.36 -45.43 -53.15
C TYR I 381 13.32 -44.33 -53.00
N PHE I 382 12.48 -44.42 -51.96
CA PHE I 382 11.49 -43.39 -51.70
C PHE I 382 12.13 -42.02 -51.55
N GLN I 383 13.20 -41.92 -50.76
CA GLN I 383 13.76 -40.59 -50.49
C GLN I 383 14.50 -40.04 -51.69
N HIS I 384 15.09 -40.91 -52.51
CA HIS I 384 15.69 -40.44 -53.75
C HIS I 384 14.65 -39.78 -54.67
N LEU I 385 13.44 -40.33 -54.69
CA LEU I 385 12.37 -39.72 -55.46
C LEU I 385 11.95 -38.38 -54.87
N VAL I 386 11.71 -38.34 -53.55
CA VAL I 386 11.41 -37.07 -52.90
C VAL I 386 12.49 -36.06 -53.20
N ALA I 387 13.76 -36.47 -53.16
CA ALA I 387 14.84 -35.51 -53.33
C ALA I 387 14.68 -34.77 -54.64
N GLN I 388 14.06 -35.41 -55.65
CA GLN I 388 13.80 -34.84 -56.95
C GLN I 388 12.79 -33.68 -56.89
N TYR I 389 12.03 -33.51 -55.79
CA TYR I 389 11.17 -32.33 -55.65
C TYR I 389 11.82 -31.18 -54.89
N HIS I 390 13.09 -31.29 -54.52
CA HIS I 390 13.78 -30.28 -53.73
C HIS I 390 15.07 -29.82 -54.39
N GLN I 391 15.04 -29.55 -55.69
CA GLN I 391 16.26 -29.00 -56.30
C GLN I 391 16.11 -27.49 -56.37
N ALA J 23 -11.87 63.37 5.12
CA ALA J 23 -12.09 64.05 6.40
C ALA J 23 -13.46 63.71 6.98
N VAL J 24 -14.12 64.72 7.51
CA VAL J 24 -15.42 64.55 8.14
C VAL J 24 -16.50 64.69 7.09
N GLU J 25 -17.42 63.73 7.05
CA GLU J 25 -18.46 63.73 6.04
C GLU J 25 -19.27 65.02 6.07
N LYS J 26 -19.65 65.51 4.90
CA LYS J 26 -20.34 66.79 4.80
C LYS J 26 -21.51 66.70 3.82
N LEU J 27 -22.49 67.56 4.05
CA LEU J 27 -23.70 67.61 3.26
C LEU J 27 -23.82 68.98 2.59
N PRO J 28 -24.49 69.04 1.43
CA PRO J 28 -24.70 70.33 0.76
C PRO J 28 -25.61 71.20 1.63
N GLU J 29 -25.48 72.52 1.51
CA GLU J 29 -26.37 73.43 2.26
C GLU J 29 -27.82 73.20 1.84
N ASP J 30 -28.05 72.82 0.58
CA ASP J 30 -29.44 72.67 0.09
C ASP J 30 -29.94 71.22 0.20
N PHE J 31 -29.28 70.39 1.00
CA PHE J 31 -29.71 69.00 1.12
C PHE J 31 -31.16 68.90 1.57
N CYS J 32 -31.98 68.21 0.79
CA CYS J 32 -33.42 68.15 1.03
C CYS J 32 -34.08 69.53 1.11
N ALA J 33 -33.49 70.58 0.56
CA ALA J 33 -34.22 71.85 0.50
C ALA J 33 -35.43 71.76 -0.42
N ASN J 34 -35.38 70.90 -1.43
CA ASN J 34 -36.48 70.71 -2.35
C ASN J 34 -37.12 69.36 -2.06
N PRO J 35 -38.19 69.32 -1.25
CA PRO J 35 -38.77 68.02 -0.87
C PRO J 35 -39.31 67.20 -2.02
N ASP J 36 -39.63 67.82 -3.17
CA ASP J 36 -40.22 67.07 -4.26
C ASP J 36 -39.23 66.10 -4.90
N VAL J 37 -37.93 66.41 -4.86
CA VAL J 37 -36.89 65.53 -5.40
C VAL J 37 -35.79 65.44 -4.34
N ALA J 38 -35.93 64.52 -3.39
CA ALA J 38 -35.00 64.44 -2.28
C ALA J 38 -34.77 63.00 -1.85
N TRP J 39 -33.60 62.78 -1.24
CA TRP J 39 -33.24 61.48 -0.70
C TRP J 39 -32.76 61.66 0.73
N THR J 40 -32.94 60.60 1.53
CA THR J 40 -32.44 60.62 2.89
C THR J 40 -30.92 60.72 2.90
N PHE J 41 -30.36 60.97 4.10
CA PHE J 41 -28.91 61.03 4.30
C PHE J 41 -28.20 59.81 3.71
N PRO J 42 -27.02 60.00 3.14
CA PRO J 42 -26.12 58.86 2.95
C PRO J 42 -26.04 58.05 4.24
N LYS J 43 -25.98 56.73 4.08
CA LYS J 43 -26.19 55.81 5.19
C LYS J 43 -25.24 56.08 6.34
N VAL J 44 -24.09 56.69 6.09
CA VAL J 44 -23.11 56.91 7.14
C VAL J 44 -23.63 57.86 8.22
N PHE J 45 -24.55 58.77 7.88
CA PHE J 45 -25.02 59.71 8.90
C PHE J 45 -25.87 59.03 9.96
N TYR J 46 -26.44 57.87 9.62
CA TYR J 46 -27.18 57.04 10.57
C TYR J 46 -26.29 56.03 11.31
N THR J 47 -25.02 55.86 10.92
CA THR J 47 -24.27 54.78 11.55
C THR J 47 -22.94 55.23 12.14
N SER J 48 -22.35 56.29 11.61
CA SER J 48 -21.00 56.64 12.03
C SER J 48 -20.97 57.19 13.45
N SER J 49 -20.05 56.69 14.26
CA SER J 49 -19.91 57.26 15.59
C SER J 49 -19.25 58.62 15.52
N GLN J 50 -18.46 58.89 14.48
CA GLN J 50 -17.97 60.25 14.28
C GLN J 50 -19.13 61.20 14.06
N VAL J 51 -20.09 60.83 13.20
CA VAL J 51 -21.25 61.68 12.97
C VAL J 51 -22.02 61.88 14.26
N PHE J 52 -22.21 60.80 15.04
CA PHE J 52 -22.95 60.95 16.27
C PHE J 52 -22.25 61.90 17.22
N GLU J 53 -20.94 61.70 17.42
CA GLU J 53 -20.20 62.57 18.33
C GLU J 53 -20.31 64.02 17.91
N HIS J 54 -20.40 64.28 16.61
CA HIS J 54 -20.62 65.66 16.19
C HIS J 54 -22.05 66.09 16.49
N GLU J 55 -23.04 65.26 16.13
CA GLU J 55 -24.42 65.62 16.45
C GLU J 55 -24.62 65.71 17.96
N LYS J 56 -23.89 64.87 18.71
CA LYS J 56 -24.01 64.89 20.16
C LYS J 56 -23.66 66.28 20.72
N GLU J 57 -22.57 66.86 20.25
CA GLU J 57 -22.08 68.13 20.78
C GLU J 57 -22.65 69.36 20.07
N ALA J 58 -22.84 69.29 18.74
CA ALA J 58 -23.34 70.45 18.00
C ALA J 58 -24.85 70.60 18.15
N ILE J 59 -25.56 69.50 18.38
CA ILE J 59 -27.02 69.49 18.50
C ILE J 59 -27.46 69.27 19.94
N PHE J 60 -27.12 68.12 20.51
CA PHE J 60 -27.78 67.74 21.76
C PHE J 60 -27.19 68.44 22.98
N ALA J 61 -25.98 68.95 22.90
CA ALA J 61 -25.43 69.77 23.97
C ALA J 61 -25.70 71.26 23.76
N LYS J 62 -26.37 71.62 22.66
CA LYS J 62 -26.58 73.02 22.31
C LYS J 62 -28.03 73.29 21.96
N SER J 63 -28.93 72.39 22.32
CA SER J 63 -30.34 72.56 22.02
C SER J 63 -31.15 72.39 23.30
N TRP J 64 -32.37 72.90 23.26
CA TRP J 64 -33.33 72.68 24.32
C TRP J 64 -33.88 71.27 24.16
N ILE J 65 -33.70 70.45 25.20
CA ILE J 65 -34.06 69.05 25.22
C ILE J 65 -35.27 68.88 26.12
N CYS J 66 -36.36 68.41 25.56
CA CYS J 66 -37.55 68.23 26.36
C CYS J 66 -37.37 66.98 27.21
N VAL J 67 -37.73 67.08 28.48
CA VAL J 67 -37.51 65.95 29.40
C VAL J 67 -38.76 65.50 30.11
N ALA J 68 -39.80 66.32 30.23
CA ALA J 68 -40.91 65.89 31.09
C ALA J 68 -42.08 66.83 30.90
N HIS J 69 -43.24 66.40 31.35
CA HIS J 69 -44.37 67.29 31.54
C HIS J 69 -44.21 68.04 32.87
N GLY J 70 -44.72 69.29 32.91
CA GLY J 70 -44.59 70.10 34.10
C GLY J 70 -45.20 69.45 35.33
N SER J 71 -46.17 68.55 35.12
CA SER J 71 -46.84 67.94 36.26
C SER J 71 -45.85 67.18 37.15
N GLU J 72 -44.76 66.67 36.58
CA GLU J 72 -43.76 65.92 37.37
C GLU J 72 -42.97 66.81 38.32
N LEU J 73 -42.99 68.12 38.10
CA LEU J 73 -42.13 69.03 38.83
C LEU J 73 -42.92 70.22 39.37
N ALA J 74 -44.19 69.99 39.71
CA ALA J 74 -45.12 71.09 40.01
C ALA J 74 -45.01 71.56 41.46
N GLN J 75 -44.58 70.70 42.36
CA GLN J 75 -44.56 71.05 43.77
C GLN J 75 -43.14 71.28 44.25
N PRO J 76 -42.94 72.13 45.26
CA PRO J 76 -41.62 72.29 45.83
C PRO J 76 -41.05 70.93 46.23
N ASN J 77 -39.75 70.76 46.00
CA ASN J 77 -38.95 69.59 46.28
C ASN J 77 -39.10 68.50 45.23
N ASP J 78 -40.05 68.61 44.30
CA ASP J 78 -40.17 67.63 43.23
C ASP J 78 -38.90 67.57 42.39
N TYR J 79 -38.48 66.35 42.04
CA TYR J 79 -37.35 66.18 41.16
C TYR J 79 -37.57 64.97 40.25
N ILE J 80 -36.90 65.02 39.11
CA ILE J 80 -36.78 63.87 38.23
C ILE J 80 -35.31 63.73 37.83
N THR J 81 -34.96 62.55 37.34
CA THR J 81 -33.65 62.31 36.76
C THR J 81 -33.84 61.82 35.34
N ARG J 82 -32.97 62.27 34.44
CA ARG J 82 -32.97 61.85 33.05
C ARG J 82 -31.54 61.53 32.63
N LYS J 83 -31.38 60.71 31.61
CA LYS J 83 -30.07 60.46 31.03
C LYS J 83 -30.14 60.75 29.55
N VAL J 84 -29.27 61.61 29.06
CA VAL J 84 -29.26 61.93 27.64
C VAL J 84 -27.84 62.27 27.25
N ILE J 85 -27.42 61.73 26.10
CA ILE J 85 -26.08 61.78 25.54
C ILE J 85 -25.04 61.58 26.63
N GLY J 86 -25.26 60.63 27.52
CA GLY J 86 -24.26 60.28 28.51
C GLY J 86 -24.28 61.13 29.75
N GLU J 87 -25.27 62.01 29.87
CA GLU J 87 -25.35 62.94 30.99
C GLU J 87 -26.52 62.57 31.86
N ASN J 88 -26.24 62.23 33.12
CA ASN J 88 -27.25 61.96 34.15
C ASN J 88 -27.63 63.30 34.77
N ILE J 89 -28.88 63.70 34.57
CA ILE J 89 -29.31 65.04 34.97
C ILE J 89 -30.48 64.95 35.93
N VAL J 90 -30.45 65.81 36.95
CA VAL J 90 -31.54 65.97 37.88
C VAL J 90 -32.19 67.32 37.62
N ILE J 91 -33.50 67.32 37.46
CA ILE J 91 -34.29 68.54 37.37
C ILE J 91 -35.11 68.58 38.64
N ILE J 92 -35.05 69.71 39.36
CA ILE J 92 -35.56 69.78 40.72
C ILE J 92 -36.22 71.14 40.97
N ARG J 93 -37.40 71.09 41.53
CA ARG J 93 -38.16 72.27 41.95
C ARG J 93 -37.73 72.62 43.37
N GLY J 94 -37.08 73.78 43.53
CA GLY J 94 -36.52 74.14 44.83
C GLY J 94 -37.57 74.32 45.91
N LYS J 95 -37.08 74.44 47.16
CA LYS J 95 -37.95 74.88 48.26
C LYS J 95 -38.57 76.22 47.93
N ASP J 96 -37.84 77.08 47.23
CA ASP J 96 -38.30 78.41 46.86
C ASP J 96 -39.20 78.40 45.64
N SER J 97 -39.63 77.23 45.19
CA SER J 97 -40.48 77.02 44.01
C SER J 97 -39.78 77.36 42.70
N VAL J 98 -38.49 77.60 42.68
CA VAL J 98 -37.78 77.86 41.44
C VAL J 98 -37.28 76.53 40.85
N LEU J 99 -37.60 76.30 39.57
CA LEU J 99 -37.19 75.09 38.88
C LEU J 99 -35.74 75.22 38.44
N ARG J 100 -34.93 74.20 38.77
CA ARG J 100 -33.52 74.20 38.43
C ARG J 100 -33.14 72.83 37.89
N ALA J 101 -32.02 72.80 37.20
CA ALA J 101 -31.50 71.54 36.69
C ALA J 101 -30.01 71.46 36.98
N PHE J 102 -29.55 70.25 37.32
CA PHE J 102 -28.14 70.01 37.63
C PHE J 102 -27.63 68.69 37.06
N TYR J 103 -26.37 68.72 36.65
CA TYR J 103 -25.66 67.48 36.43
C TYR J 103 -25.65 66.64 37.71
N ASN J 104 -26.06 65.39 37.59
CA ASN J 104 -26.34 64.54 38.74
C ASN J 104 -25.04 63.89 39.21
N VAL J 105 -24.15 64.71 39.76
CA VAL J 105 -22.84 64.22 40.16
C VAL J 105 -22.29 65.08 41.29
N CYS J 106 -21.92 64.44 42.39
CA CYS J 106 -21.41 65.23 43.52
C CYS J 106 -20.12 65.96 43.15
N PRO J 107 -19.94 67.21 43.58
CA PRO J 107 -18.73 67.98 43.31
C PRO J 107 -17.52 67.52 44.14
N HIS J 108 -17.73 66.72 45.17
CA HIS J 108 -16.62 66.18 45.98
C HIS J 108 -15.84 65.17 45.13
N ARG J 109 -16.36 63.96 45.01
CA ARG J 109 -15.60 62.91 44.34
C ARG J 109 -16.44 62.12 43.33
N GLY J 110 -17.53 62.70 42.82
CA GLY J 110 -18.18 62.18 41.63
C GLY J 110 -19.26 61.16 41.83
N HIS J 111 -19.69 60.90 43.07
CA HIS J 111 -20.81 59.99 43.27
C HIS J 111 -22.12 60.61 42.77
N GLU J 112 -23.01 59.78 42.24
CA GLU J 112 -24.31 60.29 41.82
C GLU J 112 -25.13 60.71 43.02
N LEU J 113 -26.00 61.69 42.84
CA LEU J 113 -26.68 62.29 43.99
C LEU J 113 -28.09 61.76 44.20
N LEU J 114 -28.92 61.75 43.16
CA LEU J 114 -30.29 61.28 43.30
C LEU J 114 -30.57 60.25 42.21
N SER J 115 -31.53 59.38 42.47
CA SER J 115 -31.92 58.36 41.48
C SER J 115 -33.43 58.37 41.35
N GLY J 116 -33.91 57.97 40.17
CA GLY J 116 -35.35 57.88 39.98
C GLY J 116 -35.97 59.26 40.03
N SER J 117 -37.19 59.31 40.59
CA SER J 117 -38.01 60.51 40.67
C SER J 117 -38.76 60.52 41.99
N GLY J 118 -39.06 61.72 42.49
CA GLY J 118 -39.87 61.79 43.70
C GLY J 118 -39.81 63.14 44.40
N LYS J 119 -39.85 63.12 45.74
CA LYS J 119 -39.77 64.31 46.59
C LYS J 119 -38.40 64.35 47.26
N ALA J 120 -37.57 65.31 46.88
CA ALA J 120 -36.32 65.51 47.59
C ALA J 120 -36.58 65.94 49.03
N LYS J 121 -35.76 65.45 49.95
CA LYS J 121 -35.76 66.02 51.30
C LYS J 121 -35.37 67.49 51.19
N ASN J 122 -35.35 68.18 52.33
CA ASN J 122 -35.09 69.61 52.30
C ASN J 122 -33.65 69.93 51.93
N VAL J 123 -32.73 68.97 52.05
CA VAL J 123 -31.41 69.07 51.45
C VAL J 123 -31.13 67.76 50.74
N ILE J 124 -30.17 67.82 49.80
CA ILE J 124 -29.68 66.64 49.10
C ILE J 124 -28.41 66.14 49.82
N THR J 125 -28.43 64.87 50.24
CA THR J 125 -27.30 64.24 50.92
C THR J 125 -26.58 63.30 49.96
N CYS J 126 -25.32 63.57 49.70
CA CYS J 126 -24.68 62.63 48.78
C CYS J 126 -24.57 61.28 49.48
N PRO J 127 -24.88 60.15 48.84
CA PRO J 127 -24.81 58.86 49.50
C PRO J 127 -23.38 58.48 49.94
N TYR J 128 -22.37 58.94 49.22
CA TYR J 128 -20.97 58.56 49.49
C TYR J 128 -20.34 59.18 50.75
N HIS J 129 -20.36 60.49 50.92
CA HIS J 129 -19.67 61.09 52.10
C HIS J 129 -20.59 62.08 52.82
N ALA J 130 -21.84 62.16 52.37
CA ALA J 130 -22.90 62.92 53.02
C ALA J 130 -22.66 64.42 53.05
N TRP J 131 -21.90 64.96 52.10
CA TRP J 131 -22.03 66.38 51.84
C TRP J 131 -23.50 66.65 51.57
N THR J 132 -23.99 67.77 52.07
CA THR J 132 -25.36 68.18 51.87
C THR J 132 -25.40 69.42 50.99
N PHE J 133 -26.41 69.49 50.13
CA PHE J 133 -26.60 70.58 49.20
C PHE J 133 -28.03 71.05 49.34
N LYS J 134 -28.24 72.36 49.41
CA LYS J 134 -29.57 72.90 49.30
C LYS J 134 -30.14 72.62 47.90
N LEU J 135 -31.45 72.81 47.74
CA LEU J 135 -32.09 72.39 46.50
C LEU J 135 -31.77 73.29 45.33
N ASP J 136 -31.02 74.35 45.55
CA ASP J 136 -30.53 75.20 44.47
C ASP J 136 -29.09 74.86 44.12
N GLY J 137 -28.55 73.76 44.63
CA GLY J 137 -27.21 73.35 44.28
C GLY J 137 -26.15 73.79 45.25
N SER J 138 -26.49 74.74 46.12
CA SER J 138 -25.57 75.35 47.08
C SER J 138 -25.00 74.28 47.99
N LEU J 139 -23.68 74.29 48.17
CA LEU J 139 -23.14 73.47 49.23
C LEU J 139 -23.72 74.00 50.53
N ALA J 140 -24.38 73.11 51.26
CA ALA J 140 -24.92 73.43 52.60
C ALA J 140 -23.85 73.01 53.59
N LEU J 141 -23.67 71.71 53.77
CA LEU J 141 -22.60 71.26 54.70
C LEU J 141 -21.70 70.20 54.07
N ALA J 142 -20.41 70.50 53.98
CA ALA J 142 -19.42 69.50 53.58
C ALA J 142 -18.83 69.04 54.90
N ARG J 143 -19.06 67.80 55.33
CA ARG J 143 -18.57 67.29 56.65
C ARG J 143 -17.06 67.51 56.78
N ASN J 144 -16.61 67.88 58.00
CA ASN J 144 -15.21 68.16 58.30
C ASN J 144 -14.66 69.30 57.47
N CYS J 145 -15.51 69.98 56.70
CA CYS J 145 -15.09 71.15 55.95
C CYS J 145 -14.19 72.08 56.76
N ASP J 146 -14.58 72.37 58.00
CA ASP J 146 -13.86 73.39 58.76
C ASP J 146 -12.39 73.04 58.97
N HIS J 147 -12.01 71.77 58.90
CA HIS J 147 -10.65 71.33 59.18
C HIS J 147 -9.84 70.98 57.93
N VAL J 148 -10.36 71.28 56.74
CA VAL J 148 -9.66 71.04 55.49
C VAL J 148 -9.08 72.37 55.00
N GLU J 149 -7.77 72.38 54.77
CA GLU J 149 -7.08 73.61 54.41
C GLU J 149 -7.57 74.16 53.08
N SER J 150 -7.83 75.46 53.04
CA SER J 150 -8.14 76.15 51.79
C SER J 150 -9.35 75.53 51.09
N PHE J 151 -10.34 75.10 51.86
CA PHE J 151 -11.53 74.51 51.25
C PHE J 151 -12.28 75.57 50.46
N ASP J 152 -12.51 75.30 49.18
CA ASP J 152 -13.17 76.23 48.26
C ASP J 152 -14.66 75.92 48.22
N LYS J 153 -15.40 76.49 49.17
CA LYS J 153 -16.79 76.09 49.36
C LYS J 153 -17.69 76.59 48.25
N GLU J 154 -17.40 77.76 47.65
CA GLU J 154 -18.25 78.23 46.57
C GLU J 154 -18.06 77.37 45.32
N ASN J 155 -16.79 76.97 45.01
CA ASN J 155 -16.49 76.04 43.93
C ASN J 155 -16.83 74.60 44.30
N SER J 156 -17.62 74.36 45.35
CA SER J 156 -18.03 73.02 45.74
C SER J 156 -19.54 72.79 45.63
N SER J 157 -20.22 73.56 44.80
CA SER J 157 -21.65 73.41 44.59
C SER J 157 -21.93 72.47 43.44
N MET J 158 -23.15 71.91 43.45
CA MET J 158 -23.64 71.18 42.28
C MET J 158 -23.60 72.08 41.05
N VAL J 159 -23.34 71.46 39.91
CA VAL J 159 -23.11 72.19 38.66
C VAL J 159 -24.44 72.26 37.91
N PRO J 160 -24.95 73.46 37.64
CA PRO J 160 -26.28 73.61 37.04
C PRO J 160 -26.21 73.56 35.52
N LEU J 161 -27.40 73.38 34.94
CA LEU J 161 -27.58 73.63 33.51
C LEU J 161 -28.92 74.30 33.33
N LYS J 162 -29.12 74.87 32.15
CA LYS J 162 -30.32 75.68 31.95
C LYS J 162 -31.55 74.77 31.89
N VAL J 163 -32.64 75.24 32.49
CA VAL J 163 -33.93 74.56 32.44
C VAL J 163 -34.99 75.63 32.25
N GLU J 164 -36.02 75.29 31.47
CA GLU J 164 -37.09 76.22 31.16
C GLU J 164 -38.40 75.45 31.05
N GLU J 165 -39.45 76.03 31.61
CA GLU J 165 -40.80 75.54 31.46
C GLU J 165 -41.39 76.21 30.23
N TYR J 166 -41.83 75.41 29.27
CA TYR J 166 -42.29 75.92 27.99
C TYR J 166 -43.41 75.00 27.50
N ALA J 167 -44.51 75.61 27.07
CA ALA J 167 -45.66 74.88 26.53
C ALA J 167 -46.24 73.91 27.54
N GLY J 168 -45.99 74.12 28.82
CA GLY J 168 -46.44 73.16 29.79
C GLY J 168 -45.52 71.97 29.97
N PHE J 169 -44.37 71.95 29.28
CA PHE J 169 -43.36 70.88 29.42
C PHE J 169 -42.04 71.49 29.91
N VAL J 170 -41.06 70.64 30.18
CA VAL J 170 -39.80 71.07 30.79
C VAL J 170 -38.65 70.75 29.86
N PHE J 171 -37.84 71.75 29.55
CA PHE J 171 -36.70 71.62 28.65
C PHE J 171 -35.40 71.93 29.42
N ILE J 172 -34.35 71.15 29.14
CA ILE J 172 -33.01 71.44 29.65
C ILE J 172 -32.14 71.83 28.48
N ASN J 173 -31.05 72.52 28.78
CA ASN J 173 -30.08 72.93 27.77
C ASN J 173 -28.73 73.00 28.43
N MET J 174 -27.76 72.30 27.85
CA MET J 174 -26.40 72.21 28.39
C MET J 174 -25.51 73.36 27.93
N ASP J 175 -25.95 74.18 26.99
CA ASP J 175 -25.16 75.32 26.53
C ASP J 175 -25.46 76.54 27.40
N GLU J 176 -24.44 77.05 28.09
CA GLU J 176 -24.61 78.23 28.93
C GLU J 176 -25.15 79.41 28.13
N ASN J 177 -24.67 79.59 26.90
CA ASN J 177 -25.10 80.68 26.04
C ASN J 177 -26.49 80.47 25.44
N ALA J 178 -27.21 79.41 25.82
CA ALA J 178 -28.53 79.19 25.22
C ALA J 178 -29.47 80.34 25.58
N THR J 179 -30.42 80.61 24.70
CA THR J 179 -31.37 81.68 24.98
C THR J 179 -32.63 81.10 25.62
N CYS J 180 -33.61 80.74 24.80
CA CYS J 180 -34.86 80.26 25.35
C CYS J 180 -35.51 79.35 24.33
N VAL J 181 -36.46 78.53 24.80
CA VAL J 181 -37.08 77.53 23.95
C VAL J 181 -37.83 78.16 22.79
N GLU J 182 -38.48 79.30 23.03
CA GLU J 182 -39.23 79.93 21.96
C GLU J 182 -38.32 80.35 20.82
N ASP J 183 -37.06 80.70 21.12
CA ASP J 183 -36.12 80.99 20.06
C ASP J 183 -35.82 79.75 19.20
N GLN J 184 -35.97 78.56 19.78
CA GLN J 184 -35.72 77.30 19.08
C GLN J 184 -36.96 76.81 18.34
N LEU J 185 -38.12 77.02 18.94
CA LEU J 185 -39.39 76.53 18.42
C LEU J 185 -40.39 77.67 18.27
N PRO J 186 -40.04 78.70 17.49
CA PRO J 186 -40.91 79.89 17.41
C PRO J 186 -42.31 79.50 17.02
N GLY J 187 -43.28 79.91 17.83
CA GLY J 187 -44.68 79.65 17.56
C GLY J 187 -45.20 78.34 18.07
N PHE J 188 -44.33 77.46 18.60
CA PHE J 188 -44.78 76.12 18.91
C PHE J 188 -45.73 76.11 20.10
N ALA J 189 -45.35 76.77 21.19
CA ALA J 189 -46.25 76.77 22.34
C ALA J 189 -47.60 77.36 21.96
N GLU J 190 -47.60 78.47 21.25
CA GLU J 190 -48.88 79.06 20.82
C GLU J 190 -49.72 78.04 20.05
N ARG J 191 -49.10 77.19 19.21
CA ARG J 191 -49.90 76.25 18.41
C ARG J 191 -50.29 75.02 19.24
N LEU J 192 -49.39 74.55 20.10
CA LEU J 192 -49.68 73.40 20.95
C LEU J 192 -50.86 73.67 21.87
N ASN J 193 -50.91 74.86 22.47
CA ASN J 193 -52.06 75.22 23.28
C ASN J 193 -53.31 75.32 22.44
N GLN J 194 -53.16 75.58 21.15
CA GLN J 194 -54.28 75.51 20.22
C GLN J 194 -54.64 74.07 19.87
N ALA J 195 -53.72 73.10 20.02
CA ALA J 195 -54.13 71.72 19.83
C ALA J 195 -54.78 71.16 21.11
N CYS J 196 -54.23 71.47 22.28
CA CYS J 196 -54.73 70.91 23.54
C CYS J 196 -54.78 72.04 24.56
N GLY J 197 -55.97 72.38 25.01
CA GLY J 197 -56.10 73.47 25.94
C GLY J 197 -56.04 73.11 27.39
N VAL J 198 -55.78 71.85 27.72
CA VAL J 198 -55.79 71.42 29.12
C VAL J 198 -54.45 70.82 29.47
N ILE J 199 -53.40 71.28 28.79
CA ILE J 199 -52.10 70.66 29.01
C ILE J 199 -51.74 70.76 30.49
N LYS J 200 -51.90 71.95 31.08
CA LYS J 200 -51.54 72.16 32.47
C LYS J 200 -52.16 71.13 33.41
N ASP J 201 -53.28 70.54 33.03
CA ASP J 201 -53.95 69.56 33.88
C ASP J 201 -53.55 68.14 33.56
N LEU J 202 -52.69 67.93 32.58
CA LEU J 202 -52.27 66.58 32.25
C LEU J 202 -51.45 65.98 33.39
N LYS J 203 -51.61 64.67 33.57
CA LYS J 203 -50.83 63.89 34.53
C LYS J 203 -50.33 62.62 33.87
N LEU J 204 -49.15 62.19 34.29
CA LEU J 204 -48.49 61.03 33.72
C LEU J 204 -49.27 59.76 34.07
N ALA J 205 -49.86 59.13 33.07
CA ALA J 205 -50.60 57.90 33.28
C ALA J 205 -49.77 56.66 33.00
N ALA J 206 -48.84 56.73 32.05
CA ALA J 206 -48.05 55.57 31.70
C ALA J 206 -46.80 56.05 30.98
N ARG J 207 -45.69 55.32 31.19
CA ARG J 207 -44.41 55.57 30.54
C ARG J 207 -43.83 54.27 30.03
N PHE J 208 -43.51 54.23 28.74
CA PHE J 208 -42.79 53.10 28.15
C PHE J 208 -41.35 53.52 27.94
N VAL J 209 -40.43 52.79 28.57
CA VAL J 209 -38.99 53.05 28.46
C VAL J 209 -38.37 51.94 27.63
N THR J 210 -37.72 52.31 26.53
CA THR J 210 -37.07 51.31 25.69
C THR J 210 -35.73 51.84 25.19
N GLU J 211 -34.69 51.04 25.34
CA GLU J 211 -33.42 51.36 24.69
C GLU J 211 -33.51 50.83 23.27
N THR J 212 -33.62 51.73 22.30
CA THR J 212 -33.89 51.31 20.94
C THR J 212 -32.62 51.27 20.11
N PRO J 213 -32.29 50.12 19.46
CA PRO J 213 -31.12 50.05 18.58
C PRO J 213 -31.41 50.64 17.20
N ALA J 214 -31.67 51.95 17.20
CA ALA J 214 -31.79 52.74 16.00
C ALA J 214 -31.20 54.10 16.25
N ASN J 215 -30.60 54.66 15.21
CA ASN J 215 -30.15 56.04 15.28
C ASN J 215 -31.34 56.94 15.54
N TRP J 216 -31.12 58.01 16.32
CA TRP J 216 -32.23 58.89 16.69
C TRP J 216 -32.91 59.44 15.45
N LYS J 217 -32.14 59.74 14.42
CA LYS J 217 -32.71 60.27 13.19
C LYS J 217 -33.58 59.25 12.46
N VAL J 218 -33.31 57.94 12.59
CA VAL J 218 -34.23 56.96 12.01
C VAL J 218 -35.56 57.04 12.72
N ILE J 219 -35.54 57.24 14.03
CA ILE J 219 -36.78 57.32 14.80
C ILE J 219 -37.57 58.57 14.43
N VAL J 220 -36.88 59.68 14.14
CA VAL J 220 -37.57 60.89 13.67
C VAL J 220 -38.12 60.66 12.26
N ASP J 221 -37.30 60.11 11.37
CA ASP J 221 -37.78 59.73 10.03
C ASP J 221 -39.10 58.99 10.14
N ASN J 222 -39.13 57.96 10.99
CA ASN J 222 -40.32 57.13 11.11
C ASN J 222 -41.55 57.94 11.51
N TYR J 223 -41.38 58.89 12.44
CA TYR J 223 -42.52 59.71 12.87
C TYR J 223 -42.96 60.67 11.77
N MET J 224 -42.03 61.16 10.95
CA MET J 224 -42.32 62.26 10.02
C MET J 224 -43.12 61.86 8.78
N GLU J 225 -43.57 60.61 8.67
CA GLU J 225 -44.37 60.24 7.52
C GLU J 225 -45.41 59.22 7.95
N CYS J 226 -46.55 59.25 7.27
CA CYS J 226 -47.59 58.25 7.43
C CYS J 226 -47.68 57.36 6.19
N TYR J 227 -46.69 57.47 5.30
CA TYR J 227 -46.53 56.53 4.18
C TYR J 227 -46.61 55.07 4.63
N HIS J 228 -46.16 54.76 5.85
CA HIS J 228 -46.10 53.40 6.36
C HIS J 228 -47.29 53.03 7.23
N CYS J 229 -48.21 53.96 7.51
CA CYS J 229 -49.22 53.67 8.51
C CYS J 229 -50.21 52.62 8.02
N GLY J 230 -50.55 52.64 6.74
CA GLY J 230 -51.41 51.64 6.16
C GLY J 230 -50.87 50.22 6.34
N PRO J 231 -49.67 49.96 5.81
CA PRO J 231 -49.13 48.58 5.88
C PRO J 231 -48.64 48.17 7.26
N ALA J 232 -47.99 49.08 8.00
CA ALA J 232 -47.31 48.74 9.25
C ALA J 232 -48.17 48.97 10.49
N HIS J 233 -49.27 49.72 10.37
CA HIS J 233 -50.16 50.02 11.50
C HIS J 233 -51.58 49.68 11.09
N PRO J 234 -51.94 48.40 11.11
CA PRO J 234 -53.32 48.02 10.75
C PRO J 234 -54.37 48.59 11.67
N GLY J 235 -54.15 48.54 12.99
CA GLY J 235 -55.10 49.07 13.95
C GLY J 235 -55.15 50.58 14.04
N PHE J 236 -54.10 51.28 13.56
CA PHE J 236 -54.07 52.74 13.56
C PHE J 236 -54.38 53.35 12.19
N ALA J 237 -54.85 52.54 11.26
CA ALA J 237 -55.19 53.00 9.92
C ALA J 237 -56.69 53.25 9.78
N ASP J 238 -57.49 52.63 10.65
CA ASP J 238 -58.94 52.68 10.57
C ASP J 238 -59.57 53.99 11.03
N SER J 239 -58.78 54.99 11.46
CA SER J 239 -59.31 56.23 12.01
C SER J 239 -58.74 57.51 11.38
N VAL J 240 -57.51 57.51 10.86
CA VAL J 240 -57.00 58.62 10.05
C VAL J 240 -57.53 58.57 8.61
N GLN J 241 -57.94 59.74 8.16
CA GLN J 241 -58.38 60.03 6.81
C GLN J 241 -57.20 60.62 6.04
N VAL J 242 -56.86 60.00 4.90
CA VAL J 242 -55.67 60.39 4.08
C VAL J 242 -55.91 61.63 3.22
N ASP J 243 -57.16 61.95 2.85
CA ASP J 243 -57.38 63.19 2.05
C ASP J 243 -57.68 64.36 3.01
N LYS J 244 -57.78 64.06 4.31
CA LYS J 244 -58.03 65.05 5.38
C LYS J 244 -56.88 64.94 6.39
N TYR J 245 -55.66 65.08 5.89
CA TYR J 245 -54.41 64.98 6.68
C TYR J 245 -53.29 65.74 5.98
N TRP J 246 -52.70 66.73 6.66
CA TRP J 246 -51.69 67.62 6.09
C TRP J 246 -50.48 67.68 7.01
N HIS J 247 -49.30 67.72 6.41
CA HIS J 247 -48.05 67.85 7.15
C HIS J 247 -47.42 69.19 6.75
N THR J 248 -47.54 70.15 7.66
CA THR J 248 -47.03 71.50 7.56
C THR J 248 -45.76 71.72 8.39
N THR J 249 -44.78 72.37 7.76
CA THR J 249 -43.53 72.75 8.39
C THR J 249 -43.62 74.19 8.88
N HIS J 250 -42.91 74.48 9.97
CA HIS J 250 -42.91 75.80 10.59
C HIS J 250 -41.48 76.24 10.82
N GLN J 251 -41.08 76.51 12.05
CA GLN J 251 -39.68 76.88 12.31
C GLN J 251 -39.12 75.91 13.34
N ASN J 252 -38.40 74.90 12.85
CA ASN J 252 -37.82 73.85 13.69
C ASN J 252 -38.85 72.94 14.31
N TRP J 253 -40.05 72.90 13.76
CA TRP J 253 -41.04 71.89 14.12
C TRP J 253 -42.02 71.77 12.97
N THR J 254 -42.82 70.71 13.02
CA THR J 254 -43.83 70.49 12.01
C THR J 254 -45.06 69.98 12.72
N LEU J 255 -46.16 70.06 11.99
CA LEU J 255 -47.47 69.65 12.47
C LEU J 255 -48.11 68.73 11.44
N GLN J 256 -48.51 67.56 11.88
CA GLN J 256 -49.30 66.65 11.09
C GLN J 256 -50.71 66.83 11.58
N TYR J 257 -51.56 67.39 10.71
CA TYR J 257 -52.88 67.88 11.07
C TYR J 257 -53.96 67.19 10.25
N GLY J 258 -55.00 66.72 10.91
CA GLY J 258 -56.06 66.05 10.18
C GLY J 258 -57.32 65.92 11.01
N PHE J 259 -58.36 65.41 10.35
CA PHE J 259 -59.62 65.07 10.98
C PHE J 259 -59.82 63.56 10.90
N ALA J 260 -60.28 62.96 11.99
CA ALA J 260 -60.41 61.51 12.07
C ALA J 260 -61.87 61.09 11.93
N THR J 274 -69.19 68.22 14.45
CA THR J 274 -68.04 68.12 13.56
C THR J 274 -67.16 66.92 13.94
N ASP J 275 -66.33 66.48 12.98
CA ASP J 275 -65.47 65.31 13.16
C ASP J 275 -64.17 65.69 13.85
N PRO J 276 -63.71 64.88 14.82
CA PRO J 276 -62.64 65.30 15.72
C PRO J 276 -61.31 65.49 15.01
N GLU J 277 -60.62 66.57 15.37
CA GLU J 277 -59.32 66.86 14.78
C GLU J 277 -58.21 66.15 15.58
N PHE J 278 -57.03 66.03 14.97
CA PHE J 278 -55.90 65.39 15.63
C PHE J 278 -54.62 66.13 15.26
N HIS J 279 -53.65 66.10 16.19
CA HIS J 279 -52.38 66.80 16.03
C HIS J 279 -51.20 65.87 16.31
N GLY J 280 -50.15 66.02 15.52
CA GLY J 280 -48.87 65.34 15.71
C GLY J 280 -47.75 66.33 15.47
N PHE J 281 -47.15 66.82 16.55
CA PHE J 281 -46.06 67.78 16.45
C PHE J 281 -44.73 67.05 16.58
N TRP J 282 -43.81 67.32 15.67
CA TRP J 282 -42.41 67.01 15.86
C TRP J 282 -41.66 68.31 16.10
N THR J 283 -40.83 68.33 17.12
CA THR J 283 -40.07 69.52 17.44
C THR J 283 -38.58 69.20 17.47
N TRP J 284 -37.79 70.16 17.02
CA TRP J 284 -36.36 69.98 16.98
C TRP J 284 -35.83 69.82 18.41
N PRO J 285 -34.89 68.88 18.65
CA PRO J 285 -34.39 67.93 17.64
C PRO J 285 -35.27 66.69 17.51
N CYS J 286 -35.82 66.20 18.61
CA CYS J 286 -36.49 64.92 18.47
C CYS J 286 -37.41 64.71 19.66
N THR J 287 -38.39 65.58 19.83
CA THR J 287 -39.48 65.32 20.75
C THR J 287 -40.77 65.48 19.96
N MET J 288 -41.73 64.59 20.17
CA MET J 288 -42.95 64.57 19.38
C MET J 288 -44.15 64.65 20.32
N PHE J 289 -45.10 65.52 20.00
CA PHE J 289 -46.29 65.71 20.82
C PHE J 289 -47.52 65.35 20.00
N ASN J 290 -48.31 64.40 20.51
CA ASN J 290 -49.51 63.95 19.83
C ASN J 290 -50.72 64.31 20.66
N VAL J 291 -51.67 64.95 20.01
CA VAL J 291 -52.97 65.28 20.57
C VAL J 291 -54.01 64.52 19.73
N PRO J 292 -54.48 63.39 20.24
CA PRO J 292 -55.40 62.59 19.45
C PRO J 292 -56.77 63.24 19.44
N PRO J 293 -57.68 62.72 18.61
CA PRO J 293 -59.02 63.31 18.53
C PRO J 293 -59.66 63.42 19.90
N GLY J 294 -60.36 64.54 20.10
CA GLY J 294 -60.90 64.90 21.39
C GLY J 294 -60.12 66.02 22.07
N SER J 295 -58.80 66.09 21.81
CA SER J 295 -57.95 67.16 22.34
C SER J 295 -57.92 67.20 23.86
N ASN J 296 -58.25 66.09 24.53
CA ASN J 296 -58.29 66.02 25.99
C ASN J 296 -57.14 65.21 26.61
N PHE J 297 -56.25 64.63 25.81
CA PHE J 297 -55.11 63.88 26.36
C PHE J 297 -53.94 63.99 25.39
N MET J 298 -52.79 63.51 25.84
CA MET J 298 -51.58 63.59 25.04
C MET J 298 -50.75 62.32 25.19
N THR J 299 -50.03 61.98 24.14
CA THR J 299 -48.86 61.09 24.22
C THR J 299 -47.67 61.89 23.74
N VAL J 300 -46.51 61.63 24.33
CA VAL J 300 -45.29 62.34 24.01
C VAL J 300 -44.17 61.33 23.88
N ILE J 301 -43.36 61.48 22.83
CA ILE J 301 -42.21 60.63 22.57
C ILE J 301 -40.98 61.45 22.83
N TYR J 302 -40.20 61.05 23.83
CA TYR J 302 -38.91 61.67 24.14
C TYR J 302 -37.81 60.75 23.64
N GLU J 303 -36.91 61.29 22.85
CA GLU J 303 -35.78 60.53 22.35
C GLU J 303 -34.51 61.05 23.01
N PHE J 304 -33.85 60.19 23.77
CA PHE J 304 -32.60 60.60 24.40
C PHE J 304 -31.47 59.79 23.79
N PRO J 305 -30.74 60.32 22.83
CA PRO J 305 -29.75 59.51 22.11
C PRO J 305 -28.66 59.04 23.04
N VAL J 306 -28.20 57.81 22.78
CA VAL J 306 -27.10 57.18 23.51
C VAL J 306 -25.83 57.14 22.66
N ASP J 307 -25.91 56.51 21.49
CA ASP J 307 -24.82 56.53 20.53
C ASP J 307 -25.43 56.44 19.14
N ALA J 308 -24.57 56.26 18.13
CA ALA J 308 -25.00 56.32 16.73
C ALA J 308 -26.13 55.36 16.44
N GLU J 309 -26.22 54.26 17.19
CA GLU J 309 -27.20 53.22 16.88
C GLU J 309 -28.08 52.87 18.07
N THR J 310 -28.11 53.74 19.08
CA THR J 310 -28.84 53.49 20.31
C THR J 310 -29.50 54.79 20.72
N THR J 311 -30.79 54.71 21.03
CA THR J 311 -31.59 55.85 21.45
C THR J 311 -32.51 55.38 22.55
N LEU J 312 -32.41 55.98 23.71
CA LEU J 312 -33.37 55.73 24.77
C LEU J 312 -34.62 56.52 24.46
N GLN J 313 -35.79 55.89 24.56
CA GLN J 313 -37.05 56.54 24.26
C GLN J 313 -37.95 56.42 25.46
N HIS J 314 -38.58 57.54 25.83
CA HIS J 314 -39.75 57.52 26.69
C HIS J 314 -40.96 57.72 25.82
N TYR J 315 -41.95 56.86 25.96
CA TYR J 315 -43.26 57.09 25.35
C TYR J 315 -44.22 57.35 26.51
N ASP J 316 -44.61 58.61 26.68
CA ASP J 316 -45.45 59.02 27.78
C ASP J 316 -46.91 59.20 27.33
N ILE J 317 -47.83 58.64 28.10
CA ILE J 317 -49.26 58.86 27.92
C ILE J 317 -49.78 59.69 29.07
N TYR J 318 -50.44 60.80 28.74
CA TYR J 318 -50.90 61.78 29.72
C TYR J 318 -52.41 61.90 29.65
N PHE J 319 -53.06 61.76 30.80
CA PHE J 319 -54.49 62.03 30.95
C PHE J 319 -54.69 63.12 32.02
N THR J 320 -55.86 63.77 31.97
CA THR J 320 -56.17 64.82 32.94
C THR J 320 -56.57 64.26 34.30
N ASN J 321 -57.18 63.08 34.34
CA ASN J 321 -57.61 62.46 35.59
C ASN J 321 -56.52 61.51 36.11
N GLU J 322 -56.33 61.51 37.43
CA GLU J 322 -55.32 60.62 38.00
C GLU J 322 -55.86 59.21 38.19
N GLU J 323 -57.16 59.06 38.43
CA GLU J 323 -57.78 57.75 38.53
C GLU J 323 -58.21 57.33 37.12
N LEU J 324 -57.54 56.29 36.58
CA LEU J 324 -57.77 55.90 35.19
C LEU J 324 -59.03 55.05 35.09
N THR J 325 -59.86 55.35 34.09
CA THR J 325 -60.95 54.46 33.70
C THR J 325 -60.39 53.20 33.04
N GLN J 326 -61.25 52.19 32.90
CA GLN J 326 -60.82 50.96 32.28
C GLN J 326 -60.68 51.10 30.77
N ASP J 327 -61.37 52.08 30.18
CA ASP J 327 -61.13 52.42 28.78
C ASP J 327 -59.75 53.03 28.59
N GLN J 328 -59.27 53.76 29.60
CA GLN J 328 -57.95 54.35 29.52
C GLN J 328 -56.85 53.31 29.72
N LYS J 329 -57.02 52.39 30.67
CA LYS J 329 -56.04 51.33 30.89
C LYS J 329 -55.97 50.38 29.69
N ASP J 330 -57.10 50.17 29.01
CA ASP J 330 -57.06 49.37 27.80
C ASP J 330 -56.27 50.10 26.72
N LEU J 331 -56.51 51.41 26.57
CA LEU J 331 -55.78 52.17 25.57
C LEU J 331 -54.28 52.16 25.87
N ILE J 332 -53.91 52.27 27.14
CA ILE J 332 -52.49 52.23 27.50
C ILE J 332 -51.88 50.91 27.06
N GLU J 333 -52.58 49.81 27.33
CA GLU J 333 -52.03 48.50 27.01
C GLU J 333 -52.01 48.24 25.51
N TRP J 334 -52.97 48.79 24.79
CA TRP J 334 -52.94 48.73 23.33
C TRP J 334 -51.72 49.47 22.78
N TYR J 335 -51.43 50.66 23.33
CA TYR J 335 -50.20 51.35 22.99
C TYR J 335 -48.98 50.49 23.31
N ARG J 336 -48.99 49.86 24.47
CA ARG J 336 -47.80 49.14 24.92
C ARG J 336 -47.55 47.90 24.07
N ASN J 337 -48.61 47.16 23.75
CA ASN J 337 -48.47 45.82 23.18
C ASN J 337 -48.74 45.72 21.68
N VAL J 338 -49.45 46.67 21.09
CA VAL J 338 -49.78 46.60 19.66
C VAL J 338 -49.16 47.75 18.88
N PHE J 339 -49.45 48.99 19.29
CA PHE J 339 -49.09 50.15 18.48
C PHE J 339 -47.58 50.42 18.50
N ARG J 340 -47.00 50.61 19.68
CA ARG J 340 -45.58 50.93 19.75
C ARG J 340 -44.68 49.81 19.23
N PRO J 341 -44.89 48.54 19.54
CA PRO J 341 -43.99 47.50 19.00
C PRO J 341 -43.82 47.55 17.50
N GLU J 342 -44.86 47.93 16.76
CA GLU J 342 -44.72 48.03 15.32
C GLU J 342 -43.69 49.09 14.94
N ASP J 343 -43.72 50.26 15.59
CA ASP J 343 -42.75 51.28 15.24
C ASP J 343 -41.35 50.95 15.75
N LEU J 344 -41.23 50.33 16.92
CA LEU J 344 -39.89 49.93 17.36
C LEU J 344 -39.31 48.89 16.40
N ASN J 345 -40.11 47.91 16.00
CA ASN J 345 -39.64 46.90 15.05
C ASN J 345 -39.22 47.54 13.72
N LEU J 346 -40.00 48.50 13.24
CA LEU J 346 -39.65 49.15 11.99
C LEU J 346 -38.27 49.80 12.05
N VAL J 347 -38.04 50.64 13.07
CA VAL J 347 -36.78 51.38 13.11
C VAL J 347 -35.61 50.44 13.43
N GLU J 348 -35.84 49.38 14.22
CA GLU J 348 -34.76 48.45 14.52
C GLU J 348 -34.34 47.70 13.26
N SER J 349 -35.31 47.27 12.46
CA SER J 349 -34.96 46.56 11.23
C SER J 349 -34.24 47.50 10.27
N VAL J 350 -34.67 48.76 10.23
CA VAL J 350 -34.07 49.75 9.33
C VAL J 350 -32.62 50.03 9.72
N GLN J 351 -32.35 50.14 11.02
CA GLN J 351 -30.98 50.36 11.46
C GLN J 351 -30.08 49.21 10.96
N ARG J 352 -30.56 47.97 11.08
CA ARG J 352 -29.78 46.84 10.53
C ARG J 352 -29.60 46.97 9.02
N GLY J 353 -30.69 47.27 8.30
CA GLY J 353 -30.62 47.27 6.84
C GLY J 353 -29.68 48.32 6.27
N LEU J 354 -29.54 49.45 6.94
CA LEU J 354 -28.77 50.56 6.39
C LEU J 354 -27.26 50.35 6.44
N LYS J 355 -26.78 49.35 7.18
CA LYS J 355 -25.37 49.03 7.08
C LYS J 355 -25.05 48.12 5.89
N SER J 356 -26.05 47.56 5.23
CA SER J 356 -25.79 46.59 4.18
C SER J 356 -25.15 47.26 2.98
N ARG J 357 -24.11 46.62 2.43
CA ARG J 357 -23.55 47.07 1.16
C ARG J 357 -24.57 46.96 0.03
N GLY J 358 -25.66 46.22 0.24
CA GLY J 358 -26.72 46.18 -0.75
C GLY J 358 -27.70 47.33 -0.69
N TYR J 359 -27.62 48.17 0.33
CA TYR J 359 -28.40 49.40 0.37
C TYR J 359 -27.58 50.46 -0.35
N ARG J 360 -28.06 50.92 -1.50
CA ARG J 360 -27.22 51.74 -2.36
C ARG J 360 -26.60 52.91 -1.62
N GLY J 361 -27.30 53.48 -0.65
CA GLY J 361 -26.72 54.56 0.12
C GLY J 361 -27.74 55.49 0.72
N GLN J 362 -28.66 56.00 -0.10
CA GLN J 362 -29.71 56.91 0.34
C GLN J 362 -31.06 56.35 -0.09
N GLY J 363 -32.11 56.77 0.62
CA GLY J 363 -33.46 56.31 0.33
C GLY J 363 -34.27 57.44 -0.27
N ARG J 364 -35.07 57.12 -1.28
CA ARG J 364 -35.89 58.16 -1.90
C ARG J 364 -37.03 58.58 -0.97
N ILE J 365 -37.12 59.89 -0.73
CA ILE J 365 -38.22 60.43 0.06
C ILE J 365 -39.43 60.59 -0.85
N MET J 366 -40.49 59.83 -0.56
CA MET J 366 -41.63 59.69 -1.46
C MET J 366 -42.58 60.86 -1.27
N THR J 367 -42.11 62.03 -1.70
CA THR J 367 -42.95 63.21 -1.72
C THR J 367 -43.86 63.18 -2.94
N ASP J 368 -45.14 63.43 -2.75
CA ASP J 368 -46.04 63.60 -3.88
C ASP J 368 -46.41 65.06 -4.03
N LYS J 369 -46.80 65.43 -5.26
CA LYS J 369 -47.13 66.82 -5.53
C LYS J 369 -48.36 67.26 -4.74
N GLN J 370 -49.22 66.32 -4.36
CA GLN J 370 -50.37 66.67 -3.56
C GLN J 370 -49.99 67.06 -2.16
N ARG J 371 -48.88 66.52 -1.59
CA ARG J 371 -48.61 66.59 -0.15
C ARG J 371 -49.75 65.89 0.58
N SER J 372 -50.05 64.69 0.09
CA SER J 372 -51.12 63.88 0.63
C SER J 372 -50.71 63.31 1.97
N GLY J 373 -51.59 62.48 2.54
CA GLY J 373 -51.40 61.80 3.83
C GLY J 373 -50.33 60.70 3.85
N ILE J 374 -49.86 60.25 2.70
CA ILE J 374 -48.78 59.29 2.63
C ILE J 374 -47.55 59.89 1.98
N SER J 375 -47.52 61.21 1.81
CA SER J 375 -46.34 61.90 1.33
C SER J 375 -45.26 61.91 2.42
N GLU J 376 -44.01 61.74 2.00
CA GLU J 376 -42.89 61.68 2.93
C GLU J 376 -42.15 63.01 3.07
N HIS J 377 -42.73 64.11 2.57
CA HIS J 377 -42.02 65.39 2.55
C HIS J 377 -41.58 65.82 3.94
N GLY J 378 -42.27 65.37 4.99
CA GLY J 378 -41.83 65.74 6.33
C GLY J 378 -40.40 65.31 6.63
N ILE J 379 -39.97 64.17 6.07
CA ILE J 379 -38.59 63.73 6.27
C ILE J 379 -37.63 64.75 5.69
N ALA J 380 -37.96 65.33 4.53
CA ALA J 380 -37.05 66.26 3.88
C ALA J 380 -36.86 67.53 4.71
N TYR J 381 -37.92 68.00 5.37
CA TYR J 381 -37.77 69.20 6.20
C TYR J 381 -36.83 68.93 7.38
N PHE J 382 -37.07 67.83 8.09
CA PHE J 382 -36.19 67.43 9.19
C PHE J 382 -34.75 67.30 8.72
N GLN J 383 -34.52 66.59 7.61
CA GLN J 383 -33.14 66.31 7.23
C GLN J 383 -32.44 67.55 6.67
N HIS J 384 -33.21 68.47 6.08
CA HIS J 384 -32.60 69.72 5.67
C HIS J 384 -32.05 70.48 6.88
N LEU J 385 -32.78 70.43 8.00
CA LEU J 385 -32.29 71.06 9.22
C LEU J 385 -31.06 70.35 9.74
N VAL J 386 -31.13 69.02 9.88
CA VAL J 386 -29.97 68.27 10.33
C VAL J 386 -28.76 68.60 9.45
N ALA J 387 -28.97 68.68 8.14
CA ALA J 387 -27.84 68.92 7.22
C ALA J 387 -27.13 70.22 7.54
N GLN J 388 -27.83 71.19 8.15
CA GLN J 388 -27.18 72.45 8.50
C GLN J 388 -26.09 72.24 9.56
N TYR J 389 -26.06 71.11 10.25
CA TYR J 389 -24.99 70.86 11.21
C TYR J 389 -23.81 70.12 10.59
N HIS J 390 -23.84 69.84 9.29
CA HIS J 390 -22.79 69.06 8.65
C HIS J 390 -22.17 69.79 7.48
N GLN J 391 -21.90 71.09 7.60
CA GLN J 391 -21.15 71.69 6.48
C GLN J 391 -19.68 71.79 6.88
N ALA K 23 -3.68 63.63 22.57
CA ALA K 23 -2.74 64.05 23.59
C ALA K 23 -2.53 62.96 24.65
N VAL K 24 -1.28 62.75 25.03
CA VAL K 24 -0.92 61.75 26.04
C VAL K 24 -0.89 62.43 27.40
N GLU K 25 -1.71 61.94 28.33
CA GLU K 25 -1.93 62.63 29.59
C GLU K 25 -0.77 62.37 30.55
N LYS K 26 -0.49 63.37 31.39
CA LYS K 26 0.63 63.31 32.31
C LYS K 26 0.28 64.06 33.59
N LEU K 27 0.91 63.66 34.68
CA LEU K 27 0.68 64.32 35.99
C LEU K 27 1.99 64.95 36.45
N PRO K 28 2.01 65.94 37.37
CA PRO K 28 3.25 66.52 37.85
C PRO K 28 3.86 65.56 38.85
N GLU K 29 5.17 65.65 39.07
CA GLU K 29 5.87 64.77 40.05
C GLU K 29 5.31 65.02 41.46
N ASP K 30 4.99 66.27 41.79
CA ASP K 30 4.47 66.60 43.14
C ASP K 30 2.94 66.42 43.26
N PHE K 31 2.26 65.83 42.26
CA PHE K 31 0.83 65.59 42.33
C PHE K 31 0.52 64.88 43.64
N CYS K 32 -0.37 65.48 44.40
CA CYS K 32 -0.71 65.07 45.76
C CYS K 32 0.52 64.88 46.65
N ALA K 33 1.64 65.54 46.35
CA ALA K 33 2.78 65.48 47.28
C ALA K 33 2.43 66.12 48.63
N ASN K 34 1.50 67.08 48.63
CA ASN K 34 1.05 67.72 49.86
C ASN K 34 -0.40 67.33 50.15
N PRO K 35 -0.66 66.32 50.98
CA PRO K 35 -2.05 65.89 51.21
C PRO K 35 -2.96 66.98 51.79
N ASP K 36 -2.40 68.00 52.44
CA ASP K 36 -3.22 69.03 53.08
C ASP K 36 -3.98 69.90 52.08
N VAL K 37 -3.43 70.06 50.87
CA VAL K 37 -4.09 70.79 49.79
C VAL K 37 -4.00 69.94 48.53
N ALA K 38 -4.93 69.00 48.35
CA ALA K 38 -4.79 68.02 47.28
C ALA K 38 -6.13 67.68 46.64
N TRP K 39 -6.07 67.29 45.36
CA TRP K 39 -7.22 66.87 44.55
C TRP K 39 -6.90 65.56 43.85
N THR K 40 -7.94 64.80 43.52
CA THR K 40 -7.80 63.56 42.77
C THR K 40 -7.35 63.85 41.33
N PHE K 41 -6.98 62.76 40.62
CA PHE K 41 -6.58 62.80 39.20
C PHE K 41 -7.58 63.60 38.38
N PRO K 42 -7.14 64.34 37.38
CA PRO K 42 -8.07 64.75 36.32
C PRO K 42 -8.85 63.53 35.83
N LYS K 43 -10.12 63.76 35.49
CA LYS K 43 -11.05 62.66 35.29
C LYS K 43 -10.55 61.67 34.23
N VAL K 44 -9.69 62.10 33.31
CA VAL K 44 -9.27 61.22 32.23
C VAL K 44 -8.46 60.02 32.74
N PHE K 45 -7.81 60.17 33.88
CA PHE K 45 -7.02 59.05 34.39
C PHE K 45 -7.88 57.90 34.86
N TYR K 46 -9.14 58.17 35.19
CA TYR K 46 -10.04 57.09 35.58
C TYR K 46 -10.78 56.46 34.40
N THR K 47 -10.71 57.05 33.20
CA THR K 47 -11.60 56.60 32.13
C THR K 47 -10.89 56.29 30.81
N SER K 48 -9.74 56.90 30.57
CA SER K 48 -9.10 56.80 29.27
C SER K 48 -8.46 55.42 29.09
N SER K 49 -8.76 54.78 27.98
CA SER K 49 -8.18 53.48 27.70
C SER K 49 -6.70 53.60 27.42
N GLN K 50 -6.26 54.69 26.79
CA GLN K 50 -4.84 54.86 26.57
C GLN K 50 -4.08 55.03 27.90
N VAL K 51 -4.67 55.75 28.84
CA VAL K 51 -4.09 55.82 30.17
C VAL K 51 -4.05 54.43 30.79
N PHE K 52 -5.11 53.64 30.61
CA PHE K 52 -5.08 52.29 31.15
C PHE K 52 -3.98 51.47 30.50
N GLU K 53 -3.87 51.52 29.17
CA GLU K 53 -2.84 50.74 28.49
C GLU K 53 -1.44 51.11 28.99
N HIS K 54 -1.24 52.36 29.39
CA HIS K 54 0.04 52.73 29.99
C HIS K 54 0.17 52.16 31.39
N GLU K 55 -0.87 52.30 32.20
CA GLU K 55 -0.83 51.72 33.54
C GLU K 55 -0.71 50.20 33.51
N LYS K 56 -1.28 49.58 32.49
CA LYS K 56 -1.22 48.12 32.35
C LYS K 56 0.22 47.65 32.23
N GLU K 57 1.03 48.31 31.41
CA GLU K 57 2.39 47.86 31.17
C GLU K 57 3.38 48.47 32.14
N ALA K 58 3.16 49.74 32.53
CA ALA K 58 4.10 50.43 33.41
C ALA K 58 3.94 50.02 34.86
N ILE K 59 2.73 49.66 35.28
CA ILE K 59 2.45 49.29 36.65
C ILE K 59 2.24 47.78 36.78
N PHE K 60 1.24 47.25 36.09
CA PHE K 60 0.81 45.89 36.33
C PHE K 60 1.66 44.85 35.63
N ALA K 61 2.44 45.24 34.62
CA ALA K 61 3.40 44.32 34.05
C ALA K 61 4.80 44.45 34.66
N LYS K 62 5.00 45.37 35.60
CA LYS K 62 6.33 45.61 36.16
C LYS K 62 6.32 45.70 37.68
N SER K 63 5.24 45.28 38.32
CA SER K 63 5.12 45.31 39.77
C SER K 63 4.71 43.92 40.24
N TRP K 64 4.93 43.68 41.52
CA TRP K 64 4.51 42.43 42.15
C TRP K 64 3.01 42.46 42.39
N ILE K 65 2.31 41.48 41.82
CA ILE K 65 0.85 41.39 41.86
C ILE K 65 0.51 40.22 42.78
N CYS K 66 -0.19 40.51 43.88
CA CYS K 66 -0.54 39.47 44.83
C CYS K 66 -1.71 38.67 44.28
N VAL K 67 -1.63 37.34 44.37
CA VAL K 67 -2.64 36.50 43.73
C VAL K 67 -3.32 35.53 44.70
N ALA K 68 -2.73 35.21 45.84
CA ALA K 68 -3.32 34.20 46.71
C ALA K 68 -2.60 34.20 48.05
N HIS K 69 -3.22 33.53 49.01
CA HIS K 69 -2.59 33.14 50.25
C HIS K 69 -1.70 31.92 50.02
N GLY K 70 -0.64 31.79 50.82
CA GLY K 70 0.29 30.69 50.63
C GLY K 70 -0.39 29.33 50.69
N SER K 71 -1.49 29.23 51.46
CA SER K 71 -2.15 27.94 51.66
C SER K 71 -2.64 27.33 50.35
N GLU K 72 -2.96 28.15 49.37
CA GLU K 72 -3.41 27.58 48.11
C GLU K 72 -2.28 26.87 47.35
N LEU K 73 -1.03 27.09 47.74
CA LEU K 73 0.11 26.61 46.97
C LEU K 73 1.15 25.94 47.86
N ALA K 74 0.70 25.32 48.96
CA ALA K 74 1.65 24.82 49.96
C ALA K 74 2.22 23.46 49.61
N GLN K 75 1.49 22.65 48.87
CA GLN K 75 2.02 21.32 48.66
C GLN K 75 2.50 21.15 47.22
N PRO K 76 3.46 20.25 47.00
CA PRO K 76 3.91 19.97 45.62
C PRO K 76 2.74 19.62 44.72
N ASN K 77 2.79 20.12 43.47
CA ASN K 77 1.81 19.93 42.42
C ASN K 77 0.58 20.83 42.59
N ASP K 78 0.45 21.55 43.71
CA ASP K 78 -0.61 22.54 43.86
C ASP K 78 -0.47 23.63 42.81
N TYR K 79 -1.59 24.01 42.21
CA TYR K 79 -1.54 25.11 41.25
C TYR K 79 -2.79 25.97 41.38
N ILE K 80 -2.64 27.24 41.01
CA ILE K 80 -3.77 28.14 40.85
C ILE K 80 -3.60 28.89 39.54
N THR K 81 -4.72 29.41 39.04
CA THR K 81 -4.74 30.27 37.86
C THR K 81 -5.46 31.57 38.20
N ARG K 82 -4.93 32.67 37.65
CA ARG K 82 -5.45 34.01 37.81
C ARG K 82 -5.48 34.65 36.44
N LYS K 83 -6.31 35.67 36.34
CA LYS K 83 -6.32 36.50 35.12
C LYS K 83 -6.10 37.94 35.55
N VAL K 84 -5.09 38.60 35.02
CA VAL K 84 -4.87 40.01 35.31
C VAL K 84 -4.27 40.66 34.09
N ILE K 85 -4.77 41.85 33.78
CA ILE K 85 -4.50 42.61 32.57
C ILE K 85 -4.45 41.71 31.35
N GLY K 86 -5.40 40.78 31.24
CA GLY K 86 -5.56 39.99 30.05
C GLY K 86 -4.65 38.77 29.97
N GLU K 87 -3.87 38.47 31.00
CA GLU K 87 -2.93 37.35 31.01
C GLU K 87 -3.48 36.29 31.93
N ASN K 88 -3.71 35.11 31.38
CA ASN K 88 -4.06 33.93 32.16
C ASN K 88 -2.77 33.32 32.66
N ILE K 89 -2.55 33.33 33.97
CA ILE K 89 -1.28 32.90 34.55
C ILE K 89 -1.54 31.70 35.44
N VAL K 90 -0.64 30.71 35.36
CA VAL K 90 -0.71 29.56 36.25
C VAL K 90 0.46 29.65 37.22
N ILE K 91 0.16 29.49 38.50
CA ILE K 91 1.16 29.39 39.56
C ILE K 91 1.10 27.98 40.13
N ILE K 92 2.26 27.32 40.20
CA ILE K 92 2.28 25.88 40.47
C ILE K 92 3.48 25.56 41.36
N ARG K 93 3.25 24.76 42.39
CA ARG K 93 4.30 24.23 43.25
C ARG K 93 4.81 22.94 42.60
N GLY K 94 6.02 22.98 42.06
CA GLY K 94 6.56 21.82 41.35
C GLY K 94 6.76 20.64 42.28
N LYS K 95 7.18 19.51 41.68
CA LYS K 95 7.43 18.31 42.46
C LYS K 95 8.63 18.50 43.39
N ASP K 96 9.56 19.39 43.03
CA ASP K 96 10.67 19.75 43.89
C ASP K 96 10.30 20.80 44.91
N SER K 97 9.01 21.11 45.04
CA SER K 97 8.51 22.09 46.00
C SER K 97 8.93 23.51 45.65
N VAL K 98 9.47 23.74 44.47
CA VAL K 98 9.84 25.09 44.03
C VAL K 98 8.61 25.73 43.39
N LEU K 99 8.25 26.93 43.87
CA LEU K 99 7.10 27.66 43.35
C LEU K 99 7.46 28.36 42.05
N ARG K 100 6.63 28.17 41.03
CA ARG K 100 6.85 28.75 39.73
C ARG K 100 5.54 29.31 39.19
N ALA K 101 5.68 30.22 38.23
CA ALA K 101 4.54 30.79 37.54
C ALA K 101 4.84 30.80 36.04
N PHE K 102 3.81 30.53 35.26
CA PHE K 102 3.92 30.48 33.80
C PHE K 102 2.68 31.12 33.19
N TYR K 103 2.87 31.75 32.04
CA TYR K 103 1.73 32.06 31.19
C TYR K 103 1.02 30.77 30.79
N ASN K 104 -0.28 30.75 31.01
CA ASN K 104 -1.08 29.54 30.97
C ASN K 104 -1.48 29.26 29.52
N VAL K 105 -0.49 28.98 28.68
CA VAL K 105 -0.77 28.84 27.27
C VAL K 105 0.24 27.89 26.65
N CYS K 106 -0.25 26.93 25.90
CA CYS K 106 0.65 25.95 25.35
C CYS K 106 1.52 26.56 24.26
N PRO K 107 2.83 26.32 24.31
CA PRO K 107 3.72 26.84 23.26
C PRO K 107 3.55 26.19 21.90
N HIS K 108 2.75 25.13 21.79
CA HIS K 108 2.50 24.55 20.47
C HIS K 108 1.58 25.43 19.64
N ARG K 109 0.28 25.42 19.95
CA ARG K 109 -0.69 26.23 19.21
C ARG K 109 -1.66 27.00 20.11
N GLY K 110 -1.29 27.24 21.36
CA GLY K 110 -1.94 28.29 22.12
C GLY K 110 -3.14 27.88 22.95
N HIS K 111 -3.44 26.60 23.05
CA HIS K 111 -4.52 26.20 23.95
C HIS K 111 -4.12 26.48 25.39
N GLU K 112 -5.09 26.81 26.22
CA GLU K 112 -4.78 27.00 27.63
C GLU K 112 -4.42 25.65 28.25
N LEU K 113 -3.54 25.69 29.25
CA LEU K 113 -2.95 24.45 29.75
C LEU K 113 -3.70 23.91 30.96
N LEU K 114 -4.01 24.76 31.94
CA LEU K 114 -4.73 24.33 33.12
C LEU K 114 -5.93 25.22 33.36
N SER K 115 -6.92 24.67 34.05
CA SER K 115 -8.11 25.43 34.37
C SER K 115 -8.35 25.36 35.87
N GLY K 116 -8.89 26.43 36.41
CA GLY K 116 -9.23 26.47 37.82
C GLY K 116 -8.01 26.41 38.71
N SER K 117 -8.16 25.71 39.83
CA SER K 117 -7.14 25.55 40.84
C SER K 117 -7.22 24.13 41.40
N GLY K 118 -6.07 23.59 41.78
CA GLY K 118 -6.06 22.27 42.39
C GLY K 118 -4.73 21.57 42.33
N LYS K 119 -4.77 20.29 41.96
CA LYS K 119 -3.61 19.39 42.05
C LYS K 119 -3.17 18.96 40.65
N ALA K 120 -2.04 19.49 40.20
CA ALA K 120 -1.48 19.04 38.93
C ALA K 120 -1.03 17.58 39.03
N LYS K 121 -1.28 16.81 37.97
CA LYS K 121 -0.68 15.49 37.86
C LYS K 121 0.83 15.66 37.69
N ASN K 122 1.56 14.56 37.52
CA ASN K 122 3.02 14.70 37.56
C ASN K 122 3.57 15.41 36.34
N VAL K 123 2.82 15.46 35.26
CA VAL K 123 3.13 16.32 34.12
C VAL K 123 1.85 17.05 33.76
N ILE K 124 2.02 18.16 33.06
CA ILE K 124 0.89 18.92 32.52
C ILE K 124 0.64 18.46 31.10
N THR K 125 -0.58 18.02 30.82
CA THR K 125 -0.97 17.58 29.48
C THR K 125 -1.84 18.65 28.84
N CYS K 126 -1.36 19.23 27.75
CA CYS K 126 -2.16 20.20 27.00
C CYS K 126 -3.42 19.50 26.50
N PRO K 127 -4.61 20.05 26.72
CA PRO K 127 -5.82 19.32 26.31
C PRO K 127 -6.00 19.18 24.80
N TYR K 128 -5.19 19.85 24.00
CA TYR K 128 -5.40 19.94 22.55
C TYR K 128 -4.71 18.78 21.82
N HIS K 129 -3.37 18.81 21.79
CA HIS K 129 -2.56 17.78 21.14
C HIS K 129 -1.70 17.00 22.12
N ALA K 130 -1.94 17.16 23.42
CA ALA K 130 -1.39 16.33 24.48
C ALA K 130 0.13 16.40 24.58
N TRP K 131 0.75 17.48 24.13
CA TRP K 131 2.12 17.73 24.58
C TRP K 131 2.11 17.69 26.10
N THR K 132 3.17 17.15 26.69
CA THR K 132 3.30 17.14 28.14
C THR K 132 4.46 18.03 28.56
N PHE K 133 4.31 18.64 29.73
CA PHE K 133 5.33 19.51 30.31
C PHE K 133 5.54 19.10 31.76
N LYS K 134 6.78 19.16 32.21
CA LYS K 134 7.04 18.98 33.63
C LYS K 134 6.55 20.19 34.41
N LEU K 135 6.43 20.03 35.72
CA LEU K 135 5.88 21.12 36.53
C LEU K 135 6.79 22.33 36.61
N ASP K 136 7.95 22.24 35.98
CA ASP K 136 8.88 23.39 35.93
C ASP K 136 8.75 24.06 34.56
N GLY K 137 7.76 23.64 33.76
CA GLY K 137 7.49 24.22 32.43
C GLY K 137 8.34 23.62 31.32
N SER K 138 9.20 22.67 31.63
CA SER K 138 10.06 22.05 30.59
C SER K 138 9.24 21.19 29.65
N LEU K 139 9.48 21.29 28.35
CA LEU K 139 8.81 20.37 27.44
C LEU K 139 9.23 18.97 27.85
N ALA K 140 8.27 18.12 28.21
CA ALA K 140 8.55 16.71 28.50
C ALA K 140 8.49 15.87 27.22
N LEU K 141 7.33 15.84 26.59
CA LEU K 141 7.13 15.04 25.38
C LEU K 141 6.18 15.80 24.47
N ALA K 142 6.61 16.11 23.25
CA ALA K 142 5.71 16.62 22.21
C ALA K 142 5.40 15.47 21.26
N ARG K 143 4.17 14.94 21.36
CA ARG K 143 3.76 13.79 20.56
C ARG K 143 4.28 13.91 19.13
N ASN K 144 4.78 12.80 18.59
CA ASN K 144 5.24 12.73 17.20
C ASN K 144 6.42 13.64 16.96
N CYS K 145 6.93 14.26 18.01
CA CYS K 145 8.10 15.13 17.90
C CYS K 145 9.20 14.58 17.00
N ASP K 146 9.55 13.30 17.14
CA ASP K 146 10.71 12.77 16.45
C ASP K 146 10.62 12.84 14.92
N HIS K 147 9.42 12.94 14.36
CA HIS K 147 9.24 12.91 12.92
C HIS K 147 9.01 14.28 12.30
N VAL K 148 9.19 15.34 13.08
CA VAL K 148 9.03 16.71 12.61
C VAL K 148 10.40 17.30 12.34
N GLU K 149 10.62 17.77 11.12
CA GLU K 149 11.92 18.32 10.75
C GLU K 149 12.25 19.54 11.59
N SER K 150 13.47 19.57 12.13
CA SER K 150 14.01 20.73 12.84
C SER K 150 13.13 21.13 14.03
N PHE K 151 12.62 20.16 14.77
CA PHE K 151 11.80 20.50 15.92
C PHE K 151 12.64 21.16 17.01
N ASP K 152 12.19 22.33 17.46
CA ASP K 152 12.92 23.11 18.47
C ASP K 152 12.41 22.73 19.86
N LYS K 153 13.09 21.79 20.52
CA LYS K 153 12.59 21.31 21.80
C LYS K 153 12.92 22.26 22.94
N GLU K 154 14.03 23.00 22.85
CA GLU K 154 14.40 23.90 23.94
C GLU K 154 13.46 25.11 24.02
N ASN K 155 12.98 25.61 22.88
CA ASN K 155 12.11 26.78 22.87
C ASN K 155 10.64 26.41 22.73
N SER K 156 10.27 25.19 23.08
CA SER K 156 8.86 24.77 23.10
C SER K 156 8.40 24.52 24.52
N SER K 157 9.05 25.15 25.47
CA SER K 157 8.64 25.03 26.86
C SER K 157 7.64 26.11 27.21
N MET K 158 6.91 25.87 28.30
CA MET K 158 6.08 26.91 28.87
C MET K 158 6.93 28.14 29.16
N VAL K 159 6.31 29.31 29.05
CA VAL K 159 7.00 30.59 29.22
C VAL K 159 6.82 31.03 30.67
N PRO K 160 7.90 31.20 31.44
CA PRO K 160 7.76 31.52 32.87
C PRO K 160 7.63 33.01 33.14
N LEU K 161 7.20 33.32 34.36
CA LEU K 161 7.28 34.66 34.92
C LEU K 161 7.65 34.54 36.38
N LYS K 162 8.00 35.67 37.00
CA LYS K 162 8.48 35.66 38.38
C LYS K 162 7.32 35.43 39.36
N VAL K 163 7.61 34.68 40.42
CA VAL K 163 6.67 34.48 41.51
C VAL K 163 7.45 34.44 42.81
N GLU K 164 6.85 34.95 43.88
CA GLU K 164 7.52 35.02 45.17
C GLU K 164 6.50 34.85 46.29
N GLU K 165 6.89 34.12 47.32
CA GLU K 165 6.11 34.03 48.55
C GLU K 165 6.61 35.08 49.54
N TYR K 166 5.72 35.94 50.00
CA TYR K 166 6.07 37.04 50.88
C TYR K 166 4.89 37.33 51.79
N ALA K 167 5.17 37.49 53.08
CA ALA K 167 4.16 37.80 54.10
C ALA K 167 3.10 36.70 54.23
N GLY K 168 3.39 35.49 53.76
CA GLY K 168 2.38 34.45 53.74
C GLY K 168 1.47 34.48 52.53
N PHE K 169 1.71 35.37 51.58
CA PHE K 169 0.91 35.47 50.37
C PHE K 169 1.79 35.21 49.15
N VAL K 170 1.19 35.20 47.97
CA VAL K 170 1.89 34.83 46.75
C VAL K 170 1.80 35.98 45.76
N PHE K 171 2.95 36.39 45.24
CA PHE K 171 3.02 37.48 44.27
C PHE K 171 3.66 36.99 42.96
N ILE K 172 3.11 37.47 41.84
CA ILE K 172 3.72 37.26 40.53
C ILE K 172 4.21 38.61 40.00
N ASN K 173 5.12 38.55 39.02
CA ASN K 173 5.70 39.74 38.39
C ASN K 173 6.05 39.42 36.95
N MET K 174 5.49 40.19 36.01
CA MET K 174 5.72 39.94 34.60
C MET K 174 7.03 40.52 34.10
N ASP K 175 7.70 41.32 34.91
CA ASP K 175 8.98 41.92 34.56
C ASP K 175 10.09 40.96 34.95
N GLU K 176 10.75 40.37 33.96
CA GLU K 176 11.83 39.44 34.28
C GLU K 176 13.00 40.12 34.97
N ASN K 177 13.02 41.45 35.05
CA ASN K 177 14.04 42.20 35.76
C ASN K 177 13.59 42.69 37.13
N ALA K 178 12.43 42.24 37.61
CA ALA K 178 11.95 42.62 38.93
C ALA K 178 12.90 42.11 40.01
N THR K 179 12.90 42.82 41.16
CA THR K 179 13.79 42.42 42.25
C THR K 179 13.06 41.42 43.12
N CYS K 180 12.42 41.91 44.17
CA CYS K 180 11.71 41.10 45.14
C CYS K 180 10.60 41.96 45.73
N VAL K 181 9.59 41.29 46.30
CA VAL K 181 8.46 42.03 46.83
C VAL K 181 8.90 42.91 47.98
N GLU K 182 9.91 42.46 48.75
CA GLU K 182 10.35 43.25 49.89
C GLU K 182 10.81 44.63 49.47
N ASP K 183 11.47 44.73 48.30
CA ASP K 183 11.85 46.02 47.75
C ASP K 183 10.63 46.86 47.36
N GLN K 184 9.51 46.21 47.04
CA GLN K 184 8.32 46.97 46.67
C GLN K 184 7.53 47.38 47.89
N LEU K 185 7.45 46.50 48.89
CA LEU K 185 6.69 46.82 50.12
C LEU K 185 7.59 46.77 51.36
N PRO K 186 8.60 47.65 51.54
CA PRO K 186 9.44 47.56 52.73
C PRO K 186 8.63 47.81 53.99
N GLY K 187 8.74 46.86 54.93
CA GLY K 187 8.12 46.78 56.26
C GLY K 187 6.81 46.04 56.27
N PHE K 188 6.23 45.78 55.10
CA PHE K 188 4.85 45.20 55.09
C PHE K 188 4.78 43.85 55.78
N ALA K 189 5.57 42.87 55.34
CA ALA K 189 5.48 41.54 55.95
C ALA K 189 5.77 41.60 57.45
N GLU K 190 6.78 42.36 57.85
CA GLU K 190 7.07 42.51 59.28
C GLU K 190 5.84 42.97 60.04
N ARG K 191 4.99 43.77 59.42
CA ARG K 191 3.88 44.43 60.08
C ARG K 191 2.59 43.61 60.02
N LEU K 192 2.34 42.92 58.90
CA LEU K 192 1.12 42.13 58.77
C LEU K 192 1.10 40.97 59.74
N ASN K 193 2.21 40.24 59.87
CA ASN K 193 2.27 39.18 60.86
C ASN K 193 2.25 39.74 62.28
N GLN K 194 2.67 40.99 62.41
CA GLN K 194 2.59 41.72 63.66
C GLN K 194 1.15 42.08 64.02
N ALA K 195 0.30 42.30 62.99
CA ALA K 195 -1.12 42.52 63.21
C ALA K 195 -1.89 41.21 63.36
N CYS K 196 -1.49 40.16 62.62
CA CYS K 196 -2.15 38.86 62.65
C CYS K 196 -1.08 37.78 62.64
N GLY K 197 -0.99 37.03 63.74
CA GLY K 197 0.03 36.02 63.97
C GLY K 197 -0.28 34.62 63.52
N VAL K 198 -1.40 34.38 62.86
CA VAL K 198 -1.78 33.03 62.48
C VAL K 198 -1.99 32.98 60.96
N ILE K 199 -1.27 33.84 60.24
CA ILE K 199 -1.44 33.90 58.79
C ILE K 199 -1.10 32.56 58.15
N LYS K 200 -0.14 31.85 58.73
CA LYS K 200 0.26 30.57 58.11
C LYS K 200 -0.84 29.53 58.29
N ASP K 201 -1.69 29.68 59.31
CA ASP K 201 -2.74 28.66 59.56
C ASP K 201 -4.07 29.03 58.89
N LEU K 202 -4.12 30.19 58.22
CA LEU K 202 -5.35 30.65 57.54
C LEU K 202 -5.66 29.76 56.34
N LYS K 203 -6.95 29.45 56.12
CA LYS K 203 -7.42 28.62 54.98
C LYS K 203 -8.58 29.33 54.27
N LEU K 204 -8.59 29.33 52.93
CA LEU K 204 -9.60 30.04 52.16
C LEU K 204 -10.98 29.55 52.54
N ALA K 205 -11.79 30.42 53.16
CA ALA K 205 -13.14 30.08 53.58
C ALA K 205 -14.19 30.44 52.56
N ALA K 206 -13.98 31.50 51.81
CA ALA K 206 -14.94 31.94 50.82
C ALA K 206 -14.27 32.95 49.90
N ARG K 207 -14.70 32.96 48.64
CA ARG K 207 -14.22 33.93 47.67
C ARG K 207 -15.40 34.51 46.91
N PHE K 208 -15.52 35.84 46.91
CA PHE K 208 -16.50 36.54 46.08
C PHE K 208 -15.76 37.06 44.86
N VAL K 209 -16.21 36.64 43.68
CA VAL K 209 -15.65 37.10 42.41
C VAL K 209 -16.67 38.03 41.78
N THR K 210 -16.25 39.26 41.51
CA THR K 210 -17.11 40.23 40.87
C THR K 210 -16.29 41.00 39.86
N GLU K 211 -16.81 41.12 38.64
CA GLU K 211 -16.24 42.05 37.67
C GLU K 211 -16.88 43.40 37.92
N THR K 212 -16.13 44.32 38.45
CA THR K 212 -16.64 45.61 38.93
C THR K 212 -16.50 46.65 37.84
N PRO K 213 -17.58 47.35 37.48
CA PRO K 213 -17.46 48.44 36.51
C PRO K 213 -16.91 49.72 37.14
N ALA K 214 -15.67 49.65 37.63
CA ALA K 214 -14.98 50.84 38.08
C ALA K 214 -13.51 50.66 37.76
N ASN K 215 -12.84 51.77 37.42
CA ASN K 215 -11.40 51.78 37.26
C ASN K 215 -10.74 51.33 38.56
N TRP K 216 -9.60 50.67 38.43
CA TRP K 216 -8.94 50.11 39.62
C TRP K 216 -8.59 51.18 40.63
N LYS K 217 -8.21 52.38 40.16
CA LYS K 217 -7.84 53.46 41.06
C LYS K 217 -9.03 53.99 41.87
N VAL K 218 -10.25 53.91 41.32
CA VAL K 218 -11.43 54.32 42.09
C VAL K 218 -11.65 53.38 43.26
N ILE K 219 -11.41 52.09 43.04
CA ILE K 219 -11.66 51.12 44.10
C ILE K 219 -10.65 51.28 45.22
N VAL K 220 -9.40 51.64 44.89
CA VAL K 220 -8.41 51.89 45.93
C VAL K 220 -8.74 53.18 46.68
N ASP K 221 -9.08 54.26 45.96
CA ASP K 221 -9.54 55.48 46.61
C ASP K 221 -10.55 55.16 47.69
N ASN K 222 -11.57 54.39 47.31
CA ASN K 222 -12.65 54.06 48.23
C ASN K 222 -12.10 53.38 49.48
N TYR K 223 -11.10 52.52 49.31
CA TYR K 223 -10.49 51.85 50.46
C TYR K 223 -9.67 52.81 51.31
N MET K 224 -9.02 53.80 50.68
CA MET K 224 -8.03 54.62 51.35
C MET K 224 -8.60 55.67 52.28
N GLU K 225 -9.92 55.69 52.51
CA GLU K 225 -10.50 56.66 53.43
C GLU K 225 -11.69 56.03 54.14
N CYS K 226 -11.94 56.50 55.36
CA CYS K 226 -13.16 56.16 56.09
C CYS K 226 -14.08 57.37 56.20
N TYR K 227 -13.76 58.46 55.50
CA TYR K 227 -14.67 59.60 55.36
C TYR K 227 -16.08 59.18 54.97
N HIS K 228 -16.19 58.16 54.14
CA HIS K 228 -17.53 57.73 53.64
C HIS K 228 -18.01 56.54 54.44
N CYS K 229 -17.42 56.30 55.60
CA CYS K 229 -17.76 55.04 56.24
C CYS K 229 -19.04 55.18 57.09
N GLY K 230 -19.25 56.33 57.73
CA GLY K 230 -20.48 56.64 58.43
C GLY K 230 -21.78 56.61 57.61
N PRO K 231 -21.83 57.38 56.51
CA PRO K 231 -23.08 57.42 55.71
C PRO K 231 -23.37 56.11 54.98
N ALA K 232 -22.34 55.42 54.49
CA ALA K 232 -22.52 54.24 53.64
C ALA K 232 -22.43 52.93 54.40
N HIS K 233 -21.96 52.95 55.66
CA HIS K 233 -21.81 51.74 56.48
C HIS K 233 -22.50 51.92 57.82
N PRO K 234 -23.82 51.73 57.88
CA PRO K 234 -24.51 51.86 59.18
C PRO K 234 -24.05 50.84 60.22
N GLY K 235 -23.89 49.57 59.84
CA GLY K 235 -23.47 48.54 60.79
C GLY K 235 -22.02 48.56 61.23
N PHE K 236 -21.17 49.21 60.43
CA PHE K 236 -19.74 49.35 60.77
C PHE K 236 -19.47 50.80 61.19
N ALA K 237 -20.51 51.55 61.61
CA ALA K 237 -20.27 52.91 62.02
C ALA K 237 -19.98 52.96 63.51
N ASP K 238 -20.47 51.95 64.25
CA ASP K 238 -20.19 51.85 65.68
C ASP K 238 -18.80 51.30 65.95
N SER K 239 -18.25 50.52 65.00
CA SER K 239 -16.93 49.94 65.19
C SER K 239 -15.81 50.95 64.92
N VAL K 240 -16.09 51.98 64.09
CA VAL K 240 -15.06 52.92 63.71
C VAL K 240 -15.17 54.07 64.71
N GLN K 241 -14.07 54.37 65.39
CA GLN K 241 -14.05 55.51 66.33
C GLN K 241 -13.22 56.63 65.71
N VAL K 242 -13.81 57.80 65.47
CA VAL K 242 -13.06 58.91 64.82
C VAL K 242 -11.88 59.34 65.70
N ASP K 243 -12.08 59.37 67.01
CA ASP K 243 -11.00 59.75 67.97
C ASP K 243 -9.86 58.74 67.90
N LYS K 244 -10.20 57.45 67.77
CA LYS K 244 -9.19 56.35 67.77
C LYS K 244 -9.06 55.68 66.38
N TYR K 245 -8.57 56.41 65.38
CA TYR K 245 -8.44 55.81 64.02
C TYR K 245 -7.33 56.56 63.29
N TRP K 246 -6.25 55.86 62.97
CA TRP K 246 -5.07 56.51 62.35
C TRP K 246 -4.75 55.87 61.00
N HIS K 247 -4.49 56.71 59.99
CA HIS K 247 -4.09 56.24 58.65
C HIS K 247 -2.66 56.69 58.44
N THR K 248 -1.71 55.75 58.45
CA THR K 248 -0.26 56.10 58.33
C THR K 248 0.31 55.65 56.99
N THR K 249 1.08 56.54 56.36
CA THR K 249 1.76 56.34 55.06
C THR K 249 3.13 55.71 55.32
N HIS K 250 3.51 54.70 54.53
CA HIS K 250 4.76 53.97 54.66
C HIS K 250 5.55 53.98 53.35
N GLN K 251 6.04 52.82 52.91
CA GLN K 251 6.82 52.75 51.68
C GLN K 251 6.06 51.91 50.65
N ASN K 252 5.09 52.54 49.97
CA ASN K 252 4.25 51.87 48.99
C ASN K 252 3.21 50.97 49.64
N TRP K 253 2.85 51.25 50.89
CA TRP K 253 1.69 50.64 51.52
C TRP K 253 1.22 51.58 52.61
N THR K 254 0.02 51.31 53.12
CA THR K 254 -0.51 52.11 54.22
C THR K 254 -1.24 51.24 55.22
N LEU K 255 -1.43 51.79 56.42
CA LEU K 255 -2.10 51.09 57.50
C LEU K 255 -3.20 51.97 58.10
N GLN K 256 -4.36 51.38 58.25
CA GLN K 256 -5.46 52.10 58.90
C GLN K 256 -5.74 51.27 60.14
N TYR K 257 -5.28 51.80 61.25
CA TYR K 257 -5.33 51.13 62.56
C TYR K 257 -6.32 51.85 63.47
N GLY K 258 -7.16 51.10 64.16
CA GLY K 258 -8.13 51.71 65.05
C GLY K 258 -8.66 50.71 66.04
N PHE K 259 -9.46 51.23 66.95
CA PHE K 259 -10.09 50.43 67.99
C PHE K 259 -11.59 50.33 67.75
N ALA K 260 -12.13 49.13 68.03
CA ALA K 260 -13.57 48.87 67.87
C ALA K 260 -14.33 49.35 69.10
N ARG K 261 -15.59 49.76 68.89
CA ARG K 261 -16.47 50.32 69.95
C ARG K 261 -16.93 49.21 70.91
N SER K 262 -17.33 49.60 72.13
CA SER K 262 -17.80 48.61 73.12
C SER K 262 -19.30 48.37 72.93
N SER K 263 -19.63 47.17 72.44
CA SER K 263 -21.00 46.65 72.14
C SER K 263 -20.86 45.22 71.62
N THR K 274 -8.84 46.42 76.75
CA THR K 274 -8.12 47.61 76.31
C THR K 274 -8.49 47.93 74.87
N ASP K 275 -9.79 47.74 74.54
CA ASP K 275 -10.46 48.05 73.28
C ASP K 275 -9.89 47.29 72.09
N PRO K 276 -10.73 46.57 71.34
CA PRO K 276 -10.23 45.64 70.30
C PRO K 276 -9.71 46.38 69.10
N GLU K 277 -8.52 46.00 68.64
CA GLU K 277 -7.91 46.66 67.48
C GLU K 277 -8.34 45.98 66.18
N PHE K 278 -8.14 46.71 65.08
CA PHE K 278 -8.40 46.23 63.73
C PHE K 278 -7.34 46.84 62.82
N HIS K 279 -7.03 46.16 61.73
CA HIS K 279 -6.01 46.62 60.80
C HIS K 279 -6.55 46.67 59.38
N GLY K 280 -6.14 47.69 58.64
CA GLY K 280 -6.46 47.80 57.23
C GLY K 280 -5.30 48.28 56.38
N PHE K 281 -4.66 47.31 55.72
CA PHE K 281 -3.48 47.55 54.89
C PHE K 281 -3.88 47.74 53.43
N TRP K 282 -3.37 48.80 52.81
CA TRP K 282 -3.32 48.89 51.35
C TRP K 282 -1.87 48.75 50.90
N THR K 283 -1.63 47.87 49.94
CA THR K 283 -0.29 47.66 49.39
C THR K 283 -0.30 47.90 47.89
N TRP K 284 0.80 48.45 47.38
CA TRP K 284 0.92 48.77 45.97
C TRP K 284 0.98 47.50 45.14
N PRO K 285 0.27 47.44 43.99
CA PRO K 285 -0.59 48.53 43.48
C PRO K 285 -2.02 48.53 44.03
N CYS K 286 -2.63 47.35 44.20
CA CYS K 286 -4.02 47.29 44.61
C CYS K 286 -4.39 45.94 45.24
N THR K 287 -3.77 45.60 46.37
CA THR K 287 -4.21 44.52 47.23
C THR K 287 -4.39 45.06 48.65
N MET K 288 -5.46 44.62 49.31
CA MET K 288 -5.82 45.08 50.65
C MET K 288 -5.97 43.89 51.57
N PHE K 289 -5.36 43.98 52.74
CA PHE K 289 -5.43 42.96 53.77
C PHE K 289 -6.10 43.54 55.01
N ASN K 290 -7.17 42.90 55.47
CA ASN K 290 -7.94 43.33 56.62
C ASN K 290 -7.83 42.31 57.75
N VAL K 291 -7.45 42.77 58.93
CA VAL K 291 -7.47 41.92 60.12
C VAL K 291 -8.48 42.48 61.10
N PRO K 292 -9.72 41.98 61.09
CA PRO K 292 -10.77 42.58 61.94
C PRO K 292 -10.55 42.25 63.41
N PRO K 293 -11.38 42.79 64.29
CA PRO K 293 -11.20 42.52 65.73
C PRO K 293 -11.10 41.03 66.00
N GLY K 294 -10.23 40.68 66.94
CA GLY K 294 -9.87 39.31 67.23
C GLY K 294 -8.51 38.93 66.68
N SER K 295 -8.10 39.53 65.58
CA SER K 295 -6.78 39.34 64.97
C SER K 295 -6.51 37.89 64.59
N ASN K 296 -7.55 37.06 64.49
CA ASN K 296 -7.40 35.65 64.16
C ASN K 296 -7.86 35.27 62.76
N PHE K 297 -8.38 36.21 61.97
CA PHE K 297 -8.81 35.89 60.61
C PHE K 297 -8.58 37.10 59.72
N MET K 298 -8.74 36.89 58.41
CA MET K 298 -8.49 37.96 57.45
C MET K 298 -9.52 37.93 56.34
N THR K 299 -9.77 39.12 55.77
CA THR K 299 -10.32 39.27 54.44
C THR K 299 -9.29 40.02 53.60
N VAL K 300 -9.20 39.67 52.33
CA VAL K 300 -8.21 40.25 51.44
C VAL K 300 -8.92 40.62 50.14
N ILE K 301 -8.65 41.83 49.66
CA ILE K 301 -9.22 42.33 48.41
C ILE K 301 -8.10 42.35 47.38
N TYR K 302 -8.28 41.55 46.33
CA TYR K 302 -7.38 41.53 45.19
C TYR K 302 -8.04 42.25 44.03
N GLU K 303 -7.34 43.23 43.44
CA GLU K 303 -7.85 43.94 42.26
C GLU K 303 -7.03 43.53 41.04
N PHE K 304 -7.70 42.94 40.05
CA PHE K 304 -7.02 42.54 38.83
C PHE K 304 -7.58 43.36 37.68
N PRO K 305 -6.91 44.43 37.27
CA PRO K 305 -7.51 45.32 36.27
C PRO K 305 -7.73 44.62 34.94
N VAL K 306 -8.85 44.98 34.32
CA VAL K 306 -9.24 44.48 33.01
C VAL K 306 -9.13 45.59 31.96
N ASP K 307 -9.81 46.71 32.17
CA ASP K 307 -9.63 47.87 31.32
C ASP K 307 -9.91 49.12 32.12
N ALA K 308 -9.92 50.26 31.42
CA ALA K 308 -10.06 51.55 32.08
C ALA K 308 -11.27 51.61 33.01
N GLU K 309 -12.32 50.88 32.69
CA GLU K 309 -13.53 50.99 33.49
C GLU K 309 -13.98 49.66 34.06
N THR K 310 -13.08 48.69 34.12
CA THR K 310 -13.44 47.37 34.59
C THR K 310 -12.34 46.79 35.44
N THR K 311 -12.71 46.23 36.60
CA THR K 311 -11.73 45.65 37.49
C THR K 311 -12.29 44.35 38.05
N LEU K 312 -11.60 43.25 37.82
CA LEU K 312 -11.94 42.00 38.48
C LEU K 312 -11.47 42.07 39.93
N GLN K 313 -12.35 41.68 40.85
CA GLN K 313 -12.04 41.68 42.27
C GLN K 313 -12.28 40.30 42.83
N HIS K 314 -11.33 39.84 43.64
CA HIS K 314 -11.52 38.71 44.53
C HIS K 314 -11.66 39.28 45.93
N TYR K 315 -12.72 38.91 46.63
CA TYR K 315 -12.86 39.20 48.05
C TYR K 315 -12.81 37.86 48.77
N ASP K 316 -11.66 37.57 49.38
CA ASP K 316 -11.40 36.30 50.04
C ASP K 316 -11.56 36.47 51.55
N ILE K 317 -12.24 35.51 52.16
CA ILE K 317 -12.34 35.41 53.61
C ILE K 317 -11.54 34.18 54.04
N TYR K 318 -10.62 34.38 54.99
CA TYR K 318 -9.72 33.33 55.46
C TYR K 318 -9.94 33.11 56.96
N PHE K 319 -10.24 31.87 57.33
CA PHE K 319 -10.30 31.49 58.73
C PHE K 319 -9.26 30.40 58.99
N THR K 320 -8.88 30.25 60.27
CA THR K 320 -7.90 29.24 60.60
C THR K 320 -8.50 27.84 60.60
N ASN K 321 -9.78 27.70 60.89
CA ASN K 321 -10.46 26.40 60.91
C ASN K 321 -11.04 26.11 59.53
N GLU K 322 -10.97 24.84 59.12
CA GLU K 322 -11.43 24.50 57.78
C GLU K 322 -12.96 24.39 57.69
N GLU K 323 -13.58 23.62 58.57
CA GLU K 323 -15.04 23.54 58.56
C GLU K 323 -15.60 24.64 59.45
N LEU K 324 -16.41 25.51 58.85
CA LEU K 324 -16.80 26.78 59.46
C LEU K 324 -17.91 26.59 60.49
N THR K 325 -17.86 27.46 61.51
CA THR K 325 -18.91 27.58 62.55
C THR K 325 -20.04 28.43 61.97
N GLN K 326 -21.22 28.42 62.58
CA GLN K 326 -22.33 29.24 62.03
C GLN K 326 -21.94 30.71 62.07
N ASP K 327 -21.29 31.16 63.14
CA ASP K 327 -20.90 32.60 63.23
C ASP K 327 -19.98 32.95 62.07
N GLN K 328 -19.02 32.08 61.77
CA GLN K 328 -18.11 32.30 60.62
C GLN K 328 -18.97 32.25 59.35
N LYS K 329 -19.90 31.31 59.26
CA LYS K 329 -20.77 31.22 58.05
C LYS K 329 -21.56 32.53 57.93
N ASP K 330 -22.37 32.82 58.93
CA ASP K 330 -23.20 34.04 58.95
C ASP K 330 -22.38 35.27 58.61
N LEU K 331 -21.16 35.37 59.16
CA LEU K 331 -20.29 36.50 58.83
C LEU K 331 -19.96 36.51 57.34
N ILE K 332 -19.74 35.34 56.75
CA ILE K 332 -19.45 35.27 55.31
C ILE K 332 -20.61 35.87 54.53
N GLU K 333 -21.85 35.52 54.89
CA GLU K 333 -23.00 36.02 54.15
C GLU K 333 -23.26 37.49 54.41
N TRP K 334 -22.92 38.00 55.60
CA TRP K 334 -23.01 39.44 55.83
C TRP K 334 -22.05 40.19 54.93
N TYR K 335 -20.84 39.65 54.80
CA TYR K 335 -19.83 40.27 53.90
C TYR K 335 -20.33 40.21 52.46
N ARG K 336 -21.00 39.12 52.09
CA ARG K 336 -21.43 38.91 50.71
C ARG K 336 -22.62 39.79 50.34
N ASN K 337 -23.64 39.83 51.20
CA ASN K 337 -24.93 40.40 50.81
C ASN K 337 -25.19 41.77 51.41
N VAL K 338 -24.47 42.16 52.46
CA VAL K 338 -24.70 43.42 53.16
C VAL K 338 -23.51 44.37 52.98
N PHE K 339 -22.31 43.94 53.39
CA PHE K 339 -21.17 44.85 53.45
C PHE K 339 -20.61 45.17 52.06
N ARG K 340 -20.20 44.15 51.30
CA ARG K 340 -19.56 44.40 50.02
C ARG K 340 -20.46 45.13 49.03
N PRO K 341 -21.74 44.81 48.90
CA PRO K 341 -22.60 45.58 47.97
C PRO K 341 -22.58 47.08 48.21
N GLU K 342 -22.46 47.53 49.46
CA GLU K 342 -22.41 48.97 49.68
C GLU K 342 -21.15 49.56 49.04
N ASP K 343 -20.02 48.90 49.25
CA ASP K 343 -18.77 49.41 48.63
C ASP K 343 -18.86 49.22 47.11
N LEU K 344 -19.43 48.12 46.66
CA LEU K 344 -19.53 47.90 45.22
C LEU K 344 -20.37 48.98 44.56
N ASN K 345 -21.53 49.30 45.14
CA ASN K 345 -22.37 50.35 44.59
C ASN K 345 -21.66 51.69 44.59
N LEU K 346 -20.92 52.00 45.66
CA LEU K 346 -20.21 53.28 45.72
C LEU K 346 -19.25 53.44 44.56
N VAL K 347 -18.39 52.46 44.32
CA VAL K 347 -17.39 52.66 43.29
C VAL K 347 -18.04 52.68 41.91
N GLU K 348 -19.12 51.94 41.73
CA GLU K 348 -19.80 51.91 40.43
C GLU K 348 -20.47 53.24 40.14
N SER K 349 -21.10 53.85 41.15
CA SER K 349 -21.74 55.15 40.95
C SER K 349 -20.72 56.24 40.67
N VAL K 350 -19.58 56.20 41.36
CA VAL K 350 -18.51 57.16 41.13
C VAL K 350 -17.96 57.02 39.71
N GLN K 351 -17.76 55.79 39.24
CA GLN K 351 -17.26 55.60 37.89
C GLN K 351 -18.20 56.24 36.86
N ARG K 352 -19.50 56.06 37.03
CA ARG K 352 -20.47 56.72 36.14
C ARG K 352 -20.42 58.24 36.28
N GLY K 353 -20.39 58.73 37.52
CA GLY K 353 -20.49 60.18 37.73
C GLY K 353 -19.31 60.94 37.17
N LEU K 354 -18.11 60.38 37.25
CA LEU K 354 -17.00 61.23 36.86
C LEU K 354 -16.83 61.37 35.35
N LYS K 355 -17.59 60.64 34.55
CA LYS K 355 -17.62 60.94 33.13
C LYS K 355 -18.53 62.13 32.79
N SER K 356 -19.30 62.64 33.74
CA SER K 356 -20.23 63.74 33.42
C SER K 356 -19.45 65.02 33.13
N ARG K 357 -19.86 65.74 32.09
CA ARG K 357 -19.32 67.07 31.85
C ARG K 357 -19.63 68.00 33.02
N GLY K 358 -20.58 67.62 33.87
CA GLY K 358 -20.87 68.39 35.05
C GLY K 358 -20.00 68.10 36.25
N TYR K 359 -19.14 67.09 36.16
CA TYR K 359 -18.14 66.87 37.19
C TYR K 359 -16.90 67.69 36.85
N ARG K 360 -16.67 68.74 37.61
CA ARG K 360 -15.48 69.57 37.35
C ARG K 360 -14.27 68.64 37.49
N GLY K 361 -13.61 68.36 36.39
CA GLY K 361 -12.42 67.51 36.34
C GLY K 361 -11.84 66.73 37.53
N GLN K 362 -11.57 67.39 38.66
CA GLN K 362 -10.90 66.75 39.78
C GLN K 362 -11.69 66.92 41.08
N GLY K 363 -11.44 66.04 42.03
CA GLY K 363 -12.16 66.04 43.30
C GLY K 363 -11.25 66.49 44.44
N ARG K 364 -11.79 67.30 45.34
CA ARG K 364 -10.99 67.74 46.48
C ARG K 364 -10.81 66.58 47.47
N ILE K 365 -9.55 66.28 47.79
CA ILE K 365 -9.23 65.31 48.83
C ILE K 365 -9.35 65.99 50.18
N MET K 366 -10.24 65.48 51.04
CA MET K 366 -10.56 66.14 52.31
C MET K 366 -9.60 65.69 53.41
N THR K 367 -8.35 66.16 53.30
CA THR K 367 -7.39 65.95 54.37
C THR K 367 -7.57 67.04 55.43
N ASP K 368 -7.64 66.63 56.69
CA ASP K 368 -7.58 67.59 57.79
C ASP K 368 -6.20 67.49 58.43
N LYS K 369 -5.74 68.59 59.03
CA LYS K 369 -4.37 68.60 59.53
C LYS K 369 -4.21 67.69 60.74
N GLN K 370 -5.32 67.36 61.42
CA GLN K 370 -5.29 66.35 62.49
C GLN K 370 -5.01 64.95 61.95
N ARG K 371 -5.25 64.70 60.66
CA ARG K 371 -5.17 63.34 60.11
C ARG K 371 -6.08 62.41 60.91
N SER K 372 -7.33 62.84 61.09
CA SER K 372 -8.31 62.11 61.89
C SER K 372 -8.81 60.87 61.14
N GLY K 373 -9.71 60.15 61.78
CA GLY K 373 -10.29 58.94 61.22
C GLY K 373 -11.16 59.16 60.00
N ILE K 374 -11.52 60.41 59.70
CA ILE K 374 -12.32 60.73 58.53
C ILE K 374 -11.53 61.54 57.50
N SER K 375 -10.23 61.70 57.71
CA SER K 375 -9.37 62.35 56.73
C SER K 375 -9.13 61.46 55.53
N GLU K 376 -9.11 62.07 54.34
CA GLU K 376 -8.91 61.38 53.07
C GLU K 376 -7.44 61.40 52.64
N HIS K 377 -6.53 61.82 53.54
CA HIS K 377 -5.15 62.03 53.14
C HIS K 377 -4.54 60.80 52.49
N GLY K 378 -4.99 59.61 52.90
CA GLY K 378 -4.46 58.38 52.32
C GLY K 378 -4.64 58.29 50.81
N ILE K 379 -5.71 58.92 50.29
CA ILE K 379 -5.91 58.99 48.85
C ILE K 379 -4.76 59.74 48.19
N ALA K 380 -4.28 60.81 48.84
CA ALA K 380 -3.17 61.57 48.31
C ALA K 380 -1.89 60.75 48.28
N TYR K 381 -1.71 59.87 49.27
CA TYR K 381 -0.53 59.04 49.25
C TYR K 381 -0.58 58.09 48.05
N PHE K 382 -1.71 57.41 47.85
CA PHE K 382 -1.86 56.50 46.71
C PHE K 382 -1.63 57.24 45.39
N GLN K 383 -2.27 58.40 45.21
CA GLN K 383 -2.24 59.06 43.90
C GLN K 383 -0.89 59.71 43.64
N HIS K 384 -0.16 60.13 44.69
CA HIS K 384 1.18 60.65 44.46
C HIS K 384 2.10 59.56 43.92
N LEU K 385 1.93 58.32 44.40
CA LEU K 385 2.70 57.20 43.86
C LEU K 385 2.29 56.89 42.43
N VAL K 386 0.98 56.80 42.18
CA VAL K 386 0.49 56.60 40.82
C VAL K 386 1.07 57.66 39.89
N ALA K 387 1.13 58.91 40.36
CA ALA K 387 1.58 59.99 39.49
C ALA K 387 2.97 59.72 38.94
N GLN K 388 3.80 58.98 39.69
CA GLN K 388 5.17 58.68 39.28
C GLN K 388 5.21 57.80 38.04
N TYR K 389 4.12 57.15 37.70
CA TYR K 389 4.05 56.39 36.47
C TYR K 389 3.49 57.20 35.31
N HIS K 390 3.19 58.47 35.53
CA HIS K 390 2.59 59.33 34.51
C HIS K 390 3.42 60.60 34.29
N GLN K 391 4.74 60.44 34.21
CA GLN K 391 5.64 61.53 33.86
C GLN K 391 5.88 61.54 32.35
N ALA L 23 1.32 50.47 10.43
CA ALA L 23 1.33 49.84 9.12
C ALA L 23 0.39 48.64 9.09
N VAL L 24 0.20 48.07 7.88
CA VAL L 24 -0.66 46.90 7.68
C VAL L 24 0.21 45.67 7.83
N GLU L 25 -0.41 44.56 8.24
CA GLU L 25 0.32 43.33 8.55
C GLU L 25 0.39 42.49 7.29
N LYS L 26 1.57 42.34 6.72
CA LYS L 26 1.63 41.46 5.57
C LYS L 26 2.53 40.26 5.84
N LEU L 27 2.31 39.22 5.05
CA LEU L 27 2.93 37.92 5.17
C LEU L 27 3.82 37.64 3.96
N PRO L 28 4.83 36.79 4.11
CA PRO L 28 5.61 36.40 2.93
C PRO L 28 4.76 35.55 2.00
N GLU L 29 4.99 35.73 0.72
CA GLU L 29 4.31 34.92 -0.30
C GLU L 29 4.64 33.44 -0.14
N ASP L 30 5.85 33.13 0.34
CA ASP L 30 6.24 31.75 0.58
C ASP L 30 5.83 31.28 1.97
N PHE L 31 4.97 32.04 2.65
CA PHE L 31 4.51 31.64 3.97
C PHE L 31 3.87 30.26 3.92
N CYS L 32 4.37 29.34 4.73
CA CYS L 32 3.92 27.96 4.74
C CYS L 32 3.97 27.31 3.37
N ALA L 33 4.78 27.84 2.47
CA ALA L 33 4.98 27.16 1.19
C ALA L 33 5.67 25.83 1.37
N ASN L 34 6.48 25.67 2.42
CA ASN L 34 7.14 24.40 2.74
C ASN L 34 6.49 23.85 4.00
N PRO L 35 5.52 22.97 3.89
CA PRO L 35 4.83 22.45 5.09
C PRO L 35 5.74 21.67 6.03
N ASP L 36 6.90 21.18 5.54
CA ASP L 36 7.78 20.43 6.42
C ASP L 36 8.42 21.30 7.49
N VAL L 37 8.62 22.59 7.21
CA VAL L 37 9.17 23.55 8.16
C VAL L 37 8.27 24.77 8.15
N ALA L 38 7.20 24.74 8.94
CA ALA L 38 6.22 25.81 8.88
C ALA L 38 5.64 26.11 10.25
N TRP L 39 5.20 27.36 10.40
CA TRP L 39 4.54 27.84 11.60
C TRP L 39 3.24 28.54 11.23
N THR L 40 2.30 28.55 12.17
CA THR L 40 1.06 29.26 11.97
C THR L 40 1.31 30.76 11.89
N PHE L 41 0.28 31.49 11.47
CA PHE L 41 0.34 32.94 11.38
C PHE L 41 0.89 33.56 12.65
N PRO L 42 1.63 34.66 12.55
CA PRO L 42 1.80 35.53 13.73
C PRO L 42 0.44 35.84 14.34
N LYS L 43 0.43 35.93 15.67
CA LYS L 43 -0.82 35.94 16.42
C LYS L 43 -1.75 37.07 15.97
N VAL L 44 -1.21 38.16 15.43
CA VAL L 44 -2.06 39.30 15.11
C VAL L 44 -3.08 38.95 14.02
N PHE L 45 -2.77 37.97 13.16
CA PHE L 45 -3.72 37.62 12.12
C PHE L 45 -4.96 36.96 12.68
N TYR L 46 -4.89 36.39 13.89
CA TYR L 46 -6.08 35.86 14.53
C TYR L 46 -6.83 36.89 15.39
N THR L 47 -6.26 38.08 15.64
CA THR L 47 -6.87 39.01 16.60
C THR L 47 -7.11 40.40 16.05
N SER L 48 -6.37 40.84 15.03
CA SER L 48 -6.43 42.23 14.61
C SER L 48 -7.75 42.54 13.91
N SER L 49 -8.40 43.61 14.33
CA SER L 49 -9.62 44.00 13.65
C SER L 49 -9.29 44.52 12.25
N GLN L 50 -8.10 45.11 12.06
CA GLN L 50 -7.77 45.54 10.71
C GLN L 50 -7.39 44.37 9.82
N VAL L 51 -6.75 43.32 10.36
CA VAL L 51 -6.54 42.12 9.54
C VAL L 51 -7.89 41.54 9.13
N PHE L 52 -8.84 41.47 10.06
CA PHE L 52 -10.14 40.91 9.71
C PHE L 52 -10.83 41.76 8.65
N GLU L 53 -10.84 43.07 8.84
CA GLU L 53 -11.48 43.91 7.85
C GLU L 53 -10.85 43.70 6.47
N HIS L 54 -9.56 43.41 6.43
CA HIS L 54 -8.94 43.13 5.15
C HIS L 54 -9.40 41.76 4.62
N GLU L 55 -9.40 40.73 5.47
CA GLU L 55 -9.93 39.44 5.02
C GLU L 55 -11.41 39.56 4.66
N LYS L 56 -12.16 40.41 5.35
CA LYS L 56 -13.57 40.58 5.04
C LYS L 56 -13.76 41.00 3.59
N GLU L 57 -12.96 41.97 3.15
CA GLU L 57 -13.13 42.53 1.81
C GLU L 57 -12.29 41.81 0.76
N ALA L 58 -11.09 41.37 1.11
CA ALA L 58 -10.25 40.71 0.12
C ALA L 58 -10.65 39.25 -0.11
N ILE L 59 -11.21 38.59 0.90
CA ILE L 59 -11.56 37.16 0.83
C ILE L 59 -13.06 36.95 0.81
N PHE L 60 -13.74 37.39 1.87
CA PHE L 60 -15.12 36.94 2.02
C PHE L 60 -16.10 37.74 1.17
N ALA L 61 -15.74 38.93 0.72
CA ALA L 61 -16.55 39.68 -0.23
C ALA L 61 -16.16 39.41 -1.67
N LYS L 62 -15.15 38.54 -1.89
CA LYS L 62 -14.67 38.28 -3.23
C LYS L 62 -14.48 36.78 -3.50
N SER L 63 -15.04 35.93 -2.66
CA SER L 63 -14.96 34.48 -2.83
C SER L 63 -16.36 33.89 -2.79
N TRP L 64 -16.46 32.70 -3.35
CA TRP L 64 -17.70 31.94 -3.31
C TRP L 64 -17.86 31.36 -1.92
N ILE L 65 -18.97 31.71 -1.27
CA ILE L 65 -19.27 31.39 0.12
C ILE L 65 -20.41 30.37 0.13
N CYS L 66 -20.17 29.19 0.69
CA CYS L 66 -21.24 28.19 0.76
C CYS L 66 -22.19 28.53 1.89
N VAL L 67 -23.48 28.43 1.61
CA VAL L 67 -24.50 28.80 2.58
C VAL L 67 -25.49 27.68 2.88
N ALA L 68 -25.65 26.68 2.01
CA ALA L 68 -26.75 25.74 2.19
C ALA L 68 -26.61 24.57 1.24
N HIS L 69 -27.33 23.49 1.56
CA HIS L 69 -27.55 22.40 0.64
C HIS L 69 -28.68 22.74 -0.33
N GLY L 70 -28.61 22.18 -1.52
CA GLY L 70 -29.58 22.51 -2.56
C GLY L 70 -31.02 22.27 -2.15
N SER L 71 -31.25 21.28 -1.28
CA SER L 71 -32.62 20.92 -0.95
C SER L 71 -33.39 22.09 -0.35
N GLU L 72 -32.70 23.01 0.34
CA GLU L 72 -33.40 24.15 0.95
C GLU L 72 -33.94 25.11 -0.08
N LEU L 73 -33.52 25.01 -1.35
CA LEU L 73 -33.90 25.99 -2.36
C LEU L 73 -34.34 25.30 -3.65
N ALA L 74 -34.94 24.11 -3.53
CA ALA L 74 -35.18 23.27 -4.70
C ALA L 74 -36.44 23.65 -5.46
N GLN L 75 -37.42 24.28 -4.79
CA GLN L 75 -38.72 24.62 -5.36
C GLN L 75 -38.84 26.11 -5.60
N PRO L 76 -39.62 26.51 -6.59
CA PRO L 76 -39.94 27.94 -6.77
C PRO L 76 -40.54 28.51 -5.48
N ASN L 77 -40.12 29.73 -5.14
CA ASN L 77 -40.50 30.49 -3.96
C ASN L 77 -39.71 30.04 -2.74
N ASP L 78 -38.93 28.98 -2.82
CA ASP L 78 -38.07 28.65 -1.69
C ASP L 78 -37.06 29.77 -1.48
N TYR L 79 -36.87 30.13 -0.21
CA TYR L 79 -35.87 31.12 0.14
C TYR L 79 -35.24 30.75 1.48
N ILE L 80 -34.01 31.22 1.65
CA ILE L 80 -33.33 31.20 2.93
C ILE L 80 -32.70 32.56 3.12
N THR L 81 -32.35 32.86 4.37
CA THR L 81 -31.58 34.05 4.73
C THR L 81 -30.32 33.61 5.47
N ARG L 82 -29.22 34.29 5.19
CA ARG L 82 -27.93 34.05 5.81
C ARG L 82 -27.34 35.40 6.15
N LYS L 83 -26.54 35.44 7.21
CA LYS L 83 -25.76 36.63 7.53
C LYS L 83 -24.29 36.26 7.55
N VAL L 84 -23.48 37.02 6.81
CA VAL L 84 -22.05 36.74 6.76
C VAL L 84 -21.32 38.05 6.50
N ILE L 85 -20.24 38.24 7.26
CA ILE L 85 -19.47 39.50 7.32
C ILE L 85 -20.40 40.71 7.33
N GLY L 86 -21.44 40.65 8.14
CA GLY L 86 -22.29 41.79 8.33
C GLY L 86 -23.35 41.97 7.27
N GLU L 87 -23.48 41.04 6.32
CA GLU L 87 -24.42 41.15 5.21
C GLU L 87 -25.55 40.16 5.44
N ASN L 88 -26.76 40.68 5.55
CA ASN L 88 -27.96 39.86 5.62
C ASN L 88 -28.37 39.54 4.19
N ILE L 89 -28.35 38.27 3.84
CA ILE L 89 -28.56 37.86 2.45
C ILE L 89 -29.78 36.98 2.34
N VAL L 90 -30.57 37.18 1.28
CA VAL L 90 -31.69 36.31 0.97
C VAL L 90 -31.36 35.57 -0.33
N ILE L 91 -31.49 34.26 -0.30
CA ILE L 91 -31.35 33.44 -1.51
C ILE L 91 -32.70 32.82 -1.82
N ILE L 92 -33.14 32.95 -3.06
CA ILE L 92 -34.54 32.65 -3.34
C ILE L 92 -34.67 32.02 -4.72
N ARG L 93 -35.40 30.92 -4.76
CA ARG L 93 -35.71 30.24 -6.01
C ARG L 93 -36.93 30.94 -6.61
N GLY L 94 -36.69 31.67 -7.70
CA GLY L 94 -37.73 32.44 -8.36
C GLY L 94 -38.80 31.60 -9.04
N LYS L 95 -39.84 32.30 -9.49
CA LYS L 95 -40.95 31.63 -10.17
C LYS L 95 -40.49 30.93 -11.43
N ASP L 96 -39.54 31.53 -12.15
CA ASP L 96 -38.91 30.91 -13.31
C ASP L 96 -37.88 29.85 -12.95
N SER L 97 -37.84 29.41 -11.70
CA SER L 97 -36.91 28.37 -11.24
C SER L 97 -35.45 28.84 -11.26
N VAL L 98 -35.19 30.11 -11.50
CA VAL L 98 -33.84 30.61 -11.50
C VAL L 98 -33.49 31.04 -10.08
N LEU L 99 -32.39 30.51 -9.56
CA LEU L 99 -31.93 30.82 -8.22
C LEU L 99 -31.22 32.16 -8.23
N ARG L 100 -31.59 33.02 -7.28
CA ARG L 100 -31.01 34.35 -7.18
C ARG L 100 -30.70 34.69 -5.73
N ALA L 101 -29.83 35.66 -5.56
CA ALA L 101 -29.47 36.13 -4.23
C ALA L 101 -29.54 37.65 -4.21
N PHE L 102 -30.02 38.18 -3.09
CA PHE L 102 -30.15 39.61 -2.92
C PHE L 102 -29.69 40.00 -1.52
N TYR L 103 -29.11 41.18 -1.41
CA TYR L 103 -28.99 41.82 -0.11
C TYR L 103 -30.39 42.07 0.46
N ASN L 104 -30.59 41.62 1.70
CA ASN L 104 -31.90 41.54 2.31
C ASN L 104 -32.28 42.90 2.89
N VAL L 105 -32.37 43.88 2.00
CA VAL L 105 -32.63 45.27 2.47
C VAL L 105 -33.41 46.02 1.40
N CYS L 106 -34.54 46.59 1.80
CA CYS L 106 -35.37 47.28 0.80
C CYS L 106 -34.68 48.49 0.21
N PRO L 107 -34.82 48.72 -1.10
CA PRO L 107 -34.25 49.88 -1.78
C PRO L 107 -34.92 51.22 -1.44
N HIS L 108 -36.08 51.22 -0.78
CA HIS L 108 -36.69 52.51 -0.39
C HIS L 108 -35.97 53.10 0.84
N ARG L 109 -36.21 52.57 2.03
CA ARG L 109 -35.54 53.21 3.17
C ARG L 109 -34.88 52.18 4.11
N GLY L 110 -34.57 50.99 3.60
CA GLY L 110 -33.64 50.09 4.26
C GLY L 110 -34.21 49.08 5.22
N HIS L 111 -35.53 48.92 5.28
CA HIS L 111 -36.09 47.86 6.12
C HIS L 111 -35.71 46.50 5.56
N GLU L 112 -35.55 45.52 6.45
CA GLU L 112 -35.27 44.17 6.01
C GLU L 112 -36.50 43.54 5.36
N LEU L 113 -36.27 42.67 4.38
CA LEU L 113 -37.35 42.17 3.52
C LEU L 113 -37.91 40.83 3.98
N LEU L 114 -37.07 39.82 4.21
CA LEU L 114 -37.53 38.52 4.65
C LEU L 114 -36.72 38.10 5.86
N SER L 115 -37.30 37.25 6.71
CA SER L 115 -36.62 36.71 7.87
C SER L 115 -36.77 35.19 7.88
N GLY L 116 -35.78 34.51 8.45
CA GLY L 116 -35.85 33.08 8.56
C GLY L 116 -35.83 32.40 7.20
N SER L 117 -36.53 31.28 7.11
CA SER L 117 -36.53 30.48 5.89
C SER L 117 -37.91 29.92 5.63
N GLY L 118 -38.21 29.70 4.35
CA GLY L 118 -39.46 29.09 3.98
C GLY L 118 -39.83 29.27 2.52
N LYS L 119 -41.12 29.44 2.27
CA LYS L 119 -41.63 29.72 0.93
C LYS L 119 -42.08 31.17 0.89
N ALA L 120 -41.65 31.89 -0.13
CA ALA L 120 -41.99 33.28 -0.30
C ALA L 120 -43.31 33.41 -1.04
N LYS L 121 -44.05 34.46 -0.71
CA LYS L 121 -45.15 34.85 -1.56
C LYS L 121 -44.65 35.04 -2.99
N ASN L 122 -45.61 35.26 -3.88
CA ASN L 122 -45.28 35.43 -5.28
C ASN L 122 -44.72 36.81 -5.54
N VAL L 123 -44.88 37.74 -4.59
CA VAL L 123 -44.07 38.94 -4.54
C VAL L 123 -43.55 39.07 -3.13
N ILE L 124 -42.46 39.82 -2.99
CA ILE L 124 -41.90 40.16 -1.70
C ILE L 124 -42.43 41.54 -1.31
N THR L 125 -43.09 41.62 -0.18
CA THR L 125 -43.63 42.89 0.31
C THR L 125 -42.79 43.40 1.48
N CYS L 126 -42.18 44.56 1.29
CA CYS L 126 -41.42 45.18 2.39
C CYS L 126 -42.40 45.46 3.52
N PRO L 127 -42.09 45.11 4.77
CA PRO L 127 -42.96 45.41 5.89
C PRO L 127 -43.14 46.89 6.26
N TYR L 128 -42.29 47.78 5.76
CA TYR L 128 -42.34 49.20 6.15
C TYR L 128 -43.34 49.99 5.30
N HIS L 129 -43.09 50.11 3.99
CA HIS L 129 -44.01 50.91 3.15
C HIS L 129 -44.67 50.06 2.06
N ALA L 130 -44.54 48.74 2.18
CA ALA L 130 -45.28 47.79 1.33
C ALA L 130 -44.95 47.93 -0.14
N TRP L 131 -43.76 48.41 -0.47
CA TRP L 131 -43.24 48.18 -1.82
C TRP L 131 -43.22 46.69 -2.09
N THR L 132 -43.54 46.31 -3.33
CA THR L 132 -43.53 44.91 -3.75
C THR L 132 -42.48 44.71 -4.82
N PHE L 133 -41.81 43.56 -4.75
CA PHE L 133 -40.77 43.18 -5.68
C PHE L 133 -41.07 41.78 -6.17
N LYS L 134 -40.79 41.54 -7.45
CA LYS L 134 -40.89 40.19 -7.97
C LYS L 134 -39.75 39.35 -7.42
N LEU L 135 -39.86 38.03 -7.57
CA LEU L 135 -38.84 37.17 -6.98
C LEU L 135 -37.51 37.28 -7.69
N ASP L 136 -37.43 38.07 -8.75
CA ASP L 136 -36.16 38.34 -9.41
C ASP L 136 -35.60 39.70 -9.03
N GLY L 137 -36.15 40.32 -7.99
CA GLY L 137 -35.63 41.58 -7.50
C GLY L 137 -36.25 42.82 -8.10
N SER L 138 -36.97 42.67 -9.22
CA SER L 138 -37.60 43.79 -9.91
C SER L 138 -38.63 44.47 -9.04
N LEU L 139 -38.71 45.80 -9.18
CA LEU L 139 -39.74 46.57 -8.46
C LEU L 139 -41.11 46.24 -9.06
N ALA L 140 -41.96 45.51 -8.34
CA ALA L 140 -43.30 45.20 -8.85
C ALA L 140 -44.13 46.48 -8.74
N LEU L 141 -44.47 46.87 -7.51
CA LEU L 141 -45.27 48.10 -7.26
C LEU L 141 -44.63 48.97 -6.18
N ALA L 142 -44.37 50.24 -6.48
CA ALA L 142 -43.94 51.19 -5.45
C ALA L 142 -45.14 52.10 -5.22
N ARG L 143 -45.80 51.95 -4.08
CA ARG L 143 -47.02 52.73 -3.73
C ARG L 143 -46.78 54.23 -3.95
N ASN L 144 -47.73 54.90 -4.63
CA ASN L 144 -47.72 56.34 -4.87
C ASN L 144 -46.55 56.79 -5.73
N CYS L 145 -45.72 55.86 -6.23
CA CYS L 145 -44.62 56.22 -7.14
C CYS L 145 -45.10 57.14 -8.25
N ASP L 146 -46.29 56.85 -8.80
CA ASP L 146 -46.78 57.61 -9.94
C ASP L 146 -46.89 59.10 -9.61
N HIS L 147 -46.97 59.44 -8.33
CA HIS L 147 -47.10 60.83 -7.89
C HIS L 147 -45.82 61.37 -7.30
N VAL L 148 -44.71 60.63 -7.39
CA VAL L 148 -43.41 61.09 -6.92
C VAL L 148 -42.62 61.55 -8.14
N GLU L 149 -42.13 62.78 -8.10
CA GLU L 149 -41.42 63.33 -9.24
C GLU L 149 -40.15 62.56 -9.54
N SER L 150 -39.97 62.21 -10.81
CA SER L 150 -38.73 61.59 -11.28
C SER L 150 -38.41 60.32 -10.50
N PHE L 151 -39.43 59.56 -10.16
CA PHE L 151 -39.20 58.27 -9.51
C PHE L 151 -38.51 57.32 -10.49
N ASP L 152 -37.38 56.76 -10.06
CA ASP L 152 -36.57 55.86 -10.87
C ASP L 152 -37.01 54.43 -10.59
N LYS L 153 -37.83 53.84 -11.48
CA LYS L 153 -38.33 52.49 -11.24
C LYS L 153 -37.19 51.48 -11.33
N GLU L 154 -36.42 51.53 -12.43
CA GLU L 154 -35.05 51.02 -12.35
C GLU L 154 -34.30 51.81 -11.31
N ASN L 155 -33.43 51.12 -10.58
CA ASN L 155 -32.71 51.65 -9.42
C ASN L 155 -33.57 51.62 -8.16
N SER L 156 -34.77 51.03 -8.22
CA SER L 156 -35.58 50.78 -7.04
C SER L 156 -35.85 49.29 -6.87
N SER L 157 -35.02 48.46 -7.48
CA SER L 157 -35.10 47.03 -7.36
C SER L 157 -34.17 46.53 -6.25
N MET L 158 -34.44 45.32 -5.77
CA MET L 158 -33.52 44.65 -4.85
C MET L 158 -32.15 44.51 -5.50
N VAL L 159 -31.11 44.62 -4.69
CA VAL L 159 -29.72 44.63 -5.18
C VAL L 159 -29.21 43.19 -5.13
N PRO L 160 -28.83 42.62 -6.27
CA PRO L 160 -28.45 41.21 -6.30
C PRO L 160 -26.97 41.03 -6.03
N LEU L 161 -26.61 39.79 -5.75
CA LEU L 161 -25.25 39.32 -5.77
C LEU L 161 -25.27 37.93 -6.40
N LYS L 162 -24.09 37.44 -6.80
CA LYS L 162 -24.04 36.19 -7.55
C LYS L 162 -24.39 35.01 -6.65
N VAL L 163 -25.05 34.01 -7.23
CA VAL L 163 -25.32 32.75 -6.55
C VAL L 163 -25.14 31.62 -7.55
N GLU L 164 -24.65 30.47 -7.08
CA GLU L 164 -24.46 29.34 -7.98
C GLU L 164 -24.72 28.06 -7.21
N GLU L 165 -25.41 27.14 -7.84
CA GLU L 165 -25.60 25.79 -7.33
C GLU L 165 -24.46 24.93 -7.88
N TYR L 166 -23.69 24.33 -6.97
CA TYR L 166 -22.48 23.61 -7.33
C TYR L 166 -22.30 22.46 -6.35
N ALA L 167 -22.01 21.28 -6.87
CA ALA L 167 -21.74 20.09 -6.06
C ALA L 167 -22.93 19.70 -5.20
N GLY L 168 -24.13 20.15 -5.56
CA GLY L 168 -25.31 19.92 -4.75
C GLY L 168 -25.48 20.91 -3.62
N PHE L 169 -24.63 21.94 -3.53
CA PHE L 169 -24.75 22.99 -2.52
C PHE L 169 -24.92 24.35 -3.19
N VAL L 170 -25.11 25.39 -2.36
CA VAL L 170 -25.43 26.73 -2.84
C VAL L 170 -24.38 27.71 -2.33
N PHE L 171 -23.76 28.45 -3.25
CA PHE L 171 -22.71 29.40 -2.94
C PHE L 171 -23.11 30.78 -3.40
N ILE L 172 -22.79 31.80 -2.59
CA ILE L 172 -23.00 33.18 -3.01
C ILE L 172 -21.63 33.84 -3.17
N ASN L 173 -21.62 34.95 -3.89
CA ASN L 173 -20.42 35.74 -4.12
C ASN L 173 -20.82 37.19 -4.26
N MET L 174 -20.21 38.07 -3.45
CA MET L 174 -20.50 39.50 -3.47
C MET L 174 -19.70 40.26 -4.52
N ASP L 175 -18.74 39.62 -5.17
CA ASP L 175 -17.94 40.24 -6.20
C ASP L 175 -18.68 40.06 -7.51
N GLU L 176 -19.11 41.17 -8.11
CA GLU L 176 -19.89 41.08 -9.34
C GLU L 176 -19.06 40.58 -10.50
N ASN L 177 -17.73 40.67 -10.39
CA ASN L 177 -16.81 40.19 -11.41
C ASN L 177 -16.34 38.76 -11.14
N ALA L 178 -16.94 38.08 -10.18
CA ALA L 178 -16.60 36.69 -9.95
C ALA L 178 -17.01 35.87 -11.16
N THR L 179 -16.31 34.75 -11.35
CA THR L 179 -16.61 33.82 -12.42
C THR L 179 -17.59 32.77 -11.93
N CYS L 180 -17.06 31.65 -11.44
CA CYS L 180 -17.87 30.49 -11.09
C CYS L 180 -17.18 29.68 -10.00
N VAL L 181 -17.96 28.85 -9.30
CA VAL L 181 -17.40 28.07 -8.19
C VAL L 181 -16.36 27.06 -8.65
N GLU L 182 -16.55 26.47 -9.83
CA GLU L 182 -15.55 25.51 -10.30
C GLU L 182 -14.20 26.18 -10.47
N ASP L 183 -14.20 27.47 -10.84
CA ASP L 183 -12.94 28.21 -10.91
C ASP L 183 -12.27 28.37 -9.55
N GLN L 184 -13.04 28.34 -8.48
CA GLN L 184 -12.51 28.48 -7.12
C GLN L 184 -12.09 27.14 -6.52
N LEU L 185 -12.83 26.08 -6.85
CA LEU L 185 -12.61 24.74 -6.30
C LEU L 185 -12.48 23.70 -7.41
N PRO L 186 -11.50 23.88 -8.31
CA PRO L 186 -11.38 22.96 -9.47
C PRO L 186 -11.41 21.50 -9.05
N GLY L 187 -12.33 20.71 -9.60
CA GLY L 187 -12.39 19.30 -9.31
C GLY L 187 -13.17 18.92 -8.07
N PHE L 188 -13.66 19.88 -7.30
CA PHE L 188 -14.24 19.53 -6.00
C PHE L 188 -15.59 18.84 -6.16
N ALA L 189 -16.50 19.42 -6.96
CA ALA L 189 -17.77 18.73 -7.20
C ALA L 189 -17.51 17.32 -7.72
N GLU L 190 -16.57 17.19 -8.66
CA GLU L 190 -16.26 15.86 -9.19
C GLU L 190 -15.92 14.88 -8.06
N ARG L 191 -15.04 15.28 -7.14
CA ARG L 191 -14.60 14.35 -6.10
C ARG L 191 -15.67 14.17 -5.03
N LEU L 192 -16.41 15.24 -4.72
CA LEU L 192 -17.43 15.15 -3.68
C LEU L 192 -18.52 14.16 -4.06
N ASN L 193 -19.01 14.21 -5.31
CA ASN L 193 -20.01 13.27 -5.77
C ASN L 193 -19.49 11.83 -5.78
N GLN L 194 -18.19 11.64 -5.89
CA GLN L 194 -17.61 10.31 -5.71
C GLN L 194 -17.57 9.89 -4.25
N ALA L 195 -17.49 10.84 -3.31
CA ALA L 195 -17.50 10.46 -1.91
C ALA L 195 -18.92 10.16 -1.44
N CYS L 196 -19.90 10.92 -1.92
CA CYS L 196 -21.30 10.71 -1.55
C CYS L 196 -22.10 10.77 -2.84
N GLY L 197 -22.66 9.64 -3.22
CA GLY L 197 -23.42 9.59 -4.46
C GLY L 197 -24.88 9.90 -4.33
N VAL L 198 -25.32 10.29 -3.13
CA VAL L 198 -26.73 10.53 -2.88
C VAL L 198 -26.93 11.94 -2.34
N ILE L 199 -26.03 12.87 -2.70
CA ILE L 199 -26.08 14.24 -2.19
C ILE L 199 -27.40 14.91 -2.57
N LYS L 200 -27.84 14.71 -3.81
CA LYS L 200 -29.10 15.32 -4.26
C LYS L 200 -30.28 14.86 -3.41
N ASP L 201 -30.19 13.67 -2.83
CA ASP L 201 -31.31 13.16 -2.03
C ASP L 201 -31.22 13.54 -0.56
N LEU L 202 -30.18 14.25 -0.16
CA LEU L 202 -30.03 14.65 1.23
C LEU L 202 -31.06 15.71 1.60
N LYS L 203 -31.50 15.64 2.86
CA LYS L 203 -32.36 16.65 3.46
C LYS L 203 -31.81 17.02 4.83
N LEU L 204 -31.98 18.30 5.19
CA LEU L 204 -31.45 18.82 6.45
C LEU L 204 -32.17 18.19 7.63
N ALA L 205 -31.42 17.46 8.45
CA ALA L 205 -31.99 16.81 9.64
C ALA L 205 -31.83 17.64 10.91
N ALA L 206 -30.72 18.39 11.04
CA ALA L 206 -30.48 19.19 12.24
C ALA L 206 -29.45 20.25 11.89
N ARG L 207 -29.59 21.40 12.54
CA ARG L 207 -28.63 22.49 12.39
C ARG L 207 -28.26 23.03 13.76
N PHE L 208 -26.97 23.02 14.08
CA PHE L 208 -26.46 23.61 15.30
C PHE L 208 -25.89 24.99 14.95
N VAL L 209 -26.47 26.03 15.55
CA VAL L 209 -26.00 27.40 15.33
C VAL L 209 -25.26 27.86 16.58
N THR L 210 -24.01 28.25 16.42
CA THR L 210 -23.23 28.75 17.53
C THR L 210 -22.45 29.97 17.06
N GLU L 211 -22.50 31.04 17.84
CA GLU L 211 -21.61 32.15 17.64
C GLU L 211 -20.33 31.83 18.39
N THR L 212 -19.33 31.51 17.68
CA THR L 212 -18.14 31.00 18.34
C THR L 212 -17.13 32.12 18.52
N PRO L 213 -16.65 32.35 19.75
CA PRO L 213 -15.57 33.33 19.97
C PRO L 213 -14.20 32.79 19.59
N ALA L 214 -14.02 32.54 18.29
CA ALA L 214 -12.71 32.22 17.72
C ALA L 214 -12.64 32.84 16.33
N ASN L 215 -11.43 33.25 15.93
CA ASN L 215 -11.24 33.70 14.55
C ASN L 215 -11.54 32.56 13.57
N TRP L 216 -12.11 32.91 12.41
CA TRP L 216 -12.53 31.87 11.49
C TRP L 216 -11.35 30.98 11.10
N LYS L 217 -10.16 31.57 10.96
CA LYS L 217 -8.98 30.81 10.60
C LYS L 217 -8.57 29.83 11.70
N VAL L 218 -8.85 30.13 12.97
CA VAL L 218 -8.55 29.15 14.01
C VAL L 218 -9.41 27.92 13.84
N ILE L 219 -10.68 28.14 13.48
CA ILE L 219 -11.61 27.05 13.32
C ILE L 219 -11.22 26.16 12.14
N VAL L 220 -10.65 26.74 11.08
CA VAL L 220 -10.17 25.93 9.96
C VAL L 220 -8.94 25.14 10.39
N ASP L 221 -7.99 25.81 11.05
CA ASP L 221 -6.83 25.13 11.62
C ASP L 221 -7.25 23.85 12.32
N ASN L 222 -8.24 23.97 13.20
CA ASN L 222 -8.70 22.83 13.99
C ASN L 222 -9.18 21.71 13.10
N TYR L 223 -9.93 22.03 12.04
CA TYR L 223 -10.44 21.01 11.16
C TYR L 223 -9.31 20.35 10.38
N MET L 224 -8.28 21.11 10.05
CA MET L 224 -7.26 20.69 9.10
C MET L 224 -6.26 19.65 9.66
N GLU L 225 -6.41 19.18 10.91
CA GLU L 225 -5.49 18.19 11.44
C GLU L 225 -6.23 17.24 12.37
N CYS L 226 -5.73 16.02 12.45
CA CYS L 226 -6.19 15.04 13.41
C CYS L 226 -5.15 14.77 14.49
N TYR L 227 -4.09 15.58 14.51
CA TYR L 227 -3.14 15.55 15.62
C TYR L 227 -3.86 15.55 16.98
N HIS L 228 -5.03 16.18 17.07
CA HIS L 228 -5.71 16.36 18.35
C HIS L 228 -6.83 15.36 18.60
N CYS L 229 -7.17 14.48 17.66
CA CYS L 229 -8.39 13.67 17.82
C CYS L 229 -8.20 12.62 18.91
N GLY L 230 -7.00 12.07 19.03
CA GLY L 230 -6.69 11.12 20.09
C GLY L 230 -7.00 11.69 21.44
N PRO L 231 -6.37 12.82 21.78
CA PRO L 231 -6.58 13.40 23.13
C PRO L 231 -7.93 14.09 23.33
N ALA L 232 -8.45 14.80 22.33
CA ALA L 232 -9.60 15.68 22.51
C ALA L 232 -10.93 15.03 22.15
N HIS L 233 -10.93 13.89 21.45
CA HIS L 233 -12.14 13.17 21.07
C HIS L 233 -11.99 11.72 21.51
N PRO L 234 -12.18 11.44 22.80
CA PRO L 234 -12.04 10.05 23.27
C PRO L 234 -13.01 9.09 22.62
N GLY L 235 -14.28 9.48 22.50
CA GLY L 235 -15.25 8.63 21.83
C GLY L 235 -15.05 8.59 20.32
N PHE L 236 -14.33 9.57 19.76
CA PHE L 236 -14.00 9.61 18.35
C PHE L 236 -12.57 9.11 18.10
N ALA L 237 -11.99 8.42 19.08
CA ALA L 237 -10.63 7.92 18.99
C ALA L 237 -10.55 6.46 18.59
N ASP L 238 -11.58 5.65 18.88
CA ASP L 238 -11.54 4.24 18.52
C ASP L 238 -11.90 4.00 17.06
N SER L 239 -12.88 4.73 16.53
CA SER L 239 -13.36 4.47 15.18
C SER L 239 -12.30 4.78 14.15
N VAL L 240 -11.82 6.01 14.22
CA VAL L 240 -10.75 6.48 13.31
C VAL L 240 -9.55 5.55 13.47
N GLN L 241 -9.01 5.07 12.34
CA GLN L 241 -7.79 4.22 12.32
C GLN L 241 -6.63 5.15 11.95
N VAL L 242 -5.73 5.40 12.90
CA VAL L 242 -4.63 6.37 12.73
C VAL L 242 -3.62 5.94 11.67
N ASP L 243 -3.46 4.64 11.41
CA ASP L 243 -2.56 4.20 10.34
C ASP L 243 -3.24 4.22 8.99
N LYS L 244 -4.57 4.38 9.00
CA LYS L 244 -5.34 4.39 7.73
C LYS L 244 -5.97 5.76 7.56
N TYR L 245 -5.13 6.79 7.36
CA TYR L 245 -5.62 8.18 7.28
C TYR L 245 -4.68 8.99 6.42
N TRP L 246 -5.23 9.71 5.45
CA TRP L 246 -4.44 10.50 4.53
C TRP L 246 -5.06 11.87 4.32
N HIS L 247 -4.22 12.90 4.28
CA HIS L 247 -4.66 14.27 4.04
C HIS L 247 -3.97 14.80 2.77
N THR L 248 -4.69 14.83 1.65
CA THR L 248 -4.11 15.31 0.41
C THR L 248 -4.67 16.70 0.07
N THR L 249 -3.79 17.56 -0.44
CA THR L 249 -4.19 18.88 -0.87
C THR L 249 -4.49 18.88 -2.37
N HIS L 250 -5.39 19.76 -2.78
CA HIS L 250 -5.77 19.89 -4.18
C HIS L 250 -5.70 21.37 -4.53
N GLN L 251 -6.69 21.91 -5.21
CA GLN L 251 -6.64 23.30 -5.65
C GLN L 251 -7.71 24.06 -4.87
N ASN L 252 -7.29 24.69 -3.77
CA ASN L 252 -8.17 25.43 -2.86
C ASN L 252 -9.14 24.51 -2.11
N TRP L 253 -8.82 23.23 -2.01
CA TRP L 253 -9.53 22.37 -1.09
C TRP L 253 -8.61 21.19 -0.77
N THR L 254 -8.94 20.46 0.28
CA THR L 254 -8.16 19.30 0.69
C THR L 254 -9.14 18.20 1.05
N LEU L 255 -8.61 16.98 1.09
CA LEU L 255 -9.41 15.80 1.37
C LEU L 255 -8.71 15.02 2.45
N GLN L 256 -9.40 14.77 3.56
CA GLN L 256 -8.91 13.87 4.60
C GLN L 256 -9.64 12.56 4.46
N TYR L 257 -8.91 11.53 4.01
CA TYR L 257 -9.46 10.25 3.58
C TYR L 257 -8.90 9.14 4.46
N GLY L 258 -9.77 8.24 4.91
CA GLY L 258 -9.31 7.11 5.69
C GLY L 258 -10.33 6.00 5.68
N PHE L 259 -9.95 4.89 6.31
CA PHE L 259 -10.80 3.68 6.46
C PHE L 259 -11.07 3.48 7.95
N ALA L 260 -12.29 3.13 8.33
CA ALA L 260 -12.59 2.91 9.76
C ALA L 260 -12.82 1.41 10.02
N ARG L 261 -12.65 0.98 11.27
CA ARG L 261 -12.77 -0.47 11.60
C ARG L 261 -13.79 -0.68 12.72
N SER L 262 -14.73 -1.63 12.51
CA SER L 262 -15.83 -2.03 13.42
C SER L 262 -16.26 -0.90 14.35
N THR L 274 -18.23 -4.55 6.45
CA THR L 274 -17.75 -3.70 5.37
C THR L 274 -16.55 -2.87 5.83
N ASP L 275 -15.72 -2.46 4.88
CA ASP L 275 -14.57 -1.63 5.20
C ASP L 275 -14.84 -0.17 4.81
N PRO L 276 -15.70 0.51 5.56
CA PRO L 276 -16.26 1.79 5.07
C PRO L 276 -15.22 2.90 5.11
N GLU L 277 -15.13 3.65 4.02
CA GLU L 277 -14.20 4.76 3.90
C GLU L 277 -14.85 6.01 4.46
N PHE L 278 -14.05 7.05 4.69
CA PHE L 278 -14.58 8.33 5.15
C PHE L 278 -13.85 9.48 4.48
N HIS L 279 -14.58 10.59 4.30
CA HIS L 279 -14.06 11.77 3.61
C HIS L 279 -14.30 12.98 4.50
N GLY L 280 -13.34 13.89 4.51
CA GLY L 280 -13.47 15.14 5.21
C GLY L 280 -12.96 16.22 4.30
N PHE L 281 -13.84 16.97 3.67
CA PHE L 281 -13.41 18.00 2.74
C PHE L 281 -13.38 19.37 3.41
N TRP L 282 -12.28 20.09 3.24
CA TRP L 282 -12.20 21.50 3.52
C TRP L 282 -12.12 22.24 2.20
N THR L 283 -12.97 23.25 2.03
CA THR L 283 -12.93 24.06 0.83
C THR L 283 -12.74 25.53 1.19
N TRP L 284 -12.02 26.24 0.34
CA TRP L 284 -11.75 27.65 0.53
C TRP L 284 -13.03 28.49 0.41
N PRO L 285 -13.23 29.44 1.33
CA PRO L 285 -12.33 29.74 2.45
C PRO L 285 -12.58 28.86 3.67
N CYS L 286 -13.83 28.51 3.94
CA CYS L 286 -14.04 27.80 5.20
C CYS L 286 -15.38 27.08 5.22
N THR L 287 -15.59 26.14 4.30
CA THR L 287 -16.70 25.22 4.42
C THR L 287 -16.12 23.82 4.41
N MET L 288 -16.65 22.95 5.25
CA MET L 288 -16.10 21.61 5.40
C MET L 288 -17.20 20.62 5.19
N PHE L 289 -16.91 19.60 4.37
CA PHE L 289 -17.90 18.59 4.03
C PHE L 289 -17.41 17.23 4.50
N ASN L 290 -18.20 16.58 5.33
CA ASN L 290 -17.85 15.28 5.88
C ASN L 290 -18.80 14.21 5.37
N VAL L 291 -18.22 13.15 4.83
CA VAL L 291 -18.95 11.95 4.45
C VAL L 291 -18.44 10.82 5.33
N PRO L 292 -19.16 10.50 6.40
CA PRO L 292 -18.68 9.48 7.34
C PRO L 292 -18.85 8.09 6.75
N PRO L 293 -18.35 7.07 7.43
CA PRO L 293 -18.48 5.71 6.90
C PRO L 293 -19.94 5.38 6.59
N GLY L 294 -20.15 4.68 5.46
CA GLY L 294 -21.47 4.42 4.93
C GLY L 294 -21.82 5.26 3.72
N SER L 295 -21.26 6.47 3.64
CA SER L 295 -21.44 7.37 2.50
C SER L 295 -22.90 7.72 2.25
N ASN L 296 -23.78 7.47 3.21
CA ASN L 296 -25.21 7.69 3.04
C ASN L 296 -25.71 8.94 3.74
N PHE L 297 -24.85 9.67 4.44
CA PHE L 297 -25.24 10.92 5.06
C PHE L 297 -24.03 11.85 5.12
N MET L 298 -24.30 13.11 5.46
CA MET L 298 -23.26 14.13 5.49
C MET L 298 -23.46 15.02 6.71
N THR L 299 -22.35 15.53 7.25
CA THR L 299 -22.34 16.71 8.12
C THR L 299 -21.54 17.78 7.40
N VAL L 300 -21.95 19.03 7.58
CA VAL L 300 -21.32 20.16 6.90
C VAL L 300 -21.10 21.29 7.90
N ILE L 301 -19.91 21.89 7.84
CA ILE L 301 -19.56 23.00 8.70
C ILE L 301 -19.50 24.24 7.84
N TYR L 302 -20.40 25.20 8.11
CA TYR L 302 -20.38 26.50 7.45
C TYR L 302 -19.83 27.50 8.45
N GLU L 303 -18.81 28.24 8.05
CA GLU L 303 -18.25 29.28 8.90
C GLU L 303 -18.64 30.62 8.30
N PHE L 304 -19.37 31.42 9.07
CA PHE L 304 -19.74 32.76 8.62
C PHE L 304 -19.11 33.77 9.56
N PRO L 305 -17.97 34.34 9.18
CA PRO L 305 -17.22 35.20 10.11
C PRO L 305 -18.00 36.45 10.46
N VAL L 306 -17.83 36.89 11.71
CA VAL L 306 -18.46 38.10 12.23
C VAL L 306 -17.43 39.20 12.43
N ASP L 307 -16.40 38.92 13.24
CA ASP L 307 -15.28 39.82 13.40
C ASP L 307 -14.03 38.99 13.69
N ALA L 308 -12.93 39.68 13.97
CA ALA L 308 -11.64 39.03 14.15
C ALA L 308 -11.73 37.91 15.18
N GLU L 309 -12.67 38.00 16.12
CA GLU L 309 -12.73 37.02 17.19
C GLU L 309 -14.08 36.34 17.30
N THR L 310 -14.93 36.43 16.26
CA THR L 310 -16.25 35.83 16.29
C THR L 310 -16.57 35.21 14.95
N THR L 311 -17.10 33.99 14.98
CA THR L 311 -17.46 33.29 13.77
C THR L 311 -18.77 32.59 14.04
N LEU L 312 -19.79 32.96 13.28
CA LEU L 312 -21.04 32.24 13.31
C LEU L 312 -20.82 30.94 12.55
N GLN L 313 -21.24 29.82 13.15
CA GLN L 313 -21.08 28.50 12.56
C GLN L 313 -22.44 27.86 12.40
N HIS L 314 -22.66 27.24 11.24
CA HIS L 314 -23.71 26.26 11.04
C HIS L 314 -23.07 24.88 10.99
N TYR L 315 -23.55 23.98 11.82
CA TYR L 315 -23.19 22.58 11.74
C TYR L 315 -24.45 21.85 11.32
N ASP L 316 -24.49 21.44 10.05
CA ASP L 316 -25.63 20.78 9.45
C ASP L 316 -25.40 19.28 9.38
N ILE L 317 -26.41 18.51 9.78
CA ILE L 317 -26.46 17.08 9.58
C ILE L 317 -27.55 16.78 8.56
N TYR L 318 -27.20 16.08 7.47
CA TYR L 318 -28.10 15.77 6.37
C TYR L 318 -28.25 14.26 6.22
N PHE L 319 -29.49 13.77 6.23
CA PHE L 319 -29.81 12.38 5.90
C PHE L 319 -30.74 12.36 4.69
N THR L 320 -30.81 11.20 4.02
CA THR L 320 -31.66 11.06 2.84
C THR L 320 -33.13 10.91 3.18
N ASN L 321 -33.46 10.36 4.36
CA ASN L 321 -34.84 10.19 4.79
C ASN L 321 -35.29 11.40 5.58
N GLU L 322 -36.55 11.80 5.41
CA GLU L 322 -37.03 12.98 6.11
C GLU L 322 -37.42 12.63 7.55
N GLU L 323 -38.24 11.58 7.74
CA GLU L 323 -38.59 11.16 9.09
C GLU L 323 -37.45 10.32 9.65
N LEU L 324 -36.84 10.81 10.72
CA LEU L 324 -35.61 10.25 11.22
C LEU L 324 -35.87 9.00 12.06
N THR L 325 -35.05 7.97 11.85
CA THR L 325 -35.07 6.85 12.78
C THR L 325 -34.49 7.31 14.12
N GLN L 326 -34.75 6.54 15.17
CA GLN L 326 -34.29 6.96 16.48
C GLN L 326 -32.80 6.72 16.65
N ASP L 327 -32.19 5.86 15.81
CA ASP L 327 -30.74 5.80 15.77
C ASP L 327 -30.15 7.09 15.21
N GLN L 328 -30.88 7.74 14.27
CA GLN L 328 -30.44 9.02 13.72
C GLN L 328 -30.63 10.14 14.74
N LYS L 329 -31.74 10.11 15.47
CA LYS L 329 -31.93 11.10 16.51
C LYS L 329 -30.87 10.95 17.60
N ASP L 330 -30.40 9.73 17.84
CA ASP L 330 -29.32 9.50 18.81
C ASP L 330 -28.01 10.08 18.31
N LEU L 331 -27.68 9.83 17.04
CA LEU L 331 -26.43 10.36 16.50
C LEU L 331 -26.42 11.88 16.51
N ILE L 332 -27.55 12.50 16.17
CA ILE L 332 -27.64 13.96 16.18
C ILE L 332 -27.34 14.51 17.57
N GLU L 333 -27.88 13.84 18.60
CA GLU L 333 -27.67 14.31 19.97
C GLU L 333 -26.25 14.06 20.42
N TRP L 334 -25.62 12.98 19.96
CA TRP L 334 -24.20 12.76 20.24
C TRP L 334 -23.34 13.85 19.63
N TYR L 335 -23.62 14.20 18.38
CA TYR L 335 -22.94 15.33 17.76
C TYR L 335 -23.16 16.62 18.56
N ARG L 336 -24.40 16.87 18.98
CA ARG L 336 -24.73 18.14 19.61
C ARG L 336 -24.08 18.26 20.98
N ASN L 337 -24.13 17.19 21.78
CA ASN L 337 -23.76 17.28 23.19
C ASN L 337 -22.40 16.69 23.50
N VAL L 338 -21.86 15.85 22.62
CA VAL L 338 -20.60 15.16 22.92
C VAL L 338 -19.51 15.62 21.96
N PHE L 339 -19.76 15.46 20.66
CA PHE L 339 -18.70 15.69 19.67
C PHE L 339 -18.42 17.18 19.47
N ARG L 340 -19.45 17.95 19.10
CA ARG L 340 -19.22 19.35 18.80
C ARG L 340 -18.72 20.15 20.00
N PRO L 341 -19.25 20.00 21.22
CA PRO L 341 -18.69 20.78 22.33
C PRO L 341 -17.19 20.61 22.47
N GLU L 342 -16.65 19.43 22.17
CA GLU L 342 -15.20 19.24 22.31
C GLU L 342 -14.42 20.15 21.38
N ASP L 343 -14.86 20.26 20.12
CA ASP L 343 -14.18 21.14 19.17
C ASP L 343 -14.45 22.61 19.46
N LEU L 344 -15.64 22.96 19.97
CA LEU L 344 -15.88 24.36 20.27
C LEU L 344 -14.98 24.83 21.41
N ASN L 345 -14.87 24.03 22.47
CA ASN L 345 -13.98 24.38 23.59
C ASN L 345 -12.54 24.55 23.12
N LEU L 346 -12.06 23.67 22.23
CA LEU L 346 -10.69 23.77 21.75
C LEU L 346 -10.43 25.11 21.07
N VAL L 347 -11.27 25.47 20.10
CA VAL L 347 -11.03 26.71 19.36
C VAL L 347 -11.23 27.91 20.27
N GLU L 348 -12.14 27.81 21.24
CA GLU L 348 -12.34 28.92 22.16
C GLU L 348 -11.15 29.10 23.06
N SER L 349 -10.57 28.00 23.56
CA SER L 349 -9.39 28.15 24.40
C SER L 349 -8.21 28.69 23.61
N VAL L 350 -8.04 28.21 22.38
CA VAL L 350 -6.92 28.70 21.56
C VAL L 350 -7.10 30.20 21.29
N GLN L 351 -8.31 30.64 20.99
CA GLN L 351 -8.52 32.06 20.78
C GLN L 351 -8.07 32.88 21.99
N ARG L 352 -8.42 32.44 23.20
CA ARG L 352 -7.95 33.14 24.40
C ARG L 352 -6.42 33.08 24.53
N GLY L 353 -5.84 31.89 24.40
CA GLY L 353 -4.42 31.75 24.67
C GLY L 353 -3.53 32.53 23.72
N LEU L 354 -3.92 32.67 22.47
CA LEU L 354 -2.98 33.28 21.56
C LEU L 354 -2.85 34.78 21.75
N LYS L 355 -3.68 35.39 22.58
CA LYS L 355 -3.48 36.77 22.95
C LYS L 355 -2.47 36.95 24.08
N SER L 356 -2.07 35.87 24.72
CA SER L 356 -1.16 35.97 25.86
C SER L 356 0.21 36.44 25.40
N ARG L 357 0.81 37.31 26.21
CA ARG L 357 2.19 37.68 25.96
C ARG L 357 3.11 36.48 26.15
N GLY L 358 2.65 35.43 26.83
CA GLY L 358 3.41 34.21 26.97
C GLY L 358 3.35 33.25 25.78
N TYR L 359 2.49 33.54 24.79
CA TYR L 359 2.48 32.84 23.52
C TYR L 359 3.49 33.55 22.62
N ARG L 360 4.56 32.84 22.27
CA ARG L 360 5.69 33.46 21.60
C ARG L 360 5.29 34.19 20.33
N GLY L 361 4.17 33.82 19.73
CA GLY L 361 3.67 34.48 18.54
C GLY L 361 3.12 33.48 17.54
N GLN L 362 3.92 32.48 17.16
CA GLN L 362 3.48 31.49 16.18
C GLN L 362 3.65 30.08 16.75
N GLY L 363 2.88 29.15 16.19
CA GLY L 363 2.89 27.76 16.64
C GLY L 363 3.47 26.88 15.55
N ARG L 364 4.29 25.91 15.96
CA ARG L 364 4.89 25.01 15.00
C ARG L 364 3.82 24.09 14.42
N ILE L 365 3.73 24.05 13.09
CA ILE L 365 2.84 23.08 12.46
C ILE L 365 3.58 21.73 12.44
N MET L 366 3.02 20.75 13.14
CA MET L 366 3.69 19.48 13.34
C MET L 366 3.46 18.59 12.13
N THR L 367 4.09 18.98 11.03
CA THR L 367 4.14 18.12 9.85
C THR L 367 5.18 17.04 10.05
N ASP L 368 4.82 15.80 9.75
CA ASP L 368 5.84 14.75 9.71
C ASP L 368 6.16 14.34 8.27
N LYS L 369 7.36 13.79 8.11
CA LYS L 369 7.86 13.43 6.79
C LYS L 369 6.92 12.46 6.09
N GLN L 370 6.32 11.54 6.84
CA GLN L 370 5.45 10.51 6.29
C GLN L 370 4.07 11.05 5.93
N ARG L 371 3.69 12.23 6.44
CA ARG L 371 2.33 12.75 6.27
C ARG L 371 1.31 11.76 6.84
N SER L 372 1.55 11.35 8.08
CA SER L 372 0.72 10.37 8.75
C SER L 372 -0.64 10.96 9.08
N GLY L 373 -1.47 10.14 9.73
CA GLY L 373 -2.79 10.61 10.09
C GLY L 373 -2.79 11.71 11.14
N ILE L 374 -1.65 11.96 11.80
CA ILE L 374 -1.54 13.00 12.81
C ILE L 374 -0.64 14.14 12.37
N SER L 375 -0.23 14.18 11.10
CA SER L 375 0.53 15.32 10.60
C SER L 375 -0.36 16.56 10.51
N GLU L 376 0.22 17.74 10.79
CA GLU L 376 -0.52 18.99 10.74
C GLU L 376 -0.36 19.72 9.41
N HIS L 377 0.20 19.04 8.39
CA HIS L 377 0.53 19.71 7.14
C HIS L 377 -0.70 20.37 6.51
N GLY L 378 -1.90 19.88 6.81
CA GLY L 378 -3.08 20.51 6.24
C GLY L 378 -3.17 21.97 6.62
N ILE L 379 -2.70 22.31 7.82
CA ILE L 379 -2.72 23.71 8.25
C ILE L 379 -1.82 24.54 7.36
N ALA L 380 -0.64 24.03 7.02
CA ALA L 380 0.28 24.83 6.23
C ALA L 380 -0.31 25.16 4.87
N TYR L 381 -1.03 24.20 4.27
CA TYR L 381 -1.61 24.46 2.97
C TYR L 381 -2.65 25.56 3.08
N PHE L 382 -3.54 25.45 4.06
CA PHE L 382 -4.55 26.48 4.28
C PHE L 382 -3.90 27.85 4.46
N GLN L 383 -2.89 27.94 5.33
CA GLN L 383 -2.35 29.26 5.67
C GLN L 383 -1.51 29.85 4.54
N HIS L 384 -0.89 28.99 3.72
CA HIS L 384 -0.17 29.48 2.54
C HIS L 384 -1.13 30.17 1.57
N LEU L 385 -2.35 29.62 1.45
CA LEU L 385 -3.37 30.25 0.62
C LEU L 385 -3.80 31.59 1.24
N VAL L 386 -4.15 31.58 2.52
CA VAL L 386 -4.52 32.84 3.17
C VAL L 386 -3.42 33.85 2.97
N ALA L 387 -2.17 33.41 3.06
CA ALA L 387 -1.07 34.35 2.96
C ALA L 387 -1.14 35.16 1.67
N GLN L 388 -1.65 34.57 0.59
CA GLN L 388 -1.69 35.29 -0.69
C GLN L 388 -2.61 36.51 -0.65
N TYR L 389 -3.53 36.59 0.29
CA TYR L 389 -4.44 37.73 0.43
C TYR L 389 -3.89 38.82 1.36
N HIS L 390 -2.66 38.67 1.86
CA HIS L 390 -2.02 39.60 2.79
C HIS L 390 -0.69 40.10 2.23
N GLN L 391 -0.70 40.43 0.95
CA GLN L 391 0.55 40.89 0.30
C GLN L 391 0.58 42.41 0.24
FE FE M . 23.25 33.24 -35.06
FE1 FES N . 50.67 -0.40 -20.88
FE2 FES N . 49.51 0.66 -23.59
S1 FES N . 49.16 1.16 -21.44
S2 FES N . 51.00 -0.90 -23.03
N1 QKQ O . 24.16 31.96 -36.60
N3 QKQ O . 23.61 31.12 -43.87
C4 QKQ O . 26.46 29.54 -39.48
C5 QKQ O . 25.44 30.45 -39.72
C6 QKQ O . 24.45 30.81 -38.66
C7 QKQ O . 24.94 31.55 -37.60
C8 QKQ O . 22.90 31.66 -36.65
C10 QKQ O . 20.91 30.71 -37.55
C13 QKQ O . 20.54 28.79 -40.66
C15 QKQ O . 21.63 30.60 -42.48
C17 QKQ O . 24.08 32.09 -44.68
C20 QKQ O . 23.06 30.51 -38.69
C21 QKQ O . 25.48 31.18 -40.89
C22 QKQ O . 26.42 30.93 -41.86
C1 QKQ O . 29.28 30.83 -42.81
C11 QKQ O . 20.36 30.02 -38.55
C12 QKQ O . 21.20 29.59 -39.59
C14 QKQ O . 21.75 29.13 -42.76
C16 QKQ O . 22.97 31.30 -42.57
C18 QKQ O . 24.60 31.48 -45.75
C19 QKQ O . 23.86 29.96 -44.49
C2 QKQ O . 27.38 29.97 -41.65
C3 QKQ O . 27.41 29.28 -40.45
C9 QKQ O . 22.29 30.97 -37.63
N2 QKQ O . 21.34 28.34 -41.62
N4 QKQ O . 24.47 30.13 -45.63
N5 QKQ O . 22.50 29.81 -39.69
O1 QKQ O . 28.29 29.82 -42.65
O2 QKQ O . 19.33 28.58 -40.58
N1 EPE P . 3.89 29.30 -18.39
C2 EPE P . 3.68 29.44 -19.84
C3 EPE P . 3.08 28.11 -20.31
N4 EPE P . 3.89 26.97 -19.91
C5 EPE P . 4.32 26.98 -18.51
C6 EPE P . 4.95 28.31 -18.15
C7 EPE P . 3.50 25.67 -20.47
C8 EPE P . 4.44 24.51 -20.14
O8 EPE P . 5.51 24.43 -21.06
C9 EPE P . 4.13 30.55 -17.65
C10 EPE P . 5.27 31.36 -18.24
S EPE P . 6.80 31.30 -17.26
O1S EPE P . 7.87 32.01 -17.98
O2S EPE P . 7.23 29.89 -16.98
O3S EPE P . 6.51 31.99 -15.97
H21 EPE P . 4.63 29.62 -20.35
H22 EPE P . 3.01 30.26 -20.06
H31 EPE P . 3.00 28.12 -21.41
H32 EPE P . 2.08 28.00 -19.90
H51 EPE P . 5.03 26.17 -18.35
H52 EPE P . 3.46 26.80 -17.87
H61 EPE P . 5.82 28.52 -18.77
H62 EPE P . 5.27 28.33 -17.12
H71 EPE P . 3.45 25.77 -21.55
H72 EPE P . 2.50 25.42 -20.11
H81 EPE P . 3.87 23.57 -20.17
H82 EPE P . 4.84 24.62 -19.13
HO8 EPE P . 5.47 25.19 -21.67
H91 EPE P . 3.22 31.16 -17.66
H92 EPE P . 4.36 30.31 -16.62
H101 EPE P . 5.49 30.99 -19.25
H102 EPE P . 4.96 32.40 -18.33
FE FE Q . 59.80 6.08 -15.83
FE1 FES R . 45.02 35.32 16.55
FE2 FES R . 47.25 33.44 15.40
S1 FES R . 45.17 33.99 14.77
S2 FES R . 47.11 34.80 17.16
N1 QKQ S . 60.21 6.46 -13.70
N3 QKQ S . 68.34 4.59 -11.87
C4 QKQ S . 63.33 8.23 -11.19
C5 QKQ S . 63.45 7.05 -11.90
C6 QKQ S . 62.28 6.37 -12.53
C7 QKQ S . 61.26 7.08 -13.14
C8 QKQ S . 60.15 5.15 -13.69
C10 QKQ S . 61.04 2.92 -13.05
C13 QKQ S . 64.23 2.29 -11.16
C15 QKQ S . 67.09 3.70 -9.95
C17 QKQ S . 68.36 5.02 -13.17
C20 QKQ S . 62.21 4.96 -12.49
C21 QKQ S . 64.72 6.52 -12.08
C22 QKQ S . 65.84 7.14 -11.55
C1 QKQ S . 68.04 8.62 -11.05
C11 QKQ S . 62.03 2.22 -12.43
C12 QKQ S . 63.09 2.97 -11.86
C14 QKQ S . 66.05 2.69 -9.57
C16 QKQ S . 67.60 3.46 -11.34
C18 QKQ S . 69.17 6.09 -13.20
C19 QKQ S . 69.12 5.43 -11.18
C2 QKQ S . 65.69 8.31 -10.83
C3 QKQ S . 64.44 8.86 -10.65
C9 QKQ S . 61.11 4.33 -13.09
N2 QKQ S . 64.78 3.01 -10.19
N4 QKQ S . 69.65 6.36 -11.95
N5 QKQ S . 63.18 4.28 -11.90
O1 QKQ S . 66.83 8.88 -10.34
O2 QKQ S . 64.61 1.17 -11.50
N1 EPE T . 38.76 -9.90 -15.39
C2 EPE T . 40.16 -10.37 -15.43
C3 EPE T . 40.46 -11.18 -14.17
N4 EPE T . 40.13 -10.41 -12.98
C5 EPE T . 38.83 -9.77 -13.01
C6 EPE T . 38.61 -8.96 -14.28
C7 EPE T . 40.57 -10.95 -11.68
C8 EPE T . 40.26 -10.08 -10.45
O8 EPE T . 41.25 -9.09 -10.22
C9 EPE T . 38.25 -9.32 -16.64
C10 EPE T . 39.18 -8.21 -17.15
S EPE T . 38.61 -6.50 -16.92
O1S EPE T . 39.65 -5.55 -17.36
O2S EPE T . 37.41 -6.31 -17.76
O3S EPE T . 38.25 -6.21 -15.52
H21 EPE T . 40.84 -9.52 -15.50
H22 EPE T . 40.32 -11.00 -16.31
H31 EPE T . 41.51 -11.44 -14.15
H32 EPE T . 39.88 -12.09 -14.18
H51 EPE T . 38.72 -9.12 -12.14
H52 EPE T . 38.05 -10.54 -12.94
H61 EPE T . 39.35 -8.17 -14.35
H62 EPE T . 37.63 -8.50 -14.29
H71 EPE T . 41.64 -11.12 -11.73
H72 EPE T . 40.09 -11.91 -11.54
H81 EPE T . 40.19 -10.72 -9.57
H82 EPE T . 39.31 -9.58 -10.60
HO8 EPE T . 41.93 -9.14 -10.92
H91 EPE T . 38.17 -10.10 -17.40
H92 EPE T . 37.26 -8.91 -16.48
H101 EPE T . 40.14 -8.32 -16.64
H102 EPE T . 39.35 -8.38 -18.22
FE FE U . 42.55 45.12 9.27
FE1 FES V . 15.09 37.27 -26.80
FE2 FES V . 15.92 39.27 -24.52
S1 FES V . 16.26 37.09 -24.91
S2 FES V . 14.80 39.46 -26.44
N1 QKQ W . 40.60 46.37 9.32
N3 QKQ W . 40.64 54.84 10.27
C4 QKQ W . 39.34 49.55 6.59
C5 QKQ W . 39.70 49.75 7.91
C6 QKQ W . 39.90 48.60 8.85
C7 QKQ W . 40.43 47.38 8.46
C8 QKQ W . 40.24 46.51 10.58
C10 QKQ W . 39.30 47.85 12.44
C13 QKQ W . 38.11 51.42 12.21
C15 QKQ W . 38.23 54.45 10.67
C17 QKQ W . 41.50 55.58 11.00
C20 QKQ W . 39.51 48.76 10.20
C21 QKQ W . 39.92 51.05 8.33
C22 QKQ W . 39.77 52.13 7.48
C1 QKQ W . 39.98 54.16 5.72
C11 QKQ W . 38.79 49.05 12.83
C12 QKQ W . 38.65 50.06 11.86
C14 QKQ W . 37.27 53.54 11.37
C16 QKQ W . 39.64 53.90 10.77
C18 QKQ W . 42.23 56.29 10.13
C19 QKQ W . 40.86 55.15 8.98
C2 QKQ W . 39.39 51.90 6.18
C3 QKQ W . 39.17 50.61 5.72
C9 QKQ W . 39.69 47.69 11.09
N2 QKQ W . 37.65 52.15 11.20
N4 QKQ W . 41.83 56.02 8.84
N5 QKQ W . 39.00 49.92 10.61
O1 QKQ W . 39.25 52.99 5.37
O2 QKQ W . 38.16 51.83 13.36
N1 EPE X . 35.31 24.89 23.62
C2 EPE X . 35.19 26.25 24.15
C3 EPE X . 33.74 26.44 24.59
N4 EPE X . 32.78 26.18 23.54
C5 EPE X . 33.01 24.92 22.84
C6 EPE X . 34.46 24.80 22.40
C7 EPE X . 31.41 26.56 23.90
C8 EPE X . 30.37 26.44 22.78
O8 EPE X . 30.36 27.61 22.00
C9 EPE X . 36.72 24.46 23.48
C10 EPE X . 37.62 25.38 22.63
S EPE X . 38.20 24.64 21.06
O1S EPE X . 37.10 24.05 20.26
O2S EPE X . 39.22 23.62 21.40
O3S EPE X . 38.85 25.67 20.24
H21 EPE X . 35.45 26.98 23.38
H22 EPE X . 35.86 26.39 24.99
H31 EPE X . 33.61 27.47 24.94
H32 EPE X . 33.54 25.77 25.43
H51 EPE X . 32.36 24.87 21.98
H52 EPE X . 32.75 24.10 23.51
H61 EPE X . 34.72 25.60 21.70
H62 EPE X . 34.63 23.84 21.89
H71 EPE X . 31.42 27.60 24.23
H72 EPE X . 31.09 25.93 24.72
H81 EPE X . 29.37 26.29 23.22
H82 EPE X . 30.59 25.57 22.16
HO8 EPE X . 31.06 28.21 22.30
H91 EPE X . 37.15 24.37 24.47
H92 EPE X . 36.73 23.46 23.02
H101 EPE X . 37.06 26.29 22.40
H102 EPE X . 38.48 25.67 23.23
FE FE Y . 10.57 -45.11 34.96
FE1 FES Z . -27.53 -20.05 28.76
FE2 FES Z . -25.04 -20.10 30.66
S1 FES Z . -25.95 -21.56 29.22
S2 FES Z . -26.60 -18.59 30.17
N1 QKQ AA . 9.83 -43.28 36.15
N3 QKQ AA . 14.62 -38.55 41.07
C4 QKQ AA . 10.13 -39.14 37.45
C5 QKQ AA . 11.01 -40.14 37.79
C6 QKQ AA . 10.66 -41.58 37.61
C7 QKQ AA . 10.16 -42.02 36.40
C8 QKQ AA . 9.98 -44.18 37.10
C10 QKQ AA . 10.63 -44.85 39.40
C13 QKQ AA . 12.04 -42.66 42.10
C15 QKQ AA . 13.51 -39.47 43.07
C17 QKQ AA . 15.89 -38.86 41.47
C20 QKQ AA . 10.83 -42.54 38.65
C21 QKQ AA . 12.29 -39.76 38.19
C22 QKQ AA . 12.65 -38.43 38.30
C1 QKQ AA . 13.47 -35.84 38.29
C11 QKQ AA . 11.12 -44.45 40.60
C12 QKQ AA . 11.45 -43.09 40.77
C14 QKQ AA . 12.90 -40.82 43.41
C16 QKQ AA . 13.40 -39.13 41.60
C18 QKQ AA . 16.71 -38.13 40.70
C19 QKQ AA . 14.73 -37.67 40.08
C2 QKQ AA . 11.73 -37.45 37.99
C3 QKQ AA . 10.45 -37.81 37.56
C9 QKQ AA . 10.47 -43.88 38.38
N2 QKQ AA . 12.05 -41.35 42.35
N4 QKQ AA . 15.98 -37.36 39.82
N5 QKQ AA . 11.32 -42.17 39.86
O1 QKQ AA . 12.09 -36.14 38.11
O2 QKQ AA . 12.53 -43.49 42.87
N1 EPE BA . -1.28 -67.33 41.08
C2 EPE BA . -0.35 -66.83 42.11
C3 EPE BA . -1.12 -66.58 43.40
N4 EPE BA . -2.24 -65.69 43.16
C5 EPE BA . -3.05 -66.03 42.00
C6 EPE BA . -2.21 -66.24 40.74
C7 EPE BA . -2.94 -65.24 44.36
C8 EPE BA . -4.00 -64.19 44.09
O8 EPE BA . -3.38 -62.92 44.04
C9 EPE BA . -0.58 -67.92 39.92
C10 EPE BA . 0.48 -66.98 39.32
S EPE BA . 0.30 -66.69 37.53
O1S EPE BA . 1.25 -65.61 37.18
O2S EPE BA . 0.68 -67.94 36.82
O3S EPE BA . -1.08 -66.28 37.15
H21 EPE BA . 0.13 -65.92 41.76
H22 EPE BA . 0.44 -67.57 42.29
H31 EPE BA . -0.45 -66.14 44.14
H32 EPE BA . -1.49 -67.52 43.79
H51 EPE BA . -3.78 -65.23 41.82
H52 EPE BA . -3.61 -66.95 42.22
H61 EPE BA . -1.67 -65.34 40.47
H62 EPE BA . -2.84 -66.53 39.89
H71 EPE BA . -2.20 -64.82 45.07
H72 EPE BA . -3.41 -66.10 44.84
H81 EPE BA . -4.76 -64.20 44.88
H82 EPE BA . -4.50 -64.40 43.14
HO8 EPE BA . -2.41 -63.03 44.09
H91 EPE BA . -0.10 -68.85 40.23
H92 EPE BA . -1.31 -68.16 39.15
H101 EPE BA . 0.42 -66.02 39.84
H102 EPE BA . 1.47 -67.39 39.51
FE FE CA . -27.23 -18.42 17.45
FE1 FES DA . -23.93 -57.42 -7.68
FE2 FES DA . -25.18 -54.62 -6.99
S1 FES DA . -25.06 -55.87 -8.84
S2 FES DA . -24.03 -56.15 -5.84
N1 QKQ EA . -28.23 -18.59 15.28
N3 QKQ EA . -32.46 -14.19 10.31
C4 QKQ EA . -29.18 -18.65 11.12
C5 QKQ EA . -29.70 -17.72 12.01
C6 QKQ EA . -29.63 -17.98 13.47
C7 QKQ EA . -28.41 -18.34 14.00
C8 QKQ EA . -29.24 -18.50 16.12
C10 QKQ EA . -31.60 -18.07 16.62
C13 QKQ EA . -34.26 -17.10 14.18
C15 QKQ EA . -34.47 -15.46 10.95
C17 QKQ EA . -32.19 -12.89 10.57
C20 QKQ EA . -30.73 -17.89 14.36
C21 QKQ EA . -30.13 -16.50 11.52
C22 QKQ EA . -30.13 -16.24 10.15
C1 QKQ EA . -29.63 -15.63 7.47
C11 QKQ EA . -32.83 -17.73 16.14
C12 QKQ EA . -32.93 -17.48 14.76
C14 QKQ EA . -35.18 -16.07 12.15
C16 QKQ EA . -33.03 -15.16 11.25
C18 QKQ EA . -31.64 -12.39 9.45
C19 QKQ EA . -32.07 -14.43 9.05
C2 QKQ EA . -29.64 -17.21 9.27
C3 QKQ EA . -29.19 -18.43 9.76
C9 QKQ EA . -30.51 -18.15 15.73
N2 QKQ EA . -34.28 -16.99 12.85
N4 QKQ EA . -31.57 -13.36 8.48
N5 QKQ EA . -31.93 -17.55 13.89
O1 QKQ EA . -29.64 -16.98 7.92
O2 QKQ EA . -35.23 -16.89 14.91
N1 EPE FA . -36.34 -29.00 39.15
C2 EPE FA . -36.96 -27.80 38.54
C3 EPE FA . -38.41 -28.15 38.24
N4 EPE FA . -38.52 -29.33 37.41
C5 EPE FA . -37.71 -30.45 37.87
C6 EPE FA . -36.27 -30.05 38.13
C7 EPE FA . -39.85 -29.64 36.89
C8 EPE FA . -39.94 -30.81 35.88
O8 EPE FA . -39.71 -30.39 34.55
C9 EPE FA . -35.05 -28.77 39.80
C10 EPE FA . -34.01 -28.10 38.90
S EPE FA . -32.63 -29.13 38.28
O1S EPE FA . -33.05 -30.38 37.61
O2S EPE FA . -31.73 -29.49 39.39
O3S EPE FA . -31.90 -28.25 37.36
H21 EPE FA . -36.44 -27.51 37.63
H22 EPE FA . -36.91 -26.95 39.24
H31 EPE FA . -38.88 -27.30 37.72
H32 EPE FA . -38.94 -28.31 39.17
H51 EPE FA . -37.74 -31.25 37.12
H52 EPE FA . -38.15 -30.85 38.79
H61 EPE FA . -35.80 -29.67 37.22
H62 EPE FA . -35.69 -30.89 38.48
H71 EPE FA . -40.24 -28.75 36.41
H72 EPE FA . -40.49 -29.88 37.74
H81 EPE FA . -40.93 -31.27 35.95
H82 EPE FA . -39.20 -31.57 36.15
HO8 EPE FA . -39.59 -29.41 34.55
H91 EPE FA . -35.19 -28.15 40.68
H92 EPE FA . -34.65 -29.73 40.12
H101 EPE FA . -34.53 -27.68 38.03
H102 EPE FA . -33.58 -27.26 39.45
FE FE GA . -11.67 -58.54 -7.11
FE1 FES HA . 9.18 -57.23 33.82
FE2 FES HA . 9.57 -58.60 31.02
S1 FES HA . 10.85 -58.36 32.85
S2 FES HA . 7.89 -57.55 32.03
N1 QKQ IA . -10.70 -60.54 -6.97
N3 QKQ IA . -5.40 -63.59 -13.14
C4 QKQ IA . -6.26 -61.12 -6.37
C5 QKQ IA . -7.04 -61.38 -7.49
C6 QKQ IA . -8.53 -61.42 -7.44
C7 QKQ IA . -9.36 -60.42 -6.97
C8 QKQ IA . -11.25 -61.68 -7.40
C10 QKQ IA . -11.03 -63.97 -8.38
C13 QKQ IA . -7.78 -65.65 -9.33
C15 QKQ IA . -4.78 -64.87 -11.13
C17 QKQ IA . -6.31 -63.43 -14.15
C20 QKQ IA . -9.10 -62.62 -7.92
C21 QKQ IA . -6.39 -61.64 -8.69
C22 QKQ IA . -5.02 -61.65 -8.80
C1 QKQ IA . -2.42 -61.57 -9.18
C11 QKQ IA . -10.16 -64.92 -8.85
C12 QKQ IA . -8.79 -64.66 -8.82
C14 QKQ IA . -5.54 -65.85 -10.27
C16 QKQ IA . -5.71 -63.85 -11.73
C18 QKQ IA . -5.58 -63.21 -15.27
C19 QKQ IA . -4.19 -63.45 -13.69
C2 QKQ IA . -4.26 -61.38 -7.67
C3 QKQ IA . -4.88 -61.13 -6.47
C9 QKQ IA . -10.49 -62.75 -7.89
N2 QKQ IA . -6.53 -65.19 -9.45
N4 QKQ IA . -4.25 -63.22 -14.98
N5 QKQ IA . -8.29 -63.55 -8.36
O1 QKQ IA . -2.91 -61.40 -7.85
O2 QKQ IA . -8.11 -66.78 -9.68
N1 EPE JA . -35.35 -65.07 1.22
C2 EPE JA . -34.63 -65.84 0.20
C3 EPE JA . -34.61 -67.28 0.68
N4 EPE JA . -34.02 -67.40 2.01
C5 EPE JA . -34.53 -66.44 2.98
C6 EPE JA . -34.50 -65.02 2.44
C7 EPE JA . -33.82 -68.78 2.46
C8 EPE JA . -33.09 -68.92 3.80
O8 EPE JA . -31.70 -68.89 3.55
C9 EPE JA . -35.78 -63.74 0.80
C10 EPE JA . -34.64 -62.87 0.29
S EPE JA . -34.31 -61.49 1.45
O1S EPE JA . -33.16 -60.68 1.03
O2S EPE JA . -34.10 -61.95 2.84
O3S EPE JA . -35.54 -60.69 1.37
H21 EPE JA . -33.62 -65.45 0.06
H22 EPE JA . -35.15 -65.76 -0.77
H31 EPE JA . -34.04 -67.88 -0.03
H32 EPE JA . -35.62 -67.67 0.70
H51 EPE JA . -33.93 -66.50 3.89
H52 EPE JA . -35.55 -66.71 3.24
H61 EPE JA . -33.48 -64.71 2.20
H62 EPE JA . -34.91 -64.31 3.16
H71 EPE JA . -33.24 -69.32 1.70
H72 EPE JA . -34.79 -69.27 2.55
H81 EPE JA . -33.37 -69.86 4.28
H82 EPE JA . -33.37 -68.10 4.46
HO8 EPE JA . -31.54 -68.67 2.60
H91 EPE JA . -36.53 -63.85 0.03
H92 EPE JA . -36.25 -63.24 1.66
H101 EPE JA . -33.74 -63.47 0.17
H102 EPE JA . -34.90 -62.47 -0.69
FE FE KA . -29.79 -16.73 -41.12
FE1 FES LA . 0.20 -6.04 -7.80
FE2 FES LA . -2.39 -5.45 -9.47
S1 FES LA . -0.50 -6.58 -9.85
S2 FES LA . -1.71 -4.94 -7.41
N1 QKQ MA . -30.18 -15.12 -39.50
N3 QKQ MA . -36.84 -10.68 -37.68
C4 QKQ MA . -31.58 -13.14 -35.98
C5 QKQ MA . -32.21 -13.07 -37.21
C6 QKQ MA . -31.51 -13.48 -38.45
C7 QKQ MA . -30.81 -14.67 -38.43
C8 QKQ MA . -30.21 -14.43 -40.62
C10 QKQ MA . -30.90 -12.56 -42.00
C13 QKQ MA . -32.99 -9.68 -40.91
C15 QKQ MA . -35.43 -8.80 -38.34
C17 QKQ MA . -37.77 -11.23 -38.51
C20 QKQ MA . -31.56 -12.75 -39.66
C21 QKQ MA . -33.57 -12.77 -37.24
C22 QKQ MA . -34.26 -12.47 -36.09
C1 QKQ MA . -35.75 -12.19 -33.92
C11 QKQ MA . -31.58 -11.39 -42.05
C12 QKQ MA . -32.23 -10.97 -40.88
C14 QKQ MA . -34.69 -8.50 -39.62
C16 QKQ MA . -35.49 -10.28 -38.05
C18 QKQ MA . -38.87 -11.43 -37.76
C19 QKQ MA . -37.42 -10.55 -36.50
C2 QKQ MA . -33.60 -12.49 -34.87
C3 QKQ MA . -32.26 -12.81 -34.82
C9 QKQ MA . -30.89 -13.26 -40.77
N2 QKQ MA . -33.47 -9.28 -39.74
N4 QKQ MA . -38.64 -11.00 -36.49
N5 QKQ MA . -32.23 -11.61 -39.72
O1 QKQ MA . -34.34 -12.17 -33.78
O2 QKQ MA . -33.15 -9.08 -41.97
N1 EPE NA . -14.59 -12.03 -61.22
C2 EPE NA . -15.90 -11.35 -61.28
C3 EPE NA . -15.61 -9.85 -61.30
N4 EPE NA . -14.77 -9.44 -60.17
C5 EPE NA . -13.58 -10.26 -59.96
C6 EPE NA . -13.95 -11.74 -59.92
C7 EPE NA . -14.62 -7.98 -60.00
C8 EPE NA . -13.84 -7.47 -58.78
O8 EPE NA . -14.64 -7.31 -57.63
C9 EPE NA . -14.63 -13.46 -61.51
C10 EPE NA . -15.61 -14.21 -60.61
S EPE NA . -14.78 -15.26 -59.35
O1S EPE NA . -13.78 -14.53 -58.53
O2S EPE NA . -14.04 -16.31 -60.11
O3S EPE NA . -15.83 -15.90 -58.54
H21 EPE NA . -16.50 -11.60 -60.41
H22 EPE NA . -16.44 -11.64 -62.17
H31 EPE NA . -16.56 -9.30 -61.26
H32 EPE NA . -15.12 -9.59 -62.23
H51 EPE NA . -13.10 -9.98 -59.03
H52 EPE NA . -12.87 -10.09 -60.77
H61 EPE NA . -14.62 -11.96 -59.09
H62 EPE NA . -13.05 -12.36 -59.79
H71 EPE NA . -15.62 -7.55 -59.97
H72 EPE NA . -14.11 -7.60 -60.90
H81 EPE NA . -13.39 -6.51 -59.03
H82 EPE NA . -13.04 -8.17 -58.56
HO8 EPE NA . -15.57 -7.55 -57.84
H91 EPE NA . -14.93 -13.61 -62.55
H92 EPE NA . -13.64 -13.88 -61.37
H101 EPE NA . -16.25 -13.49 -60.09
H102 EPE NA . -16.26 -14.84 -61.22
FE FE OA . 2.60 -17.10 -3.69
FE1 FES PA . 15.80 -47.86 -35.22
FE2 FES PA . 16.25 -46.56 -32.40
S1 FES PA . 16.87 -48.47 -33.36
S2 FES PA . 15.23 -45.91 -34.27
N1 QKQ QA . 4.67 -17.88 -3.52
N3 QKQ QA . 7.51 -21.05 4.07
C4 QKQ QA . 6.07 -21.86 -2.23
C5 QKQ QA . 6.01 -20.73 -1.44
C6 QKQ QA . 5.80 -19.36 -2.01
C7 QKQ QA . 4.85 -19.10 -3.00
C8 QKQ QA . 5.42 -16.88 -3.09
C10 QKQ QA . 7.23 -15.95 -1.67
C13 QKQ QA . 9.34 -17.81 0.83
C15 QKQ QA . 9.72 -20.54 3.06
C17 QKQ QA . 7.15 -20.51 5.27
C20 QKQ QA . 6.62 -18.29 -1.56
C21 QKQ QA . 6.14 -20.88 -0.06
C22 QKQ QA . 6.34 -22.13 0.50
C1 QKQ QA . 6.46 -24.46 1.74
C11 QKQ QA . 8.18 -16.19 -0.73
C12 QKQ QA . 8.31 -17.51 -0.22
C14 QKQ QA . 10.44 -19.55 2.17
C16 QKQ QA . 8.22 -20.38 2.98
C18 QKQ QA . 6.51 -21.48 5.95
C19 QKQ QA . 7.10 -22.34 4.09
C2 QKQ QA . 6.41 -23.25 -0.31
C3 QKQ QA . 6.27 -23.11 -1.69
C9 QKQ QA . 6.42 -17.01 -2.12
N2 QKQ QA . 9.60 -19.10 1.06
N4 QKQ QA . 6.49 -22.64 5.21
N5 QKQ QA . 7.57 -18.52 -0.61
O1 QKQ QA . 6.60 -24.44 0.33
O2 QKQ QA . 9.94 -16.90 1.43
N1 EPE RA . 8.95 4.38 -17.14
C2 EPE RA . 9.49 4.15 -15.78
C3 EPE RA . 11.01 4.17 -15.90
N4 EPE RA . 11.50 3.18 -16.87
C5 EPE RA . 10.82 3.24 -18.16
C6 EPE RA . 9.30 3.22 -17.97
C7 EPE RA . 12.95 3.03 -16.90
C8 EPE RA . 13.50 1.93 -17.81
O8 EPE RA . 13.51 0.70 -17.11
C9 EPE RA . 7.51 4.67 -17.22
C10 EPE RA . 6.63 3.60 -16.55
S EPE RA . 5.69 2.53 -17.72
O1S EPE RA . 5.01 1.46 -16.96
O2S EPE RA . 6.49 1.91 -18.79
O3S EPE RA . 4.67 3.40 -18.35
H21 EPE RA . 9.15 3.20 -15.39
H22 EPE RA . 9.14 4.93 -15.10
H31 EPE RA . 11.44 3.96 -14.92
H32 EPE RA . 11.33 5.17 -16.21
H51 EPE RA . 11.12 2.39 -18.77
H52 EPE RA . 11.11 4.15 -18.68
H61 EPE RA . 9.00 2.29 -17.49
H62 EPE RA . 8.81 3.28 -18.94
H71 EPE RA . 13.29 2.84 -15.89
H72 EPE RA . 13.39 3.98 -17.22
H81 EPE RA . 14.51 2.18 -18.11
H82 EPE RA . 12.88 1.85 -18.69
HO8 EPE RA . 13.13 0.83 -16.21
H91 EPE RA . 7.31 5.63 -16.75
H92 EPE RA . 7.22 4.75 -18.27
H101 EPE RA . 7.28 2.96 -15.94
H102 EPE RA . 5.94 4.10 -15.88
FE FE SA . 5.07 -51.76 -39.20
FE1 FES TA . -25.25 -19.49 -51.77
FE2 FES TA . -23.85 -22.22 -52.43
S1 FES TA . -23.30 -20.43 -51.22
S2 FES TA . -25.81 -21.29 -52.98
N1 QKQ UA . 4.62 -52.19 -41.32
N3 QKQ UA . 1.27 -59.81 -44.26
C4 QKQ UA . 0.54 -53.13 -42.75
C5 QKQ UA . 1.64 -53.98 -42.79
C6 QKQ UA . 3.02 -53.48 -42.53
C7 QKQ UA . 3.37 -52.63 -41.50
C8 QKQ UA . 5.57 -52.57 -42.15
C10 QKQ UA . 6.35 -53.85 -44.13
C13 QKQ UA . 4.23 -56.08 -46.31
C15 QKQ UA . 1.49 -58.39 -46.25
C17 QKQ UA . 1.58 -60.86 -43.44
C20 QKQ UA . 4.04 -53.89 -43.43
C21 QKQ UA . 1.43 -55.30 -43.16
C22 QKQ UA . 0.18 -55.78 -43.47
C1 QKQ UA . -1.98 -56.24 -45.00
C11 QKQ UA . 6.02 -54.70 -45.15
C12 QKQ UA . 4.67 -55.10 -45.26
C14 QKQ UA . 2.43 -57.54 -47.09
C16 QKQ UA . 2.19 -59.07 -45.10
C18 QKQ UA . 0.42 -61.24 -42.86
C19 QKQ UA . -0.05 -59.59 -44.12
C2 QKQ UA . -0.90 -54.93 -43.39
C3 QKQ UA . -0.73 -53.60 -43.04
C9 QKQ UA . 5.35 -53.42 -43.23
N2 QKQ UA . 2.92 -56.38 -46.36
N4 QKQ UA . -0.61 -60.44 -43.28
N5 QKQ UA . 3.73 -54.71 -44.44
O1 QKQ UA . -2.06 -55.55 -43.76
O2 QKQ UA . 5.05 -56.65 -47.02
N1 EPE VA . 26.66 -37.28 -42.24
C2 EPE VA . 26.51 -38.68 -42.66
C3 EPE VA . 26.64 -38.74 -44.17
N4 EPE VA . 25.72 -37.81 -44.82
C5 EPE VA . 25.70 -36.47 -44.24
C6 EPE VA . 25.51 -36.51 -42.74
C7 EPE VA . 25.59 -37.92 -46.27
C8 EPE VA . 24.58 -36.96 -46.93
O8 EPE VA . 23.26 -37.44 -46.93
C9 EPE VA . 26.87 -37.11 -40.79
C10 EPE VA . 25.80 -37.84 -39.97
S EPE VA . 24.51 -36.82 -39.20
O1S EPE VA . 23.59 -37.76 -38.55
O2S EPE VA . 25.11 -35.93 -38.18
O3S EPE VA . 23.80 -35.95 -40.18
H21 EPE VA . 25.53 -39.05 -42.35
H22 EPE VA . 27.27 -39.30 -42.20
H31 EPE VA . 26.41 -39.75 -44.51
H32 EPE VA . 27.66 -38.50 -44.46
H51 EPE VA . 24.89 -35.90 -44.69
H52 EPE VA . 26.64 -35.97 -44.47
H61 EPE VA . 24.57 -36.99 -42.46
H62 EPE VA . 25.51 -35.50 -42.31
H71 EPE VA . 25.29 -38.93 -46.51
H72 EPE VA . 26.57 -37.74 -46.71
H81 EPE VA . 24.89 -36.78 -47.96
H82 EPE VA . 24.61 -36.00 -46.41
HO8 EPE VA . 23.22 -38.28 -46.42
H91 EPE VA . 27.86 -37.49 -40.52
H92 EPE VA . 26.84 -36.04 -40.55
H101 EPE VA . 25.32 -38.57 -40.62
H102 EPE VA . 26.32 -38.39 -39.17
FE FE WA . -45.43 54.54 12.87
FE1 FES XA . -18.26 62.47 48.66
FE2 FES XA . -20.70 63.16 46.82
S1 FES XA . -18.87 61.90 46.59
S2 FES XA . -20.07 63.74 48.89
N1 QKQ YA . -45.63 56.64 13.57
N3 QKQ YA . -53.60 60.01 15.37
C4 QKQ YA . -47.20 57.95 17.40
C5 QKQ YA . -47.89 58.08 16.19
C6 QKQ YA . -47.19 57.87 14.89
C7 QKQ YA . -46.28 56.85 14.71
C8 QKQ YA . -45.83 57.45 12.55
C10 QKQ YA . -46.92 59.40 11.53
C13 QKQ YA . -49.44 61.65 13.14
C15 QKQ YA . -52.01 61.89 15.52
C17 QKQ YA . -54.89 59.95 14.98
C20 QKQ YA . -47.40 58.75 13.80
C21 QKQ YA . -49.24 58.39 16.23
C22 QKQ YA . -49.90 58.58 17.43
C1 QKQ YA . -51.26 58.89 19.70
C11 QKQ YA . -47.80 60.43 11.68
C12 QKQ YA . -48.44 60.56 12.93
C14 QKQ YA . -50.95 62.67 14.78
C16 QKQ YA . -52.51 60.72 14.71
C18 QKQ YA . -55.53 59.19 15.90
C19 QKQ YA . -53.50 59.31 16.51
C2 QKQ YA . -49.20 58.46 18.62
C3 QKQ YA . -47.85 58.14 18.60
C9 QKQ YA . -46.70 58.53 12.61
N2 QKQ YA . -49.84 61.81 14.40
N4 QKQ YA . -54.65 58.78 16.87
N5 QKQ YA . -48.26 59.75 13.94
O1 QKQ YA . -49.88 58.66 19.79
O2 QKQ YA . -49.90 62.28 12.20
N1 EPE ZA . -28.50 59.40 -6.05
C2 EPE ZA . -29.75 60.09 -6.33
C3 EPE ZA . -29.45 61.59 -6.21
N4 EPE ZA . -28.84 61.96 -4.94
C5 EPE ZA . -27.75 61.09 -4.52
C6 EPE ZA . -28.17 59.62 -4.63
C7 EPE ZA . -28.69 63.39 -4.72
C8 EPE ZA . -28.13 63.84 -3.35
O8 EPE ZA . -29.11 63.93 -2.35
C9 EPE ZA . -28.46 57.99 -6.46
C10 EPE ZA . -29.60 57.12 -5.91
S EPE ZA . -29.13 55.88 -4.66
O1S EPE ZA . -30.39 55.28 -4.15
O2S EPE ZA . -28.31 54.84 -5.31
O3S EPE ZA . -28.36 56.45 -3.53
H21 EPE ZA . -30.52 59.80 -5.61
H22 EPE ZA . -30.12 59.85 -7.33
H31 EPE ZA . -30.38 62.14 -6.34
H32 EPE ZA . -28.77 61.87 -7.02
H51 EPE ZA . -27.48 61.32 -3.48
H52 EPE ZA . -26.87 61.28 -5.14
H61 EPE ZA . -29.04 59.41 -3.99
H62 EPE ZA . -27.36 58.97 -4.31
H71 EPE ZA . -29.68 63.85 -4.82
H72 EPE ZA . -28.05 63.79 -5.48
H81 EPE ZA . -27.64 64.80 -3.47
H82 EPE ZA . -27.36 63.12 -3.04
HO8 EPE ZA . -29.98 63.70 -2.72
H91 EPE ZA . -28.48 57.95 -7.55
H92 EPE ZA . -27.51 57.56 -6.13
H101 EPE ZA . -30.35 57.79 -5.48
H102 EPE ZA . -30.05 56.60 -6.75
FE FE AB . -16.45 51.59 52.47
FE1 FES BB . -1.11 21.40 20.72
FE2 FES BB . -1.02 23.10 22.94
S1 FES BB . -2.14 23.36 21.07
S2 FES BB . 0.00 21.11 22.61
N1 QKQ CB . -14.93 49.45 52.80
N3 QKQ CB . -11.24 47.06 59.46
C4 QKQ CB . -13.35 45.80 54.01
C5 QKQ CB . -13.15 46.92 54.80
C6 QKQ CB . -13.42 48.27 54.22
C7 QKQ CB . -14.53 48.35 53.42
C8 QKQ CB . -14.23 50.55 52.98
C10 QKQ CB . -12.40 51.82 53.88
C13 QKQ CB . -9.64 50.70 56.08
C15 QKQ CB . -9.21 48.14 58.61
C17 QKQ CB . -11.31 47.43 60.76
C20 QKQ CB . -12.65 49.46 54.40
C21 QKQ CB . -12.86 46.73 56.14
C22 QKQ CB . -12.68 45.46 56.65
C1 QKQ CB . -13.79 42.42 56.89
C11 QKQ CB . -11.28 51.84 54.62
C12 QKQ CB . -10.91 50.66 55.26
C14 QKQ CB . -8.79 49.43 57.98
C16 QKQ CB . -10.67 47.84 58.37
C18 QKQ CB . -11.92 46.42 61.40
C19 QKQ CB . -11.82 45.87 59.36
C2 QKQ CB . -12.84 44.35 55.83
C3 QKQ CB . -13.17 44.52 54.50
C9 QKQ CB . -13.11 50.62 53.75
N2 QKQ CB . -9.29 49.54 56.62
N4 QKQ CB . -12.25 45.44 60.51
N5 QKQ CB . -11.54 49.51 55.16
O1 QKQ CB . -12.66 43.09 56.32
O2 QKQ CB . -8.98 51.73 56.18
N1 EPE DB . -8.43 73.22 40.22
C2 EPE DB . -8.30 72.97 41.67
C3 EPE DB . -6.83 72.87 42.01
N4 EPE DB . -6.14 71.88 41.18
C5 EPE DB . -6.42 71.98 39.75
C6 EPE DB . -7.92 72.04 39.49
C7 EPE DB . -4.75 71.58 41.57
C8 EPE DB . -4.01 70.49 40.78
O8 EPE DB . -4.22 69.17 41.26
C9 EPE DB . -9.78 73.58 39.73
C10 EPE DB . -10.82 72.55 40.18
S EPE DB . -11.35 71.36 38.88
O1S EPE DB . -12.25 70.38 39.50
O2S EPE DB . -10.19 70.69 38.25
O3S EPE DB . -12.08 72.11 37.84
H21 EPE DB . -8.81 72.03 41.93
H22 EPE DB . -8.77 73.77 42.24
H31 EPE DB . -6.72 72.60 43.07
H32 EPE DB . -6.36 73.84 41.87
H51 EPE DB . -5.99 71.13 39.23
H52 EPE DB . -5.94 72.88 39.36
H61 EPE DB . -8.41 71.13 39.84
H62 EPE DB . -8.11 72.15 38.43
H71 EPE DB . -4.76 71.27 42.62
H72 EPE DB . -4.18 72.49 41.49
H81 EPE DB . -2.94 70.71 40.81
H82 EPE DB . -4.33 70.53 39.74
HO8 EPE DB . -4.83 69.20 42.02
H91 EPE DB . -10.05 74.57 40.13
H92 EPE DB . -9.77 73.65 38.65
H101 EPE DB . -10.40 71.98 41.01
H102 EPE DB . -11.69 73.08 40.55
FE FE EB . -11.86 17.80 16.21
FE1 FES FB . -40.31 51.77 2.50
FE2 FES FB . -39.25 48.93 1.68
S1 FES FB . -38.71 50.41 3.27
S2 FES FB . -40.91 50.26 0.97
N1 QKQ GB . -12.59 17.98 13.94
N3 QKQ GB . -15.62 10.57 10.51
C4 QKQ GB . -16.43 16.90 12.01
C5 QKQ GB . -15.32 16.09 12.18
C6 QKQ GB . -13.99 16.62 12.58
C7 QKQ GB . -13.80 17.56 13.56
C8 QKQ GB . -11.52 17.51 13.34
C10 QKQ GB . -10.44 16.04 11.70
C13 QKQ GB . -12.19 13.65 9.39
C15 QKQ GB . -14.93 11.73 8.46
C17 QKQ GB . -16.06 9.31 10.74
C20 QKQ GB . -12.84 16.10 11.95
C21 QKQ GB . -15.49 14.73 12.04
C22 QKQ GB . -16.71 14.17 11.71
C1 QKQ GB . -18.99 12.95 11.23
C11 QKQ GB . -10.64 15.08 10.77
C12 QKQ GB . -11.95 14.71 10.42
C14 QKQ GB . -13.82 12.59 7.91
C16 QKQ GB . -14.49 10.96 9.68
C18 QKQ GB . -17.12 9.41 11.57
C19 QKQ GB . -16.44 11.38 11.20
C2 QKQ GB . -17.79 14.99 11.51
C3 QKQ GB . -17.66 16.36 11.67
C9 QKQ GB . -11.58 16.56 12.34
N2 QKQ GB . -13.42 13.61 8.87
N4 QKQ GB . -17.36 10.72 11.86
N5 QKQ GB . -13.02 15.18 11.01
O1 QKQ GB . -18.96 14.37 11.18
O2 QKQ GB . -11.31 12.84 9.10
N1 EPE HB . 10.07 31.70 15.24
C2 EPE HB . 10.24 30.38 14.62
C3 EPE HB . 10.37 30.57 13.10
N4 EPE HB . 9.25 31.33 12.56
C5 EPE HB . 8.94 32.54 13.31
C6 EPE HB . 8.79 32.28 14.80
C7 EPE HB . 9.07 31.41 11.10
C8 EPE HB . 7.78 32.16 10.70
O8 EPE HB . 7.30 31.95 9.39
C9 EPE HB . 10.20 31.76 16.71
C10 EPE HB . 9.24 30.77 17.37
S EPE HB . 7.81 31.59 18.13
O1S EPE HB . 6.92 30.55 18.69
O2S EPE HB . 8.37 32.41 19.22
O3S EPE HB . 7.08 32.50 17.22
H21 EPE HB . 9.37 29.76 14.85
H22 EPE HB . 11.11 29.89 15.02
H31 EPE HB . 10.41 29.59 12.62
H32 EPE HB . 11.30 31.10 12.89
H51 EPE HB . 8.00 32.97 12.93
H52 EPE HB . 9.73 33.28 13.15
H61 EPE HB . 7.98 31.58 14.99
H62 EPE HB . 8.58 33.20 15.34
H71 EPE HB . 9.03 30.41 10.69
H72 EPE HB . 9.92 31.92 10.67
H81 EPE HB . 7.96 33.23 10.83
H82 EPE HB . 6.99 31.87 11.41
HO8 EPE HB . 7.90 31.34 8.92
H91 EPE HB . 11.23 31.52 17.00
H92 EPE HB . 9.97 32.77 17.06
H101 EPE HB . 8.89 30.06 16.61
H102 EPE HB . 9.77 30.20 18.12
#